data_4S13
#
_entry.id   4S13
#
_cell.length_a   251.963
_cell.length_b   120.995
_cell.length_c   159.560
_cell.angle_alpha   90.00
_cell.angle_beta   121.93
_cell.angle_gamma   90.00
#
_symmetry.space_group_name_H-M   'C 1 2 1'
#
loop_
_entity.id
_entity.type
_entity.pdbx_description
1 polymer 'Ferulic acid decarboxylase 1'
2 non-polymer 4-ethenylphenol
3 water water
#
_entity_poly.entity_id   1
_entity_poly.type   'polypeptide(L)'
_entity_poly.pdbx_seq_one_letter_code
;MRKLNPALEFRDFIQVLKDEDDLIEITEEIDPNLEVGAIMRKAYESHLPAPLFKNLKGASKDLFSILGCPAGLRSKEKGD
HGRIAHHLGLDPKTTIKEIIDYLLECKEKEPLPPITVPVSSAPCKTHILSEEKIHLQSLPTPYLHVSDGGKYLQTYGMWI
LQTPDKKWTNWSIARGMVVDDKHITGLVIKPQHIRQIADSWAAIGKANEIPFALCFGVPPAAILVSSMPIPEGVSESDYV
GAILGESVPVVKCETNDLMVPATSEMVFEGTLSLTDTHLEGPFGEMHGYVFKSQGHPCPLYTVKAMSYRDNAILPVSNPG
LCTDETHTLIGSLVATEAKELAIESGLPILDAFMPYEAQALWLILKVDLKGLQALKTTPEEFCKKVGDIYFRTKVGFIVH
EIILVADDIDIFNFKEVIWAYVTRHTPVADQMAFDDVTSFPLAPFVSQSSRSKTMKGGKCVTNCIFRQQYERSFDYITCN
FEKGYPKGLVDKVNENWKRYGYK
;
_entity_poly.pdbx_strand_id   A,B,C,D,E,F,G,H
#
# COMPACT_ATOMS: atom_id res chain seq x y z
N LYS A 3 52.50 -2.19 -17.29
CA LYS A 3 52.26 -0.76 -17.19
C LYS A 3 50.93 -0.34 -17.78
N LEU A 4 50.46 -1.08 -18.79
CA LEU A 4 49.21 -0.69 -19.46
C LEU A 4 48.02 -0.65 -18.51
N ASN A 5 47.28 0.46 -18.52
CA ASN A 5 46.08 0.60 -17.71
C ASN A 5 44.86 0.91 -18.60
N PRO A 6 44.28 -0.14 -19.23
CA PRO A 6 43.24 0.09 -20.22
C PRO A 6 41.95 0.65 -19.63
N ALA A 7 41.68 0.38 -18.35
CA ALA A 7 40.49 0.91 -17.68
C ALA A 7 40.55 2.41 -17.51
N LEU A 8 41.75 2.91 -17.28
CA LEU A 8 41.99 4.30 -16.94
C LEU A 8 42.20 5.18 -18.17
N GLU A 9 42.86 4.60 -19.18
CA GLU A 9 43.28 5.33 -20.37
C GLU A 9 42.82 4.67 -21.68
N PHE A 10 42.06 5.43 -22.47
CA PHE A 10 41.56 4.98 -23.75
C PHE A 10 42.66 4.48 -24.69
N ARG A 11 43.77 5.20 -24.72
CA ARG A 11 44.85 4.84 -25.62
C ARG A 11 45.57 3.55 -25.17
N ASP A 12 45.54 3.25 -23.88
CA ASP A 12 46.09 1.99 -23.39
C ASP A 12 45.15 0.85 -23.78
N PHE A 13 43.87 1.15 -23.84
CA PHE A 13 42.84 0.20 -24.25
C PHE A 13 43.06 -0.24 -25.70
N ILE A 14 43.25 0.74 -26.57
CA ILE A 14 43.60 0.49 -27.95
C ILE A 14 44.88 -0.34 -28.07
N GLN A 15 45.90 0.03 -27.28
CA GLN A 15 47.13 -0.75 -27.25
C GLN A 15 46.96 -2.20 -26.75
N VAL A 16 46.11 -2.46 -25.76
CA VAL A 16 46.02 -3.87 -25.33
C VAL A 16 45.26 -4.69 -26.37
N LEU A 17 44.38 -4.04 -27.13
CA LEU A 17 43.71 -4.74 -28.23
C LEU A 17 44.76 -5.11 -29.31
N LYS A 18 45.66 -4.19 -29.63
CA LYS A 18 46.71 -4.51 -30.59
C LYS A 18 47.58 -5.68 -30.11
N ASP A 19 48.00 -5.63 -28.85
CA ASP A 19 48.83 -6.68 -28.27
C ASP A 19 48.19 -8.05 -28.41
N GLU A 20 46.86 -8.07 -28.47
CA GLU A 20 46.10 -9.30 -28.43
C GLU A 20 45.55 -9.66 -29.82
N ASP A 21 46.04 -8.94 -30.82
CA ASP A 21 45.59 -9.07 -32.21
C ASP A 21 44.10 -8.95 -32.31
N ASP A 22 43.55 -7.98 -31.59
CA ASP A 22 42.11 -7.79 -31.53
C ASP A 22 41.79 -6.42 -32.10
N LEU A 23 42.73 -5.86 -32.87
CA LEU A 23 42.54 -4.55 -33.45
C LEU A 23 43.18 -4.49 -34.84
N ILE A 24 42.44 -3.97 -35.80
CA ILE A 24 42.91 -3.88 -37.16
C ILE A 24 43.03 -2.41 -37.55
N GLU A 25 44.24 -1.96 -37.82
CA GLU A 25 44.44 -0.58 -38.25
C GLU A 25 44.21 -0.52 -39.74
N ILE A 26 43.08 0.04 -40.14
CA ILE A 26 42.77 0.16 -41.56
C ILE A 26 43.31 1.49 -42.10
N THR A 27 44.32 1.39 -42.97
CA THR A 27 45.10 2.55 -43.38
C THR A 27 44.72 3.08 -44.76
N GLU A 28 43.88 2.35 -45.46
CA GLU A 28 43.42 2.85 -46.74
C GLU A 28 42.23 3.77 -46.51
N GLU A 29 41.91 4.56 -47.52
CA GLU A 29 40.84 5.54 -47.39
C GLU A 29 39.48 4.86 -47.29
N ILE A 30 38.71 5.29 -46.30
CA ILE A 30 37.43 4.71 -46.01
C ILE A 30 36.43 5.84 -45.84
N ASP A 31 35.29 5.70 -46.51
CA ASP A 31 34.26 6.72 -46.48
C ASP A 31 33.41 6.60 -45.20
N PRO A 32 33.30 7.68 -44.43
CA PRO A 32 32.44 7.72 -43.24
C PRO A 32 30.95 7.57 -43.60
N ASN A 33 30.63 7.81 -44.86
CA ASN A 33 29.28 7.57 -45.37
C ASN A 33 29.10 6.07 -45.67
N LEU A 34 28.35 5.40 -44.80
CA LEU A 34 28.02 3.96 -44.85
C LEU A 34 29.18 2.97 -44.69
N GLU A 35 30.32 3.20 -45.35
CA GLU A 35 31.38 2.19 -45.35
C GLU A 35 31.93 1.86 -43.96
N VAL A 36 32.06 2.85 -43.08
CA VAL A 36 32.48 2.61 -41.71
C VAL A 36 31.49 1.72 -40.99
N GLY A 37 30.21 2.05 -41.16
CA GLY A 37 29.15 1.31 -40.50
C GLY A 37 29.03 -0.14 -40.91
N ALA A 38 29.13 -0.39 -42.20
CA ALA A 38 29.04 -1.74 -42.75
C ALA A 38 30.23 -2.60 -42.35
N ILE A 39 31.42 -2.01 -42.38
CA ILE A 39 32.60 -2.74 -41.94
C ILE A 39 32.45 -3.10 -40.44
N MET A 40 31.88 -2.20 -39.65
CA MET A 40 31.64 -2.47 -38.24
C MET A 40 30.64 -3.61 -38.03
N ARG A 41 29.52 -3.55 -38.74
CA ARG A 41 28.49 -4.61 -38.66
C ARG A 41 29.06 -5.97 -39.04
N LYS A 42 29.87 -6.02 -40.10
CA LYS A 42 30.52 -7.27 -40.49
C LYS A 42 31.41 -7.81 -39.41
N ALA A 43 32.18 -6.92 -38.78
CA ALA A 43 33.04 -7.28 -37.66
C ALA A 43 32.28 -7.75 -36.41
N TYR A 44 31.30 -6.97 -35.94
CA TYR A 44 30.42 -7.36 -34.83
C TYR A 44 29.86 -8.75 -35.00
N GLU A 45 29.32 -8.98 -36.19
CA GLU A 45 28.48 -10.13 -36.45
C GLU A 45 29.26 -11.41 -36.55
N SER A 46 30.56 -11.32 -36.79
CA SER A 46 31.39 -12.53 -36.81
C SER A 46 32.39 -12.55 -35.65
N HIS A 47 32.17 -11.70 -34.66
CA HIS A 47 33.03 -11.64 -33.47
C HIS A 47 34.48 -11.47 -33.87
N LEU A 48 34.72 -10.47 -34.70
CA LEU A 48 36.02 -10.23 -35.28
C LEU A 48 36.69 -9.00 -34.66
N PRO A 49 38.01 -8.88 -34.81
CA PRO A 49 38.79 -7.73 -34.32
C PRO A 49 38.17 -6.36 -34.64
N ALA A 50 38.32 -5.42 -33.70
CA ALA A 50 37.86 -4.05 -33.86
C ALA A 50 38.60 -3.32 -34.97
N PRO A 51 37.86 -2.58 -35.79
CA PRO A 51 38.53 -1.78 -36.83
C PRO A 51 38.85 -0.39 -36.33
N LEU A 52 40.08 0.03 -36.54
CA LEU A 52 40.50 1.38 -36.27
C LEU A 52 40.76 2.06 -37.61
N PHE A 53 39.88 2.95 -38.00
CA PHE A 53 40.01 3.63 -39.28
C PHE A 53 40.93 4.84 -39.14
N LYS A 54 42.13 4.75 -39.70
CA LYS A 54 43.09 5.83 -39.52
C LYS A 54 43.07 6.76 -40.71
N ASN A 55 42.32 6.40 -41.75
CA ASN A 55 42.31 7.21 -42.96
C ASN A 55 40.90 7.47 -43.46
N LEU A 56 40.19 8.35 -42.78
CA LEU A 56 38.83 8.69 -43.15
C LEU A 56 38.76 9.75 -44.23
N LYS A 57 37.94 9.51 -45.24
CA LYS A 57 37.75 10.51 -46.26
C LYS A 57 37.17 11.76 -45.64
N GLY A 58 37.87 12.87 -45.78
CA GLY A 58 37.41 14.13 -45.23
C GLY A 58 38.07 14.53 -43.93
N ALA A 59 38.93 13.66 -43.39
CA ALA A 59 39.61 13.94 -42.14
C ALA A 59 40.74 14.94 -42.28
N SER A 60 41.00 15.71 -41.22
CA SER A 60 42.26 16.42 -41.06
C SER A 60 43.21 15.53 -40.26
N LYS A 61 44.44 15.97 -40.05
CA LYS A 61 45.45 15.11 -39.42
C LYS A 61 45.05 14.74 -38.01
N ASP A 62 44.45 15.68 -37.30
CA ASP A 62 44.01 15.42 -35.94
C ASP A 62 42.57 14.92 -35.82
N LEU A 63 41.69 15.39 -36.71
CA LEU A 63 40.26 15.11 -36.57
C LEU A 63 39.66 14.36 -37.76
N PHE A 64 39.37 13.08 -37.66
CA PHE A 64 39.77 12.19 -36.58
C PHE A 64 39.82 10.76 -37.15
N SER A 65 40.39 9.84 -36.40
CA SER A 65 40.24 8.42 -36.66
C SER A 65 39.00 7.92 -35.94
N ILE A 66 38.52 6.76 -36.36
CA ILE A 66 37.41 6.10 -35.70
C ILE A 66 37.83 4.73 -35.17
N LEU A 67 37.52 4.48 -33.90
CA LEU A 67 37.60 3.14 -33.34
C LEU A 67 36.20 2.56 -33.26
N GLY A 68 35.96 1.52 -34.05
CA GLY A 68 34.68 0.85 -34.03
C GLY A 68 34.66 -0.34 -33.10
N CYS A 69 33.47 -0.67 -32.62
CA CYS A 69 33.21 -1.93 -31.91
C CYS A 69 33.97 -2.08 -30.58
N PRO A 70 33.98 -1.02 -29.74
CA PRO A 70 34.86 -1.03 -28.55
C PRO A 70 34.45 -2.05 -27.48
N ALA A 71 33.23 -2.58 -27.55
CA ALA A 71 32.84 -3.65 -26.65
C ALA A 71 32.17 -4.80 -27.41
N GLY A 72 32.56 -4.98 -28.66
CA GLY A 72 32.08 -6.12 -29.41
C GLY A 72 32.66 -7.39 -28.83
N LEU A 73 32.14 -8.53 -29.27
CA LEU A 73 32.69 -9.84 -28.92
C LEU A 73 33.80 -10.28 -29.90
N ARG A 74 34.64 -11.18 -29.43
CA ARG A 74 35.77 -11.70 -30.18
C ARG A 74 35.85 -13.18 -29.92
N SER A 75 36.79 -13.89 -30.55
CA SER A 75 36.88 -15.34 -30.43
C SER A 75 37.13 -15.84 -29.02
N LYS A 76 36.68 -17.04 -28.73
CA LYS A 76 36.69 -17.54 -27.36
C LYS A 76 38.08 -17.77 -26.79
N GLU A 77 39.07 -18.01 -27.65
CA GLU A 77 40.39 -18.36 -27.16
C GLU A 77 41.12 -17.16 -26.55
N LYS A 78 40.81 -15.96 -27.05
CA LYS A 78 41.35 -14.71 -26.50
C LYS A 78 40.56 -14.24 -25.32
N GLY A 79 39.46 -14.93 -25.03
CA GLY A 79 38.47 -14.47 -24.08
C GLY A 79 37.40 -13.66 -24.80
N ASP A 80 36.24 -14.26 -25.05
CA ASP A 80 35.24 -13.64 -25.92
C ASP A 80 34.74 -12.30 -25.40
N HIS A 81 34.78 -12.11 -24.09
CA HIS A 81 34.34 -10.85 -23.49
C HIS A 81 35.52 -9.97 -23.09
N GLY A 82 36.65 -10.21 -23.73
CA GLY A 82 37.85 -9.46 -23.42
C GLY A 82 37.69 -7.96 -23.47
N ARG A 83 36.96 -7.45 -24.45
CA ARG A 83 36.88 -6.00 -24.61
C ARG A 83 36.12 -5.38 -23.47
N ILE A 84 35.20 -6.13 -22.89
CA ILE A 84 34.45 -5.64 -21.76
C ILE A 84 35.34 -5.68 -20.52
N ALA A 85 36.12 -6.75 -20.38
CA ALA A 85 37.01 -6.88 -19.24
C ALA A 85 38.10 -5.80 -19.19
N HIS A 86 38.58 -5.39 -20.36
CA HIS A 86 39.56 -4.33 -20.43
C HIS A 86 38.96 -2.99 -20.00
N HIS A 87 37.66 -2.80 -20.13
CA HIS A 87 37.01 -1.61 -19.62
C HIS A 87 37.09 -1.53 -18.07
N LEU A 88 37.27 -2.68 -17.43
CA LEU A 88 37.25 -2.77 -15.98
C LEU A 88 38.61 -3.15 -15.45
N GLY A 89 39.56 -3.34 -16.36
CA GLY A 89 40.91 -3.70 -15.97
C GLY A 89 41.00 -5.14 -15.51
N LEU A 90 40.05 -5.99 -15.91
CA LEU A 90 40.11 -7.40 -15.57
C LEU A 90 40.96 -8.18 -16.56
N ASP A 91 41.46 -9.34 -16.13
CA ASP A 91 42.07 -10.27 -17.06
C ASP A 91 41.10 -10.54 -18.22
N PRO A 92 41.61 -10.51 -19.46
CA PRO A 92 40.76 -10.61 -20.66
C PRO A 92 40.08 -11.96 -20.86
N LYS A 93 40.46 -12.99 -20.12
CA LYS A 93 39.76 -14.27 -20.20
C LYS A 93 38.68 -14.44 -19.12
N THR A 94 38.32 -13.34 -18.47
CA THR A 94 37.28 -13.35 -17.44
C THR A 94 35.92 -13.66 -18.09
N THR A 95 35.17 -14.61 -17.54
CA THR A 95 33.85 -14.90 -18.11
C THR A 95 32.89 -13.75 -17.81
N ILE A 96 31.80 -13.64 -18.57
CA ILE A 96 30.87 -12.55 -18.36
C ILE A 96 30.19 -12.65 -16.97
N LYS A 97 30.09 -13.87 -16.45
CA LYS A 97 29.54 -14.11 -15.12
C LYS A 97 30.42 -13.47 -14.07
N GLU A 98 31.72 -13.65 -14.24
CA GLU A 98 32.71 -13.10 -13.33
C GLU A 98 32.79 -11.59 -13.45
N ILE A 99 32.50 -11.08 -14.64
CA ILE A 99 32.51 -9.63 -14.86
C ILE A 99 31.32 -9.01 -14.15
N ILE A 100 30.17 -9.65 -14.27
CA ILE A 100 28.98 -9.20 -13.55
C ILE A 100 29.23 -9.28 -12.03
N ASP A 101 29.90 -10.33 -11.57
CA ASP A 101 30.16 -10.45 -10.14
C ASP A 101 31.16 -9.41 -9.68
N TYR A 102 32.13 -9.10 -10.54
CA TYR A 102 33.08 -8.05 -10.20
C TYR A 102 32.38 -6.70 -10.10
N LEU A 103 31.40 -6.43 -10.96
CA LEU A 103 30.71 -5.15 -10.93
C LEU A 103 29.90 -4.96 -9.65
N LEU A 104 29.27 -6.03 -9.18
CA LEU A 104 28.58 -6.01 -7.88
C LEU A 104 29.55 -5.80 -6.72
N GLU A 105 30.74 -6.36 -6.85
CA GLU A 105 31.74 -6.26 -5.81
C GLU A 105 32.20 -4.83 -5.67
N CYS A 106 32.24 -4.11 -6.78
CA CYS A 106 32.72 -2.73 -6.81
C CYS A 106 31.82 -1.82 -6.01
N LYS A 107 30.58 -2.24 -5.80
CA LYS A 107 29.69 -1.46 -4.97
C LYS A 107 30.15 -1.42 -3.50
N GLU A 108 31.10 -2.28 -3.13
CA GLU A 108 31.62 -2.34 -1.76
C GLU A 108 32.79 -1.41 -1.55
N LYS A 109 33.33 -0.90 -2.66
CA LYS A 109 34.61 -0.23 -2.59
C LYS A 109 34.47 1.26 -2.29
N GLU A 110 35.55 1.87 -1.82
CA GLU A 110 35.50 3.29 -1.50
C GLU A 110 35.50 4.09 -2.79
N PRO A 111 34.52 4.99 -2.94
CA PRO A 111 34.46 5.93 -4.05
C PRO A 111 35.60 6.95 -3.96
N LEU A 112 36.43 7.05 -4.98
CA LEU A 112 37.45 8.08 -5.03
C LEU A 112 36.98 9.22 -5.90
N PRO A 113 36.80 10.40 -5.32
CA PRO A 113 36.47 11.57 -6.14
C PRO A 113 37.57 11.85 -7.16
N PRO A 114 37.20 12.44 -8.30
CA PRO A 114 38.17 12.77 -9.34
C PRO A 114 39.11 13.88 -8.88
N ILE A 115 40.36 13.82 -9.33
CA ILE A 115 41.36 14.82 -8.98
C ILE A 115 41.48 15.87 -10.06
N THR A 116 41.47 17.14 -9.68
CA THR A 116 41.72 18.18 -10.66
C THR A 116 43.21 18.17 -11.01
N VAL A 117 43.52 18.22 -12.31
CA VAL A 117 44.90 18.34 -12.74
C VAL A 117 45.02 19.63 -13.55
N PRO A 118 46.24 20.20 -13.62
CA PRO A 118 46.40 21.45 -14.37
C PRO A 118 46.42 21.25 -15.87
N VAL A 119 45.79 22.19 -16.58
CA VAL A 119 45.67 22.19 -18.03
C VAL A 119 46.88 21.65 -18.77
N SER A 120 48.06 21.93 -18.25
CA SER A 120 49.30 21.54 -18.90
C SER A 120 49.47 20.04 -18.90
N SER A 121 48.82 19.33 -17.98
CA SER A 121 48.99 17.88 -17.98
C SER A 121 47.74 17.15 -18.49
N ALA A 122 46.83 17.89 -19.12
CA ALA A 122 45.64 17.26 -19.71
C ALA A 122 45.73 17.19 -21.24
N PRO A 123 45.99 15.99 -21.79
CA PRO A 123 46.10 15.80 -23.23
C PRO A 123 44.89 16.34 -24.03
N CYS A 124 43.70 16.36 -23.44
CA CYS A 124 42.55 16.88 -24.14
C CYS A 124 42.64 18.39 -24.37
N LYS A 125 43.61 19.05 -23.76
CA LYS A 125 43.78 20.50 -23.93
C LYS A 125 44.80 20.91 -25.00
N THR A 126 45.39 19.93 -25.69
CA THR A 126 46.47 20.19 -26.63
C THR A 126 46.05 21.15 -27.74
N HIS A 127 44.85 21.00 -28.28
CA HIS A 127 44.36 21.99 -29.23
C HIS A 127 43.03 22.54 -28.73
N ILE A 128 42.80 23.83 -28.91
CA ILE A 128 41.62 24.50 -28.38
C ILE A 128 40.98 25.32 -29.46
N LEU A 129 39.69 25.12 -29.71
CA LEU A 129 39.00 25.86 -30.76
C LEU A 129 37.91 26.75 -30.21
N SER A 130 38.00 28.04 -30.50
CA SER A 130 36.98 28.99 -30.07
C SER A 130 35.80 28.91 -31.03
N GLU A 131 34.72 29.63 -30.71
CA GLU A 131 33.46 29.48 -31.42
C GLU A 131 33.57 29.62 -32.93
N GLU A 132 34.33 30.61 -33.40
CA GLU A 132 34.36 30.97 -34.81
C GLU A 132 34.97 29.87 -35.66
N LYS A 133 35.71 28.96 -35.04
CA LYS A 133 36.38 27.89 -35.77
C LYS A 133 35.62 26.56 -35.68
N ILE A 134 34.40 26.59 -35.18
CA ILE A 134 33.60 25.36 -35.07
C ILE A 134 32.73 25.12 -36.29
N HIS A 135 32.98 24.03 -37.01
CA HIS A 135 32.15 23.63 -38.15
C HIS A 135 31.94 22.12 -38.18
N LEU A 136 30.99 21.65 -37.38
CA LEU A 136 30.79 20.23 -37.15
C LEU A 136 30.63 19.42 -38.42
N GLN A 137 30.11 20.05 -39.47
CA GLN A 137 29.86 19.36 -40.72
C GLN A 137 31.16 19.03 -41.47
N SER A 138 32.27 19.60 -41.03
CA SER A 138 33.55 19.35 -41.70
C SER A 138 34.23 18.12 -41.11
N LEU A 139 33.82 17.75 -39.90
CA LEU A 139 34.29 16.52 -39.29
C LEU A 139 33.87 15.31 -40.10
N PRO A 140 34.73 14.28 -40.14
CA PRO A 140 34.37 13.06 -40.86
C PRO A 140 33.46 12.18 -40.02
N THR A 141 32.34 12.76 -39.59
CA THR A 141 31.33 12.08 -38.79
C THR A 141 30.71 10.94 -39.57
N PRO A 142 30.58 9.76 -38.94
CA PRO A 142 30.01 8.65 -39.70
C PRO A 142 28.50 8.75 -39.93
N TYR A 143 28.05 8.33 -41.11
CA TYR A 143 26.64 8.08 -41.40
C TYR A 143 26.45 6.57 -41.34
N LEU A 144 25.90 6.09 -40.23
CA LEU A 144 26.07 4.69 -39.86
C LEU A 144 25.12 3.68 -40.52
N HIS A 145 23.85 4.01 -40.67
CA HIS A 145 22.89 3.11 -41.30
C HIS A 145 22.21 3.77 -42.45
N VAL A 146 21.78 2.99 -43.44
CA VAL A 146 20.88 3.50 -44.47
C VAL A 146 19.64 4.05 -43.78
N SER A 147 19.17 5.21 -44.23
CA SER A 147 17.96 5.87 -43.73
C SER A 147 18.05 6.44 -42.31
N ASP A 148 19.25 6.55 -41.76
CA ASP A 148 19.45 7.35 -40.54
C ASP A 148 19.06 8.79 -40.85
N GLY A 149 18.51 9.50 -39.88
CA GLY A 149 18.13 10.88 -40.08
C GLY A 149 19.30 11.83 -40.20
N GLY A 150 20.50 11.32 -39.96
CA GLY A 150 21.67 12.17 -39.97
C GLY A 150 22.93 11.42 -39.63
N LYS A 151 24.05 12.14 -39.63
CA LYS A 151 25.31 11.63 -39.11
C LYS A 151 25.29 11.68 -37.59
N TYR A 152 25.71 10.59 -36.96
CA TYR A 152 25.76 10.57 -35.51
C TYR A 152 27.18 10.66 -34.96
N LEU A 153 27.51 11.83 -34.45
CA LEU A 153 28.78 12.06 -33.79
C LEU A 153 28.84 11.33 -32.45
N GLN A 154 27.74 11.35 -31.71
CA GLN A 154 27.74 10.80 -30.36
C GLN A 154 27.03 9.46 -30.30
N THR A 155 27.82 8.40 -30.18
CA THR A 155 27.30 7.06 -29.98
C THR A 155 28.06 6.37 -28.86
N TYR A 156 29.26 6.82 -28.55
CA TYR A 156 30.03 6.15 -27.51
C TYR A 156 30.84 7.15 -26.70
N GLY A 157 30.32 8.36 -26.60
CA GLY A 157 30.93 9.39 -25.78
C GLY A 157 30.07 9.70 -24.58
N MET A 158 30.46 10.74 -23.86
CA MET A 158 29.89 11.03 -22.55
C MET A 158 29.34 12.46 -22.50
N TRP A 159 28.06 12.61 -22.20
CA TRP A 159 27.48 13.92 -21.90
C TRP A 159 27.70 14.23 -20.44
N ILE A 160 28.05 15.47 -20.14
CA ILE A 160 28.22 15.90 -18.77
C ILE A 160 27.33 17.12 -18.48
N LEU A 161 26.53 17.04 -17.42
CA LEU A 161 25.70 18.18 -17.01
C LEU A 161 25.73 18.33 -15.49
N GLN A 162 25.50 19.55 -15.03
CA GLN A 162 25.68 19.88 -13.62
C GLN A 162 24.64 20.89 -13.17
N THR A 163 24.08 20.71 -11.99
CA THR A 163 23.19 21.72 -11.42
C THR A 163 24.01 22.99 -11.17
N PRO A 164 23.36 24.16 -11.24
CA PRO A 164 24.02 25.47 -11.12
C PRO A 164 25.04 25.59 -10.00
N ASP A 165 24.89 24.84 -8.91
CA ASP A 165 25.90 24.89 -7.85
C ASP A 165 26.98 23.82 -8.05
N THR A 169 25.90 16.48 -10.47
CA THR A 169 26.73 16.12 -11.62
C THR A 169 26.24 14.84 -12.28
N ASN A 170 25.95 14.93 -13.58
CA ASN A 170 25.37 13.80 -14.32
C ASN A 170 26.22 13.40 -15.53
N TRP A 171 26.75 12.18 -15.51
CA TRP A 171 27.48 11.59 -16.63
C TRP A 171 26.61 10.62 -17.41
N SER A 172 26.24 10.98 -18.63
CA SER A 172 25.28 10.17 -19.40
C SER A 172 25.72 9.83 -20.85
N ILE A 173 25.33 8.66 -21.33
CA ILE A 173 25.48 8.33 -22.75
C ILE A 173 24.10 8.32 -23.36
N ALA A 174 23.98 8.89 -24.55
CA ALA A 174 22.69 9.09 -25.21
C ALA A 174 22.99 9.59 -26.60
N ARG A 175 22.30 9.06 -27.60
CA ARG A 175 22.75 9.24 -28.98
C ARG A 175 22.63 10.69 -29.42
N GLY A 176 23.55 11.11 -30.27
CA GLY A 176 23.61 12.51 -30.67
C GLY A 176 23.86 12.68 -32.15
N MET A 177 23.03 13.49 -32.78
CA MET A 177 23.04 13.63 -34.22
C MET A 177 23.43 15.05 -34.62
N VAL A 178 24.37 15.17 -35.55
CA VAL A 178 24.80 16.48 -36.02
C VAL A 178 23.68 17.14 -36.84
N VAL A 179 23.31 18.37 -36.48
CA VAL A 179 22.22 19.03 -37.18
C VAL A 179 22.72 20.04 -38.21
N ASP A 180 23.65 20.89 -37.81
CA ASP A 180 24.37 21.73 -38.77
C ASP A 180 25.75 22.01 -38.24
N ASP A 181 26.39 23.05 -38.76
CA ASP A 181 27.76 23.39 -38.39
C ASP A 181 27.95 23.71 -36.91
N LYS A 182 26.87 24.04 -36.20
CA LYS A 182 26.97 24.48 -34.81
C LYS A 182 26.13 23.68 -33.82
N HIS A 183 25.26 22.80 -34.31
CA HIS A 183 24.27 22.16 -33.45
C HIS A 183 24.23 20.63 -33.50
N ILE A 184 24.13 20.04 -32.31
CA ILE A 184 23.89 18.60 -32.09
C ILE A 184 22.54 18.38 -31.41
N THR A 185 21.82 17.33 -31.79
CA THR A 185 20.54 17.06 -31.13
C THR A 185 20.50 15.65 -30.55
N GLY A 186 20.09 15.55 -29.30
CA GLY A 186 20.15 14.31 -28.56
C GLY A 186 18.80 13.72 -28.18
N LEU A 187 18.69 12.41 -28.32
CA LEU A 187 17.50 11.68 -27.92
C LEU A 187 17.27 11.78 -26.42
N VAL A 188 16.01 11.92 -26.00
CA VAL A 188 15.66 11.81 -24.59
C VAL A 188 14.53 10.81 -24.40
N ASN A 208 17.26 27.12 -20.97
CA ASN A 208 17.57 28.02 -22.07
C ASN A 208 19.06 28.01 -22.44
N GLU A 209 19.95 28.25 -21.48
CA GLU A 209 21.38 28.24 -21.77
C GLU A 209 22.14 27.31 -20.81
N ILE A 210 21.73 26.05 -20.77
CA ILE A 210 22.30 25.05 -19.87
C ILE A 210 23.69 24.57 -20.34
N PRO A 211 24.72 24.81 -19.53
CA PRO A 211 26.05 24.35 -19.97
C PRO A 211 26.13 22.84 -20.11
N PHE A 212 26.90 22.37 -21.09
CA PHE A 212 27.17 20.93 -21.23
C PHE A 212 28.59 20.69 -21.73
N ALA A 213 29.11 19.51 -21.45
CA ALA A 213 30.32 19.02 -22.07
C ALA A 213 30.05 17.66 -22.74
N LEU A 214 30.65 17.43 -23.89
CA LEU A 214 30.52 16.16 -24.59
C LEU A 214 31.92 15.62 -24.86
N CYS A 215 32.26 14.50 -24.24
CA CYS A 215 33.62 13.97 -24.26
C CYS A 215 33.74 12.62 -24.93
N PHE A 216 34.74 12.46 -25.79
CA PHE A 216 34.98 11.21 -26.48
C PHE A 216 36.32 10.62 -26.09
N GLY A 217 36.38 9.29 -26.06
CA GLY A 217 37.59 8.62 -25.67
C GLY A 217 37.90 8.87 -24.22
N VAL A 218 36.85 8.97 -23.39
CA VAL A 218 37.04 9.09 -21.95
C VAL A 218 37.67 7.81 -21.45
N PRO A 219 38.15 7.78 -20.20
CA PRO A 219 38.49 6.50 -19.57
C PRO A 219 37.40 5.44 -19.78
N PRO A 220 37.77 4.27 -20.32
CA PRO A 220 36.84 3.19 -20.61
C PRO A 220 35.95 2.79 -19.45
N ALA A 221 36.46 2.81 -18.23
CA ALA A 221 35.63 2.52 -17.06
C ALA A 221 34.52 3.57 -16.93
N ALA A 222 34.84 4.81 -17.27
CA ALA A 222 33.83 5.86 -17.25
C ALA A 222 32.70 5.63 -18.26
N ILE A 223 33.02 5.21 -19.47
CA ILE A 223 32.00 5.10 -20.50
C ILE A 223 31.12 3.91 -20.18
N LEU A 224 31.69 2.89 -19.54
CA LEU A 224 30.90 1.76 -19.10
C LEU A 224 29.93 2.15 -17.99
N VAL A 225 30.37 2.98 -17.05
CA VAL A 225 29.50 3.36 -15.93
C VAL A 225 28.36 4.27 -16.39
N SER A 226 28.63 5.12 -17.37
CA SER A 226 27.60 6.01 -17.89
C SER A 226 26.60 5.31 -18.80
N SER A 227 26.81 4.03 -19.09
CA SER A 227 25.96 3.33 -20.07
C SER A 227 24.54 3.12 -19.55
N MET A 228 24.43 2.75 -18.28
CA MET A 228 23.14 2.82 -17.58
C MET A 228 23.36 3.41 -16.21
N GLU A 236 28.36 8.94 -10.25
CA GLU A 236 28.98 7.97 -11.14
C GLU A 236 30.47 8.24 -11.29
N SER A 237 30.85 9.51 -11.29
CA SER A 237 32.26 9.87 -11.36
C SER A 237 33.00 9.29 -10.16
N ASP A 238 32.32 9.27 -9.03
CA ASP A 238 32.92 8.77 -7.81
C ASP A 238 33.00 7.25 -7.86
N TYR A 239 32.05 6.64 -8.57
CA TYR A 239 31.97 5.19 -8.72
C TYR A 239 32.95 4.61 -9.77
N VAL A 240 33.38 5.43 -10.71
CA VAL A 240 34.46 5.03 -11.59
C VAL A 240 35.74 4.87 -10.76
N GLY A 241 35.89 5.75 -9.76
CA GLY A 241 36.97 5.65 -8.81
C GLY A 241 37.03 4.31 -8.09
N ALA A 242 35.87 3.78 -7.72
CA ALA A 242 35.81 2.47 -7.07
C ALA A 242 36.16 1.31 -8.02
N ILE A 243 35.87 1.48 -9.30
CA ILE A 243 36.28 0.47 -10.26
C ILE A 243 37.80 0.52 -10.47
N LEU A 244 38.31 1.72 -10.71
CA LEU A 244 39.73 1.90 -11.00
C LEU A 244 40.64 1.65 -9.79
N GLY A 245 40.17 2.02 -8.61
CA GLY A 245 41.01 1.94 -7.43
C GLY A 245 41.82 3.21 -7.26
N GLU A 246 41.65 4.13 -8.20
CA GLU A 246 42.30 5.43 -8.15
C GLU A 246 41.37 6.46 -8.77
N SER A 247 41.69 7.74 -8.59
CA SER A 247 40.86 8.84 -9.09
C SER A 247 41.03 9.11 -10.57
N VAL A 248 39.94 9.53 -11.21
CA VAL A 248 39.97 9.98 -12.59
C VAL A 248 40.52 11.40 -12.66
N PRO A 249 41.56 11.62 -13.48
CA PRO A 249 42.14 12.94 -13.70
C PRO A 249 41.18 13.82 -14.46
N VAL A 250 40.78 14.95 -13.89
CA VAL A 250 39.85 15.81 -14.60
C VAL A 250 40.42 17.21 -14.78
N VAL A 251 39.74 18.01 -15.59
CA VAL A 251 40.18 19.35 -15.91
C VAL A 251 38.98 20.20 -16.31
N LYS A 252 39.02 21.50 -16.04
CA LYS A 252 37.87 22.34 -16.30
C LYS A 252 37.72 22.66 -17.77
N CYS A 253 36.48 22.74 -18.24
CA CYS A 253 36.20 23.24 -19.58
C CYS A 253 36.67 24.67 -19.76
N GLU A 254 36.82 25.07 -21.02
CA GLU A 254 37.25 26.42 -21.36
C GLU A 254 36.15 27.47 -21.19
N THR A 255 34.90 27.07 -21.38
CA THR A 255 33.81 28.03 -21.39
C THR A 255 32.75 27.81 -20.30
N ASN A 256 33.04 26.91 -19.36
CA ASN A 256 32.16 26.70 -18.21
C ASN A 256 32.88 25.97 -17.09
N ASP A 257 32.15 25.60 -16.05
CA ASP A 257 32.76 25.02 -14.85
C ASP A 257 32.70 23.49 -14.77
N LEU A 258 32.23 22.84 -15.82
CA LEU A 258 32.17 21.38 -15.84
C LEU A 258 33.55 20.79 -15.83
N MET A 259 33.75 19.72 -15.08
CA MET A 259 35.02 19.01 -15.11
C MET A 259 34.97 17.87 -16.14
N VAL A 260 35.97 17.80 -17.00
CA VAL A 260 36.02 16.74 -18.01
C VAL A 260 37.24 15.88 -17.82
N PRO A 261 37.18 14.61 -18.24
CA PRO A 261 38.34 13.71 -18.12
C PRO A 261 39.56 14.26 -18.83
N ALA A 262 40.67 14.30 -18.10
CA ALA A 262 41.88 14.95 -18.57
C ALA A 262 42.39 14.33 -19.86
N THR A 263 42.17 13.03 -20.01
CA THR A 263 42.70 12.32 -21.15
C THR A 263 41.69 12.04 -22.27
N SER A 264 40.57 12.75 -22.29
CA SER A 264 39.62 12.63 -23.43
C SER A 264 40.33 12.91 -24.76
N GLU A 265 39.84 12.28 -25.81
CA GLU A 265 40.32 12.53 -27.17
C GLU A 265 39.79 13.85 -27.68
N MET A 266 38.53 14.14 -27.34
CA MET A 266 37.86 15.36 -27.80
C MET A 266 36.84 15.79 -26.77
N VAL A 267 36.66 17.10 -26.64
CA VAL A 267 35.69 17.64 -25.71
C VAL A 267 34.93 18.73 -26.42
N PHE A 268 33.62 18.56 -26.54
CA PHE A 268 32.77 19.60 -27.06
C PHE A 268 32.10 20.32 -25.89
N GLU A 269 32.08 21.65 -25.95
CA GLU A 269 31.51 22.46 -24.88
C GLU A 269 30.45 23.37 -25.45
N GLY A 270 29.46 23.73 -24.63
CA GLY A 270 28.42 24.62 -25.11
C GLY A 270 27.19 24.74 -24.27
N THR A 271 26.07 24.99 -24.95
CA THR A 271 24.83 25.38 -24.31
C THR A 271 23.68 24.49 -24.73
N LEU A 272 22.93 24.01 -23.75
CA LEU A 272 21.75 23.20 -24.00
C LEU A 272 20.48 24.03 -23.82
N SER A 273 19.63 24.06 -24.85
CA SER A 273 18.33 24.71 -24.76
C SER A 273 17.18 23.72 -24.92
N LEU A 274 16.17 23.84 -24.07
CA LEU A 274 14.98 23.01 -24.15
C LEU A 274 13.86 23.74 -24.87
N THR A 275 14.01 25.05 -24.98
CA THR A 275 13.07 25.88 -25.71
C THR A 275 13.23 25.66 -27.22
N ASP A 276 14.48 25.45 -27.64
CA ASP A 276 14.81 25.28 -29.05
C ASP A 276 14.93 23.79 -29.40
N THR A 277 14.06 23.31 -30.30
CA THR A 277 14.03 21.88 -30.60
C THR A 277 14.26 21.54 -32.07
N HIS A 278 14.60 20.28 -32.32
CA HIS A 278 14.81 19.82 -33.67
C HIS A 278 14.38 18.37 -33.82
N LEU A 279 14.03 17.98 -35.04
CA LEU A 279 13.64 16.58 -35.28
C LEU A 279 14.88 15.70 -35.33
N GLU A 280 15.07 14.92 -34.28
CA GLU A 280 16.13 13.93 -34.26
C GLU A 280 15.67 12.79 -35.16
N GLY A 281 16.16 12.83 -36.41
CA GLY A 281 15.80 11.87 -37.44
C GLY A 281 16.15 10.50 -36.94
N PRO A 282 15.62 9.45 -37.58
CA PRO A 282 15.72 8.07 -37.07
C PRO A 282 17.15 7.54 -36.99
N PHE A 283 17.34 6.47 -36.23
CA PHE A 283 18.64 5.87 -36.03
C PHE A 283 18.52 4.36 -35.83
N GLY A 284 19.38 3.59 -36.50
CA GLY A 284 19.38 2.15 -36.33
C GLY A 284 19.68 1.80 -34.89
N GLU A 285 18.85 0.97 -34.28
CA GLU A 285 18.94 0.79 -32.83
C GLU A 285 19.18 -0.63 -32.37
N MET A 286 19.18 -0.79 -31.05
CA MET A 286 19.60 -2.01 -30.39
C MET A 286 18.75 -3.25 -30.70
N HIS A 287 17.58 -3.05 -31.30
CA HIS A 287 16.75 -4.20 -31.58
C HIS A 287 16.88 -4.62 -33.04
N GLY A 288 17.65 -3.85 -33.81
CA GLY A 288 17.99 -4.21 -35.18
C GLY A 288 17.23 -3.53 -36.32
N TYR A 289 16.56 -2.41 -36.05
CA TYR A 289 15.77 -1.76 -37.10
C TYR A 289 16.07 -0.27 -37.25
N VAL A 290 16.06 0.22 -38.48
CA VAL A 290 15.77 1.63 -38.70
C VAL A 290 14.33 1.72 -39.13
N PHE A 291 13.49 2.30 -38.29
CA PHE A 291 12.12 2.57 -38.66
C PHE A 291 12.08 3.97 -39.21
N LYS A 292 11.54 4.09 -40.42
CA LYS A 292 11.88 5.20 -41.29
C LYS A 292 10.96 6.39 -41.15
N SER A 293 11.57 7.56 -41.31
CA SER A 293 10.89 8.86 -41.24
C SER A 293 10.16 9.00 -39.92
N GLN A 294 10.57 8.21 -38.93
CA GLN A 294 9.96 8.31 -37.62
C GLN A 294 10.87 9.09 -36.70
N GLY A 295 10.41 10.28 -36.31
CA GLY A 295 11.14 11.15 -35.40
C GLY A 295 10.26 11.75 -34.32
N HIS A 296 10.86 12.60 -33.49
CA HIS A 296 10.12 13.39 -32.50
C HIS A 296 11.08 14.49 -32.01
N PRO A 297 10.55 15.70 -31.73
CA PRO A 297 11.34 16.86 -31.33
C PRO A 297 12.21 16.64 -30.10
N CYS A 298 13.45 17.15 -30.16
CA CYS A 298 14.42 16.93 -29.10
C CYS A 298 15.18 18.23 -28.84
N PRO A 299 15.70 18.41 -27.63
CA PRO A 299 16.44 19.63 -27.30
C PRO A 299 17.73 19.81 -28.11
N LEU A 300 17.97 21.06 -28.51
CA LEU A 300 19.11 21.42 -29.33
C LEU A 300 20.30 21.82 -28.47
N TYR A 301 21.45 21.20 -28.70
CA TYR A 301 22.71 21.59 -28.05
C TYR A 301 23.51 22.47 -28.99
N THR A 302 23.94 23.63 -28.50
CA THR A 302 24.76 24.55 -29.29
C THR A 302 26.23 24.43 -28.90
N VAL A 303 27.07 23.99 -29.83
CA VAL A 303 28.50 23.86 -29.58
C VAL A 303 29.18 25.22 -29.67
N LYS A 304 29.90 25.61 -28.62
CA LYS A 304 30.50 26.94 -28.58
C LYS A 304 32.02 26.90 -28.44
N ALA A 305 32.56 25.80 -27.96
CA ALA A 305 34.00 25.62 -27.93
C ALA A 305 34.35 24.15 -28.15
N MET A 306 35.61 23.89 -28.46
CA MET A 306 36.09 22.52 -28.65
C MET A 306 37.55 22.40 -28.24
N SER A 307 37.93 21.24 -27.73
CA SER A 307 39.35 20.99 -27.52
C SER A 307 39.62 19.52 -27.81
N TYR A 308 40.86 19.20 -28.16
CA TYR A 308 41.19 17.84 -28.59
C TYR A 308 42.68 17.59 -28.56
N ARG A 309 43.06 16.32 -28.60
CA ARG A 309 44.49 16.00 -28.62
C ARG A 309 45.03 15.64 -30.01
N ASP A 310 46.35 15.48 -30.10
CA ASP A 310 47.01 15.11 -31.35
C ASP A 310 46.46 13.79 -31.85
N ASN A 311 46.11 13.73 -33.13
CA ASN A 311 45.62 12.51 -33.76
C ASN A 311 44.43 11.90 -33.06
N ALA A 312 43.40 12.70 -32.83
CA ALA A 312 42.31 12.27 -31.95
C ALA A 312 41.58 11.09 -32.53
N ILE A 313 41.10 10.21 -31.66
CA ILE A 313 40.28 9.08 -32.07
C ILE A 313 38.85 9.21 -31.57
N LEU A 314 37.89 8.95 -32.45
CA LEU A 314 36.48 8.90 -32.06
C LEU A 314 36.01 7.46 -31.92
N PRO A 315 35.70 7.02 -30.69
CA PRO A 315 35.11 5.69 -30.56
C PRO A 315 33.68 5.70 -31.06
N VAL A 316 33.25 4.66 -31.77
CA VAL A 316 31.93 4.64 -32.37
C VAL A 316 31.24 3.31 -32.07
N SER A 317 29.93 3.36 -31.80
CA SER A 317 29.14 2.17 -31.63
C SER A 317 28.03 2.11 -32.68
N ASN A 318 27.96 1.03 -33.45
CA ASN A 318 26.93 0.97 -34.50
C ASN A 318 25.86 -0.08 -34.21
N PRO A 319 24.77 0.34 -33.55
CA PRO A 319 23.79 -0.62 -33.03
C PRO A 319 22.95 -1.31 -34.13
N GLY A 320 22.62 -2.56 -33.88
CA GLY A 320 21.70 -3.28 -34.73
C GLY A 320 21.48 -4.68 -34.21
N LEU A 321 21.64 -5.63 -35.11
CA LEU A 321 21.53 -7.04 -34.76
C LEU A 321 22.59 -7.36 -33.73
N CYS A 322 22.34 -8.37 -32.90
CA CYS A 322 23.33 -8.84 -31.96
C CYS A 322 24.60 -9.25 -32.73
N THR A 323 25.78 -9.05 -32.18
CA THR A 323 26.00 -8.51 -30.84
C THR A 323 26.87 -7.24 -30.87
N ASP A 324 26.35 -6.13 -30.36
CA ASP A 324 27.16 -4.93 -30.24
C ASP A 324 27.14 -4.40 -28.80
N GLU A 325 27.54 -3.14 -28.61
CA GLU A 325 27.66 -2.52 -27.29
C GLU A 325 26.34 -2.44 -26.55
N THR A 326 25.28 -2.19 -27.30
CA THR A 326 23.96 -2.03 -26.69
C THR A 326 23.39 -3.35 -26.15
N HIS A 327 24.09 -4.46 -26.37
CA HIS A 327 23.64 -5.73 -25.79
C HIS A 327 24.62 -6.16 -24.75
N THR A 328 25.86 -5.85 -25.02
CA THR A 328 26.97 -6.32 -24.22
C THR A 328 27.21 -5.44 -23.00
N LEU A 329 27.05 -4.12 -23.14
CA LEU A 329 27.29 -3.20 -22.03
C LEU A 329 25.99 -2.94 -21.31
N ILE A 330 24.97 -2.52 -22.05
CA ILE A 330 23.65 -2.30 -21.49
C ILE A 330 23.09 -3.55 -20.81
N GLY A 331 23.15 -4.68 -21.51
CA GLY A 331 22.62 -5.93 -20.99
C GLY A 331 23.26 -6.40 -19.70
N SER A 332 24.58 -6.31 -19.63
CA SER A 332 25.33 -6.76 -18.47
C SER A 332 25.28 -5.80 -17.27
N LEU A 333 25.00 -4.53 -17.53
CA LEU A 333 24.79 -3.58 -16.46
C LEU A 333 23.39 -3.76 -15.87
N VAL A 334 22.43 -4.12 -16.72
CA VAL A 334 21.09 -4.44 -16.23
C VAL A 334 21.12 -5.74 -15.42
N ALA A 335 21.90 -6.72 -15.85
CA ALA A 335 22.00 -7.97 -15.12
C ALA A 335 22.61 -7.77 -13.74
N THR A 336 23.62 -6.90 -13.66
CA THR A 336 24.25 -6.56 -12.40
C THR A 336 23.25 -5.97 -11.39
N GLU A 337 22.50 -4.98 -11.84
CA GLU A 337 21.48 -4.37 -11.04
C GLU A 337 20.39 -5.37 -10.67
N ALA A 338 20.03 -6.22 -11.63
CA ALA A 338 18.98 -7.20 -11.42
C ALA A 338 19.41 -8.20 -10.37
N LYS A 339 20.68 -8.54 -10.36
CA LYS A 339 21.17 -9.49 -9.37
C LYS A 339 21.25 -8.83 -8.00
N GLU A 340 21.58 -7.54 -7.97
CA GLU A 340 21.64 -6.80 -6.71
C GLU A 340 20.26 -6.63 -6.12
N LEU A 341 19.31 -6.26 -6.98
CA LEU A 341 17.92 -6.12 -6.59
C LEU A 341 17.35 -7.44 -6.03
N ALA A 342 17.77 -8.56 -6.59
CA ALA A 342 17.33 -9.87 -6.13
C ALA A 342 17.85 -10.15 -4.73
N ILE A 343 19.15 -9.99 -4.55
CA ILE A 343 19.79 -10.17 -3.25
C ILE A 343 19.15 -9.31 -2.17
N GLU A 344 19.00 -8.02 -2.44
CA GLU A 344 18.42 -7.07 -1.49
C GLU A 344 16.98 -7.42 -1.14
N SER A 345 16.27 -8.02 -2.08
CA SER A 345 14.86 -8.36 -1.92
C SER A 345 14.65 -9.68 -1.19
N GLY A 346 15.70 -10.49 -1.11
CA GLY A 346 15.55 -11.81 -0.52
C GLY A 346 15.05 -12.85 -1.50
N LEU A 347 15.14 -12.57 -2.78
CA LEU A 347 14.74 -13.54 -3.80
C LEU A 347 15.83 -14.60 -3.97
N PRO A 348 15.44 -15.86 -4.17
CA PRO A 348 16.45 -16.92 -4.25
C PRO A 348 17.10 -17.01 -5.64
N ILE A 349 17.77 -15.94 -6.03
CA ILE A 349 18.33 -15.79 -7.37
C ILE A 349 19.84 -15.94 -7.38
N LEU A 350 20.34 -16.86 -8.20
CA LEU A 350 21.77 -17.14 -8.29
C LEU A 350 22.50 -16.23 -9.29
N ASP A 351 21.92 -16.05 -10.47
CA ASP A 351 22.54 -15.26 -11.55
C ASP A 351 21.50 -14.59 -12.43
N ALA A 352 21.91 -13.55 -13.13
CA ALA A 352 21.02 -12.88 -14.05
C ALA A 352 21.74 -12.58 -15.35
N PHE A 353 21.03 -12.63 -16.47
CA PHE A 353 21.68 -12.39 -17.74
C PHE A 353 20.66 -11.96 -18.75
N MET A 354 21.07 -11.09 -19.66
CA MET A 354 20.23 -10.76 -20.79
C MET A 354 20.87 -11.29 -22.08
N PRO A 355 20.42 -12.47 -22.57
CA PRO A 355 20.93 -13.09 -23.81
C PRO A 355 21.00 -12.13 -24.98
N TYR A 356 22.15 -12.07 -25.63
CA TYR A 356 22.35 -11.18 -26.79
C TYR A 356 21.46 -11.52 -27.97
N GLU A 357 21.16 -12.81 -28.17
CA GLU A 357 20.24 -13.26 -29.22
C GLU A 357 18.83 -12.70 -29.09
N ALA A 358 18.46 -12.25 -27.89
CA ALA A 358 17.13 -11.71 -27.66
C ALA A 358 17.15 -10.19 -27.64
N GLN A 359 18.26 -9.62 -28.08
CA GLN A 359 18.43 -8.17 -28.28
C GLN A 359 18.16 -7.35 -27.01
N ALA A 360 18.64 -7.81 -25.86
CA ALA A 360 18.38 -7.15 -24.58
C ALA A 360 16.90 -6.89 -24.29
N LEU A 361 16.01 -7.77 -24.73
CA LEU A 361 14.61 -7.65 -24.31
C LEU A 361 14.27 -8.69 -23.27
N TRP A 362 15.14 -9.70 -23.11
CA TRP A 362 14.90 -10.79 -22.18
C TRP A 362 15.85 -10.74 -20.98
N LEU A 363 15.29 -10.72 -19.77
CA LEU A 363 16.10 -10.95 -18.58
C LEU A 363 15.90 -12.38 -18.09
N ILE A 364 16.97 -13.16 -18.00
CA ILE A 364 16.83 -14.52 -17.50
C ILE A 364 17.36 -14.59 -16.08
N LEU A 365 16.54 -15.15 -15.18
CA LEU A 365 16.90 -15.28 -13.78
C LEU A 365 17.08 -16.74 -13.39
N LYS A 366 18.25 -17.06 -12.88
CA LYS A 366 18.57 -18.38 -12.41
C LYS A 366 18.19 -18.53 -10.95
N VAL A 367 17.27 -19.46 -10.69
CA VAL A 367 16.67 -19.62 -9.39
C VAL A 367 17.28 -20.80 -8.64
N ASP A 368 17.60 -20.57 -7.38
CA ASP A 368 18.08 -21.62 -6.49
C ASP A 368 16.88 -22.37 -5.93
N LEU A 369 16.74 -23.65 -6.29
CA LEU A 369 15.51 -24.38 -5.95
C LEU A 369 15.31 -24.57 -4.44
N LYS A 370 16.37 -24.78 -3.68
CA LYS A 370 16.26 -24.82 -2.22
C LYS A 370 15.68 -23.53 -1.69
N GLY A 371 16.13 -22.43 -2.24
CA GLY A 371 15.63 -21.13 -1.85
C GLY A 371 14.17 -21.00 -2.17
N LEU A 372 13.82 -21.32 -3.40
CA LEU A 372 12.43 -21.27 -3.86
C LEU A 372 11.55 -22.14 -2.98
N GLN A 373 12.04 -23.33 -2.65
CA GLN A 373 11.26 -24.23 -1.84
C GLN A 373 11.12 -23.71 -0.41
N ALA A 374 12.14 -23.07 0.11
CA ALA A 374 12.06 -22.50 1.47
C ALA A 374 11.03 -21.37 1.57
N LEU A 375 10.68 -20.80 0.41
CA LEU A 375 9.69 -19.73 0.32
C LEU A 375 8.25 -20.21 0.45
N LYS A 376 8.02 -21.49 0.23
CA LYS A 376 6.67 -22.05 0.28
C LYS A 376 5.71 -21.25 -0.59
N THR A 377 6.05 -21.10 -1.86
CA THR A 377 5.23 -20.29 -2.74
C THR A 377 4.72 -21.11 -3.94
N THR A 378 3.99 -20.43 -4.83
CA THR A 378 3.40 -21.01 -6.03
C THR A 378 3.86 -20.18 -7.22
N PRO A 379 3.82 -20.78 -8.44
CA PRO A 379 4.11 -20.02 -9.67
C PRO A 379 3.41 -18.67 -9.71
N GLU A 380 2.11 -18.65 -9.42
CA GLU A 380 1.32 -17.43 -9.57
C GLU A 380 1.78 -16.31 -8.62
N GLU A 381 2.09 -16.67 -7.38
CA GLU A 381 2.53 -15.71 -6.39
C GLU A 381 3.95 -15.22 -6.69
N PHE A 382 4.84 -16.15 -6.96
CA PHE A 382 6.25 -15.86 -7.21
C PHE A 382 6.45 -14.97 -8.44
N CYS A 383 5.80 -15.32 -9.56
CA CYS A 383 5.83 -14.50 -10.76
C CYS A 383 5.28 -13.09 -10.55
N LYS A 384 4.19 -12.98 -9.80
CA LYS A 384 3.67 -11.67 -9.46
C LYS A 384 4.67 -10.87 -8.64
N LYS A 385 5.30 -11.53 -7.67
CA LYS A 385 6.25 -10.85 -6.83
C LYS A 385 7.51 -10.46 -7.60
N VAL A 386 7.99 -11.35 -8.46
CA VAL A 386 9.17 -11.05 -9.26
C VAL A 386 8.90 -9.89 -10.22
N GLY A 387 7.76 -9.95 -10.90
CA GLY A 387 7.38 -8.87 -11.79
C GLY A 387 7.25 -7.50 -11.13
N ASP A 388 6.61 -7.45 -9.96
CA ASP A 388 6.41 -6.18 -9.29
C ASP A 388 7.74 -5.57 -8.89
N ILE A 389 8.63 -6.38 -8.35
CA ILE A 389 9.94 -5.94 -7.94
C ILE A 389 10.73 -5.33 -9.11
N TYR A 390 10.69 -6.00 -10.25
CA TYR A 390 11.51 -5.61 -11.39
C TYR A 390 10.87 -4.58 -12.31
N PHE A 391 9.58 -4.72 -12.60
CA PHE A 391 8.95 -3.86 -13.60
C PHE A 391 8.47 -2.50 -13.03
N ARG A 392 8.36 -2.40 -11.71
CA ARG A 392 8.00 -1.13 -11.08
C ARG A 392 9.24 -0.36 -10.68
N THR A 393 10.37 -0.70 -11.29
CA THR A 393 11.66 -0.14 -10.94
C THR A 393 12.37 0.27 -12.22
N LYS A 394 13.36 1.16 -12.13
CA LYS A 394 14.14 1.52 -13.32
C LYS A 394 15.04 0.39 -13.82
N VAL A 395 15.21 -0.67 -13.02
CA VAL A 395 16.04 -1.80 -13.44
C VAL A 395 15.37 -2.58 -14.57
N GLY A 396 14.05 -2.79 -14.45
CA GLY A 396 13.32 -3.57 -15.41
C GLY A 396 12.90 -2.79 -16.64
N PHE A 397 13.31 -1.53 -16.71
CA PHE A 397 12.87 -0.62 -17.75
C PHE A 397 12.95 -1.22 -19.17
N ILE A 398 14.12 -1.67 -19.59
CA ILE A 398 14.31 -2.07 -20.98
C ILE A 398 13.84 -3.51 -21.23
N VAL A 399 13.62 -4.25 -20.15
CA VAL A 399 13.26 -5.65 -20.21
C VAL A 399 11.78 -5.85 -20.49
N HIS A 400 11.42 -6.58 -21.54
CA HIS A 400 9.99 -6.83 -21.70
C HIS A 400 9.59 -8.23 -21.31
N GLU A 401 10.54 -9.15 -21.21
CA GLU A 401 10.16 -10.46 -20.73
C GLU A 401 11.20 -10.96 -19.73
N ILE A 402 10.71 -11.39 -18.58
CA ILE A 402 11.52 -12.00 -17.55
C ILE A 402 11.28 -13.49 -17.48
N ILE A 403 12.36 -14.25 -17.63
CA ILE A 403 12.29 -15.70 -17.64
C ILE A 403 12.94 -16.36 -16.44
N LEU A 404 12.14 -17.12 -15.68
CA LEU A 404 12.62 -17.87 -14.51
C LEU A 404 12.94 -19.32 -14.82
N VAL A 405 14.14 -19.76 -14.50
CA VAL A 405 14.55 -21.14 -14.76
C VAL A 405 15.21 -21.73 -13.52
N ALA A 406 15.19 -23.05 -13.42
CA ALA A 406 15.83 -23.71 -12.29
C ALA A 406 17.32 -23.58 -12.42
N ASP A 407 18.04 -24.06 -11.42
CA ASP A 407 19.47 -23.89 -11.33
C ASP A 407 20.27 -24.96 -12.07
N ASP A 408 19.61 -25.73 -12.94
CA ASP A 408 20.35 -26.66 -13.76
C ASP A 408 20.64 -26.01 -15.11
N ILE A 409 20.14 -24.80 -15.30
CA ILE A 409 20.35 -24.11 -16.56
C ILE A 409 21.46 -23.09 -16.46
N ASP A 410 22.53 -23.30 -17.22
CA ASP A 410 23.56 -22.29 -17.38
C ASP A 410 22.99 -21.16 -18.25
N ILE A 411 22.60 -20.07 -17.62
CA ILE A 411 21.90 -19.01 -18.34
C ILE A 411 22.79 -18.16 -19.25
N PHE A 412 24.11 -18.37 -19.20
CA PHE A 412 25.03 -17.61 -20.03
C PHE A 412 25.26 -18.31 -21.36
N ASN A 413 24.69 -19.50 -21.48
CA ASN A 413 24.72 -20.28 -22.72
C ASN A 413 23.34 -20.34 -23.36
N PHE A 414 23.15 -19.64 -24.47
CA PHE A 414 21.81 -19.48 -25.02
C PHE A 414 21.22 -20.79 -25.54
N LYS A 415 22.05 -21.77 -25.84
CA LYS A 415 21.52 -23.09 -26.22
C LYS A 415 20.77 -23.74 -25.05
N GLU A 416 21.12 -23.40 -23.83
CA GLU A 416 20.44 -23.99 -22.67
C GLU A 416 19.18 -23.19 -22.34
N VAL A 417 19.25 -21.89 -22.59
CA VAL A 417 18.14 -21.00 -22.32
C VAL A 417 16.93 -21.29 -23.22
N ILE A 418 17.15 -21.34 -24.53
CA ILE A 418 16.05 -21.56 -25.46
C ILE A 418 15.47 -22.97 -25.32
N TRP A 419 16.31 -23.93 -24.93
CA TRP A 419 15.81 -25.25 -24.58
C TRP A 419 14.88 -25.17 -23.37
N ALA A 420 15.31 -24.49 -22.32
CA ALA A 420 14.48 -24.39 -21.14
C ALA A 420 13.18 -23.64 -21.43
N TYR A 421 13.29 -22.52 -22.13
CA TYR A 421 12.14 -21.67 -22.42
C TYR A 421 11.02 -22.42 -23.15
N VAL A 422 11.40 -23.17 -24.17
CA VAL A 422 10.48 -23.84 -25.05
C VAL A 422 9.78 -25.06 -24.40
N THR A 423 10.55 -25.81 -23.60
CA THR A 423 10.07 -27.06 -23.04
C THR A 423 9.54 -26.98 -21.61
N ARG A 424 9.76 -25.86 -20.93
CA ARG A 424 9.39 -25.80 -19.53
C ARG A 424 8.32 -24.77 -19.22
N HIS A 425 7.82 -24.06 -20.22
CA HIS A 425 6.65 -23.23 -19.99
C HIS A 425 5.51 -23.49 -21.00
N THR A 426 4.29 -23.47 -20.49
CA THR A 426 3.11 -23.55 -21.33
C THR A 426 2.84 -22.21 -21.94
N PRO A 427 2.80 -22.12 -23.28
CA PRO A 427 2.53 -20.83 -23.90
C PRO A 427 1.27 -20.18 -23.31
N VAL A 428 1.34 -18.87 -23.08
CA VAL A 428 0.25 -18.08 -22.50
C VAL A 428 -0.09 -18.43 -21.07
N ALA A 429 -0.39 -19.70 -20.80
CA ALA A 429 -0.85 -20.10 -19.47
C ALA A 429 0.24 -19.96 -18.39
N ASP A 430 1.51 -20.07 -18.77
CA ASP A 430 2.58 -19.96 -17.79
C ASP A 430 3.22 -18.59 -17.87
N GLN A 431 2.46 -17.64 -18.38
CA GLN A 431 2.94 -16.29 -18.60
C GLN A 431 2.04 -15.27 -17.94
N MET A 432 2.64 -14.34 -17.19
CA MET A 432 1.87 -13.30 -16.54
C MET A 432 2.10 -11.94 -17.15
N ALA A 433 1.06 -11.34 -17.71
CA ALA A 433 1.17 -10.03 -18.31
C ALA A 433 1.20 -8.94 -17.24
N PHE A 434 2.03 -7.93 -17.45
CA PHE A 434 1.96 -6.71 -16.65
C PHE A 434 1.57 -5.57 -17.57
N ASP A 435 0.37 -5.02 -17.36
CA ASP A 435 -0.16 -4.03 -18.30
C ASP A 435 -0.04 -2.61 -17.79
N ASP A 436 0.28 -2.46 -16.51
CA ASP A 436 0.22 -1.15 -15.90
C ASP A 436 1.61 -0.56 -15.77
N VAL A 437 2.63 -1.35 -16.08
CA VAL A 437 4.01 -0.88 -15.94
C VAL A 437 4.48 -0.14 -17.18
N THR A 438 5.55 0.61 -17.01
CA THR A 438 6.16 1.40 -18.07
C THR A 438 6.83 0.55 -19.15
N SER A 439 6.43 0.81 -20.40
CA SER A 439 6.98 0.13 -21.57
C SER A 439 8.32 0.71 -21.97
N PHE A 440 9.15 -0.11 -22.59
CA PHE A 440 10.36 0.39 -23.22
C PHE A 440 9.99 0.91 -24.61
N PRO A 441 10.09 2.24 -24.81
CA PRO A 441 9.62 2.87 -26.04
C PRO A 441 10.32 2.37 -27.30
N LEU A 442 11.57 1.92 -27.18
CA LEU A 442 12.32 1.49 -28.36
C LEU A 442 11.88 0.14 -28.89
N ALA A 443 11.23 -0.66 -28.04
CA ALA A 443 10.82 -1.99 -28.45
C ALA A 443 9.95 -1.89 -29.69
N PRO A 444 10.30 -2.65 -30.74
CA PRO A 444 9.62 -2.46 -32.02
C PRO A 444 8.12 -2.79 -31.93
N PHE A 445 7.77 -3.84 -31.20
CA PHE A 445 6.36 -4.20 -31.08
C PHE A 445 5.58 -3.16 -30.26
N VAL A 446 6.30 -2.33 -29.51
CA VAL A 446 5.71 -1.17 -28.85
C VAL A 446 5.61 0.00 -29.83
N SER A 447 6.75 0.41 -30.39
CA SER A 447 6.80 1.62 -31.21
C SER A 447 6.00 1.51 -32.50
N GLN A 448 5.81 0.29 -33.00
CA GLN A 448 5.07 0.08 -34.23
C GLN A 448 3.63 -0.37 -33.97
N SER A 449 3.11 0.02 -32.81
CA SER A 449 1.73 -0.28 -32.43
C SER A 449 1.15 0.93 -31.71
N SER A 450 -0.12 0.84 -31.36
CA SER A 450 -0.79 1.95 -30.72
C SER A 450 -0.31 2.12 -29.28
N ARG A 451 0.33 1.11 -28.74
CA ARG A 451 0.86 1.16 -27.39
C ARG A 451 1.97 2.22 -27.27
N SER A 452 2.40 2.75 -28.41
CA SER A 452 3.42 3.78 -28.44
C SER A 452 2.90 5.16 -28.01
N LYS A 453 1.59 5.36 -27.95
CA LYS A 453 1.08 6.65 -27.47
C LYS A 453 0.85 6.60 -25.97
N THR A 454 0.92 5.42 -25.37
CA THR A 454 0.70 5.27 -23.94
C THR A 454 1.99 4.96 -23.17
N MET A 455 2.88 4.18 -23.79
CA MET A 455 4.06 3.65 -23.14
C MET A 455 3.70 2.89 -21.87
N LYS A 456 2.60 2.15 -21.89
CA LYS A 456 2.25 1.34 -20.74
C LYS A 456 1.94 -0.09 -21.15
N GLY A 457 2.46 -1.03 -20.37
CA GLY A 457 2.17 -2.43 -20.56
C GLY A 457 3.05 -3.16 -21.55
N GLY A 458 2.61 -4.35 -21.95
CA GLY A 458 3.32 -5.17 -22.89
C GLY A 458 4.48 -5.97 -22.33
N LYS A 459 4.48 -6.21 -21.02
CA LYS A 459 5.57 -6.95 -20.40
C LYS A 459 5.06 -8.23 -19.77
N CYS A 460 5.94 -9.18 -19.50
CA CYS A 460 5.47 -10.38 -18.81
C CYS A 460 6.57 -11.10 -18.04
N VAL A 461 6.15 -11.92 -17.08
CA VAL A 461 7.08 -12.82 -16.43
C VAL A 461 6.71 -14.22 -16.91
N THR A 462 7.69 -15.01 -17.31
CA THR A 462 7.41 -16.31 -17.84
C THR A 462 8.03 -17.36 -16.96
N ASN A 463 7.17 -18.18 -16.35
CA ASN A 463 7.61 -19.26 -15.50
C ASN A 463 8.16 -20.45 -16.29
N CYS A 464 9.44 -20.77 -16.16
CA CYS A 464 9.95 -21.96 -16.82
C CYS A 464 10.53 -22.89 -15.77
N ILE A 465 9.89 -22.88 -14.61
CA ILE A 465 10.23 -23.78 -13.52
C ILE A 465 9.07 -24.75 -13.37
N PHE A 466 9.34 -26.05 -13.51
CA PHE A 466 8.33 -27.10 -13.37
C PHE A 466 7.62 -26.96 -12.01
N ARG A 467 6.32 -27.24 -12.00
CA ARG A 467 5.52 -27.01 -10.82
C ARG A 467 6.03 -27.77 -9.60
N GLN A 468 6.60 -28.95 -9.81
CA GLN A 468 7.14 -29.72 -8.70
C GLN A 468 8.40 -29.08 -8.10
N GLN A 469 9.11 -28.28 -8.89
CA GLN A 469 10.36 -27.70 -8.42
C GLN A 469 10.10 -26.62 -7.38
N TYR A 470 8.88 -26.08 -7.37
CA TYR A 470 8.46 -25.18 -6.29
C TYR A 470 8.29 -25.91 -4.97
N GLU A 471 8.15 -27.23 -5.02
CA GLU A 471 7.84 -28.00 -3.83
C GLU A 471 8.98 -28.87 -3.34
N ARG A 472 9.59 -29.64 -4.22
CA ARG A 472 10.59 -30.58 -3.77
C ARG A 472 11.61 -30.88 -4.83
N SER A 473 12.51 -31.80 -4.53
CA SER A 473 13.58 -32.16 -5.45
C SER A 473 12.99 -32.93 -6.61
N PHE A 474 13.34 -32.53 -7.82
CA PHE A 474 12.75 -33.16 -9.00
C PHE A 474 13.86 -33.61 -9.93
N ASP A 475 14.20 -34.90 -9.85
CA ASP A 475 15.34 -35.40 -10.58
C ASP A 475 14.95 -36.04 -11.91
N TYR A 476 15.41 -35.42 -12.99
CA TYR A 476 15.23 -35.94 -14.33
C TYR A 476 16.60 -36.00 -15.02
N ILE A 477 16.66 -36.70 -16.15
CA ILE A 477 17.85 -36.80 -16.95
C ILE A 477 17.82 -35.80 -18.08
N THR A 478 18.89 -35.02 -18.22
CA THR A 478 19.02 -34.13 -19.36
C THR A 478 19.70 -34.90 -20.47
N CYS A 479 18.98 -35.09 -21.56
CA CYS A 479 19.43 -36.02 -22.61
C CYS A 479 20.40 -35.38 -23.60
N ASN A 480 21.61 -35.08 -23.13
CA ASN A 480 22.69 -34.70 -24.01
C ASN A 480 23.93 -35.48 -23.62
N PHE A 481 25.06 -35.15 -24.24
CA PHE A 481 26.28 -35.88 -23.97
C PHE A 481 26.88 -35.54 -22.59
N GLU A 482 27.16 -34.28 -22.34
CA GLU A 482 27.91 -33.89 -21.14
C GLU A 482 27.14 -34.09 -19.82
N LYS A 483 25.82 -33.98 -19.86
CA LYS A 483 24.99 -34.11 -18.66
C LYS A 483 24.18 -35.40 -18.60
N GLY A 484 23.97 -36.05 -19.73
CA GLY A 484 23.15 -37.26 -19.75
C GLY A 484 23.87 -38.53 -19.33
N TYR A 485 25.17 -38.44 -19.12
CA TYR A 485 25.94 -39.65 -18.86
C TYR A 485 26.88 -39.48 -17.69
N PRO A 486 27.15 -40.57 -16.98
CA PRO A 486 28.10 -40.45 -15.88
C PRO A 486 29.45 -40.02 -16.42
N LYS A 487 29.95 -38.86 -15.99
CA LYS A 487 31.30 -38.43 -16.38
C LYS A 487 32.25 -39.55 -16.00
N GLY A 488 33.23 -39.80 -16.86
CA GLY A 488 34.03 -40.99 -16.73
C GLY A 488 33.75 -41.79 -17.99
N LEU A 489 32.48 -42.09 -18.22
CA LEU A 489 32.06 -42.53 -19.55
C LEU A 489 32.23 -41.34 -20.48
N VAL A 490 31.78 -40.18 -20.03
CA VAL A 490 32.00 -38.94 -20.77
C VAL A 490 33.50 -38.68 -21.00
N ASP A 491 34.32 -38.99 -20.00
CA ASP A 491 35.76 -38.87 -20.15
C ASP A 491 36.33 -39.99 -21.01
N LYS A 492 35.81 -41.20 -20.85
CA LYS A 492 36.26 -42.34 -21.63
C LYS A 492 36.02 -42.11 -23.13
N VAL A 493 34.83 -41.64 -23.46
CA VAL A 493 34.48 -41.34 -24.84
C VAL A 493 35.34 -40.17 -25.35
N ASN A 494 35.53 -39.16 -24.52
CA ASN A 494 36.35 -38.00 -24.92
C ASN A 494 37.80 -38.38 -25.19
N GLU A 495 38.36 -39.28 -24.38
CA GLU A 495 39.69 -39.82 -24.66
C GLU A 495 39.71 -40.44 -26.03
N ASN A 496 39.01 -41.56 -26.12
CA ASN A 496 39.07 -42.49 -27.24
C ASN A 496 38.48 -41.95 -28.53
N TRP A 497 38.02 -40.70 -28.50
CA TRP A 497 37.35 -40.12 -29.65
C TRP A 497 38.20 -40.19 -30.92
N LYS A 498 39.49 -39.90 -30.80
CA LYS A 498 40.40 -39.93 -31.93
C LYS A 498 40.63 -41.38 -32.38
N ARG A 499 40.65 -42.29 -31.42
CA ARG A 499 41.00 -43.67 -31.67
C ARG A 499 39.86 -44.44 -32.32
N TYR A 500 38.64 -43.93 -32.21
CA TYR A 500 37.50 -44.53 -32.87
C TYR A 500 37.56 -44.27 -34.36
N GLY A 501 38.06 -43.09 -34.72
CA GLY A 501 38.15 -42.67 -36.11
C GLY A 501 37.78 -41.21 -36.33
N TYR A 502 37.14 -40.59 -35.34
CA TYR A 502 36.79 -39.18 -35.41
C TYR A 502 38.01 -38.25 -35.40
N LYS A 503 37.80 -37.00 -35.81
CA LYS A 503 38.89 -36.06 -35.98
C LYS A 503 38.96 -35.07 -34.82
N LYS B 3 8.43 -13.73 23.93
CA LYS B 3 8.91 -12.72 22.98
C LYS B 3 7.74 -11.93 22.40
N LEU B 4 6.90 -12.59 21.61
CA LEU B 4 5.72 -11.95 21.06
C LEU B 4 4.59 -12.00 22.08
N ASN B 5 3.82 -10.94 22.17
CA ASN B 5 2.71 -10.87 23.10
C ASN B 5 1.41 -10.57 22.33
N PRO B 6 0.93 -11.54 21.55
CA PRO B 6 -0.23 -11.35 20.67
C PRO B 6 -1.50 -10.92 21.41
N ALA B 7 -1.64 -11.29 22.68
CA ALA B 7 -2.83 -10.91 23.42
C ALA B 7 -2.77 -9.45 23.87
N LEU B 8 -1.56 -8.91 24.03
CA LEU B 8 -1.39 -7.53 24.47
C LEU B 8 -1.25 -6.55 23.30
N GLU B 9 -0.70 -7.03 22.19
CA GLU B 9 -0.30 -6.17 21.07
C GLU B 9 -0.90 -6.62 19.74
N PHE B 10 -1.72 -5.78 19.13
CA PHE B 10 -2.35 -6.10 17.83
C PHE B 10 -1.33 -6.50 16.78
N ARG B 11 -0.24 -5.75 16.67
CA ARG B 11 0.75 -6.04 15.66
C ARG B 11 1.55 -7.30 15.98
N ASP B 12 1.64 -7.68 17.26
CA ASP B 12 2.24 -8.96 17.61
C ASP B 12 1.30 -10.06 17.15
N PHE B 13 0.01 -9.80 17.28
CA PHE B 13 -1.01 -10.74 16.87
C PHE B 13 -0.84 -10.98 15.37
N ILE B 14 -0.68 -9.90 14.62
CA ILE B 14 -0.49 -10.01 13.19
C ILE B 14 0.78 -10.78 12.88
N GLN B 15 1.83 -10.51 13.63
CA GLN B 15 3.08 -11.19 13.39
C GLN B 15 3.02 -12.68 13.69
N VAL B 16 2.27 -13.10 14.71
CA VAL B 16 2.26 -14.53 15.00
C VAL B 16 1.45 -15.27 13.94
N LEU B 17 0.47 -14.60 13.34
CA LEU B 17 -0.27 -15.23 12.26
C LEU B 17 0.68 -15.48 11.10
N LYS B 18 1.54 -14.50 10.79
CA LYS B 18 2.54 -14.65 9.74
C LYS B 18 3.47 -15.83 10.02
N ASP B 19 3.98 -15.88 11.25
CA ASP B 19 4.86 -16.96 11.67
C ASP B 19 4.28 -18.35 11.46
N GLU B 20 2.96 -18.45 11.48
CA GLU B 20 2.31 -19.74 11.36
C GLU B 20 1.71 -19.94 9.96
N ASP B 21 2.07 -19.06 9.02
CA ASP B 21 1.51 -19.07 7.66
C ASP B 21 -0.01 -18.94 7.68
N ASP B 22 -0.52 -18.09 8.56
CA ASP B 22 -1.95 -17.97 8.75
C ASP B 22 -2.38 -16.58 8.32
N LEU B 23 -1.58 -15.98 7.45
CA LEU B 23 -1.86 -14.64 6.98
C LEU B 23 -1.29 -14.37 5.59
N ILE B 24 -2.13 -13.81 4.73
CA ILE B 24 -1.76 -13.51 3.37
C ILE B 24 -1.66 -12.01 3.20
N GLU B 25 -0.47 -11.51 2.90
CA GLU B 25 -0.32 -10.09 2.62
C GLU B 25 -0.62 -9.84 1.15
N ILE B 26 -1.76 -9.20 0.90
CA ILE B 26 -2.23 -8.90 -0.44
C ILE B 26 -1.77 -7.52 -0.88
N THR B 27 -0.89 -7.47 -1.88
CA THR B 27 -0.20 -6.23 -2.24
C THR B 27 -0.80 -5.52 -3.45
N GLU B 28 -1.61 -6.23 -4.23
CA GLU B 28 -2.28 -5.62 -5.37
C GLU B 28 -3.50 -4.85 -4.90
N GLU B 29 -3.99 -3.94 -5.73
CA GLU B 29 -5.10 -3.06 -5.35
C GLU B 29 -6.40 -3.83 -5.17
N ILE B 30 -7.02 -3.65 -4.00
CA ILE B 30 -8.30 -4.26 -3.68
C ILE B 30 -9.32 -3.19 -3.31
N ASP B 31 -10.48 -3.22 -3.98
CA ASP B 31 -11.56 -2.27 -3.71
C ASP B 31 -12.29 -2.62 -2.41
N PRO B 32 -12.37 -1.65 -1.48
CA PRO B 32 -13.16 -1.89 -0.26
C PRO B 32 -14.65 -2.01 -0.56
N ASN B 33 -15.02 -1.76 -1.81
CA ASN B 33 -16.37 -2.02 -2.27
C ASN B 33 -16.51 -3.47 -2.68
N LEU B 34 -17.17 -4.25 -1.83
CA LEU B 34 -17.47 -5.68 -2.05
C LEU B 34 -16.28 -6.61 -2.17
N GLU B 35 -15.17 -6.16 -2.74
CA GLU B 35 -14.06 -7.08 -3.02
C GLU B 35 -13.40 -7.60 -1.72
N VAL B 36 -13.20 -6.71 -0.75
CA VAL B 36 -12.66 -7.09 0.56
C VAL B 36 -13.58 -8.10 1.26
N GLY B 37 -14.87 -7.80 1.24
CA GLY B 37 -15.84 -8.68 1.88
C GLY B 37 -15.98 -10.02 1.19
N ALA B 38 -15.96 -10.00 -0.14
CA ALA B 38 -16.02 -11.24 -0.89
C ALA B 38 -14.83 -12.12 -0.55
N ILE B 39 -13.63 -11.52 -0.60
CA ILE B 39 -12.40 -12.23 -0.27
C ILE B 39 -12.41 -12.80 1.15
N MET B 40 -12.88 -11.99 2.09
CA MET B 40 -12.97 -12.45 3.48
C MET B 40 -13.92 -13.65 3.58
N ARG B 41 -15.06 -13.54 2.93
CA ARG B 41 -16.05 -14.60 3.02
C ARG B 41 -15.52 -15.91 2.39
N LYS B 42 -14.75 -15.83 1.31
CA LYS B 42 -14.15 -17.04 0.79
C LYS B 42 -13.22 -17.68 1.82
N ALA B 43 -12.39 -16.87 2.46
CA ALA B 43 -11.43 -17.39 3.43
C ALA B 43 -12.08 -17.94 4.71
N TYR B 44 -13.05 -17.23 5.26
CA TYR B 44 -13.84 -17.72 6.40
C TYR B 44 -14.31 -19.14 6.15
N GLU B 45 -14.98 -19.32 5.01
CA GLU B 45 -15.74 -20.54 4.72
C GLU B 45 -14.89 -21.74 4.34
N SER B 46 -13.64 -21.52 4.01
CA SER B 46 -12.80 -22.67 3.80
C SER B 46 -11.71 -22.72 4.86
N HIS B 47 -11.88 -21.96 5.93
CA HIS B 47 -10.90 -21.93 7.03
C HIS B 47 -9.49 -21.64 6.51
N LEU B 48 -9.35 -20.61 5.68
CA LEU B 48 -8.09 -20.27 5.08
C LEU B 48 -7.42 -19.13 5.84
N PRO B 49 -6.11 -18.93 5.64
CA PRO B 49 -5.34 -17.83 6.24
C PRO B 49 -6.05 -16.50 6.13
N ALA B 50 -5.82 -15.64 7.12
CA ALA B 50 -6.46 -14.34 7.17
C ALA B 50 -5.85 -13.42 6.14
N PRO B 51 -6.68 -12.63 5.46
CA PRO B 51 -6.15 -11.65 4.51
C PRO B 51 -5.80 -10.29 5.15
N LEU B 52 -4.62 -9.79 4.81
CA LEU B 52 -4.25 -8.44 5.19
C LEU B 52 -4.09 -7.62 3.91
N PHE B 53 -5.06 -6.76 3.63
CA PHE B 53 -5.04 -5.95 2.43
C PHE B 53 -4.16 -4.73 2.65
N LYS B 54 -2.96 -4.70 2.07
CA LYS B 54 -2.07 -3.57 2.34
C LYS B 54 -2.27 -2.44 1.32
N ASN B 55 -3.06 -2.72 0.29
CA ASN B 55 -3.23 -1.77 -0.80
C ASN B 55 -4.69 -1.58 -1.23
N LEU B 56 -5.44 -0.81 -0.43
CA LEU B 56 -6.84 -0.52 -0.72
C LEU B 56 -7.00 0.71 -1.59
N LYS B 57 -7.90 0.59 -2.57
CA LYS B 57 -8.27 1.69 -3.45
C LYS B 57 -8.83 2.86 -2.64
N GLY B 58 -8.22 4.04 -2.79
CA GLY B 58 -8.65 5.21 -2.06
C GLY B 58 -7.89 5.49 -0.77
N ALA B 59 -7.08 4.53 -0.33
CA ALA B 59 -6.30 4.71 0.89
C ALA B 59 -5.16 5.71 0.72
N SER B 60 -4.79 6.37 1.81
CA SER B 60 -3.54 7.11 1.89
C SER B 60 -2.48 6.19 2.51
N LYS B 61 -1.28 6.71 2.63
CA LYS B 61 -0.15 5.95 3.19
C LYS B 61 -0.45 5.34 4.56
N ASP B 62 -1.16 6.08 5.40
CA ASP B 62 -1.42 5.62 6.76
C ASP B 62 -2.84 5.11 6.97
N LEU B 63 -3.78 5.59 6.16
CA LEU B 63 -5.20 5.29 6.37
C LEU B 63 -5.91 4.69 5.16
N PHE B 64 -6.14 3.38 5.14
CA PHE B 64 -5.59 2.43 6.08
C PHE B 64 -5.52 1.05 5.40
N SER B 65 -4.86 0.11 6.06
CA SER B 65 -4.96 -1.29 5.68
C SER B 65 -6.12 -1.97 6.41
N ILE B 66 -6.51 -3.14 5.92
CA ILE B 66 -7.55 -3.95 6.54
C ILE B 66 -7.03 -5.34 6.87
N LEU B 67 -7.23 -5.77 8.11
CA LEU B 67 -7.07 -7.18 8.47
C LEU B 67 -8.44 -7.83 8.56
N GLY B 68 -8.70 -8.82 7.71
CA GLY B 68 -9.97 -9.54 7.76
C GLY B 68 -9.88 -10.83 8.55
N CYS B 69 -11.02 -11.30 9.07
CA CYS B 69 -11.11 -12.60 9.75
C CYS B 69 -10.16 -12.74 10.95
N PRO B 70 -10.15 -11.76 11.85
CA PRO B 70 -9.19 -11.85 12.95
C PRO B 70 -9.48 -13.01 13.90
N ALA B 71 -10.67 -13.60 13.82
CA ALA B 71 -10.95 -14.79 14.63
C ALA B 71 -11.66 -15.90 13.85
N GLY B 72 -11.36 -16.00 12.55
CA GLY B 72 -11.85 -17.12 11.78
C GLY B 72 -11.15 -18.41 12.19
N LEU B 73 -11.62 -19.52 11.64
CA LEU B 73 -10.95 -20.81 11.83
C LEU B 73 -9.92 -21.07 10.74
N ARG B 74 -9.05 -22.03 11.00
CA ARG B 74 -7.94 -22.37 10.11
C ARG B 74 -7.75 -23.86 10.24
N SER B 75 -6.80 -24.43 9.50
CA SER B 75 -6.64 -25.89 9.48
C SER B 75 -6.28 -26.46 10.85
N LYS B 76 -6.63 -27.74 11.02
CA LYS B 76 -6.52 -28.43 12.29
C LYS B 76 -5.10 -28.60 12.78
N GLU B 77 -4.15 -28.87 11.88
CA GLU B 77 -2.79 -29.12 12.35
C GLU B 77 -2.12 -27.84 12.93
N LYS B 78 -2.50 -26.67 12.42
CA LYS B 78 -2.03 -25.40 12.97
C LYS B 78 -2.73 -25.04 14.27
N GLY B 79 -3.74 -25.83 14.64
CA GLY B 79 -4.69 -25.45 15.67
C GLY B 79 -5.83 -24.66 15.03
N ASP B 80 -7.01 -25.29 14.91
CA ASP B 80 -8.09 -24.64 14.17
C ASP B 80 -8.62 -23.39 14.83
N HIS B 81 -8.55 -23.36 16.18
CA HIS B 81 -8.98 -22.17 16.94
C HIS B 81 -7.80 -21.32 17.36
N GLY B 82 -6.68 -21.48 16.67
CA GLY B 82 -5.45 -20.76 16.97
C GLY B 82 -5.59 -19.24 17.03
N ARG B 83 -6.37 -18.67 16.13
CA ARG B 83 -6.60 -17.24 16.11
C ARG B 83 -7.28 -16.74 17.37
N ILE B 84 -8.19 -17.56 17.90
CA ILE B 84 -8.88 -17.21 19.12
C ILE B 84 -7.94 -17.34 20.30
N ALA B 85 -7.12 -18.38 20.27
CA ALA B 85 -6.16 -18.64 21.33
C ALA B 85 -5.16 -17.49 21.49
N HIS B 86 -4.72 -16.93 20.37
CA HIS B 86 -3.74 -15.86 20.36
C HIS B 86 -4.31 -14.58 20.97
N HIS B 87 -5.62 -14.45 20.95
CA HIS B 87 -6.26 -13.32 21.61
C HIS B 87 -6.04 -13.40 23.13
N LEU B 88 -5.76 -14.60 23.63
CA LEU B 88 -5.65 -14.85 25.06
C LEU B 88 -4.26 -15.28 25.46
N GLY B 89 -3.32 -15.24 24.53
CA GLY B 89 -1.96 -15.59 24.84
C GLY B 89 -1.69 -17.08 25.04
N LEU B 90 -2.62 -17.91 24.57
CA LEU B 90 -2.52 -19.35 24.79
C LEU B 90 -1.79 -20.03 23.64
N ASP B 91 -1.27 -21.24 23.87
CA ASP B 91 -0.71 -22.04 22.80
C ASP B 91 -1.76 -22.20 21.68
N PRO B 92 -1.33 -22.04 20.43
CA PRO B 92 -2.29 -22.02 19.33
C PRO B 92 -2.96 -23.38 19.07
N LYS B 93 -2.41 -24.45 19.61
CA LYS B 93 -3.05 -25.75 19.42
C LYS B 93 -4.10 -26.02 20.50
N THR B 94 -4.40 -25.02 21.33
CA THR B 94 -5.35 -25.16 22.43
C THR B 94 -6.77 -25.41 21.90
N THR B 95 -7.47 -26.39 22.48
CA THR B 95 -8.83 -26.70 21.99
C THR B 95 -9.81 -25.65 22.42
N ILE B 96 -10.97 -25.62 21.78
CA ILE B 96 -11.95 -24.61 22.13
C ILE B 96 -12.51 -24.91 23.53
N LYS B 97 -12.46 -26.16 23.96
CA LYS B 97 -12.87 -26.55 25.30
C LYS B 97 -11.92 -25.99 26.33
N GLU B 98 -10.63 -26.08 26.03
CA GLU B 98 -9.57 -25.56 26.88
C GLU B 98 -9.59 -24.02 26.91
N ILE B 99 -9.93 -23.41 25.80
CA ILE B 99 -10.10 -21.97 25.80
C ILE B 99 -11.21 -21.51 26.73
N ILE B 100 -12.37 -22.14 26.61
CA ILE B 100 -13.50 -21.82 27.48
C ILE B 100 -13.14 -22.02 28.95
N ASP B 101 -12.41 -23.08 29.25
CA ASP B 101 -11.98 -23.36 30.60
C ASP B 101 -10.97 -22.31 31.09
N TYR B 102 -10.13 -21.82 30.19
CA TYR B 102 -9.20 -20.77 30.57
C TYR B 102 -9.93 -19.50 30.99
N LEU B 103 -10.91 -19.09 30.19
CA LEU B 103 -11.73 -17.94 30.52
C LEU B 103 -12.43 -18.06 31.86
N LEU B 104 -12.91 -19.26 32.21
CA LEU B 104 -13.51 -19.46 33.52
C LEU B 104 -12.49 -19.26 34.61
N GLU B 105 -11.32 -19.84 34.41
CA GLU B 105 -10.27 -19.82 35.40
C GLU B 105 -9.78 -18.42 35.68
N CYS B 106 -9.91 -17.51 34.72
CA CYS B 106 -9.49 -16.12 34.81
CA CYS B 106 -9.36 -16.20 34.98
C CYS B 106 -10.31 -15.33 35.82
N LYS B 107 -11.42 -15.91 36.25
CA LYS B 107 -12.22 -15.25 37.27
C LYS B 107 -11.45 -15.27 38.60
N GLU B 108 -10.56 -16.24 38.77
CA GLU B 108 -9.81 -16.44 40.00
C GLU B 108 -8.63 -15.50 40.14
N LYS B 109 -8.17 -14.97 39.01
CA LYS B 109 -6.90 -14.25 38.96
C LYS B 109 -7.03 -12.77 39.32
N GLU B 110 -5.92 -12.15 39.72
CA GLU B 110 -5.99 -10.76 40.14
C GLU B 110 -6.24 -9.83 38.96
N PRO B 111 -7.20 -8.92 39.10
CA PRO B 111 -7.49 -7.90 38.09
C PRO B 111 -6.47 -6.78 38.09
N LEU B 112 -5.65 -6.72 37.06
CA LEU B 112 -4.67 -5.67 36.95
C LEU B 112 -5.27 -4.44 36.29
N PRO B 113 -5.14 -3.28 36.94
CA PRO B 113 -5.73 -2.05 36.41
C PRO B 113 -4.98 -1.56 35.18
N PRO B 114 -5.61 -0.75 34.34
CA PRO B 114 -4.83 -0.12 33.28
C PRO B 114 -3.77 0.85 33.83
N ILE B 115 -2.62 0.96 33.17
CA ILE B 115 -1.58 1.89 33.54
C ILE B 115 -1.58 3.05 32.56
N THR B 116 -1.57 4.29 33.07
CA THR B 116 -1.50 5.45 32.19
C THR B 116 -0.07 5.67 31.78
N VAL B 117 0.15 5.98 30.52
CA VAL B 117 1.49 6.15 29.97
C VAL B 117 1.50 7.51 29.29
N PRO B 118 2.69 8.10 29.11
CA PRO B 118 2.68 9.44 28.52
C PRO B 118 2.46 9.38 27.03
N VAL B 119 1.82 10.42 26.51
CA VAL B 119 1.53 10.55 25.09
C VAL B 119 2.69 10.15 24.16
N SER B 120 3.92 10.50 24.52
CA SER B 120 5.07 10.23 23.66
C SER B 120 5.36 8.75 23.52
N SER B 121 4.81 7.93 24.40
CA SER B 121 5.12 6.52 24.34
C SER B 121 3.92 5.71 23.82
N ALA B 122 2.90 6.41 23.34
CA ALA B 122 1.70 5.77 22.82
C ALA B 122 1.61 5.85 21.29
N PRO B 123 1.80 4.72 20.59
CA PRO B 123 1.80 4.67 19.14
C PRO B 123 0.54 5.30 18.52
N CYS B 124 -0.59 5.22 19.21
CA CYS B 124 -1.84 5.76 18.67
C CYS B 124 -1.86 7.29 18.68
N LYS B 125 -0.84 7.91 19.24
CA LYS B 125 -0.77 9.36 19.29
C LYS B 125 0.18 9.91 18.25
N THR B 126 0.71 9.05 17.40
CA THR B 126 1.67 9.46 16.38
C THR B 126 1.09 10.54 15.47
N HIS B 127 -0.16 10.39 15.03
CA HIS B 127 -0.80 11.42 14.23
C HIS B 127 -2.12 11.83 14.85
N ILE B 128 -2.43 13.12 14.77
CA ILE B 128 -3.63 13.64 15.40
C ILE B 128 -4.33 14.60 14.47
N LEU B 129 -5.60 14.34 14.21
CA LEU B 129 -6.41 15.24 13.39
C LEU B 129 -7.37 16.03 14.25
N SER B 130 -7.47 17.33 13.98
CA SER B 130 -8.48 18.17 14.61
C SER B 130 -9.75 18.13 13.76
N GLU B 131 -10.80 18.80 14.22
CA GLU B 131 -12.14 18.65 13.65
C GLU B 131 -12.22 18.89 12.14
N GLU B 132 -11.50 19.89 11.64
CA GLU B 132 -11.62 20.28 10.24
C GLU B 132 -10.89 19.34 9.30
N LYS B 133 -10.00 18.51 9.82
CA LYS B 133 -9.29 17.55 9.00
C LYS B 133 -10.01 16.20 9.00
N ILE B 134 -11.16 16.15 9.66
CA ILE B 134 -11.98 14.94 9.71
C ILE B 134 -12.86 14.79 8.48
N HIS B 135 -12.59 13.75 7.70
CA HIS B 135 -13.33 13.49 6.47
C HIS B 135 -13.52 12.00 6.33
N LEU B 136 -14.55 11.48 7.00
CA LEU B 136 -14.80 10.04 7.08
C LEU B 136 -15.07 9.40 5.72
N GLN B 137 -15.59 10.19 4.77
CA GLN B 137 -15.90 9.67 3.45
C GLN B 137 -14.67 9.59 2.55
N SER B 138 -13.51 9.96 3.09
CA SER B 138 -12.26 9.85 2.36
CA SER B 138 -12.28 9.82 2.33
C SER B 138 -11.49 8.62 2.83
N LEU B 139 -12.10 7.87 3.74
CA LEU B 139 -11.53 6.63 4.22
C LEU B 139 -11.96 5.47 3.33
N PRO B 140 -11.05 4.52 3.08
CA PRO B 140 -11.43 3.32 2.33
C PRO B 140 -12.23 2.35 3.19
N THR B 141 -13.30 2.85 3.81
CA THR B 141 -14.27 2.05 4.52
C THR B 141 -14.86 0.93 3.66
N PRO B 142 -14.87 -0.30 4.16
CA PRO B 142 -15.40 -1.39 3.35
C PRO B 142 -16.93 -1.35 3.20
N TYR B 143 -17.39 -1.72 2.01
CA TYR B 143 -18.80 -1.99 1.78
C TYR B 143 -18.92 -3.51 1.70
N LEU B 144 -19.34 -4.13 2.80
CA LEU B 144 -19.12 -5.56 3.00
C LEU B 144 -20.13 -6.50 2.36
N HIS B 145 -21.41 -6.15 2.39
CA HIS B 145 -22.39 -6.99 1.72
C HIS B 145 -23.20 -6.20 0.72
N VAL B 146 -23.62 -6.91 -0.33
CA VAL B 146 -24.59 -6.42 -1.26
C VAL B 146 -25.84 -6.09 -0.49
N SER B 147 -26.40 -4.91 -0.75
CA SER B 147 -27.58 -4.41 -0.06
C SER B 147 -27.38 -3.99 1.39
N ASP B 148 -26.13 -3.87 1.86
CA ASP B 148 -25.89 -3.20 3.15
C ASP B 148 -26.35 -1.75 2.99
N GLY B 149 -26.89 -1.16 4.05
CA GLY B 149 -27.39 0.21 3.97
C GLY B 149 -26.29 1.25 3.95
N GLY B 150 -25.04 0.80 3.96
CA GLY B 150 -23.92 1.71 4.05
C GLY B 150 -22.60 1.01 4.31
N LYS B 151 -21.52 1.78 4.29
CA LYS B 151 -20.21 1.27 4.59
C LYS B 151 -20.03 1.21 6.11
N TYR B 152 -19.56 0.06 6.58
CA TYR B 152 -19.38 -0.13 8.01
C TYR B 152 -17.91 -0.03 8.37
N LEU B 153 -17.59 1.03 9.13
CA LEU B 153 -16.23 1.27 9.59
C LEU B 153 -16.01 0.53 10.90
N GLN B 154 -17.08 0.40 11.66
CA GLN B 154 -16.98 -0.29 12.94
C GLN B 154 -17.66 -1.67 12.87
N THR B 155 -16.84 -2.70 12.89
CA THR B 155 -17.27 -4.08 13.01
C THR B 155 -16.38 -4.87 13.98
N TYR B 156 -15.15 -4.39 14.23
CA TYR B 156 -14.24 -5.08 15.15
C TYR B 156 -13.47 -4.10 16.02
N GLY B 157 -14.05 -2.95 16.28
CA GLY B 157 -13.45 -1.97 17.16
C GLY B 157 -14.16 -1.87 18.51
N MET B 158 -13.70 -0.94 19.31
CA MET B 158 -14.17 -0.84 20.68
C MET B 158 -14.76 0.54 20.93
N TRP B 159 -16.08 0.59 21.13
CA TRP B 159 -16.76 1.81 21.57
C TRP B 159 -16.59 1.99 23.05
N ILE B 160 -16.18 3.18 23.46
CA ILE B 160 -16.04 3.46 24.88
C ILE B 160 -16.94 4.62 25.27
N LEU B 161 -17.72 4.43 26.33
CA LEU B 161 -18.54 5.49 26.87
C LEU B 161 -18.39 5.52 28.38
N GLN B 162 -18.48 6.71 28.95
CA GLN B 162 -18.33 6.85 30.38
C GLN B 162 -19.18 8.01 30.90
N THR B 163 -19.57 7.91 32.16
CA THR B 163 -20.38 8.91 32.81
C THR B 163 -19.45 9.95 33.47
N PRO B 164 -19.91 11.20 33.63
CA PRO B 164 -19.10 12.32 34.17
C PRO B 164 -18.26 11.99 35.40
N ASP B 165 -18.74 11.13 36.29
CA ASP B 165 -18.00 10.74 37.48
C ASP B 165 -17.07 9.55 37.20
N LYS B 166 -17.03 9.13 35.95
CA LYS B 166 -16.21 8.00 35.50
C LYS B 166 -16.55 6.69 36.22
N LYS B 167 -17.77 6.60 36.74
CA LYS B 167 -18.19 5.48 37.60
C LYS B 167 -18.20 4.15 36.85
N TRP B 168 -18.25 4.23 35.53
CA TRP B 168 -18.56 3.05 34.73
C TRP B 168 -18.13 3.24 33.29
N THR B 169 -17.07 2.53 32.91
CA THR B 169 -16.61 2.52 31.54
C THR B 169 -17.31 1.40 30.80
N ASN B 170 -17.82 1.71 29.61
CA ASN B 170 -18.43 0.70 28.76
C ASN B 170 -17.54 0.36 27.56
N TRP B 171 -16.95 -0.84 27.56
CA TRP B 171 -16.29 -1.36 26.37
C TRP B 171 -17.34 -2.15 25.62
N SER B 172 -17.78 -1.64 24.48
CA SER B 172 -18.83 -2.26 23.68
C SER B 172 -18.36 -2.56 22.25
N ILE B 173 -18.99 -3.54 21.61
CA ILE B 173 -18.82 -3.73 20.18
C ILE B 173 -20.22 -3.76 19.59
N ALA B 174 -20.44 -2.85 18.66
CA ALA B 174 -21.72 -2.74 17.99
C ALA B 174 -21.38 -2.20 16.64
N ARG B 175 -22.14 -2.59 15.64
CA ARG B 175 -21.79 -2.21 14.29
C ARG B 175 -22.01 -0.72 14.06
N GLY B 176 -21.02 -0.07 13.49
CA GLY B 176 -21.14 1.36 13.22
C GLY B 176 -21.07 1.68 11.75
N MET B 177 -22.08 2.40 11.27
CA MET B 177 -22.23 2.72 9.87
C MET B 177 -21.82 4.17 9.60
N VAL B 178 -21.03 4.38 8.55
CA VAL B 178 -20.67 5.73 8.10
C VAL B 178 -21.86 6.41 7.44
N VAL B 179 -22.28 7.53 8.02
CA VAL B 179 -23.43 8.28 7.55
C VAL B 179 -23.05 9.33 6.52
N ASP B 180 -22.12 10.19 6.91
CA ASP B 180 -21.57 11.22 6.04
C ASP B 180 -20.13 11.51 6.45
N ASP B 181 -19.66 12.70 6.12
CA ASP B 181 -18.26 13.02 6.30
C ASP B 181 -17.85 13.18 7.77
N LYS B 182 -18.83 13.40 8.65
CA LYS B 182 -18.52 13.69 10.06
C LYS B 182 -19.26 12.81 11.07
N HIS B 183 -20.11 11.91 10.58
CA HIS B 183 -21.01 11.19 11.48
C HIS B 183 -21.04 9.67 11.27
N ILE B 184 -21.23 8.95 12.36
CA ILE B 184 -21.39 7.51 12.36
C ILE B 184 -22.66 7.17 13.14
N THR B 185 -23.40 6.16 12.71
CA THR B 185 -24.60 5.76 13.45
C THR B 185 -24.45 4.34 13.94
N GLY B 186 -24.87 4.10 15.19
CA GLY B 186 -24.67 2.82 15.85
C GLY B 186 -25.93 2.25 16.47
N LEU B 187 -25.93 0.93 16.67
CA LEU B 187 -27.15 0.20 17.02
C LEU B 187 -27.67 0.47 18.42
N ASN B 208 -27.12 16.44 24.99
CA ASN B 208 -26.91 15.57 23.84
C ASN B 208 -25.46 15.55 23.39
N GLU B 209 -24.54 15.78 24.31
CA GLU B 209 -23.12 15.83 23.99
C GLU B 209 -22.33 14.79 24.76
N ILE B 210 -22.73 13.53 24.65
CA ILE B 210 -22.03 12.46 25.35
C ILE B 210 -20.72 12.08 24.64
N PRO B 211 -19.60 12.11 25.38
CA PRO B 211 -18.30 11.79 24.78
C PRO B 211 -18.15 10.31 24.47
N PHE B 212 -17.50 9.99 23.36
CA PHE B 212 -17.21 8.60 23.06
C PHE B 212 -15.82 8.48 22.50
N ALA B 213 -15.28 7.28 22.62
CA ALA B 213 -14.10 6.89 21.87
C ALA B 213 -14.41 5.62 21.10
N LEU B 214 -13.92 5.54 19.87
CA LEU B 214 -14.01 4.33 19.07
C LEU B 214 -12.59 3.92 18.71
N CYS B 215 -12.16 2.75 19.17
CA CYS B 215 -10.77 2.31 19.00
C CYS B 215 -10.63 1.05 18.15
N PHE B 216 -9.75 1.12 17.16
CA PHE B 216 -9.47 -0.01 16.31
C PHE B 216 -8.06 -0.53 16.54
N GLY B 217 -7.88 -1.84 16.48
CA GLY B 217 -6.57 -2.44 16.65
C GLY B 217 -6.13 -2.35 18.10
N VAL B 218 -7.10 -2.49 19.00
CA VAL B 218 -6.81 -2.54 20.42
C VAL B 218 -6.12 -3.86 20.74
N PRO B 219 -5.56 -3.98 21.95
CA PRO B 219 -5.14 -5.31 22.40
C PRO B 219 -6.21 -6.35 22.15
N PRO B 220 -5.84 -7.42 21.47
CA PRO B 220 -6.74 -8.53 21.14
C PRO B 220 -7.51 -9.09 22.33
N ALA B 221 -6.89 -9.14 23.50
CA ALA B 221 -7.57 -9.62 24.68
C ALA B 221 -8.77 -8.72 25.00
N ALA B 222 -8.66 -7.43 24.70
CA ALA B 222 -9.71 -6.47 25.01
C ALA B 222 -10.88 -6.54 24.05
N ILE B 223 -10.61 -6.84 22.78
CA ILE B 223 -11.69 -6.88 21.81
C ILE B 223 -12.48 -8.17 22.05
N LEU B 224 -11.82 -9.22 22.55
CA LEU B 224 -12.53 -10.45 22.84
C LEU B 224 -13.43 -10.21 24.05
N VAL B 225 -12.92 -9.50 25.05
CA VAL B 225 -13.68 -9.23 26.26
C VAL B 225 -14.88 -8.32 25.95
N SER B 226 -14.71 -7.42 24.99
CA SER B 226 -15.78 -6.53 24.56
C SER B 226 -16.83 -7.17 23.66
N SER B 227 -16.67 -8.43 23.30
CA SER B 227 -17.48 -8.99 22.21
C SER B 227 -18.91 -9.30 22.60
N MET B 228 -19.11 -9.54 23.89
CA MET B 228 -20.45 -9.65 24.43
C MET B 228 -20.63 -8.60 25.50
N PRO B 229 -21.87 -8.07 25.65
CA PRO B 229 -22.21 -7.14 26.73
C PRO B 229 -21.76 -7.64 28.10
N ILE B 230 -21.22 -6.72 28.89
CA ILE B 230 -20.63 -7.05 30.17
C ILE B 230 -21.57 -6.66 31.30
N PRO B 231 -21.84 -7.58 32.23
CA PRO B 231 -22.63 -7.30 33.43
C PRO B 231 -21.90 -6.45 34.45
N VAL B 234 -19.22 -5.26 36.76
CA VAL B 234 -17.97 -5.86 36.29
C VAL B 234 -17.24 -4.91 35.37
N SER B 235 -15.96 -4.67 35.64
CA SER B 235 -15.16 -3.81 34.77
C SER B 235 -14.53 -4.63 33.65
N GLU B 236 -14.57 -4.10 32.43
CA GLU B 236 -13.99 -4.80 31.30
C GLU B 236 -12.50 -4.81 31.47
N SER B 237 -11.96 -3.65 31.77
CA SER B 237 -10.53 -3.42 31.81
C SER B 237 -9.85 -4.36 32.80
N ASP B 238 -10.54 -4.63 33.90
CA ASP B 238 -9.99 -5.46 34.95
C ASP B 238 -9.94 -6.91 34.48
N TYR B 239 -10.99 -7.32 33.77
CA TYR B 239 -11.03 -8.63 33.16
C TYR B 239 -9.92 -8.83 32.10
N VAL B 240 -9.64 -7.81 31.32
CA VAL B 240 -8.51 -7.86 30.41
C VAL B 240 -7.21 -8.15 31.17
N GLY B 241 -6.99 -7.44 32.27
CA GLY B 241 -5.80 -7.59 33.08
C GLY B 241 -5.64 -8.96 33.74
N ALA B 242 -6.75 -9.60 34.07
CA ALA B 242 -6.71 -10.95 34.62
C ALA B 242 -6.36 -11.97 33.54
N ILE B 243 -6.73 -11.67 32.32
CA ILE B 243 -6.40 -12.51 31.18
C ILE B 243 -4.93 -12.34 30.84
N LEU B 244 -4.50 -11.09 30.65
CA LEU B 244 -3.13 -10.77 30.28
C LEU B 244 -2.07 -11.10 31.34
N GLY B 245 -2.43 -10.94 32.61
CA GLY B 245 -1.49 -11.12 33.70
C GLY B 245 -0.67 -9.86 33.88
N GLU B 246 -0.94 -8.86 33.05
CA GLU B 246 -0.27 -7.58 33.17
C GLU B 246 -1.23 -6.47 32.83
N SER B 247 -0.79 -5.24 33.08
CA SER B 247 -1.63 -4.07 32.89
C SER B 247 -1.59 -3.56 31.46
N VAL B 248 -2.74 -3.08 30.99
CA VAL B 248 -2.82 -2.52 29.65
C VAL B 248 -2.44 -1.07 29.72
N PRO B 249 -1.50 -0.64 28.87
CA PRO B 249 -1.18 0.79 28.86
C PRO B 249 -2.27 1.59 28.18
N VAL B 250 -2.70 2.67 28.83
CA VAL B 250 -3.70 3.56 28.27
C VAL B 250 -3.25 5.02 28.26
N VAL B 251 -3.87 5.81 27.41
CA VAL B 251 -3.67 7.25 27.36
C VAL B 251 -5.01 7.95 27.25
N LYS B 252 -5.03 9.21 27.63
CA LYS B 252 -6.24 10.01 27.61
C LYS B 252 -6.51 10.52 26.20
N CYS B 253 -7.79 10.51 25.81
CA CYS B 253 -8.26 11.10 24.57
C CYS B 253 -7.85 12.57 24.43
N GLU B 254 -7.63 13.00 23.20
CA GLU B 254 -7.30 14.40 22.92
C GLU B 254 -8.39 15.36 23.40
N THR B 255 -9.64 15.04 23.10
CA THR B 255 -10.72 16.01 23.30
C THR B 255 -11.65 15.69 24.47
N ASN B 256 -11.39 14.59 25.18
CA ASN B 256 -12.21 14.26 26.34
C ASN B 256 -11.41 13.45 27.36
N ASP B 257 -12.11 12.91 28.36
CA ASP B 257 -11.44 12.30 29.49
C ASP B 257 -11.36 10.78 29.43
N LEU B 258 -11.63 10.21 28.26
CA LEU B 258 -11.62 8.76 28.12
C LEU B 258 -10.21 8.22 27.98
N MET B 259 -9.93 7.14 28.69
CA MET B 259 -8.66 6.42 28.57
C MET B 259 -8.75 5.35 27.48
N VAL B 260 -7.98 5.49 26.41
CA VAL B 260 -7.99 4.50 25.32
C VAL B 260 -6.69 3.70 25.26
N PRO B 261 -6.72 2.51 24.64
CA PRO B 261 -5.49 1.71 24.62
C PRO B 261 -4.38 2.41 23.88
N ALA B 262 -3.21 2.49 24.53
CA ALA B 262 -2.07 3.21 24.04
C ALA B 262 -1.65 2.71 22.66
N THR B 263 -1.80 1.41 22.42
CA THR B 263 -1.32 0.82 21.18
C THR B 263 -2.43 0.64 20.14
N SER B 264 -3.51 1.39 20.25
CA SER B 264 -4.56 1.33 19.23
C SER B 264 -3.98 1.78 17.90
N GLU B 265 -4.57 1.28 16.82
CA GLU B 265 -4.15 1.66 15.47
C GLU B 265 -4.78 2.98 15.10
N MET B 266 -6.02 3.16 15.55
CA MET B 266 -6.82 4.33 15.23
C MET B 266 -7.74 4.60 16.39
N VAL B 267 -7.97 5.87 16.67
CA VAL B 267 -8.89 6.31 17.70
C VAL B 267 -9.78 7.41 17.11
N PHE B 268 -11.09 7.23 17.22
CA PHE B 268 -12.05 8.24 16.82
C PHE B 268 -12.69 8.80 18.08
N GLU B 269 -12.79 10.12 18.13
CA GLU B 269 -13.39 10.80 19.27
C GLU B 269 -14.49 11.72 18.79
N GLY B 270 -15.48 11.97 19.64
CA GLY B 270 -16.50 12.93 19.36
C GLY B 270 -17.65 12.80 20.32
N THR B 271 -18.84 13.17 19.83
CA THR B 271 -20.00 13.33 20.68
C THR B 271 -21.21 12.53 20.21
N LEU B 272 -21.91 11.91 21.15
CA LEU B 272 -23.13 11.15 20.85
C LEU B 272 -24.38 11.93 21.25
N SER B 273 -25.35 12.00 20.35
CA SER B 273 -26.65 12.57 20.67
C SER B 273 -27.76 11.55 20.42
N LEU B 274 -28.76 11.53 21.29
CA LEU B 274 -29.82 10.53 21.21
C LEU B 274 -31.09 11.10 20.57
N THR B 275 -31.24 12.42 20.64
CA THR B 275 -32.37 13.06 19.98
C THR B 275 -32.11 13.06 18.48
N ASP B 276 -30.98 13.62 18.07
CA ASP B 276 -30.62 13.58 16.65
C ASP B 276 -30.45 12.13 16.24
N THR B 277 -31.07 11.75 15.13
CA THR B 277 -31.18 10.35 14.75
C THR B 277 -30.99 10.14 13.25
N HIS B 278 -30.62 8.92 12.89
CA HIS B 278 -30.45 8.52 11.51
C HIS B 278 -30.79 7.03 11.32
N LEU B 279 -31.14 6.66 10.10
CA LEU B 279 -31.47 5.27 9.81
C LEU B 279 -30.22 4.45 9.51
N GLU B 280 -29.92 3.53 10.41
CA GLU B 280 -28.81 2.61 10.21
C GLU B 280 -29.32 1.47 9.33
N GLY B 281 -29.03 1.56 8.04
CA GLY B 281 -29.52 0.63 7.03
C GLY B 281 -29.09 -0.77 7.37
N PRO B 282 -29.61 -1.75 6.61
CA PRO B 282 -29.41 -3.17 6.89
C PRO B 282 -27.94 -3.57 6.89
N PHE B 283 -27.62 -4.69 7.54
CA PHE B 283 -26.27 -5.21 7.60
C PHE B 283 -26.31 -6.75 7.66
N GLY B 284 -25.52 -7.40 6.82
CA GLY B 284 -25.44 -8.84 6.83
C GLY B 284 -25.00 -9.30 8.21
N GLU B 285 -25.84 -10.08 8.88
CA GLU B 285 -25.55 -10.39 10.27
C GLU B 285 -25.19 -11.84 10.52
N MET B 286 -25.15 -12.20 11.79
CA MET B 286 -24.61 -13.47 12.26
C MET B 286 -25.41 -14.69 11.78
N HIS B 287 -26.62 -14.47 11.31
CA HIS B 287 -27.50 -15.58 10.97
C HIS B 287 -27.52 -15.88 9.47
N GLY B 288 -26.83 -15.05 8.69
CA GLY B 288 -26.57 -15.36 7.29
C GLY B 288 -27.35 -14.56 6.27
N TYR B 289 -28.02 -13.50 6.71
CA TYR B 289 -28.92 -12.78 5.82
C TYR B 289 -28.71 -11.31 5.93
N VAL B 290 -28.93 -10.60 4.83
CA VAL B 290 -29.25 -9.19 4.99
C VAL B 290 -30.69 -9.02 4.52
N PHE B 291 -31.51 -8.52 5.44
CA PHE B 291 -32.91 -8.26 5.13
C PHE B 291 -33.05 -6.78 4.78
N LYS B 292 -33.65 -6.49 3.63
CA LYS B 292 -33.83 -5.13 3.15
C LYS B 292 -34.47 -4.22 4.20
N SER B 293 -33.72 -3.23 4.64
CA SER B 293 -34.17 -2.23 5.61
C SER B 293 -34.99 -2.81 6.76
N PRO B 297 -34.16 3.40 13.10
CA PRO B 297 -33.58 4.66 13.61
C PRO B 297 -32.59 4.39 14.72
N CYS B 298 -31.45 5.08 14.69
CA CYS B 298 -30.38 4.87 15.65
C CYS B 298 -29.72 6.20 15.99
N PRO B 299 -29.14 6.31 17.20
CA PRO B 299 -28.46 7.51 17.68
C PRO B 299 -27.27 7.92 16.81
N LEU B 300 -27.05 9.22 16.69
CA LEU B 300 -26.04 9.76 15.78
C LEU B 300 -24.76 10.18 16.49
N TYR B 301 -23.62 9.63 16.07
CA TYR B 301 -22.31 9.95 16.65
C TYR B 301 -21.56 10.95 15.78
N THR B 302 -21.11 12.06 16.37
CA THR B 302 -20.37 13.07 15.63
C THR B 302 -18.88 12.96 15.90
N VAL B 303 -18.09 12.67 14.87
CA VAL B 303 -16.64 12.60 15.05
C VAL B 303 -16.05 13.99 15.06
N LYS B 304 -15.30 14.30 16.11
CA LYS B 304 -14.74 15.63 16.34
C LYS B 304 -13.21 15.65 16.38
N ALA B 305 -12.59 14.47 16.34
CA ALA B 305 -11.12 14.36 16.36
C ALA B 305 -10.69 12.94 16.09
N MET B 306 -9.43 12.77 15.70
CA MET B 306 -8.93 11.44 15.42
C MET B 306 -7.43 11.35 15.68
N SER B 307 -6.98 10.18 16.12
CA SER B 307 -5.55 9.93 16.31
C SER B 307 -5.23 8.53 15.79
N TYR B 308 -4.05 8.34 15.22
CA TYR B 308 -3.73 7.07 14.59
C TYR B 308 -2.23 6.88 14.45
N ARG B 309 -1.78 5.64 14.32
CA ARG B 309 -0.36 5.41 14.10
C ARG B 309 -0.03 5.28 12.62
N ASP B 310 1.27 5.30 12.31
CA ASP B 310 1.76 5.03 10.97
C ASP B 310 1.22 3.72 10.42
N ASN B 311 0.89 3.72 9.13
CA ASN B 311 0.44 2.50 8.45
C ASN B 311 -0.63 1.77 9.26
N ALA B 312 -1.66 2.53 9.65
CA ALA B 312 -2.74 2.04 10.49
C ALA B 312 -3.51 0.88 9.83
N ILE B 313 -3.91 -0.08 10.66
CA ILE B 313 -4.58 -1.29 10.20
C ILE B 313 -5.96 -1.36 10.81
N LEU B 314 -6.98 -1.51 9.97
CA LEU B 314 -8.36 -1.68 10.44
C LEU B 314 -8.76 -3.15 10.49
N PRO B 315 -8.96 -3.71 11.69
CA PRO B 315 -9.52 -5.06 11.73
C PRO B 315 -10.98 -5.04 11.33
N VAL B 316 -11.41 -6.03 10.56
CA VAL B 316 -12.75 -6.06 10.02
C VAL B 316 -13.33 -7.44 10.24
N SER B 317 -14.60 -7.50 10.60
CA SER B 317 -15.31 -8.75 10.65
C SER B 317 -16.48 -8.65 9.67
N ASN B 318 -16.62 -9.64 8.79
CA ASN B 318 -17.71 -9.65 7.82
C ASN B 318 -18.69 -10.77 8.11
N PRO B 319 -19.68 -10.53 8.98
CA PRO B 319 -20.59 -11.56 9.47
C PRO B 319 -21.50 -12.16 8.40
N GLY B 320 -21.76 -13.46 8.51
CA GLY B 320 -22.71 -14.14 7.65
C GLY B 320 -22.83 -15.62 7.99
N LEU B 321 -22.77 -16.44 6.95
CA LEU B 321 -22.78 -17.88 7.13
C LEU B 321 -21.63 -18.29 8.01
N CYS B 322 -21.74 -19.43 8.68
CA CYS B 322 -20.64 -19.86 9.51
C CYS B 322 -19.43 -20.08 8.60
N THR B 323 -18.21 -19.78 9.07
CA THR B 323 -17.92 -19.42 10.45
C THR B 323 -17.08 -18.15 10.56
N ASP B 324 -17.57 -17.14 11.29
CA ASP B 324 -16.80 -15.94 11.52
C ASP B 324 -16.80 -15.53 13.01
N GLU B 325 -16.38 -14.30 13.30
CA GLU B 325 -16.22 -13.84 14.67
C GLU B 325 -17.52 -13.82 15.48
N THR B 326 -18.63 -13.59 14.81
CA THR B 326 -19.91 -13.54 15.49
C THR B 326 -20.40 -14.93 15.91
N HIS B 327 -19.73 -15.99 15.46
CA HIS B 327 -20.03 -17.33 15.96
C HIS B 327 -18.93 -17.83 16.89
N THR B 328 -17.73 -17.41 16.60
CA THR B 328 -16.53 -17.92 17.27
C THR B 328 -16.22 -17.16 18.58
N LEU B 329 -16.46 -15.85 18.59
CA LEU B 329 -16.21 -15.04 19.77
C LEU B 329 -17.46 -14.99 20.62
N ILE B 330 -18.56 -14.59 20.00
CA ILE B 330 -19.83 -14.55 20.70
C ILE B 330 -20.21 -15.88 21.34
N GLY B 331 -20.18 -16.96 20.56
CA GLY B 331 -20.48 -18.28 21.06
C GLY B 331 -19.57 -18.76 22.20
N SER B 332 -18.28 -18.45 22.11
CA SER B 332 -17.33 -18.79 23.18
C SER B 332 -17.60 -18.04 24.48
N LEU B 333 -17.94 -16.76 24.35
CA LEU B 333 -18.28 -15.97 25.52
C LEU B 333 -19.56 -16.47 26.20
N VAL B 334 -20.57 -16.80 25.40
CA VAL B 334 -21.84 -17.32 25.94
C VAL B 334 -21.65 -18.70 26.56
N ALA B 335 -20.87 -19.55 25.92
CA ALA B 335 -20.61 -20.88 26.46
C ALA B 335 -19.91 -20.76 27.79
N THR B 336 -18.94 -19.85 27.86
CA THR B 336 -18.22 -19.61 29.10
C THR B 336 -19.19 -19.16 30.18
N GLU B 337 -19.96 -18.13 29.89
CA GLU B 337 -21.00 -17.70 30.83
C GLU B 337 -21.99 -18.81 31.19
N ALA B 338 -22.34 -19.66 30.22
CA ALA B 338 -23.31 -20.71 30.47
C ALA B 338 -22.75 -21.75 31.44
N LYS B 339 -21.50 -22.14 31.23
CA LYS B 339 -20.86 -23.12 32.09
C LYS B 339 -20.66 -22.55 33.49
N GLU B 340 -20.33 -21.27 33.57
CA GLU B 340 -20.21 -20.56 34.84
C GLU B 340 -21.53 -20.53 35.63
N LEU B 341 -22.61 -20.16 34.95
CA LEU B 341 -23.94 -20.12 35.55
C LEU B 341 -24.40 -21.53 35.96
N ALA B 342 -23.97 -22.54 35.23
CA ALA B 342 -24.29 -23.91 35.60
C ALA B 342 -23.66 -24.28 36.94
N ILE B 343 -22.41 -23.87 37.11
CA ILE B 343 -21.65 -24.13 38.31
C ILE B 343 -22.22 -23.34 39.47
N GLU B 344 -22.64 -22.11 39.22
CA GLU B 344 -23.31 -21.32 40.24
C GLU B 344 -24.64 -21.93 40.67
N SER B 345 -25.35 -22.57 39.74
CA SER B 345 -26.68 -23.13 39.96
C SER B 345 -26.69 -24.55 40.50
N GLY B 346 -25.53 -25.19 40.53
CA GLY B 346 -25.46 -26.58 40.94
C GLY B 346 -25.90 -27.58 39.88
N LEU B 347 -26.08 -27.14 38.64
CA LEU B 347 -26.44 -28.02 37.53
C LEU B 347 -25.29 -28.93 37.11
N PRO B 348 -25.59 -30.23 36.85
CA PRO B 348 -24.53 -31.19 36.52
C PRO B 348 -24.00 -31.10 35.07
N ILE B 349 -23.57 -29.89 34.68
CA ILE B 349 -23.09 -29.64 33.33
C ILE B 349 -21.56 -29.75 33.26
N LEU B 350 -21.07 -30.60 32.35
CA LEU B 350 -19.65 -30.76 32.15
C LEU B 350 -19.09 -29.67 31.24
N ASP B 351 -19.78 -29.38 30.14
CA ASP B 351 -19.34 -28.37 29.18
C ASP B 351 -20.50 -27.74 28.43
N ALA B 352 -20.22 -26.61 27.79
CA ALA B 352 -21.21 -25.88 27.03
C ALA B 352 -20.58 -25.41 25.72
N PHE B 353 -21.39 -25.29 24.67
CA PHE B 353 -20.88 -24.94 23.36
C PHE B 353 -21.99 -24.47 22.46
N MET B 354 -21.71 -23.48 21.63
CA MET B 354 -22.68 -23.05 20.64
C MET B 354 -22.14 -23.38 19.25
N PRO B 355 -22.60 -24.48 18.64
CA PRO B 355 -22.09 -24.95 17.35
C PRO B 355 -22.21 -23.91 16.24
N TYR B 356 -21.15 -23.76 15.47
CA TYR B 356 -21.09 -22.73 14.45
C TYR B 356 -22.10 -23.00 13.35
N GLU B 357 -22.37 -24.26 13.07
CA GLU B 357 -23.35 -24.63 12.05
C GLU B 357 -24.77 -24.14 12.38
N ALA B 358 -25.06 -23.97 13.67
CA ALA B 358 -26.36 -23.46 14.10
C ALA B 358 -26.36 -21.93 14.27
N GLN B 359 -25.32 -21.28 13.78
CA GLN B 359 -25.28 -19.83 13.67
C GLN B 359 -25.42 -19.14 15.04
N ALA B 360 -24.80 -19.73 16.04
CA ALA B 360 -24.93 -19.28 17.42
C ALA B 360 -26.40 -19.17 17.87
N LEU B 361 -27.29 -20.01 17.36
CA LEU B 361 -28.67 -20.02 17.86
C LEU B 361 -28.89 -21.15 18.85
N TRP B 362 -28.01 -22.15 18.79
CA TRP B 362 -28.10 -23.34 19.62
C TRP B 362 -27.09 -23.37 20.78
N LEU B 363 -27.55 -23.75 21.96
CA LEU B 363 -26.65 -23.98 23.07
C LEU B 363 -26.72 -25.44 23.52
N ILE B 364 -25.66 -26.19 23.27
CA ILE B 364 -25.59 -27.57 23.72
C ILE B 364 -25.01 -27.62 25.14
N LEU B 365 -25.69 -28.34 26.03
CA LEU B 365 -25.16 -28.59 27.35
C LEU B 365 -24.89 -30.07 27.56
N LYS B 366 -23.64 -30.40 27.86
CA LYS B 366 -23.22 -31.77 28.08
C LYS B 366 -23.43 -32.14 29.55
N VAL B 367 -24.27 -33.14 29.80
CA VAL B 367 -24.73 -33.46 31.14
C VAL B 367 -24.06 -34.68 31.76
N ASP B 368 -23.45 -34.46 32.91
CA ASP B 368 -22.90 -35.52 33.74
C ASP B 368 -24.02 -36.44 34.22
N LEU B 369 -24.03 -37.68 33.77
CA LEU B 369 -25.14 -38.58 34.09
C LEU B 369 -25.21 -38.98 35.57
N LYS B 370 -24.07 -39.28 36.21
CA LYS B 370 -24.11 -39.58 37.64
C LYS B 370 -24.68 -38.40 38.40
N GLY B 371 -24.25 -37.20 38.03
CA GLY B 371 -24.78 -35.97 38.61
C GLY B 371 -26.26 -35.80 38.36
N LEU B 372 -26.71 -36.06 37.13
CA LEU B 372 -28.13 -35.98 36.82
C LEU B 372 -28.95 -36.97 37.65
N GLN B 373 -28.38 -38.14 37.89
CA GLN B 373 -29.08 -39.20 38.61
C GLN B 373 -29.18 -38.92 40.11
N ALA B 374 -28.23 -38.15 40.63
CA ALA B 374 -28.26 -37.76 42.04
C ALA B 374 -29.42 -36.81 42.29
N LEU B 375 -29.77 -36.04 41.28
CA LEU B 375 -30.94 -35.17 41.37
C LEU B 375 -32.24 -35.95 41.56
N LYS B 376 -32.27 -37.21 41.13
CA LYS B 376 -33.50 -38.01 41.10
C LYS B 376 -34.68 -37.23 40.52
N THR B 377 -34.46 -36.60 39.37
CA THR B 377 -35.47 -35.76 38.74
C THR B 377 -36.08 -36.41 37.49
N THR B 378 -36.76 -35.60 36.69
CA THR B 378 -37.36 -36.08 35.45
C THR B 378 -37.05 -35.10 34.34
N PRO B 379 -37.11 -35.57 33.08
CA PRO B 379 -36.91 -34.73 31.90
C PRO B 379 -37.70 -33.43 31.98
N GLU B 380 -38.98 -33.50 32.34
CA GLU B 380 -39.78 -32.29 32.46
C GLU B 380 -39.30 -31.32 33.55
N GLU B 381 -38.93 -31.83 34.72
CA GLU B 381 -38.49 -30.97 35.81
C GLU B 381 -37.14 -30.35 35.48
N PHE B 382 -36.23 -31.17 34.98
CA PHE B 382 -34.87 -30.74 34.68
C PHE B 382 -34.87 -29.69 33.56
N CYS B 383 -35.69 -29.90 32.53
CA CYS B 383 -35.79 -28.99 31.40
C CYS B 383 -36.38 -27.65 31.79
N LYS B 384 -37.29 -27.66 32.75
CA LYS B 384 -37.87 -26.40 33.20
C LYS B 384 -36.82 -25.65 34.02
N LYS B 385 -36.16 -26.36 34.92
CA LYS B 385 -35.08 -25.78 35.72
C LYS B 385 -33.98 -25.17 34.86
N VAL B 386 -33.58 -25.88 33.81
CA VAL B 386 -32.51 -25.39 32.94
C VAL B 386 -32.98 -24.17 32.16
N GLY B 387 -34.18 -24.24 31.61
CA GLY B 387 -34.70 -23.11 30.83
C GLY B 387 -34.95 -21.86 31.64
N ASP B 388 -35.43 -22.01 32.87
CA ASP B 388 -35.58 -20.89 33.78
C ASP B 388 -34.23 -20.20 34.06
N ILE B 389 -33.20 -20.98 34.32
CA ILE B 389 -31.88 -20.43 34.60
C ILE B 389 -31.29 -19.63 33.42
N TYR B 390 -31.40 -20.15 32.20
CA TYR B 390 -30.76 -19.51 31.04
C TYR B 390 -31.62 -18.52 30.29
N PHE B 391 -32.90 -18.81 30.09
CA PHE B 391 -33.77 -17.95 29.30
C PHE B 391 -34.36 -16.78 30.10
N ARG B 392 -34.49 -16.95 31.42
CA ARG B 392 -35.03 -15.86 32.23
C ARG B 392 -33.92 -14.99 32.77
N THR B 393 -32.77 -15.04 32.10
CA THR B 393 -31.56 -14.33 32.51
C THR B 393 -30.90 -13.80 31.23
N LYS B 394 -30.00 -12.82 31.35
CA LYS B 394 -29.31 -12.32 30.16
C LYS B 394 -28.37 -13.33 29.48
N VAL B 395 -27.94 -14.37 30.21
CA VAL B 395 -26.97 -15.30 29.66
C VAL B 395 -27.50 -15.97 28.42
N GLY B 396 -28.78 -16.33 28.46
CA GLY B 396 -29.42 -17.04 27.37
C GLY B 396 -30.06 -16.17 26.30
N PHE B 397 -29.71 -14.89 26.28
CA PHE B 397 -30.35 -13.94 25.38
C PHE B 397 -30.32 -14.30 23.87
N ILE B 398 -29.14 -14.55 23.31
CA ILE B 398 -29.06 -14.80 21.86
C ILE B 398 -29.49 -16.20 21.48
N VAL B 399 -29.67 -17.04 22.49
CA VAL B 399 -29.94 -18.46 22.31
C VAL B 399 -31.44 -18.73 22.17
N HIS B 400 -31.86 -19.49 21.16
CA HIS B 400 -33.27 -19.87 21.07
C HIS B 400 -33.51 -21.33 21.35
N GLU B 401 -32.48 -22.15 21.28
CA GLU B 401 -32.69 -23.56 21.57
C GLU B 401 -31.54 -24.10 22.39
N ILE B 402 -31.88 -24.67 23.54
CA ILE B 402 -30.92 -25.32 24.42
C ILE B 402 -31.08 -26.82 24.30
N ILE B 403 -29.98 -27.51 24.10
CA ILE B 403 -30.03 -28.93 23.83
C ILE B 403 -29.24 -29.68 24.88
N LEU B 404 -29.91 -30.61 25.54
CA LEU B 404 -29.29 -31.42 26.59
C LEU B 404 -28.90 -32.80 26.11
N VAL B 405 -27.64 -33.19 26.31
CA VAL B 405 -27.22 -34.50 25.84
C VAL B 405 -26.37 -35.16 26.91
N ALA B 406 -26.28 -36.49 26.86
CA ALA B 406 -25.51 -37.21 27.87
C ALA B 406 -24.02 -36.97 27.66
N ASP B 407 -23.21 -37.43 28.59
CA ASP B 407 -21.79 -37.13 28.55
C ASP B 407 -21.02 -38.02 27.57
N ASP B 408 -21.74 -38.79 26.76
CA ASP B 408 -21.08 -39.62 25.76
C ASP B 408 -20.95 -38.85 24.44
N ILE B 409 -21.57 -37.69 24.38
CA ILE B 409 -21.51 -36.82 23.22
C ILE B 409 -20.41 -35.78 23.32
N ASP B 410 -19.47 -35.80 22.38
CA ASP B 410 -18.51 -34.73 22.20
C ASP B 410 -19.21 -33.55 21.55
N ILE B 411 -19.63 -32.59 22.36
CA ILE B 411 -20.40 -31.46 21.87
C ILE B 411 -19.60 -30.47 21.03
N PHE B 412 -18.27 -30.63 20.98
CA PHE B 412 -17.44 -29.75 20.15
C PHE B 412 -17.36 -30.30 18.75
N ASN B 413 -17.90 -31.51 18.57
CA ASN B 413 -17.97 -32.21 17.28
C ASN B 413 -19.40 -32.25 16.75
N PHE B 414 -19.69 -31.46 15.73
CA PHE B 414 -21.04 -31.30 15.30
C PHE B 414 -21.60 -32.55 14.62
N LYS B 415 -20.75 -33.49 14.22
CA LYS B 415 -21.25 -34.76 13.71
C LYS B 415 -21.88 -35.55 14.84
N GLU B 416 -21.33 -35.38 16.02
CA GLU B 416 -21.84 -36.06 17.20
C GLU B 416 -23.08 -35.34 17.74
N VAL B 417 -23.13 -34.02 17.59
CA VAL B 417 -24.26 -33.25 18.10
C VAL B 417 -25.52 -33.47 17.25
N ILE B 418 -25.39 -33.42 15.94
CA ILE B 418 -26.55 -33.59 15.07
C ILE B 418 -27.09 -35.04 15.17
N TRP B 419 -26.20 -36.00 15.42
CA TRP B 419 -26.63 -37.39 15.59
C TRP B 419 -27.47 -37.58 16.84
N ALA B 420 -27.00 -37.01 17.95
CA ALA B 420 -27.74 -36.98 19.19
C ALA B 420 -29.05 -36.23 19.04
N TYR B 421 -29.02 -35.09 18.36
CA TYR B 421 -30.22 -34.29 18.19
C TYR B 421 -31.33 -35.04 17.50
N VAL B 422 -31.00 -35.69 16.39
CA VAL B 422 -31.99 -36.33 15.56
C VAL B 422 -32.46 -37.66 16.14
N THR B 423 -31.55 -38.42 16.74
CA THR B 423 -31.90 -39.73 17.26
C THR B 423 -32.36 -39.78 18.71
N ARG B 424 -32.15 -38.73 19.49
CA ARG B 424 -32.45 -38.86 20.91
C ARG B 424 -33.58 -37.99 21.42
N HIS B 425 -34.17 -37.15 20.56
CA HIS B 425 -35.35 -36.44 21.02
C HIS B 425 -36.54 -36.69 20.11
N THR B 426 -37.69 -36.89 20.72
CA THR B 426 -38.93 -37.01 20.00
C THR B 426 -39.30 -35.62 19.53
N PRO B 427 -39.47 -35.43 18.22
CA PRO B 427 -39.93 -34.13 17.74
C PRO B 427 -41.19 -33.65 18.47
N VAL B 428 -41.18 -32.36 18.85
CA VAL B 428 -42.25 -31.69 19.59
C VAL B 428 -42.45 -32.21 21.02
N ALA B 429 -42.80 -33.49 21.17
CA ALA B 429 -43.06 -34.07 22.49
C ALA B 429 -41.89 -33.91 23.47
N ASP B 430 -40.66 -33.94 22.97
CA ASP B 430 -39.51 -33.82 23.88
C ASP B 430 -38.97 -32.39 23.90
N GLN B 431 -39.74 -31.43 23.43
CA GLN B 431 -39.30 -30.06 23.46
C GLN B 431 -40.17 -29.27 24.40
N MET B 432 -39.56 -28.43 25.24
CA MET B 432 -40.32 -27.58 26.12
C MET B 432 -40.26 -26.14 25.63
N ALA B 433 -41.41 -25.61 25.24
CA ALA B 433 -41.47 -24.23 24.78
C ALA B 433 -41.32 -23.25 25.93
N PHE B 434 -40.70 -22.11 25.66
CA PHE B 434 -40.66 -21.00 26.57
C PHE B 434 -41.21 -19.79 25.84
N ASP B 435 -42.42 -19.40 26.20
CA ASP B 435 -43.14 -18.42 25.41
C ASP B 435 -43.25 -17.08 26.07
N ASP B 436 -42.82 -16.99 27.32
CA ASP B 436 -42.94 -15.72 28.03
C ASP B 436 -41.57 -15.07 28.26
N VAL B 437 -40.53 -15.65 27.68
CA VAL B 437 -39.21 -15.07 27.86
C VAL B 437 -38.85 -14.09 26.75
N THR B 438 -37.80 -13.32 26.95
CA THR B 438 -37.34 -12.35 25.95
C THR B 438 -36.74 -13.04 24.73
N SER B 439 -37.11 -12.58 23.54
CA SER B 439 -36.60 -13.15 22.29
C SER B 439 -35.36 -12.42 21.85
N PHE B 440 -34.55 -13.10 21.05
CA PHE B 440 -33.44 -12.46 20.35
C PHE B 440 -33.98 -11.84 19.05
N PRO B 441 -34.01 -10.51 18.98
CA PRO B 441 -34.61 -9.79 17.84
C PRO B 441 -33.93 -10.05 16.51
N LEU B 442 -32.65 -10.42 16.52
CA LEU B 442 -31.90 -10.70 15.30
C LEU B 442 -32.27 -12.01 14.64
N ALA B 443 -32.73 -12.99 15.41
CA ALA B 443 -33.12 -14.28 14.85
C ALA B 443 -34.11 -14.06 13.70
N PRO B 444 -33.78 -14.56 12.52
CA PRO B 444 -34.64 -14.28 11.36
C PRO B 444 -36.07 -14.82 11.52
N PHE B 445 -36.27 -15.95 12.21
CA PHE B 445 -37.63 -16.47 12.37
C PHE B 445 -38.42 -15.60 13.34
N VAL B 446 -37.71 -14.74 14.06
CA VAL B 446 -38.36 -13.73 14.88
C VAL B 446 -38.56 -12.43 14.10
N SER B 447 -37.50 -11.94 13.46
CA SER B 447 -37.55 -10.64 12.79
C SER B 447 -38.51 -10.62 11.62
N GLN B 448 -38.70 -11.76 10.99
CA GLN B 448 -39.49 -11.84 9.76
C GLN B 448 -40.89 -12.36 10.03
N SER B 449 -41.36 -12.16 11.26
CA SER B 449 -42.70 -12.56 11.68
C SER B 449 -43.34 -11.52 12.60
N SER B 450 -44.58 -11.75 12.98
CA SER B 450 -45.29 -10.78 13.81
C SER B 450 -44.76 -10.81 15.25
N ARG B 451 -43.92 -11.79 15.54
CA ARG B 451 -43.29 -11.88 16.83
C ARG B 451 -42.28 -10.74 17.03
N SER B 452 -41.88 -10.10 15.93
CA SER B 452 -41.00 -8.94 15.98
C SER B 452 -41.61 -7.79 16.78
N LYS B 453 -42.93 -7.73 16.85
CA LYS B 453 -43.61 -6.65 17.58
C LYS B 453 -43.47 -6.80 19.10
N THR B 454 -43.58 -8.03 19.59
CA THR B 454 -43.61 -8.27 21.03
C THR B 454 -42.24 -8.69 21.58
N MET B 455 -41.49 -9.46 20.79
CA MET B 455 -40.18 -9.97 21.17
C MET B 455 -40.29 -10.89 22.38
N LYS B 456 -41.35 -11.67 22.42
CA LYS B 456 -41.54 -12.63 23.50
C LYS B 456 -41.59 -14.03 22.94
N GLY B 457 -41.00 -14.97 23.66
CA GLY B 457 -41.16 -16.37 23.34
C GLY B 457 -40.34 -16.85 22.16
N GLY B 458 -40.68 -18.02 21.65
CA GLY B 458 -40.01 -18.59 20.51
C GLY B 458 -38.74 -19.32 20.86
N LYS B 459 -38.66 -19.80 22.08
CA LYS B 459 -37.45 -20.48 22.54
C LYS B 459 -37.85 -21.84 23.04
N CYS B 460 -36.88 -22.72 23.23
CA CYS B 460 -37.19 -24.05 23.67
C CYS B 460 -35.98 -24.75 24.27
N VAL B 461 -36.22 -25.68 25.19
CA VAL B 461 -35.19 -26.54 25.71
C VAL B 461 -35.49 -27.92 25.17
N THR B 462 -34.54 -28.54 24.48
CA THR B 462 -34.79 -29.80 23.84
C THR B 462 -34.13 -30.93 24.59
N ASN B 463 -34.93 -31.89 25.06
CA ASN B 463 -34.34 -33.02 25.78
C ASN B 463 -33.81 -34.16 24.87
N CYS B 464 -32.50 -34.28 24.77
CA CYS B 464 -31.89 -35.35 23.99
C CYS B 464 -31.16 -36.30 24.94
N ILE B 465 -31.71 -36.44 26.14
CA ILE B 465 -31.24 -37.44 27.07
C ILE B 465 -32.33 -38.51 27.18
N PHE B 466 -31.96 -39.76 26.96
CA PHE B 466 -32.88 -40.87 27.12
C PHE B 466 -33.49 -40.89 28.53
N ARG B 467 -34.80 -41.07 28.60
CA ARG B 467 -35.53 -41.09 29.86
C ARG B 467 -34.85 -41.96 30.93
N GLN B 468 -34.40 -43.15 30.55
CA GLN B 468 -33.75 -44.04 31.52
C GLN B 468 -32.40 -43.49 32.04
N GLN B 469 -31.75 -42.64 31.25
CA GLN B 469 -30.47 -42.04 31.65
C GLN B 469 -30.66 -41.11 32.83
N TYR B 470 -31.89 -40.69 33.08
CA TYR B 470 -32.23 -39.98 34.31
C TYR B 470 -32.18 -40.93 35.53
N GLU B 471 -32.25 -42.24 35.30
CA GLU B 471 -32.21 -43.18 36.43
C GLU B 471 -30.87 -43.91 36.54
N ARG B 472 -30.42 -44.52 35.46
CA ARG B 472 -29.13 -45.22 35.45
C ARG B 472 -28.52 -45.04 34.07
N SER B 473 -27.21 -45.17 33.96
CA SER B 473 -26.52 -44.83 32.71
C SER B 473 -26.42 -46.05 31.83
N PHE B 474 -27.57 -46.50 31.33
CA PHE B 474 -27.67 -47.79 30.68
C PHE B 474 -26.82 -47.92 29.42
N ASP B 475 -26.42 -49.15 29.18
CA ASP B 475 -25.45 -49.52 28.16
C ASP B 475 -26.11 -49.72 26.79
N TYR B 476 -25.58 -49.04 25.78
CA TYR B 476 -25.90 -49.31 24.37
C TYR B 476 -24.59 -49.20 23.57
N ILE B 477 -24.54 -49.81 22.40
CA ILE B 477 -23.37 -49.68 21.56
C ILE B 477 -23.55 -48.51 20.59
N THR B 478 -22.53 -47.68 20.47
CA THR B 478 -22.50 -46.67 19.41
C THR B 478 -21.87 -47.24 18.15
N CYS B 479 -22.62 -47.26 17.06
CA CYS B 479 -22.19 -47.99 15.86
C CYS B 479 -21.39 -47.14 14.90
N ASN B 480 -20.20 -46.73 15.34
CA ASN B 480 -19.22 -46.23 14.39
C ASN B 480 -17.93 -46.98 14.62
N PHE B 481 -16.85 -46.53 14.02
CA PHE B 481 -15.61 -47.27 14.10
C PHE B 481 -14.90 -47.06 15.43
N GLU B 482 -14.64 -45.81 15.80
CA GLU B 482 -13.85 -45.54 16.99
C GLU B 482 -14.54 -45.97 18.27
N LYS B 483 -15.86 -45.81 18.36
CA LYS B 483 -16.53 -46.12 19.61
C LYS B 483 -17.23 -47.48 19.59
N GLY B 484 -17.34 -48.09 18.41
CA GLY B 484 -18.09 -49.32 18.27
C GLY B 484 -17.38 -50.62 18.57
N TYR B 485 -16.06 -50.57 18.62
CA TYR B 485 -15.27 -51.79 18.71
C TYR B 485 -14.24 -51.67 19.84
N PRO B 486 -13.80 -52.82 20.38
CA PRO B 486 -12.80 -52.72 21.44
C PRO B 486 -11.55 -51.96 20.97
N LYS B 487 -11.03 -51.07 21.82
CA LYS B 487 -9.77 -50.46 21.52
C LYS B 487 -8.80 -51.62 21.42
N GLY B 488 -7.93 -51.60 20.43
CA GLY B 488 -7.08 -52.75 20.28
C GLY B 488 -7.47 -53.48 19.03
N LEU B 489 -8.76 -53.48 18.73
CA LEU B 489 -9.23 -53.84 17.42
C LEU B 489 -9.14 -52.57 16.59
N VAL B 490 -9.63 -51.48 17.16
CA VAL B 490 -9.52 -50.18 16.52
C VAL B 490 -8.04 -49.84 16.26
N ASP B 491 -7.19 -50.08 17.26
CA ASP B 491 -5.75 -49.86 17.12
C ASP B 491 -5.17 -50.69 16.00
N LYS B 492 -5.54 -51.97 15.99
CA LYS B 492 -5.04 -52.94 15.03
C LYS B 492 -5.40 -52.59 13.59
N VAL B 493 -6.64 -52.16 13.39
CA VAL B 493 -7.10 -51.81 12.06
C VAL B 493 -6.40 -50.55 11.60
N ASN B 494 -6.24 -49.59 12.49
CA ASN B 494 -5.44 -48.39 12.17
C ASN B 494 -3.99 -48.70 11.79
N GLU B 495 -3.34 -49.63 12.48
CA GLU B 495 -1.96 -50.00 12.17
C GLU B 495 -1.85 -50.77 10.86
N ASN B 496 -2.82 -51.63 10.59
CA ASN B 496 -2.77 -52.45 9.40
C ASN B 496 -3.39 -51.77 8.20
N TRP B 497 -3.90 -50.55 8.38
CA TRP B 497 -4.74 -49.92 7.36
C TRP B 497 -4.02 -49.80 6.02
N LYS B 498 -2.79 -49.33 6.04
CA LYS B 498 -2.06 -49.18 4.78
C LYS B 498 -1.67 -50.51 4.15
N ARG B 499 -1.34 -51.51 4.96
CA ARG B 499 -0.90 -52.77 4.38
C ARG B 499 -2.08 -53.59 3.86
N TYR B 500 -3.31 -53.18 4.19
CA TYR B 500 -4.49 -53.72 3.52
C TYR B 500 -4.52 -53.26 2.08
N GLY B 501 -4.02 -52.06 1.83
CA GLY B 501 -4.07 -51.47 0.50
C GLY B 501 -4.71 -50.11 0.44
N TYR B 502 -5.20 -49.63 1.57
CA TYR B 502 -5.77 -48.27 1.64
C TYR B 502 -4.64 -47.24 1.59
N LYS B 503 -4.99 -46.00 1.33
CA LYS B 503 -3.97 -44.95 1.34
C LYS B 503 -3.64 -44.57 2.78
N LYS C 3 26.72 -48.44 -58.97
CA LYS C 3 25.71 -47.39 -59.14
C LYS C 3 24.76 -47.36 -57.94
N LEU C 4 25.04 -46.48 -56.98
CA LEU C 4 24.38 -46.51 -55.69
C LEU C 4 23.00 -45.85 -55.67
N ASN C 5 22.09 -46.44 -54.90
CA ASN C 5 20.74 -45.91 -54.74
C ASN C 5 20.36 -45.87 -53.27
N PRO C 6 20.73 -44.79 -52.56
CA PRO C 6 20.58 -44.73 -51.11
C PRO C 6 19.14 -44.79 -50.64
N ALA C 7 18.21 -44.38 -51.49
CA ALA C 7 16.81 -44.33 -51.10
C ALA C 7 16.20 -45.72 -51.03
N LEU C 8 16.72 -46.62 -51.85
CA LEU C 8 16.18 -47.96 -52.07
C LEU C 8 16.88 -49.00 -51.21
N GLU C 9 18.18 -48.80 -50.99
CA GLU C 9 19.01 -49.77 -50.33
C GLU C 9 19.71 -49.16 -49.13
N PHE C 10 19.41 -49.70 -47.95
CA PHE C 10 20.01 -49.26 -46.71
C PHE C 10 21.54 -49.38 -46.75
N ARG C 11 22.05 -50.40 -47.43
CA ARG C 11 23.49 -50.62 -47.53
C ARG C 11 24.14 -49.68 -48.52
N ASP C 12 23.37 -49.19 -49.49
CA ASP C 12 23.88 -48.17 -50.39
C ASP C 12 23.95 -46.84 -49.65
N PHE C 13 22.96 -46.62 -48.78
CA PHE C 13 22.91 -45.42 -47.96
C PHE C 13 24.13 -45.42 -47.05
N ILE C 14 24.42 -46.57 -46.46
CA ILE C 14 25.63 -46.73 -45.66
C ILE C 14 26.87 -46.44 -46.52
N GLN C 15 26.85 -46.89 -47.76
CA GLN C 15 28.00 -46.74 -48.65
C GLN C 15 28.26 -45.29 -49.02
N VAL C 16 27.21 -44.52 -49.33
CA VAL C 16 27.44 -43.14 -49.76
C VAL C 16 27.98 -42.30 -48.60
N LEU C 17 27.54 -42.61 -47.38
CA LEU C 17 28.03 -41.89 -46.21
C LEU C 17 29.53 -42.11 -46.08
N LYS C 18 29.95 -43.36 -46.20
CA LYS C 18 31.36 -43.72 -46.18
C LYS C 18 32.08 -42.92 -47.26
N ASP C 19 31.54 -42.94 -48.47
CA ASP C 19 32.15 -42.27 -49.61
C ASP C 19 32.35 -40.79 -49.35
N GLU C 20 31.49 -40.22 -48.52
CA GLU C 20 31.52 -38.80 -48.25
C GLU C 20 32.20 -38.49 -46.93
N ASP C 21 33.05 -39.39 -46.46
CA ASP C 21 33.73 -39.23 -45.19
C ASP C 21 32.75 -38.80 -44.10
N ASP C 22 31.57 -39.41 -44.10
CA ASP C 22 30.52 -39.11 -43.14
C ASP C 22 30.10 -40.37 -42.40
N LEU C 23 31.01 -41.31 -42.26
CA LEU C 23 30.72 -42.50 -41.49
C LEU C 23 32.01 -42.99 -40.86
N ILE C 24 31.97 -43.35 -39.58
CA ILE C 24 33.16 -43.86 -38.89
C ILE C 24 32.91 -45.29 -38.46
N GLU C 25 33.71 -46.20 -38.99
CA GLU C 25 33.58 -47.61 -38.69
C GLU C 25 34.31 -47.90 -37.41
N ILE C 26 33.57 -48.05 -36.33
CA ILE C 26 34.17 -48.26 -35.03
C ILE C 26 34.34 -49.76 -34.81
N THR C 27 35.58 -50.22 -34.92
CA THR C 27 35.88 -51.64 -34.95
C THR C 27 36.39 -52.17 -33.61
N GLU C 28 36.29 -51.36 -32.57
CA GLU C 28 36.69 -51.80 -31.24
C GLU C 28 35.46 -51.97 -30.36
N GLU C 29 35.58 -52.86 -29.37
CA GLU C 29 34.45 -53.24 -28.52
C GLU C 29 33.78 -52.06 -27.82
N ILE C 30 32.50 -51.86 -28.12
CA ILE C 30 31.70 -50.82 -27.51
C ILE C 30 30.47 -51.43 -26.84
N ASP C 31 30.31 -51.13 -25.56
CA ASP C 31 29.21 -51.66 -24.77
C ASP C 31 27.88 -51.04 -25.20
N PRO C 32 26.91 -51.88 -25.59
CA PRO C 32 25.56 -51.37 -25.88
C PRO C 32 24.93 -50.69 -24.68
N ASN C 33 25.40 -51.03 -23.48
CA ASN C 33 24.97 -50.34 -22.29
C ASN C 33 25.59 -48.93 -22.22
N LEU C 34 24.75 -47.93 -22.42
CA LEU C 34 25.13 -46.52 -22.37
C LEU C 34 26.17 -46.05 -23.38
N GLU C 35 27.19 -46.84 -23.68
CA GLU C 35 28.32 -46.36 -24.47
C GLU C 35 27.93 -45.93 -25.89
N VAL C 36 27.10 -46.74 -26.54
CA VAL C 36 26.58 -46.45 -27.89
C VAL C 36 25.79 -45.14 -27.93
N GLY C 37 24.93 -44.93 -26.95
CA GLY C 37 24.11 -43.73 -26.90
C GLY C 37 24.91 -42.48 -26.64
N ALA C 38 25.91 -42.60 -25.78
CA ALA C 38 26.78 -41.48 -25.45
C ALA C 38 27.59 -41.03 -26.67
N ILE C 39 28.14 -41.99 -27.40
CA ILE C 39 28.89 -41.69 -28.60
C ILE C 39 28.00 -41.02 -29.62
N MET C 40 26.79 -41.56 -29.79
CA MET C 40 25.79 -41.00 -30.70
C MET C 40 25.44 -39.56 -30.33
N ARG C 41 25.21 -39.35 -29.06
CA ARG C 41 24.94 -38.01 -28.53
C ARG C 41 26.07 -37.00 -28.79
N LYS C 42 27.33 -37.40 -28.58
CA LYS C 42 28.43 -36.51 -28.91
C LYS C 42 28.45 -36.20 -30.39
N ALA C 43 28.26 -37.23 -31.22
CA ALA C 43 28.25 -37.03 -32.66
C ALA C 43 27.10 -36.12 -33.09
N TYR C 44 25.90 -36.37 -32.61
CA TYR C 44 24.76 -35.48 -32.89
C TYR C 44 25.05 -34.00 -32.61
N GLU C 45 25.58 -33.71 -31.44
CA GLU C 45 25.59 -32.33 -30.96
C GLU C 45 26.63 -31.47 -31.64
N SER C 46 27.69 -32.07 -32.16
CA SER C 46 28.65 -31.28 -32.91
C SER C 46 28.57 -31.59 -34.40
N HIS C 47 27.45 -32.17 -34.81
CA HIS C 47 27.16 -32.47 -36.21
C HIS C 47 28.30 -33.26 -36.86
N LEU C 48 28.67 -34.35 -36.22
CA LEU C 48 29.80 -35.14 -36.64
C LEU C 48 29.34 -36.37 -37.43
N PRO C 49 30.27 -37.05 -38.12
CA PRO C 49 29.89 -38.24 -38.88
C PRO C 49 29.23 -39.34 -38.04
N ALA C 50 28.43 -40.16 -38.71
CA ALA C 50 27.67 -41.21 -38.04
C ALA C 50 28.54 -42.38 -37.60
N PRO C 51 28.30 -42.85 -36.38
CA PRO C 51 29.03 -44.03 -35.91
C PRO C 51 28.41 -45.32 -36.44
N LEU C 52 29.26 -46.20 -36.98
CA LEU C 52 28.87 -47.56 -37.26
C LEU C 52 29.62 -48.47 -36.30
N PHE C 53 28.91 -49.01 -35.32
CA PHE C 53 29.52 -49.90 -34.34
C PHE C 53 29.54 -51.33 -34.87
N LYS C 54 30.67 -51.73 -35.47
CA LYS C 54 30.81 -53.07 -36.03
C LYS C 54 31.24 -54.11 -34.99
N ASN C 55 31.52 -53.65 -33.76
CA ASN C 55 32.04 -54.55 -32.72
C ASN C 55 31.37 -54.37 -31.36
N LEU C 56 30.11 -54.78 -31.26
CA LEU C 56 29.36 -54.62 -30.03
C LEU C 56 29.59 -55.78 -29.08
N LYS C 57 29.71 -55.44 -27.80
CA LYS C 57 29.83 -56.46 -26.77
C LYS C 57 28.56 -57.32 -26.75
N GLY C 58 28.73 -58.62 -26.97
CA GLY C 58 27.63 -59.57 -26.87
C GLY C 58 26.99 -59.91 -28.20
N ALA C 59 27.59 -59.41 -29.27
CA ALA C 59 27.07 -59.61 -30.60
C ALA C 59 27.60 -60.90 -31.18
N SER C 60 26.71 -61.69 -31.78
CA SER C 60 27.15 -62.77 -32.64
C SER C 60 27.60 -62.17 -33.96
N LYS C 61 28.34 -62.94 -34.73
CA LYS C 61 28.82 -62.54 -36.04
C LYS C 61 27.74 -61.82 -36.87
N ASP C 62 26.52 -62.33 -36.83
CA ASP C 62 25.43 -61.78 -37.63
C ASP C 62 24.52 -60.79 -36.91
N LEU C 63 24.37 -60.92 -35.59
CA LEU C 63 23.46 -60.05 -34.84
C LEU C 63 24.13 -59.35 -33.64
N PHE C 64 24.39 -58.05 -33.74
CA PHE C 64 24.33 -57.23 -34.95
C PHE C 64 25.27 -56.04 -34.78
N SER C 65 25.51 -55.29 -35.84
CA SER C 65 26.13 -53.98 -35.75
C SER C 65 25.08 -52.93 -35.47
N ILE C 66 25.50 -51.70 -35.16
CA ILE C 66 24.56 -50.61 -35.01
C ILE C 66 25.01 -49.42 -35.85
N LEU C 67 24.09 -48.85 -36.63
CA LEU C 67 24.34 -47.57 -37.29
C LEU C 67 23.59 -46.49 -36.55
N GLY C 68 24.32 -45.57 -35.94
CA GLY C 68 23.70 -44.49 -35.20
C GLY C 68 23.58 -43.23 -36.01
N CYS C 69 22.63 -42.39 -35.60
CA CYS C 69 22.43 -41.07 -36.20
C CYS C 69 22.11 -41.05 -37.71
N PRO C 70 21.22 -41.94 -38.19
CA PRO C 70 21.02 -42.00 -39.65
C PRO C 70 20.45 -40.73 -40.25
N ALA C 71 19.92 -39.82 -39.45
CA ALA C 71 19.43 -38.55 -39.96
C ALA C 71 19.94 -37.32 -39.18
N GLY C 72 21.09 -37.44 -38.53
CA GLY C 72 21.67 -36.28 -37.88
C GLY C 72 22.14 -35.24 -38.88
N LEU C 73 22.59 -34.09 -38.38
CA LEU C 73 23.23 -33.11 -39.24
C LEU C 73 24.72 -33.36 -39.32
N ARG C 74 25.38 -32.66 -40.24
CA ARG C 74 26.81 -32.78 -40.48
C ARG C 74 27.28 -31.43 -40.96
N SER C 75 28.55 -31.27 -41.29
CA SER C 75 29.07 -29.95 -41.63
C SER C 75 28.48 -29.39 -42.91
N LYS C 76 28.49 -28.07 -43.05
CA LYS C 76 27.87 -27.43 -44.20
C LYS C 76 28.45 -27.83 -45.56
N GLU C 77 29.76 -27.99 -45.66
CA GLU C 77 30.39 -28.15 -46.97
C GLU C 77 29.92 -29.41 -47.68
N LYS C 78 29.59 -30.45 -46.91
CA LYS C 78 29.10 -31.69 -47.48
C LYS C 78 27.60 -31.61 -47.73
N GLY C 79 27.00 -30.49 -47.38
CA GLY C 79 25.55 -30.36 -47.31
C GLY C 79 25.08 -30.81 -45.93
N ASP C 80 24.62 -29.87 -45.11
CA ASP C 80 24.37 -30.21 -43.72
C ASP C 80 23.17 -31.15 -43.51
N HIS C 81 22.20 -31.12 -44.42
CA HIS C 81 21.09 -32.08 -44.37
C HIS C 81 21.30 -33.25 -45.37
N GLY C 82 22.55 -33.51 -45.71
CA GLY C 82 22.91 -34.60 -46.61
C GLY C 82 22.35 -35.98 -46.30
N ARG C 83 22.20 -36.30 -45.03
CA ARG C 83 21.72 -37.62 -44.65
C ARG C 83 20.24 -37.75 -44.92
N ILE C 84 19.50 -36.67 -44.77
CA ILE C 84 18.07 -36.70 -45.07
C ILE C 84 17.87 -36.80 -46.58
N ALA C 85 18.70 -36.09 -47.34
CA ALA C 85 18.60 -36.06 -48.78
C ALA C 85 18.83 -37.45 -49.39
N HIS C 86 19.71 -38.23 -48.78
CA HIS C 86 20.02 -39.55 -49.28
C HIS C 86 18.85 -40.52 -49.07
N HIS C 87 17.97 -40.21 -48.12
CA HIS C 87 16.77 -41.02 -47.92
C HIS C 87 15.85 -40.87 -49.11
N LEU C 88 15.91 -39.71 -49.73
CA LEU C 88 15.03 -39.44 -50.86
C LEU C 88 15.78 -39.54 -52.17
N GLY C 89 17.06 -39.89 -52.08
CA GLY C 89 17.91 -40.02 -53.24
C GLY C 89 18.27 -38.72 -53.90
N LEU C 90 18.22 -37.62 -53.16
CA LEU C 90 18.50 -36.30 -53.70
C LEU C 90 19.98 -35.94 -53.65
N ASP C 91 20.34 -34.90 -54.39
CA ASP C 91 21.65 -34.27 -54.25
C ASP C 91 21.93 -34.00 -52.78
N PRO C 92 23.05 -34.48 -52.27
CA PRO C 92 23.37 -34.34 -50.84
C PRO C 92 23.47 -32.88 -50.36
N LYS C 93 23.74 -31.91 -51.23
CA LYS C 93 23.79 -30.51 -50.81
C LYS C 93 22.43 -29.80 -50.93
N THR C 94 21.37 -30.57 -51.17
CA THR C 94 20.01 -30.04 -51.15
C THR C 94 19.70 -29.43 -49.78
N THR C 95 19.08 -28.26 -49.77
CA THR C 95 18.70 -27.64 -48.51
C THR C 95 17.41 -28.25 -48.00
N ILE C 96 17.12 -28.01 -46.73
CA ILE C 96 15.97 -28.60 -46.09
C ILE C 96 14.69 -28.01 -46.68
N LYS C 97 14.78 -26.74 -47.10
CA LYS C 97 13.66 -26.10 -47.77
C LYS C 97 13.33 -26.82 -49.05
N GLU C 98 14.36 -27.18 -49.81
CA GLU C 98 14.17 -27.86 -51.08
C GLU C 98 13.75 -29.30 -50.83
N ILE C 99 14.28 -29.93 -49.79
CA ILE C 99 13.85 -31.28 -49.45
C ILE C 99 12.35 -31.33 -49.17
N ILE C 100 11.86 -30.36 -48.40
CA ILE C 100 10.45 -30.28 -48.09
C ILE C 100 9.61 -30.06 -49.35
N ASP C 101 10.06 -29.15 -50.21
CA ASP C 101 9.36 -28.89 -51.46
C ASP C 101 9.32 -30.14 -52.32
N TYR C 102 10.38 -30.93 -52.28
CA TYR C 102 10.45 -32.14 -53.07
C TYR C 102 9.47 -33.19 -52.55
N LEU C 103 9.24 -33.21 -51.24
CA LEU C 103 8.32 -34.17 -50.67
C LEU C 103 6.89 -33.85 -51.09
N LEU C 104 6.58 -32.57 -51.21
CA LEU C 104 5.30 -32.13 -51.73
C LEU C 104 5.16 -32.46 -53.20
N GLU C 105 6.25 -32.34 -53.94
CA GLU C 105 6.25 -32.66 -55.36
C GLU C 105 5.95 -34.13 -55.57
N CYS C 106 6.50 -34.97 -54.71
CA CYS C 106 6.27 -36.41 -54.82
C CYS C 106 4.80 -36.77 -54.59
N LYS C 107 4.08 -35.89 -53.91
CA LYS C 107 2.67 -36.12 -53.62
C LYS C 107 1.81 -35.95 -54.86
N GLU C 108 2.40 -35.39 -55.91
CA GLU C 108 1.74 -35.23 -57.19
C GLU C 108 1.98 -36.44 -58.08
N LYS C 109 3.04 -37.18 -57.77
CA LYS C 109 3.40 -38.36 -58.55
C LYS C 109 2.32 -39.41 -58.38
N GLU C 110 2.26 -40.34 -59.34
CA GLU C 110 1.34 -41.45 -59.28
C GLU C 110 1.81 -42.45 -58.23
N PRO C 111 0.90 -42.87 -57.36
CA PRO C 111 1.27 -43.85 -56.34
C PRO C 111 1.74 -45.15 -56.95
N LEU C 112 2.77 -45.74 -56.36
CA LEU C 112 3.36 -46.95 -56.90
C LEU C 112 3.39 -48.05 -55.85
N PRO C 113 2.47 -49.03 -55.98
CA PRO C 113 2.31 -50.17 -55.07
C PRO C 113 3.56 -51.03 -55.04
N PRO C 114 3.78 -51.77 -53.95
CA PRO C 114 4.92 -52.69 -53.85
C PRO C 114 4.77 -53.93 -54.74
N ILE C 115 5.91 -54.47 -55.17
CA ILE C 115 5.94 -55.63 -56.03
C ILE C 115 6.61 -56.78 -55.30
N THR C 116 6.07 -57.98 -55.46
CA THR C 116 6.62 -59.13 -54.77
C THR C 116 7.77 -59.72 -55.55
N VAL C 117 8.87 -60.00 -54.87
CA VAL C 117 10.09 -60.50 -55.52
C VAL C 117 10.42 -61.89 -54.98
N PRO C 118 11.39 -62.59 -55.62
CA PRO C 118 11.59 -63.98 -55.18
C PRO C 118 12.35 -64.10 -53.87
N VAL C 119 11.89 -65.03 -53.03
CA VAL C 119 12.45 -65.27 -51.72
C VAL C 119 13.95 -65.50 -51.77
N SER C 120 14.41 -66.20 -52.79
CA SER C 120 15.82 -66.61 -52.85
C SER C 120 16.72 -65.45 -53.18
N SER C 121 16.13 -64.33 -53.55
CA SER C 121 16.92 -63.16 -53.89
C SER C 121 16.92 -62.13 -52.76
N ALA C 122 16.05 -62.33 -51.77
CA ALA C 122 15.79 -61.33 -50.72
C ALA C 122 16.63 -61.55 -49.47
N PRO C 123 17.64 -60.71 -49.27
CA PRO C 123 18.61 -60.75 -48.15
C PRO C 123 17.98 -60.96 -46.78
N CYS C 124 16.77 -60.44 -46.55
CA CYS C 124 16.17 -60.54 -45.23
C CYS C 124 15.73 -61.96 -44.90
N LYS C 125 15.71 -62.84 -45.90
CA LYS C 125 15.37 -64.25 -45.72
C LYS C 125 16.59 -65.16 -45.63
N THR C 126 17.79 -64.58 -45.63
CA THR C 126 19.04 -65.34 -45.56
C THR C 126 19.12 -66.26 -44.33
N HIS C 127 18.69 -65.78 -43.17
CA HIS C 127 18.61 -66.63 -41.99
C HIS C 127 17.22 -66.56 -41.39
N ILE C 128 16.65 -67.72 -41.02
CA ILE C 128 15.27 -67.80 -40.58
C ILE C 128 15.12 -68.56 -39.28
N LEU C 129 14.59 -67.89 -38.24
CA LEU C 129 14.45 -68.49 -36.91
C LEU C 129 13.01 -68.82 -36.51
N SER C 130 12.78 -70.06 -36.10
CA SER C 130 11.51 -70.45 -35.52
C SER C 130 11.45 -70.02 -34.05
N GLU C 131 10.26 -70.10 -33.46
CA GLU C 131 9.99 -69.55 -32.12
C GLU C 131 11.02 -69.95 -31.06
N GLU C 132 11.35 -71.23 -30.99
CA GLU C 132 12.22 -71.78 -29.96
C GLU C 132 13.59 -71.10 -29.96
N LYS C 133 13.97 -70.52 -31.10
CA LYS C 133 15.25 -69.87 -31.23
C LYS C 133 15.15 -68.36 -31.06
N ILE C 134 13.98 -67.88 -30.64
CA ILE C 134 13.84 -66.45 -30.38
C ILE C 134 14.31 -66.14 -28.97
N HIS C 135 15.41 -65.38 -28.88
CA HIS C 135 15.96 -65.00 -27.59
C HIS C 135 16.34 -63.53 -27.61
N LEU C 136 15.36 -62.66 -27.44
CA LEU C 136 15.58 -61.22 -27.59
C LEU C 136 16.59 -60.71 -26.58
N GLN C 137 16.74 -61.38 -25.45
CA GLN C 137 17.65 -60.89 -24.42
C GLN C 137 19.11 -61.23 -24.67
N SER C 138 19.39 -61.88 -25.79
CA SER C 138 20.76 -62.21 -26.12
C SER C 138 21.23 -61.35 -27.29
N LEU C 139 20.37 -60.47 -27.77
CA LEU C 139 20.75 -59.42 -28.72
C LEU C 139 21.47 -58.25 -28.00
N PRO C 140 22.50 -57.67 -28.65
CA PRO C 140 23.16 -56.52 -28.02
C PRO C 140 22.34 -55.26 -28.18
N THR C 141 21.08 -55.33 -27.76
CA THR C 141 20.16 -54.21 -27.76
C THR C 141 20.71 -53.05 -26.92
N PRO C 142 20.74 -51.84 -27.48
CA PRO C 142 21.33 -50.72 -26.74
C PRO C 142 20.48 -50.21 -25.57
N TYR C 143 21.16 -49.90 -24.47
CA TYR C 143 20.54 -49.15 -23.40
C TYR C 143 20.92 -47.69 -23.61
N LEU C 144 19.97 -46.88 -24.09
CA LEU C 144 20.34 -45.60 -24.72
C LEU C 144 20.52 -44.41 -23.77
N HIS C 145 19.60 -44.21 -22.82
CA HIS C 145 19.76 -43.15 -21.83
C HIS C 145 19.83 -43.70 -20.42
N VAL C 146 20.53 -42.98 -19.54
CA VAL C 146 20.50 -43.28 -18.13
C VAL C 146 19.05 -43.17 -17.64
N SER C 147 18.65 -44.11 -16.79
CA SER C 147 17.28 -44.23 -16.29
C SER C 147 16.20 -44.60 -17.31
N ASP C 148 16.59 -45.06 -18.50
CA ASP C 148 15.60 -45.57 -19.43
C ASP C 148 14.95 -46.80 -18.81
N GLY C 149 13.67 -46.98 -19.05
CA GLY C 149 12.94 -48.12 -18.51
C GLY C 149 13.42 -49.48 -18.99
N GLY C 150 14.19 -49.51 -20.09
CA GLY C 150 14.71 -50.75 -20.62
C GLY C 150 15.48 -50.52 -21.90
N LYS C 151 15.91 -51.62 -22.51
CA LYS C 151 16.68 -51.59 -23.77
C LYS C 151 15.79 -51.34 -24.98
N TYR C 152 16.08 -50.31 -25.76
CA TYR C 152 15.19 -49.98 -26.85
C TYR C 152 15.72 -50.46 -28.17
N LEU C 153 15.08 -51.50 -28.68
CA LEU C 153 15.46 -52.15 -29.91
C LEU C 153 14.89 -51.38 -31.07
N GLN C 154 13.74 -50.78 -30.83
CA GLN C 154 13.02 -50.20 -31.91
C GLN C 154 12.98 -48.70 -31.73
N THR C 155 13.91 -48.05 -32.42
CA THR C 155 13.99 -46.62 -32.45
C THR C 155 13.95 -46.17 -33.88
N TYR C 156 14.43 -47.02 -34.79
CA TYR C 156 14.49 -46.65 -36.20
C TYR C 156 14.09 -47.77 -37.14
N GLY C 157 13.11 -48.57 -36.73
CA GLY C 157 12.56 -49.59 -37.60
C GLY C 157 11.12 -49.25 -37.97
N MET C 158 10.47 -50.17 -38.66
CA MET C 158 9.15 -49.92 -39.17
C MET C 158 8.21 -51.00 -38.69
N TRP C 159 7.13 -50.62 -38.01
CA TRP C 159 6.08 -51.58 -37.68
C TRP C 159 5.20 -51.76 -38.90
N ILE C 160 4.86 -53.00 -39.20
CA ILE C 160 3.99 -53.27 -40.34
C ILE C 160 2.77 -54.01 -39.89
N LEU C 161 1.61 -53.42 -40.11
CA LEU C 161 0.36 -54.03 -39.68
C LEU C 161 -0.70 -53.92 -40.74
N GLN C 162 -1.75 -54.72 -40.60
CA GLN C 162 -2.76 -54.85 -41.62
C GLN C 162 -4.13 -55.09 -41.03
N THR C 163 -5.17 -54.65 -41.73
CA THR C 163 -6.53 -55.02 -41.39
C THR C 163 -6.77 -56.50 -41.68
N PRO C 164 -7.76 -57.11 -41.01
CA PRO C 164 -8.06 -58.52 -41.25
C PRO C 164 -8.35 -58.88 -42.71
N ASP C 165 -9.03 -58.01 -43.44
CA ASP C 165 -9.34 -58.27 -44.85
C ASP C 165 -8.24 -57.81 -45.78
N LYS C 166 -7.11 -57.43 -45.20
CA LYS C 166 -5.87 -57.21 -45.93
C LYS C 166 -5.88 -56.06 -46.94
N LYS C 167 -6.71 -55.05 -46.74
CA LYS C 167 -6.73 -53.95 -47.71
C LYS C 167 -6.35 -52.59 -47.14
N TRP C 168 -5.93 -52.57 -45.87
CA TRP C 168 -5.22 -51.40 -45.36
C TRP C 168 -3.98 -51.91 -44.65
N THR C 169 -2.83 -51.56 -45.20
CA THR C 169 -1.56 -51.90 -44.60
C THR C 169 -0.99 -50.60 -44.05
N ASN C 170 -0.49 -50.66 -42.82
CA ASN C 170 0.05 -49.47 -42.18
C ASN C 170 1.51 -49.69 -41.85
N TRP C 171 2.33 -48.73 -42.29
CA TRP C 171 3.73 -48.67 -41.93
C TRP C 171 3.94 -47.48 -41.00
N SER C 172 4.60 -47.70 -39.87
CA SER C 172 4.80 -46.64 -38.89
C SER C 172 5.99 -46.92 -37.98
N ILE C 173 6.46 -45.88 -37.32
CA ILE C 173 7.55 -46.02 -36.36
C ILE C 173 7.05 -45.65 -34.97
N ALA C 174 7.44 -46.42 -33.96
CA ALA C 174 7.01 -46.18 -32.60
C ALA C 174 7.95 -46.91 -31.71
N ARG C 175 8.40 -46.24 -30.64
CA ARG C 175 9.51 -46.75 -29.84
C ARG C 175 9.13 -48.10 -29.28
N GLY C 176 10.10 -49.00 -29.25
CA GLY C 176 9.82 -50.37 -28.88
C GLY C 176 10.88 -50.87 -27.91
N MET C 177 10.44 -51.17 -26.71
CA MET C 177 11.30 -51.63 -25.62
C MET C 177 11.22 -53.13 -25.46
N VAL C 178 12.37 -53.80 -25.34
CA VAL C 178 12.39 -55.23 -25.04
C VAL C 178 11.91 -55.45 -23.61
N VAL C 179 11.00 -56.41 -23.43
CA VAL C 179 10.41 -56.67 -22.13
C VAL C 179 11.08 -57.87 -21.47
N ASP C 180 11.28 -58.90 -22.27
CA ASP C 180 11.94 -60.13 -21.84
C ASP C 180 12.34 -60.93 -23.08
N ASP C 181 12.57 -62.22 -22.93
CA ASP C 181 13.18 -62.98 -24.01
C ASP C 181 12.24 -63.17 -25.23
N LYS C 182 10.94 -62.93 -25.07
CA LYS C 182 10.00 -63.14 -26.18
C LYS C 182 9.12 -61.94 -26.47
N HIS C 183 9.11 -60.94 -25.61
CA HIS C 183 8.16 -59.85 -25.76
C HIS C 183 8.78 -58.48 -25.90
N ILE C 184 8.06 -57.61 -26.59
CA ILE C 184 8.40 -56.21 -26.75
C ILE C 184 7.16 -55.41 -26.41
N THR C 185 7.30 -54.20 -25.90
CA THR C 185 6.16 -53.31 -25.75
C THR C 185 6.49 -51.95 -26.36
N GLY C 186 5.54 -51.40 -27.10
CA GLY C 186 5.76 -50.14 -27.79
C GLY C 186 4.73 -49.09 -27.40
N LEU C 187 5.20 -47.88 -27.15
CA LEU C 187 4.28 -46.78 -26.85
C LEU C 187 3.96 -45.98 -28.11
N VAL C 188 2.68 -46.00 -28.48
CA VAL C 188 2.21 -45.20 -29.60
C VAL C 188 1.52 -43.93 -29.12
N ILE C 189 1.95 -42.79 -29.64
CA ILE C 189 1.30 -41.51 -29.34
C ILE C 189 0.80 -40.90 -30.64
N LYS C 190 -0.51 -40.71 -30.72
CA LYS C 190 -1.13 -40.29 -31.96
C LYS C 190 -2.29 -39.36 -31.65
N PRO C 191 -2.64 -38.49 -32.60
CA PRO C 191 -3.82 -37.64 -32.38
C PRO C 191 -5.08 -38.49 -32.30
N GLN C 192 -6.12 -37.95 -31.71
CA GLN C 192 -7.37 -38.69 -31.62
C GLN C 192 -8.15 -38.59 -32.92
N HIS C 193 -9.08 -39.52 -33.10
CA HIS C 193 -10.00 -39.54 -34.24
C HIS C 193 -9.30 -39.77 -35.57
N ILE C 194 -8.33 -40.68 -35.54
CA ILE C 194 -7.70 -41.19 -36.76
C ILE C 194 -7.86 -42.70 -36.74
N ARG C 195 -7.76 -43.33 -37.91
CA ARG C 195 -8.09 -44.75 -38.00
C ARG C 195 -7.04 -45.60 -37.29
N GLN C 196 -7.52 -46.58 -36.54
CA GLN C 196 -6.64 -47.50 -35.83
C GLN C 196 -6.69 -48.89 -36.44
N ILE C 197 -5.51 -49.47 -36.60
CA ILE C 197 -5.39 -50.82 -37.10
C ILE C 197 -6.04 -51.78 -36.12
N ALA C 198 -5.92 -51.49 -34.83
CA ALA C 198 -6.45 -52.35 -33.80
C ALA C 198 -7.97 -52.45 -33.81
N ASP C 199 -8.64 -51.35 -34.17
CA ASP C 199 -10.10 -51.33 -34.17
C ASP C 199 -10.66 -52.37 -35.13
N SER C 200 -9.95 -52.62 -36.22
CA SER C 200 -10.34 -53.64 -37.19
C SER C 200 -10.35 -55.02 -36.57
N TRP C 201 -9.33 -55.34 -35.79
CA TRP C 201 -9.23 -56.66 -35.17
C TRP C 201 -10.10 -56.80 -33.91
N ALA C 202 -10.32 -55.69 -33.22
CA ALA C 202 -11.15 -55.72 -32.01
C ALA C 202 -12.63 -55.86 -32.37
N ALA C 203 -12.97 -55.52 -33.62
CA ALA C 203 -14.34 -55.55 -34.10
C ALA C 203 -14.78 -56.97 -34.37
N ILE C 204 -13.89 -57.74 -35.00
CA ILE C 204 -14.15 -59.14 -35.30
C ILE C 204 -13.68 -60.04 -34.17
N GLY C 205 -13.39 -59.44 -33.02
CA GLY C 205 -13.07 -60.19 -31.81
C GLY C 205 -11.70 -60.83 -31.69
N LYS C 206 -10.70 -60.34 -32.42
CA LYS C 206 -9.35 -60.93 -32.33
C LYS C 206 -8.32 -59.92 -31.82
N ALA C 207 -8.72 -59.10 -30.86
CA ALA C 207 -7.84 -58.07 -30.32
C ALA C 207 -6.64 -58.67 -29.58
N ASN C 208 -6.67 -59.97 -29.34
CA ASN C 208 -5.65 -60.64 -28.56
C ASN C 208 -4.56 -61.24 -29.43
N GLU C 209 -4.79 -61.32 -30.73
CA GLU C 209 -3.81 -61.92 -31.62
C GLU C 209 -3.72 -61.19 -32.96
N ILE C 210 -3.29 -59.93 -32.91
CA ILE C 210 -3.08 -59.12 -34.11
C ILE C 210 -1.67 -59.36 -34.65
N PRO C 211 -1.57 -59.89 -35.88
CA PRO C 211 -0.26 -60.13 -36.47
C PRO C 211 0.53 -58.84 -36.75
N PHE C 212 1.85 -58.92 -36.61
CA PHE C 212 2.70 -57.76 -36.86
C PHE C 212 4.03 -58.15 -37.43
N ALA C 213 4.64 -57.24 -38.18
CA ALA C 213 6.03 -57.38 -38.51
C ALA C 213 6.77 -56.11 -38.10
N LEU C 214 8.00 -56.29 -37.62
CA LEU C 214 8.87 -55.18 -37.27
C LEU C 214 10.15 -55.31 -38.10
N CYS C 215 10.46 -54.28 -38.89
CA CYS C 215 11.54 -54.35 -39.87
C CYS C 215 12.59 -53.28 -39.70
N PHE C 216 13.86 -53.70 -39.72
CA PHE C 216 14.97 -52.78 -39.53
C PHE C 216 15.85 -52.73 -40.75
N GLY C 217 16.40 -51.56 -41.04
CA GLY C 217 17.30 -51.42 -42.18
C GLY C 217 16.52 -51.56 -43.47
N VAL C 218 15.35 -50.97 -43.49
CA VAL C 218 14.50 -51.00 -44.67
C VAL C 218 14.94 -49.91 -45.62
N PRO C 219 14.48 -49.94 -46.90
CA PRO C 219 14.79 -48.85 -47.83
C PRO C 219 14.57 -47.49 -47.19
N PRO C 220 15.61 -46.65 -47.16
CA PRO C 220 15.54 -45.39 -46.39
C PRO C 220 14.37 -44.48 -46.75
N ALA C 221 13.85 -44.54 -47.96
CA ALA C 221 12.68 -43.74 -48.27
C ALA C 221 11.51 -44.19 -47.42
N ALA C 222 11.45 -45.49 -47.18
CA ALA C 222 10.37 -46.08 -46.43
C ALA C 222 10.43 -45.66 -44.97
N ILE C 223 11.61 -45.66 -44.37
CA ILE C 223 11.71 -45.33 -42.96
C ILE C 223 11.44 -43.84 -42.77
N LEU C 224 11.71 -43.04 -43.81
CA LEU C 224 11.41 -41.63 -43.73
C LEU C 224 9.91 -41.39 -43.85
N VAL C 225 9.25 -42.08 -44.78
CA VAL C 225 7.84 -41.86 -45.03
C VAL C 225 6.96 -42.34 -43.88
N SER C 226 7.42 -43.37 -43.17
CA SER C 226 6.62 -43.89 -42.08
C SER C 226 6.87 -43.15 -40.79
N SER C 227 7.58 -42.03 -40.88
CA SER C 227 8.01 -41.26 -39.71
C SER C 227 6.89 -40.38 -39.14
N MET C 228 6.15 -39.68 -39.99
CA MET C 228 5.11 -38.77 -39.52
C MET C 228 3.91 -38.58 -40.49
N PRO C 229 3.24 -37.41 -40.43
CA PRO C 229 1.78 -37.52 -40.44
C PRO C 229 1.09 -37.53 -41.80
N ILE C 230 1.31 -38.58 -42.57
CA ILE C 230 0.67 -38.70 -43.89
C ILE C 230 -0.86 -38.81 -43.76
N PRO C 231 -1.59 -38.06 -44.62
CA PRO C 231 -3.07 -37.98 -44.67
C PRO C 231 -3.77 -39.32 -44.60
N GLU C 232 -5.05 -39.32 -44.23
CA GLU C 232 -5.75 -40.56 -43.93
C GLU C 232 -5.98 -41.46 -45.15
N GLY C 233 -6.20 -40.85 -46.31
CA GLY C 233 -6.44 -41.62 -47.51
C GLY C 233 -5.21 -42.30 -48.09
N VAL C 234 -4.13 -41.55 -48.20
CA VAL C 234 -2.92 -41.97 -48.90
C VAL C 234 -2.32 -43.26 -48.31
N SER C 235 -1.80 -44.12 -49.19
CA SER C 235 -1.09 -45.31 -48.76
C SER C 235 0.37 -45.00 -48.44
N GLU C 236 0.95 -45.68 -47.47
CA GLU C 236 2.34 -45.45 -47.13
C GLU C 236 3.26 -46.06 -48.20
N SER C 237 3.16 -47.36 -48.39
CA SER C 237 3.95 -48.08 -49.41
C SER C 237 3.83 -47.49 -50.81
N ASP C 238 2.63 -47.08 -51.20
CA ASP C 238 2.43 -46.58 -52.56
C ASP C 238 3.11 -45.24 -52.76
N TYR C 239 3.30 -44.50 -51.68
CA TYR C 239 3.95 -43.20 -51.72
C TYR C 239 5.47 -43.35 -51.72
N VAL C 240 5.96 -44.36 -51.01
CA VAL C 240 7.40 -44.65 -51.02
C VAL C 240 7.82 -45.04 -52.44
N GLY C 241 6.91 -45.73 -53.13
CA GLY C 241 7.15 -46.14 -54.51
C GLY C 241 7.27 -44.96 -55.45
N ALA C 242 6.47 -43.94 -55.24
CA ALA C 242 6.51 -42.76 -56.08
C ALA C 242 7.83 -42.02 -55.87
N ILE C 243 8.35 -42.10 -54.66
CA ILE C 243 9.60 -41.45 -54.30
C ILE C 243 10.79 -42.20 -54.88
N LEU C 244 10.73 -43.52 -54.82
CA LEU C 244 11.75 -44.38 -55.39
C LEU C 244 11.72 -44.39 -56.91
N GLY C 245 10.58 -43.99 -57.48
CA GLY C 245 10.35 -44.13 -58.91
C GLY C 245 10.36 -45.59 -59.31
N GLU C 246 9.94 -46.45 -58.40
CA GLU C 246 10.03 -47.90 -58.56
C GLU C 246 9.30 -48.56 -57.39
N SER C 247 8.66 -49.71 -57.64
CA SER C 247 7.99 -50.44 -56.56
C SER C 247 8.95 -50.94 -55.51
N VAL C 248 8.58 -50.76 -54.25
CA VAL C 248 9.31 -51.34 -53.14
C VAL C 248 9.27 -52.85 -53.27
N PRO C 249 10.43 -53.50 -53.28
CA PRO C 249 10.52 -54.96 -53.34
C PRO C 249 10.16 -55.63 -52.01
N VAL C 250 9.12 -56.47 -51.99
CA VAL C 250 8.67 -57.10 -50.75
C VAL C 250 8.56 -58.63 -50.81
N VAL C 251 8.64 -59.26 -49.65
CA VAL C 251 8.39 -60.70 -49.56
C VAL C 251 7.44 -60.95 -48.42
N LYS C 252 6.83 -62.14 -48.39
CA LYS C 252 5.88 -62.44 -47.34
C LYS C 252 6.61 -62.95 -46.11
N CYS C 253 6.04 -62.65 -44.95
CA CYS C 253 6.53 -63.16 -43.67
C CYS C 253 6.41 -64.68 -43.56
N GLU C 254 7.22 -65.26 -42.68
CA GLU C 254 7.20 -66.70 -42.47
C GLU C 254 5.92 -67.19 -41.81
N THR C 255 5.46 -66.46 -40.80
CA THR C 255 4.37 -66.93 -39.95
C THR C 255 3.01 -66.25 -40.18
N ASN C 256 2.94 -65.31 -41.13
CA ASN C 256 1.71 -64.57 -41.37
C ASN C 256 1.66 -63.96 -42.76
N ASP C 257 0.59 -63.22 -43.08
CA ASP C 257 0.35 -62.76 -44.44
C ASP C 257 0.94 -61.39 -44.77
N LEU C 258 1.71 -60.83 -43.86
CA LEU C 258 2.20 -59.46 -44.04
C LEU C 258 3.32 -59.45 -45.06
N MET C 259 3.45 -58.34 -45.77
CA MET C 259 4.51 -58.19 -46.73
C MET C 259 5.59 -57.26 -46.16
N VAL C 260 6.82 -57.76 -46.09
CA VAL C 260 7.95 -56.98 -45.59
C VAL C 260 8.96 -56.65 -46.69
N PRO C 261 9.65 -55.52 -46.57
CA PRO C 261 10.63 -55.14 -47.59
C PRO C 261 11.75 -56.16 -47.72
N ALA C 262 12.00 -56.58 -48.95
CA ALA C 262 12.89 -57.68 -49.25
C ALA C 262 14.32 -57.49 -48.76
N THR C 263 14.80 -56.26 -48.76
CA THR C 263 16.19 -56.03 -48.40
C THR C 263 16.37 -55.53 -46.96
N SER C 264 15.34 -55.72 -46.14
CA SER C 264 15.46 -55.46 -44.71
C SER C 264 16.65 -56.19 -44.10
N GLU C 265 17.28 -55.58 -43.10
CA GLU C 265 18.37 -56.20 -42.37
C GLU C 265 17.85 -57.25 -41.40
N MET C 266 16.74 -56.91 -40.75
CA MET C 266 16.13 -57.77 -39.74
C MET C 266 14.63 -57.63 -39.84
N VAL C 267 13.93 -58.74 -39.61
CA VAL C 267 12.48 -58.74 -39.56
C VAL C 267 12.06 -59.57 -38.36
N PHE C 268 11.25 -58.99 -37.48
CA PHE C 268 10.68 -59.76 -36.38
C PHE C 268 9.19 -59.92 -36.66
N GLU C 269 8.66 -61.11 -36.45
CA GLU C 269 7.24 -61.36 -36.70
C GLU C 269 6.55 -61.85 -35.43
N GLY C 270 5.26 -61.59 -35.32
CA GLY C 270 4.55 -62.17 -34.22
C GLY C 270 3.13 -61.67 -34.06
N THR C 271 2.72 -61.57 -32.81
CA THR C 271 1.36 -61.23 -32.46
C THR C 271 1.36 -60.20 -31.36
N LEU C 272 0.49 -59.22 -31.46
CA LEU C 272 0.31 -58.30 -30.34
C LEU C 272 -1.05 -58.52 -29.73
N SER C 273 -1.18 -58.15 -28.46
CA SER C 273 -2.40 -58.35 -27.71
C SER C 273 -2.80 -57.03 -27.08
N LEU C 274 -4.04 -56.60 -27.29
CA LEU C 274 -4.49 -55.35 -26.69
C LEU C 274 -4.91 -55.57 -25.24
N THR C 275 -5.17 -56.81 -24.84
CA THR C 275 -5.64 -57.07 -23.48
C THR C 275 -4.49 -57.43 -22.55
N ASP C 276 -3.45 -58.02 -23.12
CA ASP C 276 -2.26 -58.36 -22.36
C ASP C 276 -1.28 -57.20 -22.41
N THR C 277 -1.11 -56.51 -21.30
CA THR C 277 -0.33 -55.29 -21.31
C THR C 277 0.90 -55.37 -20.41
N HIS C 278 1.81 -54.45 -20.60
CA HIS C 278 3.00 -54.39 -19.79
C HIS C 278 3.37 -52.94 -19.60
N LEU C 279 4.04 -52.63 -18.49
CA LEU C 279 4.49 -51.27 -18.25
C LEU C 279 5.62 -50.96 -19.18
N GLU C 280 5.52 -49.82 -19.83
CA GLU C 280 6.54 -49.41 -20.79
C GLU C 280 7.34 -48.29 -20.15
N GLY C 281 8.32 -48.68 -19.32
CA GLY C 281 9.17 -47.78 -18.52
C GLY C 281 9.71 -46.66 -19.35
N PRO C 282 10.22 -45.61 -18.70
CA PRO C 282 10.49 -44.34 -19.40
C PRO C 282 11.56 -44.42 -20.50
N PHE C 283 11.62 -43.36 -21.29
CA PHE C 283 12.57 -43.27 -22.39
C PHE C 283 12.98 -41.82 -22.62
N GLY C 284 14.26 -41.60 -22.91
CA GLY C 284 14.71 -40.28 -23.26
C GLY C 284 14.11 -39.82 -24.57
N GLU C 285 13.35 -38.72 -24.53
CA GLU C 285 12.57 -38.32 -25.69
C GLU C 285 13.00 -37.04 -26.40
N MET C 286 12.19 -36.66 -27.37
CA MET C 286 12.50 -35.58 -28.31
C MET C 286 12.63 -34.20 -27.68
N HIS C 287 12.25 -34.04 -26.42
CA HIS C 287 12.29 -32.72 -25.82
C HIS C 287 13.50 -32.58 -24.92
N GLY C 288 14.21 -33.68 -24.71
CA GLY C 288 15.48 -33.62 -24.01
C GLY C 288 15.51 -34.20 -22.61
N TYR C 289 14.43 -34.85 -22.20
CA TYR C 289 14.29 -35.39 -20.87
C TYR C 289 14.01 -36.87 -20.82
N VAL C 290 14.56 -37.53 -19.82
CA VAL C 290 14.00 -38.77 -19.29
C VAL C 290 13.26 -38.44 -18.00
N PHE C 291 11.93 -38.42 -18.01
CA PHE C 291 11.21 -38.29 -16.74
C PHE C 291 10.94 -39.67 -16.17
N LYS C 292 11.15 -39.84 -14.87
CA LYS C 292 10.83 -41.11 -14.23
C LYS C 292 9.34 -41.36 -14.34
N SER C 293 8.94 -42.59 -14.03
CA SER C 293 7.56 -43.10 -14.08
C SER C 293 7.26 -43.83 -15.38
N GLN C 294 6.98 -45.13 -15.24
CA GLN C 294 6.39 -45.90 -16.33
C GLN C 294 4.98 -45.39 -16.52
N GLY C 295 4.57 -45.19 -17.76
CA GLY C 295 3.25 -44.68 -18.04
C GLY C 295 2.34 -45.87 -18.25
N HIS C 296 1.04 -45.61 -18.28
CA HIS C 296 -0.02 -46.62 -18.44
C HIS C 296 0.38 -47.78 -19.35
N PRO C 297 -0.01 -49.00 -18.98
CA PRO C 297 0.42 -50.22 -19.67
C PRO C 297 0.19 -50.18 -21.18
N CYS C 298 1.19 -50.61 -21.94
CA CYS C 298 1.10 -50.68 -23.38
C CYS C 298 0.83 -52.10 -23.80
N PRO C 299 0.32 -52.29 -25.03
CA PRO C 299 0.12 -53.66 -25.50
C PRO C 299 1.43 -54.45 -25.51
N LEU C 300 1.33 -55.73 -25.22
CA LEU C 300 2.46 -56.66 -25.29
C LEU C 300 2.57 -57.23 -26.70
N TYR C 301 3.77 -57.28 -27.26
CA TYR C 301 4.01 -57.89 -28.56
C TYR C 301 4.79 -59.19 -28.39
N THR C 302 4.26 -60.29 -28.91
CA THR C 302 4.94 -61.56 -28.78
C THR C 302 5.69 -61.84 -30.06
N VAL C 303 6.99 -62.04 -29.95
CA VAL C 303 7.81 -62.37 -31.11
C VAL C 303 7.85 -63.87 -31.29
N LYS C 304 7.42 -64.35 -32.45
CA LYS C 304 7.28 -65.77 -32.70
C LYS C 304 8.20 -66.27 -33.82
N ALA C 305 8.74 -65.36 -34.62
CA ALA C 305 9.71 -65.72 -35.64
C ALA C 305 10.56 -64.52 -36.01
N MET C 306 11.76 -64.74 -36.53
CA MET C 306 12.51 -63.65 -37.13
C MET C 306 13.39 -64.08 -38.30
N SER C 307 13.72 -63.13 -39.16
CA SER C 307 14.70 -63.41 -40.19
C SER C 307 15.65 -62.23 -40.39
N TYR C 308 16.82 -62.49 -40.96
CA TYR C 308 17.84 -61.45 -41.08
C TYR C 308 18.92 -61.80 -42.07
N ARG C 309 19.67 -60.80 -42.52
CA ARG C 309 20.77 -61.03 -43.45
C ARG C 309 22.10 -61.21 -42.75
N ASP C 310 23.12 -61.63 -43.50
CA ASP C 310 24.47 -61.75 -42.95
C ASP C 310 24.93 -60.38 -42.44
N ASN C 311 25.69 -60.40 -41.34
CA ASN C 311 26.23 -59.19 -40.74
C ASN C 311 25.20 -58.07 -40.65
N ALA C 312 24.05 -58.38 -40.08
CA ALA C 312 22.95 -57.43 -40.05
C ALA C 312 23.29 -56.16 -39.27
N ILE C 313 22.68 -55.06 -39.70
CA ILE C 313 22.89 -53.78 -39.06
C ILE C 313 21.58 -53.22 -38.49
N LEU C 314 21.56 -52.96 -37.19
CA LEU C 314 20.43 -52.27 -36.59
C LEU C 314 20.66 -50.76 -36.62
N PRO C 315 19.81 -50.03 -37.35
CA PRO C 315 19.89 -48.56 -37.26
C PRO C 315 19.19 -48.02 -35.99
N VAL C 316 19.80 -47.03 -35.35
CA VAL C 316 19.30 -46.53 -34.07
C VAL C 316 19.16 -45.02 -34.02
N SER C 317 18.07 -44.55 -33.44
CA SER C 317 17.95 -43.14 -33.10
C SER C 317 17.91 -42.97 -31.58
N ASN C 318 18.69 -42.03 -31.08
CA ASN C 318 18.79 -41.75 -29.66
C ASN C 318 18.38 -40.32 -29.36
N PRO C 319 17.09 -40.09 -29.14
CA PRO C 319 16.52 -38.74 -29.02
C PRO C 319 16.95 -38.00 -27.76
N GLY C 320 16.94 -36.67 -27.85
CA GLY C 320 17.32 -35.83 -26.74
C GLY C 320 17.32 -34.38 -27.18
N LEU C 321 18.36 -33.66 -26.78
CA LEU C 321 18.58 -32.30 -27.23
C LEU C 321 18.82 -32.26 -28.74
N CYS C 322 18.46 -31.15 -29.36
CA CYS C 322 18.76 -30.94 -30.77
C CYS C 322 20.23 -31.16 -31.03
N THR C 323 20.59 -31.76 -32.18
CA THR C 323 19.66 -32.19 -33.21
C THR C 323 19.78 -33.67 -33.53
N ASP C 324 18.65 -34.39 -33.51
CA ASP C 324 18.61 -35.79 -33.87
C ASP C 324 17.42 -36.09 -34.81
N GLU C 325 17.14 -37.37 -35.06
CA GLU C 325 16.09 -37.78 -35.99
C GLU C 325 14.70 -37.25 -35.63
N THR C 326 14.43 -37.04 -34.35
CA THR C 326 13.10 -36.61 -33.95
C THR C 326 12.85 -35.15 -34.23
N HIS C 327 13.88 -34.44 -34.62
CA HIS C 327 13.72 -33.03 -34.98
C HIS C 327 13.78 -32.88 -36.49
N THR C 328 14.67 -33.66 -37.08
CA THR C 328 14.99 -33.50 -38.48
C THR C 328 13.99 -34.24 -39.39
N LEU C 329 13.58 -35.46 -39.04
CA LEU C 329 12.56 -36.17 -39.82
C LEU C 329 11.17 -35.72 -39.40
N ILE C 330 10.85 -35.95 -38.14
CA ILE C 330 9.56 -35.61 -37.56
C ILE C 330 9.17 -34.15 -37.77
N GLY C 331 10.12 -33.25 -37.55
CA GLY C 331 9.82 -31.84 -37.73
C GLY C 331 9.60 -31.44 -39.17
N SER C 332 10.39 -31.98 -40.07
CA SER C 332 10.28 -31.64 -41.47
C SER C 332 9.09 -32.30 -42.16
N LEU C 333 8.72 -33.47 -41.69
CA LEU C 333 7.51 -34.11 -42.21
C LEU C 333 6.25 -33.36 -41.84
N VAL C 334 6.16 -32.92 -40.58
CA VAL C 334 5.08 -32.04 -40.12
C VAL C 334 5.10 -30.73 -40.89
N ALA C 335 6.30 -30.18 -41.05
CA ALA C 335 6.41 -28.92 -41.77
C ALA C 335 5.88 -29.10 -43.18
N THR C 336 6.20 -30.23 -43.80
CA THR C 336 5.70 -30.54 -45.15
C THR C 336 4.19 -30.59 -45.19
N GLU C 337 3.58 -31.36 -44.29
CA GLU C 337 2.13 -31.46 -44.23
C GLU C 337 1.48 -30.12 -43.92
N ALA C 338 2.21 -29.26 -43.20
CA ALA C 338 1.72 -27.94 -42.80
C ALA C 338 1.70 -26.98 -43.98
N LYS C 339 2.75 -27.04 -44.78
CA LYS C 339 2.76 -26.25 -46.00
C LYS C 339 1.68 -26.77 -46.97
N GLU C 340 1.52 -28.08 -47.06
CA GLU C 340 0.51 -28.62 -47.96
C GLU C 340 -0.89 -28.17 -47.54
N LEU C 341 -1.16 -28.28 -46.24
CA LEU C 341 -2.45 -27.89 -45.69
C LEU C 341 -2.73 -26.43 -45.96
N ALA C 342 -1.68 -25.62 -45.94
CA ALA C 342 -1.81 -24.20 -46.18
C ALA C 342 -2.19 -23.92 -47.62
N ILE C 343 -1.57 -24.64 -48.54
CA ILE C 343 -1.84 -24.45 -49.95
C ILE C 343 -3.28 -24.83 -50.29
N GLU C 344 -3.76 -25.94 -49.72
CA GLU C 344 -5.14 -26.39 -49.94
C GLU C 344 -6.19 -25.44 -49.36
N SER C 345 -5.83 -24.71 -48.31
CA SER C 345 -6.79 -23.83 -47.64
C SER C 345 -6.75 -22.40 -48.14
N GLY C 346 -5.87 -22.12 -49.08
CA GLY C 346 -5.69 -20.77 -49.58
C GLY C 346 -4.93 -19.79 -48.68
N LEU C 347 -4.41 -20.25 -47.55
CA LEU C 347 -3.58 -19.41 -46.66
C LEU C 347 -2.36 -18.89 -47.39
N PRO C 348 -2.05 -17.60 -47.25
CA PRO C 348 -0.89 -17.02 -47.95
C PRO C 348 0.46 -17.41 -47.34
N ILE C 349 0.77 -18.70 -47.34
CA ILE C 349 1.95 -19.23 -46.64
C ILE C 349 3.05 -19.64 -47.62
N LEU C 350 4.22 -19.05 -47.49
CA LEU C 350 5.34 -19.37 -48.39
C LEU C 350 6.07 -20.62 -47.96
N ASP C 351 6.45 -20.71 -46.69
CA ASP C 351 7.18 -21.86 -46.18
C ASP C 351 6.81 -22.19 -44.75
N ALA C 352 7.28 -23.34 -44.28
CA ALA C 352 6.96 -23.82 -42.97
C ALA C 352 8.15 -24.62 -42.46
N PHE C 353 8.51 -24.43 -41.21
CA PHE C 353 9.65 -25.15 -40.65
C PHE C 353 9.46 -25.33 -39.17
N MET C 354 10.05 -26.39 -38.63
CA MET C 354 10.10 -26.58 -37.20
C MET C 354 11.55 -26.50 -36.74
N PRO C 355 11.96 -25.34 -36.20
CA PRO C 355 13.34 -25.13 -35.78
C PRO C 355 13.81 -26.22 -34.83
N TYR C 356 15.02 -26.73 -35.06
CA TYR C 356 15.58 -27.78 -34.23
C TYR C 356 15.85 -27.29 -32.82
N GLU C 357 16.12 -26.01 -32.70
CA GLU C 357 16.40 -25.44 -31.37
C GLU C 357 15.16 -25.40 -30.48
N ALA C 358 13.98 -25.52 -31.07
CA ALA C 358 12.74 -25.52 -30.30
C ALA C 358 12.19 -26.92 -30.05
N GLN C 359 13.02 -27.93 -30.31
CA GLN C 359 12.69 -29.31 -29.98
C GLN C 359 11.40 -29.77 -30.63
N ALA C 360 11.14 -29.26 -31.83
CA ALA C 360 9.95 -29.62 -32.61
C ALA C 360 8.67 -29.30 -31.86
N LEU C 361 8.70 -28.21 -31.08
CA LEU C 361 7.49 -27.68 -30.45
C LEU C 361 7.00 -26.41 -31.13
N TRP C 362 7.85 -25.79 -31.94
CA TRP C 362 7.51 -24.57 -32.68
C TRP C 362 7.32 -24.86 -34.16
N LEU C 363 6.26 -24.31 -34.72
CA LEU C 363 6.07 -24.28 -36.17
C LEU C 363 6.08 -22.82 -36.60
N ILE C 364 7.02 -22.46 -37.47
CA ILE C 364 7.08 -21.10 -37.98
C ILE C 364 6.44 -21.08 -39.37
N LEU C 365 5.50 -20.17 -39.59
CA LEU C 365 4.91 -20.00 -40.90
C LEU C 365 5.39 -18.70 -41.51
N LYS C 366 6.05 -18.79 -42.65
CA LYS C 366 6.51 -17.60 -43.34
C LYS C 366 5.40 -17.09 -44.28
N VAL C 367 4.88 -15.90 -43.97
CA VAL C 367 3.73 -15.34 -44.67
C VAL C 367 4.09 -14.42 -45.82
N ASP C 368 3.46 -14.66 -46.98
CA ASP C 368 3.50 -13.74 -48.11
C ASP C 368 2.64 -12.51 -47.81
N LEU C 369 3.26 -11.34 -47.65
CA LEU C 369 2.53 -10.14 -47.24
C LEU C 369 1.53 -9.65 -48.27
N LYS C 370 1.84 -9.79 -49.56
CA LYS C 370 0.93 -9.32 -50.61
C LYS C 370 -0.36 -10.13 -50.59
N GLY C 371 -0.22 -11.43 -50.34
CA GLY C 371 -1.37 -12.30 -50.18
C GLY C 371 -2.12 -11.99 -48.91
N LEU C 372 -1.39 -11.88 -47.80
CA LEU C 372 -1.97 -11.50 -46.52
C LEU C 372 -2.80 -10.23 -46.64
N GLN C 373 -2.26 -9.24 -47.34
CA GLN C 373 -2.94 -7.97 -47.50
C GLN C 373 -4.19 -8.10 -48.34
N ALA C 374 -4.20 -9.03 -49.27
CA ALA C 374 -5.37 -9.22 -50.14
C ALA C 374 -6.58 -9.75 -49.37
N LEU C 375 -6.32 -10.48 -48.28
CA LEU C 375 -7.37 -10.96 -47.38
C LEU C 375 -8.10 -9.82 -46.68
N LYS C 376 -7.44 -8.67 -46.59
CA LYS C 376 -7.96 -7.50 -45.86
C LYS C 376 -8.44 -7.89 -44.46
N THR C 377 -7.60 -8.62 -43.74
CA THR C 377 -7.95 -9.15 -42.44
C THR C 377 -7.15 -8.44 -41.35
N THR C 378 -7.24 -8.96 -40.13
CA THR C 378 -6.59 -8.37 -38.95
C THR C 378 -5.80 -9.46 -38.24
N PRO C 379 -4.81 -9.08 -37.42
CA PRO C 379 -4.05 -10.07 -36.65
C PRO C 379 -4.97 -11.02 -35.88
N GLU C 380 -6.00 -10.49 -35.24
CA GLU C 380 -6.91 -11.28 -34.44
C GLU C 380 -7.65 -12.32 -35.28
N GLU C 381 -8.17 -11.90 -36.44
CA GLU C 381 -8.91 -12.83 -37.30
C GLU C 381 -7.98 -13.87 -37.90
N PHE C 382 -6.85 -13.41 -38.41
CA PHE C 382 -5.91 -14.30 -39.07
C PHE C 382 -5.37 -15.37 -38.13
N CYS C 383 -4.99 -14.97 -36.92
CA CYS C 383 -4.45 -15.91 -35.95
C CYS C 383 -5.47 -16.97 -35.53
N LYS C 384 -6.74 -16.59 -35.41
CA LYS C 384 -7.75 -17.57 -35.10
C LYS C 384 -7.92 -18.51 -36.28
N LYS C 385 -8.03 -17.95 -37.48
CA LYS C 385 -8.14 -18.74 -38.70
C LYS C 385 -6.97 -19.72 -38.85
N VAL C 386 -5.76 -19.29 -38.50
CA VAL C 386 -4.60 -20.18 -38.62
C VAL C 386 -4.65 -21.30 -37.60
N GLY C 387 -5.12 -21.00 -36.40
CA GLY C 387 -5.12 -21.95 -35.31
C GLY C 387 -6.11 -23.07 -35.47
N ASP C 388 -7.34 -22.72 -35.85
CA ASP C 388 -8.39 -23.70 -36.13
C ASP C 388 -7.94 -24.69 -37.18
N ILE C 389 -7.41 -24.17 -38.28
CA ILE C 389 -6.89 -24.98 -39.37
C ILE C 389 -5.83 -25.99 -38.90
N TYR C 390 -4.88 -25.54 -38.09
CA TYR C 390 -3.74 -26.39 -37.70
C TYR C 390 -3.92 -27.16 -36.40
N PHE C 391 -4.51 -26.53 -35.38
CA PHE C 391 -4.60 -27.18 -34.07
C PHE C 391 -5.78 -28.15 -33.95
N ARG C 392 -6.87 -27.86 -34.64
CA ARG C 392 -7.99 -28.79 -34.71
C ARG C 392 -7.84 -29.74 -35.90
N THR C 393 -6.63 -30.25 -36.09
CA THR C 393 -6.33 -31.17 -37.18
C THR C 393 -5.14 -32.00 -36.74
N LYS C 394 -4.91 -33.13 -37.39
CA LYS C 394 -3.85 -34.03 -36.98
C LYS C 394 -2.46 -33.44 -37.25
N VAL C 395 -2.39 -32.38 -38.05
CA VAL C 395 -1.11 -31.82 -38.47
C VAL C 395 -0.42 -31.06 -37.33
N GLY C 396 -1.21 -30.38 -36.51
CA GLY C 396 -0.65 -29.60 -35.42
C GLY C 396 -0.50 -30.37 -34.12
N PHE C 397 -0.63 -31.69 -34.19
CA PHE C 397 -0.61 -32.54 -32.99
C PHE C 397 0.56 -32.24 -32.08
N ILE C 398 1.78 -32.39 -32.58
CA ILE C 398 2.96 -32.21 -31.74
C ILE C 398 3.32 -30.74 -31.52
N VAL C 399 2.72 -29.86 -32.32
CA VAL C 399 3.02 -28.43 -32.28
C VAL C 399 2.33 -27.69 -31.13
N HIS C 400 3.08 -26.97 -30.31
CA HIS C 400 2.44 -26.20 -29.23
C HIS C 400 2.46 -24.70 -29.44
N GLU C 401 3.34 -24.24 -30.32
CA GLU C 401 3.28 -22.84 -30.68
C GLU C 401 3.48 -22.70 -32.18
N ILE C 402 2.62 -21.91 -32.80
CA ILE C 402 2.76 -21.56 -34.20
C ILE C 402 3.13 -20.10 -34.30
N ILE C 403 4.24 -19.82 -34.98
CA ILE C 403 4.68 -18.44 -35.07
C ILE C 403 4.61 -17.95 -36.50
N LEU C 404 3.91 -16.85 -36.69
CA LEU C 404 3.72 -16.21 -37.98
C LEU C 404 4.73 -15.06 -38.19
N VAL C 405 5.47 -15.08 -39.30
CA VAL C 405 6.42 -14.00 -39.61
C VAL C 405 6.28 -13.54 -41.06
N ALA C 406 6.78 -12.33 -41.36
CA ALA C 406 6.68 -11.80 -42.71
C ALA C 406 7.68 -12.49 -43.62
N ASP C 407 7.69 -12.13 -44.90
CA ASP C 407 8.50 -12.85 -45.87
C ASP C 407 9.95 -12.37 -45.93
N ASP C 408 10.34 -11.45 -45.05
CA ASP C 408 11.72 -11.01 -44.96
C ASP C 408 12.54 -11.90 -44.02
N ILE C 409 11.88 -12.86 -43.39
CA ILE C 409 12.54 -13.76 -42.43
C ILE C 409 12.85 -15.12 -43.05
N ASP C 410 14.13 -15.50 -43.05
CA ASP C 410 14.49 -16.84 -43.51
C ASP C 410 14.24 -17.80 -42.37
N ILE C 411 13.10 -18.48 -42.41
CA ILE C 411 12.68 -19.27 -41.26
C ILE C 411 13.51 -20.51 -41.03
N PHE C 412 14.39 -20.84 -41.98
CA PHE C 412 15.27 -21.99 -41.82
C PHE C 412 16.58 -21.62 -41.10
N ASN C 413 16.75 -20.33 -40.83
CA ASN C 413 17.90 -19.84 -40.08
C ASN C 413 17.44 -19.35 -38.73
N PHE C 414 17.81 -20.07 -37.67
CA PHE C 414 17.26 -19.77 -36.34
C PHE C 414 17.68 -18.40 -35.80
N LYS C 415 18.83 -17.89 -36.24
CA LYS C 415 19.23 -16.53 -35.88
C LYS C 415 18.17 -15.50 -36.24
N GLU C 416 17.58 -15.66 -37.42
CA GLU C 416 16.54 -14.76 -37.90
C GLU C 416 15.20 -15.03 -37.25
N VAL C 417 14.92 -16.28 -36.96
CA VAL C 417 13.67 -16.64 -36.32
C VAL C 417 13.61 -16.04 -34.92
N ILE C 418 14.66 -16.29 -34.13
CA ILE C 418 14.68 -15.78 -32.76
C ILE C 418 14.68 -14.26 -32.76
N TRP C 419 15.28 -13.62 -33.77
CA TRP C 419 15.24 -12.17 -33.89
C TRP C 419 13.83 -11.68 -34.16
N ALA C 420 13.11 -12.34 -35.06
CA ALA C 420 11.73 -11.97 -35.33
C ALA C 420 10.78 -12.25 -34.16
N TYR C 421 10.98 -13.36 -33.47
CA TYR C 421 10.10 -13.73 -32.38
C TYR C 421 10.11 -12.67 -31.31
N VAL C 422 11.32 -12.29 -30.95
CA VAL C 422 11.57 -11.44 -29.82
C VAL C 422 11.22 -9.97 -30.07
N THR C 423 11.41 -9.49 -31.29
CA THR C 423 11.25 -8.06 -31.57
C THR C 423 9.93 -7.72 -32.23
N ARG C 424 9.15 -8.71 -32.63
CA ARG C 424 7.97 -8.41 -33.42
C ARG C 424 6.64 -8.82 -32.80
N HIS C 425 6.67 -9.41 -31.62
CA HIS C 425 5.42 -9.68 -30.92
C HIS C 425 5.45 -9.16 -29.49
N THR C 426 4.37 -8.51 -29.07
CA THR C 426 4.17 -8.11 -27.68
C THR C 426 3.88 -9.36 -26.88
N PRO C 427 4.63 -9.59 -25.80
CA PRO C 427 4.38 -10.84 -25.07
C PRO C 427 2.98 -10.87 -24.51
N VAL C 428 2.36 -12.06 -24.58
CA VAL C 428 0.99 -12.29 -24.12
C VAL C 428 -0.07 -11.60 -24.98
N ALA C 429 0.00 -10.27 -25.11
CA ALA C 429 -1.02 -9.55 -25.87
C ALA C 429 -1.04 -9.91 -27.35
N ASP C 430 0.07 -10.42 -27.89
CA ASP C 430 0.13 -10.84 -29.29
C ASP C 430 0.17 -12.35 -29.44
N GLN C 431 -0.12 -13.07 -28.37
CA GLN C 431 -0.25 -14.51 -28.46
C GLN C 431 -1.72 -14.90 -28.35
N MET C 432 -2.17 -15.87 -29.11
CA MET C 432 -3.56 -16.29 -28.95
C MET C 432 -3.62 -17.71 -28.41
N ALA C 433 -4.22 -17.86 -27.23
CA ALA C 433 -4.31 -19.16 -26.59
C ALA C 433 -5.36 -20.04 -27.23
N PHE C 434 -5.09 -21.33 -27.30
CA PHE C 434 -6.10 -22.28 -27.73
C PHE C 434 -6.36 -23.29 -26.62
N ASP C 435 -7.44 -23.03 -25.89
CA ASP C 435 -7.73 -23.69 -24.61
C ASP C 435 -8.28 -25.09 -24.76
N ASP C 436 -9.00 -25.35 -25.85
CA ASP C 436 -9.82 -26.57 -25.91
C ASP C 436 -9.37 -27.55 -26.98
N VAL C 437 -8.22 -27.29 -27.60
CA VAL C 437 -7.67 -28.21 -28.59
C VAL C 437 -6.85 -29.31 -27.91
N THR C 438 -6.49 -30.35 -28.65
CA THR C 438 -5.78 -31.49 -28.07
C THR C 438 -4.31 -31.18 -27.78
N SER C 439 -3.86 -31.47 -26.57
CA SER C 439 -2.47 -31.22 -26.20
C SER C 439 -1.56 -32.37 -26.62
N PHE C 440 -0.30 -32.07 -26.87
CA PHE C 440 0.69 -33.11 -27.13
C PHE C 440 1.17 -33.63 -25.79
N PRO C 441 0.79 -34.87 -25.46
CA PRO C 441 1.05 -35.50 -24.16
C PRO C 441 2.54 -35.54 -23.80
N LEU C 442 3.40 -35.47 -24.79
CA LEU C 442 4.83 -35.58 -24.54
C LEU C 442 5.47 -34.28 -24.09
N ALA C 443 4.85 -33.14 -24.40
CA ALA C 443 5.42 -31.85 -24.06
C ALA C 443 5.66 -31.77 -22.56
N PRO C 444 6.92 -31.56 -22.15
CA PRO C 444 7.24 -31.59 -20.71
C PRO C 444 6.36 -30.65 -19.88
N PHE C 445 6.03 -29.47 -20.41
CA PHE C 445 5.17 -28.58 -19.63
C PHE C 445 3.73 -29.13 -19.54
N VAL C 446 3.40 -30.09 -20.40
CA VAL C 446 2.12 -30.77 -20.31
C VAL C 446 2.19 -31.94 -19.35
N SER C 447 3.12 -32.85 -19.57
CA SER C 447 3.15 -34.08 -18.77
C SER C 447 3.61 -33.87 -17.32
N GLN C 448 4.30 -32.76 -17.05
CA GLN C 448 4.71 -32.43 -15.69
C GLN C 448 3.80 -31.38 -15.07
N SER C 449 2.55 -31.36 -15.51
CA SER C 449 1.54 -30.49 -14.92
C SER C 449 0.22 -31.24 -14.85
N SER C 450 -0.79 -30.63 -14.24
CA SER C 450 -2.10 -31.26 -14.12
C SER C 450 -2.78 -31.36 -15.49
N ARG C 451 -2.21 -30.66 -16.47
CA ARG C 451 -2.70 -30.68 -17.82
C ARG C 451 -2.52 -32.07 -18.44
N SER C 452 -1.76 -32.93 -17.77
CA SER C 452 -1.56 -34.29 -18.22
C SER C 452 -2.83 -35.13 -18.01
N LYS C 453 -3.71 -34.66 -17.14
CA LYS C 453 -4.99 -35.29 -16.92
C LYS C 453 -6.06 -34.84 -17.92
N THR C 454 -6.18 -33.53 -18.10
CA THR C 454 -7.19 -32.98 -19.00
C THR C 454 -6.77 -33.17 -20.46
N MET C 455 -5.46 -33.05 -20.71
CA MET C 455 -4.90 -33.19 -22.06
C MET C 455 -5.51 -32.24 -23.07
N LYS C 456 -5.95 -31.09 -22.59
CA LYS C 456 -6.52 -30.07 -23.46
C LYS C 456 -5.77 -28.76 -23.31
N GLY C 457 -5.70 -27.98 -24.38
CA GLY C 457 -5.14 -26.63 -24.33
C GLY C 457 -3.63 -26.53 -24.21
N GLY C 458 -3.16 -25.31 -24.00
CA GLY C 458 -1.75 -25.06 -23.80
C GLY C 458 -1.04 -24.81 -25.11
N LYS C 459 -1.81 -24.49 -26.13
CA LYS C 459 -1.23 -24.16 -27.43
C LYS C 459 -1.47 -22.69 -27.71
N CYS C 460 -0.69 -22.13 -28.61
CA CYS C 460 -0.96 -20.76 -28.99
C CYS C 460 -0.45 -20.44 -30.37
N VAL C 461 -1.06 -19.44 -30.98
CA VAL C 461 -0.57 -18.85 -32.19
C VAL C 461 0.06 -17.50 -31.82
N THR C 462 1.31 -17.29 -32.19
CA THR C 462 1.98 -16.05 -31.85
C THR C 462 2.16 -15.15 -33.06
N ASN C 463 1.61 -13.95 -33.01
CA ASN C 463 1.66 -13.05 -34.15
C ASN C 463 2.95 -12.26 -34.17
N CYS C 464 3.83 -12.55 -35.12
CA CYS C 464 5.06 -11.79 -35.22
C CYS C 464 5.08 -11.00 -36.50
N ILE C 465 3.90 -10.58 -36.95
CA ILE C 465 3.76 -9.67 -38.09
C ILE C 465 3.28 -8.31 -37.59
N PHE C 466 4.03 -7.26 -37.88
CA PHE C 466 3.62 -5.91 -37.48
C PHE C 466 2.22 -5.61 -37.99
N ARG C 467 1.42 -4.89 -37.22
CA ARG C 467 0.05 -4.63 -37.62
C ARG C 467 -0.03 -3.90 -38.96
N GLN C 468 0.90 -2.98 -39.20
CA GLN C 468 0.91 -2.24 -40.46
C GLN C 468 1.13 -3.19 -41.66
N GLN C 469 1.86 -4.28 -41.43
CA GLN C 469 2.14 -5.24 -42.49
C GLN C 469 0.88 -5.98 -42.92
N TYR C 470 -0.21 -5.83 -42.16
CA TYR C 470 -1.50 -6.40 -42.56
C TYR C 470 -2.18 -5.52 -43.60
N GLU C 471 -1.71 -4.28 -43.75
CA GLU C 471 -2.43 -3.37 -44.62
C GLU C 471 -1.66 -3.01 -45.87
N ARG C 472 -0.41 -2.60 -45.68
CA ARG C 472 0.37 -2.07 -46.79
C ARG C 472 1.84 -2.41 -46.66
N SER C 473 2.59 -2.07 -47.70
CA SER C 473 4.03 -2.17 -47.66
C SER C 473 4.56 -1.42 -46.45
N PHE C 474 5.57 -1.94 -45.80
CA PHE C 474 6.07 -1.32 -44.59
C PHE C 474 7.58 -1.40 -44.67
N ASP C 475 8.20 -0.28 -45.02
CA ASP C 475 9.63 -0.23 -45.28
C ASP C 475 10.42 0.12 -44.02
N TYR C 476 11.28 -0.80 -43.57
CA TYR C 476 12.20 -0.53 -42.49
C TYR C 476 13.56 -1.12 -42.89
N ILE C 477 14.61 -0.71 -42.19
CA ILE C 477 15.94 -1.23 -42.45
C ILE C 477 16.30 -2.33 -41.46
N THR C 478 16.68 -3.49 -41.96
CA THR C 478 17.23 -4.52 -41.09
C THR C 478 18.69 -4.18 -40.82
N CYS C 479 19.05 -3.94 -39.56
CA CYS C 479 20.35 -3.37 -39.26
C CYS C 479 21.43 -4.43 -39.03
N ASN C 480 21.73 -5.22 -40.05
CA ASN C 480 22.93 -6.04 -40.02
C ASN C 480 23.82 -5.75 -41.24
N PHE C 481 24.83 -6.56 -41.49
CA PHE C 481 25.75 -6.29 -42.60
C PHE C 481 25.15 -6.68 -43.96
N GLU C 482 24.69 -7.92 -44.12
CA GLU C 482 24.21 -8.36 -45.44
C GLU C 482 22.89 -7.71 -45.90
N LYS C 483 22.09 -7.19 -44.99
CA LYS C 483 20.79 -6.68 -45.40
C LYS C 483 20.64 -5.19 -45.14
N GLY C 484 21.55 -4.61 -44.36
CA GLY C 484 21.43 -3.21 -44.02
C GLY C 484 21.99 -2.26 -45.06
N TYR C 485 22.85 -2.77 -45.93
CA TYR C 485 23.62 -1.94 -46.83
C TYR C 485 23.42 -2.33 -48.27
N PRO C 486 23.53 -1.36 -49.18
CA PRO C 486 23.42 -1.59 -50.62
C PRO C 486 24.30 -2.74 -51.08
N LYS C 487 23.77 -3.57 -51.97
CA LYS C 487 24.59 -4.58 -52.59
C LYS C 487 25.64 -3.78 -53.31
N GLY C 488 26.87 -4.22 -53.27
CA GLY C 488 27.89 -3.40 -53.89
C GLY C 488 28.74 -2.80 -52.81
N LEU C 489 28.12 -2.15 -51.83
CA LEU C 489 28.88 -1.79 -50.65
C LEU C 489 29.25 -3.08 -49.97
N VAL C 490 28.26 -3.97 -49.79
CA VAL C 490 28.51 -5.31 -49.29
C VAL C 490 29.60 -6.00 -50.10
N ASP C 491 29.43 -6.06 -51.42
CA ASP C 491 30.40 -6.68 -52.31
C ASP C 491 31.81 -6.08 -52.14
N LYS C 492 31.91 -4.76 -52.14
CA LYS C 492 33.19 -4.09 -51.95
C LYS C 492 33.86 -4.42 -50.62
N VAL C 493 33.09 -4.34 -49.53
CA VAL C 493 33.63 -4.63 -48.21
C VAL C 493 34.14 -6.07 -48.14
N ASN C 494 33.35 -7.00 -48.68
CA ASN C 494 33.78 -8.38 -48.79
C ASN C 494 35.03 -8.58 -49.62
N GLU C 495 35.13 -7.83 -50.71
CA GLU C 495 36.28 -7.92 -51.60
C GLU C 495 37.56 -7.49 -50.89
N ASN C 496 37.48 -6.33 -50.25
CA ASN C 496 38.61 -5.69 -49.61
C ASN C 496 38.90 -6.22 -48.21
N TRP C 497 38.13 -7.19 -47.76
CA TRP C 497 38.17 -7.60 -46.35
C TRP C 497 39.58 -8.05 -45.91
N LYS C 498 40.25 -8.85 -46.75
CA LYS C 498 41.61 -9.28 -46.41
C LYS C 498 42.61 -8.15 -46.59
N ARG C 499 42.32 -7.26 -47.53
CA ARG C 499 43.14 -6.09 -47.77
C ARG C 499 43.11 -5.13 -46.58
N TYR C 500 41.97 -5.02 -45.90
CA TYR C 500 41.85 -4.19 -44.70
C TYR C 500 42.79 -4.70 -43.60
N GLY C 501 42.91 -6.01 -43.49
CA GLY C 501 43.71 -6.58 -42.42
C GLY C 501 43.09 -7.81 -41.80
N TYR C 502 41.82 -8.06 -42.10
CA TYR C 502 41.14 -9.19 -41.51
C TYR C 502 41.58 -10.49 -42.14
N LYS C 503 41.62 -11.56 -41.37
CA LYS C 503 41.95 -12.88 -41.92
C LYS C 503 40.95 -13.39 -42.95
N LYS D 3 24.03 8.60 -0.99
CA LYS D 3 23.35 8.36 0.28
C LYS D 3 24.08 7.31 1.10
N LEU D 4 24.85 7.79 2.08
CA LEU D 4 25.54 6.92 3.01
C LEU D 4 24.55 6.29 3.98
N ASN D 5 24.88 5.12 4.49
CA ASN D 5 24.01 4.45 5.45
C ASN D 5 24.86 3.93 6.60
N PRO D 6 25.23 4.83 7.53
CA PRO D 6 26.21 4.55 8.58
C PRO D 6 25.68 3.57 9.61
N ALA D 7 24.37 3.44 9.71
CA ALA D 7 23.79 2.51 10.68
C ALA D 7 23.96 1.08 10.24
N LEU D 8 23.87 0.87 8.94
CA LEU D 8 23.93 -0.46 8.36
C LEU D 8 25.36 -0.86 7.97
N GLU D 9 26.23 0.12 7.73
CA GLU D 9 27.55 -0.17 7.16
C GLU D 9 28.69 0.52 7.89
N PHE D 10 29.61 -0.28 8.42
CA PHE D 10 30.71 0.24 9.21
C PHE D 10 31.52 1.26 8.42
N ARG D 11 31.67 1.02 7.13
CA ARG D 11 32.47 1.90 6.33
C ARG D 11 31.72 3.12 5.84
N ASP D 12 30.39 3.08 5.82
CA ASP D 12 29.62 4.29 5.59
C ASP D 12 29.74 5.17 6.83
N PHE D 13 29.85 4.51 7.97
CA PHE D 13 30.04 5.18 9.25
C PHE D 13 31.38 5.90 9.27
N ILE D 14 32.43 5.22 8.82
CA ILE D 14 33.75 5.81 8.80
C ILE D 14 33.76 7.00 7.86
N GLN D 15 33.04 6.87 6.75
CA GLN D 15 32.97 7.93 5.76
C GLN D 15 32.18 9.16 6.23
N VAL D 16 31.08 8.97 6.96
CA VAL D 16 30.32 10.15 7.40
C VAL D 16 31.11 10.90 8.44
N LEU D 17 31.96 10.21 9.18
CA LEU D 17 32.81 10.88 10.14
C LEU D 17 33.80 11.76 9.38
N LYS D 18 34.34 11.23 8.29
CA LYS D 18 35.22 11.98 7.42
C LYS D 18 34.54 13.23 6.87
N ASP D 19 33.30 13.07 6.40
CA ASP D 19 32.57 14.19 5.80
C ASP D 19 32.32 15.30 6.81
N GLU D 20 32.42 14.97 8.09
CA GLU D 20 32.10 15.90 9.16
C GLU D 20 33.36 16.33 9.88
N ASP D 21 34.50 15.98 9.31
CA ASP D 21 35.78 16.29 9.92
C ASP D 21 35.81 15.78 11.34
N ASP D 22 35.23 14.61 11.55
CA ASP D 22 35.20 13.99 12.85
C ASP D 22 36.10 12.78 12.84
N LEU D 23 37.06 12.74 11.93
CA LEU D 23 37.98 11.59 11.89
C LEU D 23 39.32 11.96 11.30
N ILE D 24 40.38 11.47 11.93
CA ILE D 24 41.73 11.78 11.53
C ILE D 24 42.41 10.50 11.11
N GLU D 25 42.84 10.42 9.86
CA GLU D 25 43.59 9.28 9.39
C GLU D 25 45.05 9.49 9.70
N ILE D 26 45.57 8.69 10.62
CA ILE D 26 46.97 8.83 10.99
C ILE D 26 47.78 7.89 10.14
N THR D 27 48.56 8.45 9.22
CA THR D 27 49.22 7.64 8.21
C THR D 27 50.63 7.28 8.62
N GLU D 28 51.21 8.02 9.57
CA GLU D 28 52.53 7.65 10.06
C GLU D 28 52.44 6.40 10.94
N GLU D 29 53.56 5.69 11.08
CA GLU D 29 53.59 4.47 11.87
C GLU D 29 53.28 4.72 13.34
N ILE D 30 52.32 3.96 13.87
CA ILE D 30 51.92 4.05 15.27
C ILE D 30 52.02 2.67 15.92
N ASP D 31 52.65 2.61 17.07
CA ASP D 31 52.77 1.35 17.81
C ASP D 31 51.44 0.99 18.45
N PRO D 32 50.95 -0.24 18.24
CA PRO D 32 49.77 -0.76 18.95
C PRO D 32 50.03 -0.96 20.45
N ASN D 33 51.29 -1.09 20.81
CA ASN D 33 51.75 -1.09 22.21
C ASN D 33 51.73 0.32 22.81
N LEU D 34 50.72 0.58 23.64
CA LEU D 34 50.44 1.82 24.38
C LEU D 34 50.08 3.06 23.54
N GLU D 35 50.78 3.29 22.43
CA GLU D 35 50.57 4.53 21.67
C GLU D 35 49.16 4.67 21.14
N VAL D 36 48.59 3.61 20.59
CA VAL D 36 47.20 3.64 20.13
C VAL D 36 46.31 4.07 21.27
N GLY D 37 46.51 3.47 22.43
CA GLY D 37 45.67 3.79 23.58
C GLY D 37 45.80 5.20 24.11
N ALA D 38 47.05 5.66 24.21
CA ALA D 38 47.34 7.01 24.68
C ALA D 38 46.72 8.04 23.76
N ILE D 39 46.81 7.80 22.46
CA ILE D 39 46.25 8.73 21.49
C ILE D 39 44.73 8.76 21.60
N MET D 40 44.14 7.58 21.78
CA MET D 40 42.69 7.47 21.96
C MET D 40 42.23 8.19 23.22
N ARG D 41 42.97 8.03 24.31
CA ARG D 41 42.64 8.71 25.55
C ARG D 41 42.65 10.22 25.42
N LYS D 42 43.64 10.78 24.72
CA LYS D 42 43.73 12.23 24.65
C LYS D 42 42.56 12.76 23.86
N ALA D 43 42.20 12.01 22.83
CA ALA D 43 41.04 12.33 22.00
C ALA D 43 39.69 12.25 22.71
N TYR D 44 39.43 11.15 23.42
CA TYR D 44 38.22 11.06 24.25
C TYR D 44 38.06 12.27 25.18
N GLU D 45 39.14 12.61 25.86
CA GLU D 45 39.08 13.53 26.99
C GLU D 45 38.95 14.98 26.58
N SER D 46 39.21 15.30 25.31
CA SER D 46 39.00 16.66 24.85
C SER D 46 37.90 16.72 23.80
N HIS D 47 37.19 15.59 23.66
CA HIS D 47 36.10 15.47 22.72
C HIS D 47 36.59 15.76 21.31
N LEU D 48 37.66 15.08 20.92
CA LEU D 48 38.32 15.35 19.66
C LEU D 48 37.94 14.28 18.61
N PRO D 49 38.22 14.55 17.32
CA PRO D 49 37.96 13.58 16.25
C PRO D 49 38.52 12.18 16.51
N ALA D 50 37.83 11.18 15.95
CA ALA D 50 38.24 9.80 16.12
C ALA D 50 39.50 9.53 15.33
N PRO D 51 40.46 8.86 15.95
CA PRO D 51 41.66 8.45 15.24
C PRO D 51 41.44 7.16 14.45
N LEU D 52 41.82 7.17 13.19
CA LEU D 52 41.86 5.94 12.40
C LEU D 52 43.32 5.67 12.05
N PHE D 53 43.91 4.69 12.72
CA PHE D 53 45.31 4.34 12.52
C PHE D 53 45.48 3.46 11.28
N LYS D 54 45.88 4.07 10.18
CA LYS D 54 46.03 3.38 8.93
C LYS D 54 47.37 2.63 8.85
N ASN D 55 48.28 2.88 9.77
CA ASN D 55 49.63 2.31 9.65
C ASN D 55 50.21 1.86 10.98
N LEU D 56 49.84 0.65 11.40
CA LEU D 56 50.28 0.11 12.68
C LEU D 56 51.55 -0.69 12.53
N LYS D 57 52.46 -0.49 13.46
CA LYS D 57 53.64 -1.33 13.52
C LYS D 57 53.25 -2.81 13.68
N GLY D 58 53.83 -3.67 12.85
CA GLY D 58 53.61 -5.09 12.95
C GLY D 58 52.46 -5.59 12.09
N ALA D 59 51.87 -4.68 11.32
CA ALA D 59 50.66 -4.99 10.56
C ALA D 59 50.96 -5.47 9.14
N SER D 60 50.09 -6.32 8.61
CA SER D 60 50.15 -6.67 7.19
C SER D 60 49.23 -5.74 6.43
N LYS D 61 49.09 -5.99 5.14
CA LYS D 61 48.26 -5.15 4.27
C LYS D 61 46.80 -5.16 4.71
N ASP D 62 46.30 -6.35 5.01
CA ASP D 62 44.88 -6.51 5.26
C ASP D 62 44.54 -6.51 6.73
N LEU D 63 45.49 -6.91 7.57
CA LEU D 63 45.25 -7.03 9.01
C LEU D 63 46.29 -6.25 9.84
N PHE D 64 45.89 -5.15 10.48
CA PHE D 64 44.67 -4.41 10.24
C PHE D 64 44.89 -2.93 10.60
N SER D 65 43.93 -2.09 10.26
CA SER D 65 43.90 -0.76 10.79
C SER D 65 43.12 -0.77 12.09
N ILE D 66 43.12 0.37 12.77
CA ILE D 66 42.32 0.53 13.97
C ILE D 66 41.53 1.84 13.91
N LEU D 67 40.22 1.74 14.13
CA LEU D 67 39.41 2.93 14.37
C LEU D 67 39.17 3.07 15.88
N GLY D 68 39.64 4.17 16.47
CA GLY D 68 39.49 4.38 17.90
C GLY D 68 38.32 5.29 18.20
N CYS D 69 37.77 5.21 19.41
CA CYS D 69 36.70 6.12 19.82
C CYS D 69 35.43 6.14 18.93
N PRO D 70 34.93 4.96 18.49
CA PRO D 70 33.80 4.86 17.57
C PRO D 70 32.51 5.49 18.10
N ALA D 71 32.37 5.53 19.41
CA ALA D 71 31.34 6.37 20.02
C ALA D 71 32.09 7.36 20.87
N GLY D 72 31.47 7.99 21.85
CA GLY D 72 32.23 9.03 22.51
C GLY D 72 32.22 10.35 21.77
N LEU D 73 32.49 11.43 22.51
CA LEU D 73 31.98 12.74 22.19
C LEU D 73 32.88 13.68 21.35
N ARG D 74 32.23 14.70 20.80
CA ARG D 74 32.88 15.65 19.92
C ARG D 74 32.26 17.01 20.17
N SER D 75 32.76 18.04 19.49
CA SER D 75 32.33 19.40 19.78
C SER D 75 30.85 19.61 19.53
N LYS D 76 30.28 20.58 20.22
CA LYS D 76 28.85 20.82 20.21
C LYS D 76 28.34 21.29 18.86
N GLU D 77 29.19 22.01 18.13
CA GLU D 77 28.79 22.52 16.83
C GLU D 77 28.43 21.39 15.85
N LYS D 78 29.14 20.28 15.95
CA LYS D 78 28.92 19.14 15.06
C LYS D 78 27.78 18.23 15.48
N GLY D 79 27.24 18.47 16.68
CA GLY D 79 26.38 17.51 17.36
C GLY D 79 27.24 16.62 18.25
N ASP D 80 27.23 16.89 19.55
CA ASP D 80 28.23 16.29 20.43
C ASP D 80 28.08 14.80 20.57
N HIS D 81 26.85 14.31 20.44
CA HIS D 81 26.60 12.88 20.38
C HIS D 81 26.47 12.38 18.95
N GLY D 82 27.05 13.10 17.99
CA GLY D 82 26.90 12.76 16.59
C GLY D 82 27.27 11.33 16.26
N ARG D 83 28.27 10.80 16.95
CA ARG D 83 28.76 9.49 16.63
C ARG D 83 27.79 8.42 17.06
N ILE D 84 27.07 8.69 18.14
CA ILE D 84 26.08 7.76 18.66
C ILE D 84 24.87 7.81 17.74
N ALA D 85 24.52 9.02 17.33
CA ALA D 85 23.45 9.22 16.37
C ALA D 85 23.68 8.46 15.06
N HIS D 86 24.92 8.44 14.57
CA HIS D 86 25.21 7.72 13.32
C HIS D 86 25.11 6.20 13.48
N HIS D 87 25.27 5.68 14.70
CA HIS D 87 25.01 4.25 14.89
C HIS D 87 23.55 3.90 14.65
N LEU D 88 22.68 4.91 14.73
CA LEU D 88 21.24 4.70 14.63
C LEU D 88 20.67 5.29 13.35
N GLY D 89 21.52 5.87 12.52
CA GLY D 89 21.05 6.54 11.33
C GLY D 89 20.30 7.82 11.59
N LEU D 90 20.51 8.47 12.74
CA LEU D 90 19.82 9.73 13.06
C LEU D 90 20.60 10.95 12.60
N ASP D 91 19.91 12.07 12.43
CA ASP D 91 20.57 13.36 12.23
C ASP D 91 21.66 13.52 13.28
N PRO D 92 22.86 13.94 12.85
CA PRO D 92 23.95 13.96 13.82
C PRO D 92 23.83 15.05 14.90
N LYS D 93 22.93 16.01 14.74
CA LYS D 93 22.71 17.00 15.78
C LYS D 93 21.60 16.60 16.76
N THR D 94 21.14 15.37 16.66
CA THR D 94 20.14 14.86 17.61
C THR D 94 20.72 14.85 19.03
N THR D 95 19.98 15.38 20.00
CA THR D 95 20.40 15.34 21.41
C THR D 95 20.34 13.93 21.97
N ILE D 96 21.04 13.72 23.08
CA ILE D 96 21.07 12.40 23.71
C ILE D 96 19.68 12.01 24.26
N LYS D 97 18.89 13.00 24.68
CA LYS D 97 17.51 12.77 25.10
C LYS D 97 16.66 12.21 23.96
N GLU D 98 16.76 12.85 22.80
CA GLU D 98 16.07 12.39 21.60
C GLU D 98 16.55 11.02 21.13
N ILE D 99 17.83 10.72 21.36
CA ILE D 99 18.38 9.42 21.02
C ILE D 99 17.78 8.34 21.90
N ILE D 100 17.58 8.67 23.16
CA ILE D 100 16.98 7.75 24.10
C ILE D 100 15.52 7.54 23.74
N ASP D 101 14.84 8.62 23.37
CA ASP D 101 13.43 8.51 23.01
C ASP D 101 13.25 7.74 21.70
N TYR D 102 14.21 7.87 20.80
CA TYR D 102 14.16 7.10 19.56
C TYR D 102 14.39 5.62 19.85
N LEU D 103 15.28 5.32 20.79
CA LEU D 103 15.53 3.93 21.15
C LEU D 103 14.28 3.29 21.75
N LEU D 104 13.52 4.05 22.55
CA LEU D 104 12.26 3.58 23.12
C LEU D 104 11.18 3.32 22.09
N GLU D 105 11.10 4.19 21.09
CA GLU D 105 10.10 4.13 20.06
C GLU D 105 10.29 2.92 19.18
N CYS D 106 11.52 2.42 19.15
CA CYS D 106 11.89 1.31 18.27
C CYS D 106 11.29 -0.01 18.74
N LYS D 107 10.90 -0.07 20.01
CA LYS D 107 10.17 -1.22 20.50
C LYS D 107 8.80 -1.34 19.81
N GLU D 108 8.35 -0.27 19.16
CA GLU D 108 7.06 -0.22 18.49
C GLU D 108 7.11 -0.73 17.04
N LYS D 109 8.29 -0.66 16.44
CA LYS D 109 8.47 -0.91 15.01
C LYS D 109 8.58 -2.38 14.71
N GLU D 110 8.32 -2.74 13.46
CA GLU D 110 8.40 -4.12 13.00
C GLU D 110 9.84 -4.63 12.94
N PRO D 111 10.13 -5.69 13.70
CA PRO D 111 11.48 -6.24 13.59
C PRO D 111 11.66 -6.92 12.24
N LEU D 112 12.67 -6.50 11.50
CA LEU D 112 12.99 -7.14 10.25
C LEU D 112 14.07 -8.17 10.50
N PRO D 113 13.82 -9.41 10.07
CA PRO D 113 14.77 -10.48 10.34
C PRO D 113 15.95 -10.35 9.39
N PRO D 114 17.12 -10.84 9.80
CA PRO D 114 18.28 -10.88 8.91
C PRO D 114 17.94 -11.65 7.63
N ILE D 115 18.74 -11.42 6.58
CA ILE D 115 18.50 -12.02 5.29
C ILE D 115 19.80 -12.61 4.77
N THR D 116 19.76 -13.85 4.30
CA THR D 116 20.99 -14.48 3.86
C THR D 116 21.34 -14.06 2.44
N VAL D 117 22.61 -13.73 2.24
CA VAL D 117 23.13 -13.27 0.97
C VAL D 117 24.19 -14.28 0.57
N PRO D 118 24.39 -14.52 -0.73
CA PRO D 118 25.44 -15.46 -1.12
C PRO D 118 26.83 -15.02 -0.65
N VAL D 119 27.71 -15.99 -0.43
CA VAL D 119 29.09 -15.78 -0.06
C VAL D 119 29.82 -14.78 -0.95
N SER D 120 29.59 -14.88 -2.24
CA SER D 120 30.29 -14.04 -3.21
C SER D 120 30.01 -12.57 -2.97
N SER D 121 28.84 -12.25 -2.44
CA SER D 121 28.50 -10.85 -2.20
C SER D 121 28.76 -10.41 -0.76
N ALA D 122 29.42 -11.25 0.02
CA ALA D 122 29.73 -10.92 1.41
C ALA D 122 31.20 -10.54 1.61
N PRO D 123 31.49 -9.24 1.80
CA PRO D 123 32.85 -8.70 1.99
C PRO D 123 33.69 -9.44 3.03
N CYS D 124 33.07 -9.80 4.13
CA CYS D 124 33.77 -10.55 5.17
C CYS D 124 34.37 -11.86 4.66
N LYS D 125 33.86 -12.37 3.55
CA LYS D 125 34.36 -13.61 2.97
C LYS D 125 35.45 -13.43 1.92
N THR D 126 35.99 -12.23 1.78
CA THR D 126 37.01 -11.99 0.76
C THR D 126 38.23 -12.86 0.99
N HIS D 127 38.71 -12.93 2.22
CA HIS D 127 39.84 -13.78 2.54
C HIS D 127 39.42 -14.80 3.57
N ILE D 128 39.90 -16.03 3.45
CA ILE D 128 39.55 -17.07 4.38
C ILE D 128 40.79 -17.82 4.85
N LEU D 129 41.01 -17.85 6.18
CA LEU D 129 42.10 -18.58 6.78
C LEU D 129 41.61 -19.87 7.44
N SER D 130 42.28 -20.98 7.16
CA SER D 130 42.00 -22.24 7.85
C SER D 130 42.78 -22.27 9.16
N GLU D 131 42.68 -23.37 9.90
CA GLU D 131 43.24 -23.45 11.24
C GLU D 131 44.75 -23.23 11.27
N GLU D 132 45.42 -23.79 10.28
CA GLU D 132 46.88 -23.79 10.24
C GLU D 132 47.40 -22.38 10.11
N LYS D 133 46.59 -21.51 9.51
CA LYS D 133 47.00 -20.14 9.20
C LYS D 133 46.67 -19.14 10.30
N ILE D 134 46.01 -19.61 11.36
CA ILE D 134 45.65 -18.73 12.46
C ILE D 134 46.84 -18.48 13.36
N HIS D 135 47.27 -17.22 13.44
CA HIS D 135 48.36 -16.82 14.33
C HIS D 135 48.04 -15.50 15.03
N LEU D 136 47.34 -15.59 16.16
CA LEU D 136 46.85 -14.42 16.84
C LEU D 136 47.97 -13.50 17.35
N GLN D 137 49.11 -14.07 17.73
CA GLN D 137 50.23 -13.25 18.20
C GLN D 137 50.86 -12.44 17.06
N SER D 138 50.51 -12.77 15.83
CA SER D 138 51.06 -12.06 14.68
CA SER D 138 51.06 -12.06 14.68
C SER D 138 50.21 -10.84 14.33
N LEU D 139 49.06 -10.69 14.99
CA LEU D 139 48.19 -9.55 14.76
C LEU D 139 48.70 -8.35 15.54
N PRO D 140 48.49 -7.13 15.02
CA PRO D 140 48.91 -5.93 15.75
C PRO D 140 47.86 -5.51 16.77
N THR D 141 47.49 -6.47 17.63
CA THR D 141 46.56 -6.25 18.73
C THR D 141 47.07 -5.14 19.67
N PRO D 142 46.20 -4.19 20.01
CA PRO D 142 46.64 -3.09 20.86
C PRO D 142 46.83 -3.53 22.31
N TYR D 143 47.83 -2.94 22.94
CA TYR D 143 48.03 -3.06 24.37
C TYR D 143 47.60 -1.70 24.92
N LEU D 144 46.41 -1.64 25.53
CA LEU D 144 45.71 -0.37 25.64
C LEU D 144 46.04 0.45 26.89
N HIS D 145 46.32 -0.20 28.00
CA HIS D 145 46.60 0.50 29.26
C HIS D 145 47.89 -0.04 29.83
N VAL D 146 48.60 0.79 30.58
CA VAL D 146 49.73 0.32 31.35
C VAL D 146 49.19 -0.67 32.38
N SER D 147 49.85 -1.82 32.48
CA SER D 147 49.57 -2.88 33.45
C SER D 147 48.36 -3.74 33.13
N ASP D 148 47.82 -3.61 31.93
CA ASP D 148 46.87 -4.60 31.41
C ASP D 148 47.54 -5.96 31.36
N GLY D 149 46.76 -7.02 31.58
CA GLY D 149 47.29 -8.36 31.67
C GLY D 149 47.61 -8.96 30.32
N GLY D 150 47.26 -8.24 29.27
CA GLY D 150 47.51 -8.70 27.91
C GLY D 150 46.98 -7.73 26.89
N LYS D 151 47.18 -8.07 25.62
CA LYS D 151 46.64 -7.33 24.49
C LYS D 151 45.18 -7.69 24.28
N TYR D 152 44.35 -6.67 24.13
CA TYR D 152 42.92 -6.90 24.02
C TYR D 152 42.40 -6.69 22.59
N LEU D 153 42.13 -7.80 21.92
CA LEU D 153 41.60 -7.79 20.56
C LEU D 153 40.13 -7.42 20.60
N GLN D 154 39.40 -7.94 21.57
CA GLN D 154 37.96 -7.72 21.60
C GLN D 154 37.53 -6.66 22.62
N THR D 155 37.19 -5.48 22.12
CA THR D 155 36.69 -4.40 22.95
C THR D 155 35.51 -3.73 22.30
N TYR D 156 35.34 -3.91 20.99
CA TYR D 156 34.21 -3.32 20.27
C TYR D 156 33.79 -4.25 19.15
N GLY D 157 33.79 -5.54 19.44
CA GLY D 157 33.31 -6.55 18.54
C GLY D 157 32.07 -7.21 19.11
N MET D 158 31.55 -8.18 18.38
CA MET D 158 30.32 -8.83 18.74
C MET D 158 30.58 -10.32 18.88
N TRP D 159 30.42 -10.86 20.08
CA TRP D 159 30.44 -12.31 20.27
C TRP D 159 29.11 -12.88 19.81
N ILE D 160 29.13 -14.05 19.21
CA ILE D 160 27.89 -14.68 18.76
C ILE D 160 27.84 -16.13 19.23
N LEU D 161 26.76 -16.51 19.90
CA LEU D 161 26.63 -17.88 20.43
C LEU D 161 25.23 -18.39 20.18
N GLN D 162 25.09 -19.70 19.96
CA GLN D 162 23.77 -20.25 19.67
C GLN D 162 23.57 -21.59 20.33
N THR D 163 22.32 -21.88 20.67
CA THR D 163 21.94 -23.19 21.15
C THR D 163 22.04 -24.17 19.99
N PRO D 164 22.34 -25.44 20.30
CA PRO D 164 22.36 -26.47 19.23
C PRO D 164 21.06 -26.52 18.43
N ASP D 165 19.91 -26.34 19.08
CA ASP D 165 18.62 -26.32 18.38
C ASP D 165 18.49 -25.13 17.42
N LYS D 166 19.44 -24.23 17.47
CA LYS D 166 19.55 -23.14 16.50
C LYS D 166 18.35 -22.20 16.45
N LYS D 167 17.74 -21.90 17.60
CA LYS D 167 16.89 -20.72 17.67
C LYS D 167 16.94 -20.05 19.03
N TRP D 168 18.16 -19.94 19.55
CA TRP D 168 18.48 -18.87 20.47
C TRP D 168 19.84 -18.29 20.06
N THR D 169 19.79 -17.09 19.48
CA THR D 169 21.01 -16.38 19.09
C THR D 169 21.36 -15.35 20.15
N ASN D 170 22.60 -15.41 20.63
CA ASN D 170 23.13 -14.41 21.56
C ASN D 170 24.13 -13.51 20.85
N TRP D 171 23.83 -12.21 20.82
CA TRP D 171 24.77 -11.22 20.31
C TRP D 171 25.29 -10.38 21.49
N SER D 172 26.60 -10.49 21.77
CA SER D 172 27.17 -9.94 23.01
C SER D 172 28.49 -9.16 22.85
N ILE D 173 28.76 -8.28 23.80
CA ILE D 173 30.05 -7.62 23.92
C ILE D 173 30.57 -7.83 25.33
N ALA D 174 31.86 -8.10 25.40
CA ALA D 174 32.51 -8.51 26.64
C ALA D 174 33.97 -8.60 26.26
N ARG D 175 34.85 -8.13 27.12
CA ARG D 175 36.22 -7.94 26.73
C ARG D 175 36.92 -9.26 26.47
N GLY D 176 37.78 -9.26 25.47
CA GLY D 176 38.46 -10.47 25.07
C GLY D 176 39.93 -10.24 24.90
N MET D 177 40.71 -11.06 25.59
CA MET D 177 42.16 -10.89 25.68
C MET D 177 42.85 -12.03 24.96
N VAL D 178 43.91 -11.75 24.21
CA VAL D 178 44.62 -12.80 23.49
C VAL D 178 45.50 -13.55 24.47
N VAL D 179 45.41 -14.87 24.45
CA VAL D 179 46.16 -15.70 25.38
C VAL D 179 47.42 -16.22 24.72
N ASP D 180 47.26 -16.80 23.53
CA ASP D 180 48.39 -17.29 22.77
C ASP D 180 48.04 -17.26 21.29
N ASP D 181 48.83 -17.96 20.48
CA ASP D 181 48.64 -17.90 19.04
C ASP D 181 47.26 -18.40 18.56
N LYS D 182 46.58 -19.20 19.37
CA LYS D 182 45.28 -19.75 18.96
C LYS D 182 44.11 -19.38 19.90
N HIS D 183 44.38 -18.79 21.05
CA HIS D 183 43.35 -18.69 22.09
C HIS D 183 43.02 -17.29 22.59
N ILE D 184 41.77 -17.11 23.02
CA ILE D 184 41.28 -15.84 23.50
C ILE D 184 40.45 -16.12 24.74
N THR D 185 40.63 -15.32 25.79
CA THR D 185 39.83 -15.47 27.01
C THR D 185 38.92 -14.28 27.20
N GLY D 186 37.70 -14.55 27.64
CA GLY D 186 36.69 -13.52 27.78
C GLY D 186 36.11 -13.45 29.18
N LEU D 187 36.10 -12.24 29.73
CA LEU D 187 35.55 -12.02 31.06
C LEU D 187 34.04 -12.25 31.07
N VAL D 188 33.53 -12.95 32.07
CA VAL D 188 32.08 -13.09 32.19
C VAL D 188 31.52 -12.31 33.40
N ASN D 208 32.17 -28.02 26.21
CA ASN D 208 33.40 -28.60 25.67
C ASN D 208 33.82 -27.93 24.37
N GLU D 209 32.88 -27.86 23.43
CA GLU D 209 33.16 -27.40 22.07
C GLU D 209 32.03 -26.50 21.58
N ILE D 210 31.63 -25.55 22.41
CA ILE D 210 30.60 -24.59 22.06
C ILE D 210 31.02 -23.70 20.90
N PRO D 211 30.27 -23.74 19.80
CA PRO D 211 30.61 -22.86 18.66
C PRO D 211 30.44 -21.38 19.01
N PHE D 212 31.32 -20.54 18.46
CA PHE D 212 31.19 -19.10 18.59
C PHE D 212 31.67 -18.42 17.32
N ALA D 213 31.18 -17.22 17.08
CA ALA D 213 31.80 -16.33 16.13
C ALA D 213 32.12 -15.02 16.84
N LEU D 214 33.25 -14.41 16.51
CA LEU D 214 33.56 -13.09 17.02
C LEU D 214 33.75 -12.14 15.84
N CYS D 215 32.87 -11.15 15.70
CA CYS D 215 32.88 -10.26 14.55
C CYS D 215 33.24 -8.80 14.85
N PHE D 216 34.12 -8.26 14.01
CA PHE D 216 34.59 -6.90 14.19
C PHE D 216 34.20 -6.04 13.02
N GLY D 217 33.75 -4.83 13.32
CA GLY D 217 33.26 -3.91 12.31
C GLY D 217 31.89 -4.31 11.78
N VAL D 218 31.04 -4.84 12.66
CA VAL D 218 29.66 -5.17 12.29
C VAL D 218 28.88 -3.88 12.00
N PRO D 219 27.66 -4.02 11.44
CA PRO D 219 26.78 -2.84 11.34
C PRO D 219 26.63 -2.10 12.67
N PRO D 220 26.96 -0.80 12.70
CA PRO D 220 26.98 0.00 13.94
C PRO D 220 25.68 -0.06 14.75
N ALA D 221 24.53 -0.23 14.10
CA ALA D 221 23.30 -0.44 14.86
C ALA D 221 23.43 -1.72 15.67
N ALA D 222 24.09 -2.73 15.11
CA ALA D 222 24.18 -4.01 15.80
C ALA D 222 25.10 -3.95 17.02
N ILE D 223 26.20 -3.21 16.90
CA ILE D 223 27.16 -3.12 18.00
C ILE D 223 26.62 -2.22 19.12
N LEU D 224 25.63 -1.39 18.80
CA LEU D 224 24.99 -0.60 19.85
C LEU D 224 24.01 -1.49 20.60
N VAL D 225 23.18 -2.23 19.88
CA VAL D 225 22.24 -3.14 20.51
C VAL D 225 22.97 -4.18 21.37
N SER D 226 24.09 -4.69 20.88
CA SER D 226 24.88 -5.66 21.64
C SER D 226 25.53 -5.14 22.94
N SER D 227 25.57 -3.84 23.14
CA SER D 227 26.40 -3.27 24.22
C SER D 227 25.91 -3.55 25.65
N MET D 228 24.60 -3.69 25.82
CA MET D 228 24.06 -4.20 27.06
C MET D 228 23.46 -5.57 26.83
N PRO D 229 23.52 -6.46 27.84
CA PRO D 229 22.96 -7.81 27.90
C PRO D 229 21.63 -8.10 27.15
N ILE D 230 20.60 -7.26 27.30
CA ILE D 230 19.31 -7.32 26.56
C ILE D 230 18.21 -8.16 27.26
N PRO D 231 16.95 -7.69 27.16
CA PRO D 231 15.75 -8.36 27.66
C PRO D 231 15.60 -9.83 27.31
N GLU D 232 14.72 -10.49 28.05
CA GLU D 232 14.53 -11.93 27.99
C GLU D 232 14.01 -12.42 26.63
N GLY D 233 12.78 -12.06 26.29
CA GLY D 233 12.15 -12.58 25.09
C GLY D 233 12.80 -12.19 23.77
N VAL D 234 13.18 -10.92 23.65
CA VAL D 234 13.61 -10.36 22.38
C VAL D 234 14.94 -10.95 21.92
N SER D 235 15.25 -10.74 20.64
CA SER D 235 16.56 -11.09 20.09
C SER D 235 17.31 -9.81 19.74
N GLU D 236 18.63 -9.89 19.66
CA GLU D 236 19.40 -8.74 19.23
C GLU D 236 19.06 -8.37 17.79
N SER D 237 18.90 -9.38 16.94
CA SER D 237 18.71 -9.12 15.52
C SER D 237 17.32 -8.55 15.29
N ASP D 238 16.43 -8.77 16.23
CA ASP D 238 15.09 -8.22 16.12
C ASP D 238 15.10 -6.72 16.37
N TYR D 239 15.83 -6.29 17.39
CA TYR D 239 15.90 -4.89 17.72
C TYR D 239 16.70 -4.14 16.65
N VAL D 240 17.75 -4.76 16.12
CA VAL D 240 18.54 -4.12 15.07
C VAL D 240 17.70 -3.85 13.82
N GLY D 241 16.98 -4.85 13.35
CA GLY D 241 16.11 -4.68 12.20
C GLY D 241 15.05 -3.60 12.35
N ALA D 242 14.56 -3.37 13.57
CA ALA D 242 13.53 -2.37 13.79
C ALA D 242 14.12 -0.97 13.91
N ILE D 243 15.37 -0.91 14.35
CA ILE D 243 16.15 0.31 14.32
C ILE D 243 16.47 0.68 12.87
N LEU D 244 17.01 -0.26 12.11
CA LEU D 244 17.39 -0.02 10.72
C LEU D 244 16.21 0.25 9.80
N GLY D 245 15.14 -0.53 9.95
CA GLY D 245 14.01 -0.42 9.05
C GLY D 245 14.26 -1.27 7.83
N GLU D 246 15.41 -1.93 7.82
CA GLU D 246 15.84 -2.81 6.74
C GLU D 246 16.47 -4.07 7.33
N SER D 247 16.56 -5.12 6.53
CA SER D 247 17.15 -6.37 7.00
C SER D 247 18.66 -6.34 6.95
N VAL D 248 19.30 -6.88 7.99
CA VAL D 248 20.75 -7.01 8.02
C VAL D 248 21.20 -8.17 7.14
N PRO D 249 22.10 -7.90 6.19
CA PRO D 249 22.59 -9.02 5.38
C PRO D 249 23.55 -9.90 6.16
N VAL D 250 23.30 -11.20 6.15
CA VAL D 250 24.11 -12.14 6.88
C VAL D 250 24.60 -13.28 6.01
N VAL D 251 25.71 -13.91 6.40
CA VAL D 251 26.20 -15.14 5.79
C VAL D 251 26.54 -16.19 6.85
N LYS D 252 26.65 -17.44 6.44
CA LYS D 252 26.98 -18.53 7.36
C LYS D 252 28.48 -18.64 7.54
N CYS D 253 28.92 -18.92 8.76
CA CYS D 253 30.33 -19.15 9.07
C CYS D 253 30.92 -20.32 8.28
N GLU D 254 32.24 -20.35 8.21
CA GLU D 254 32.94 -21.40 7.49
C GLU D 254 32.83 -22.74 8.22
N THR D 255 32.88 -22.71 9.53
CA THR D 255 33.12 -23.91 10.32
C THR D 255 32.00 -24.22 11.31
N ASN D 256 30.91 -23.48 11.23
CA ASN D 256 29.74 -23.76 12.03
C ASN D 256 28.50 -23.11 11.44
N ASP D 257 27.39 -23.21 12.15
CA ASP D 257 26.12 -22.79 11.59
C ASP D 257 25.67 -21.38 12.00
N LEU D 258 26.60 -20.57 12.51
CA LEU D 258 26.26 -19.21 12.93
C LEU D 258 26.12 -18.26 11.74
N MET D 259 25.12 -17.38 11.80
CA MET D 259 24.99 -16.33 10.80
C MET D 259 25.71 -15.07 11.30
N VAL D 260 26.69 -14.60 10.52
CA VAL D 260 27.46 -13.41 10.87
C VAL D 260 27.19 -12.30 9.88
N PRO D 261 27.30 -11.04 10.32
CA PRO D 261 26.98 -9.95 9.39
C PRO D 261 27.86 -9.98 8.16
N ALA D 262 27.25 -9.93 6.98
CA ALA D 262 27.97 -10.07 5.71
C ALA D 262 29.03 -9.01 5.48
N THR D 263 28.92 -7.87 6.16
CA THR D 263 29.84 -6.76 5.91
C THR D 263 30.84 -6.55 7.05
N SER D 264 30.96 -7.53 7.94
CA SER D 264 31.97 -7.48 8.98
C SER D 264 33.37 -7.33 8.38
N GLU D 265 34.25 -6.63 9.08
CA GLU D 265 35.65 -6.52 8.67
C GLU D 265 36.40 -7.81 8.89
N MET D 266 36.10 -8.46 10.00
CA MET D 266 36.83 -9.62 10.44
C MET D 266 35.86 -10.50 11.17
N VAL D 267 35.89 -11.79 10.86
CA VAL D 267 35.11 -12.78 11.56
C VAL D 267 36.07 -13.83 12.11
N PHE D 268 36.02 -14.07 13.41
CA PHE D 268 36.76 -15.17 14.01
C PHE D 268 35.77 -16.25 14.39
N GLU D 269 36.12 -17.50 14.10
CA GLU D 269 35.27 -18.64 14.42
C GLU D 269 36.04 -19.63 15.26
N GLY D 270 35.33 -20.39 16.10
CA GLY D 270 35.97 -21.48 16.78
C GLY D 270 35.14 -22.14 17.85
N THR D 271 35.81 -22.62 18.88
CA THR D 271 35.20 -23.38 19.95
C THR D 271 35.50 -22.82 21.34
N LEU D 272 34.45 -22.66 22.14
CA LEU D 272 34.55 -22.21 23.53
C LEU D 272 34.51 -23.40 24.47
N SER D 273 35.37 -23.40 25.48
CA SER D 273 35.39 -24.46 26.50
C SER D 273 35.20 -23.88 27.89
N LEU D 274 34.30 -24.49 28.68
CA LEU D 274 34.03 -24.03 30.04
C LEU D 274 34.88 -24.79 31.05
N THR D 275 35.31 -25.98 30.67
CA THR D 275 36.14 -26.79 31.54
C THR D 275 37.56 -26.23 31.53
N ASP D 276 38.02 -25.84 30.35
CA ASP D 276 39.37 -25.33 30.22
C ASP D 276 39.39 -23.83 30.43
N THR D 277 40.14 -23.37 31.43
CA THR D 277 40.11 -21.96 31.78
C THR D 277 41.48 -21.27 31.75
N HIS D 278 41.45 -19.97 31.93
CA HIS D 278 42.66 -19.16 31.89
C HIS D 278 42.43 -17.86 32.65
N LEU D 279 43.47 -17.36 33.31
CA LEU D 279 43.34 -16.10 34.01
C LEU D 279 43.23 -14.99 32.99
N GLU D 280 42.26 -14.12 33.19
CA GLU D 280 42.06 -13.04 32.25
C GLU D 280 42.61 -11.81 32.95
N GLY D 281 43.74 -11.32 32.45
CA GLY D 281 44.56 -10.36 33.17
C GLY D 281 43.78 -9.10 33.36
N PRO D 282 44.29 -8.20 34.21
CA PRO D 282 43.63 -6.92 34.50
C PRO D 282 43.38 -6.13 33.22
N PHE D 283 42.40 -5.25 33.24
CA PHE D 283 42.10 -4.36 32.13
C PHE D 283 41.62 -3.00 32.68
N GLY D 284 42.10 -1.90 32.12
CA GLY D 284 41.58 -0.58 32.47
C GLY D 284 40.12 -0.53 32.13
N GLU D 285 39.28 -0.11 33.08
CA GLU D 285 37.85 -0.26 32.87
C GLU D 285 37.06 1.03 33.02
N MET D 286 35.74 0.88 32.98
CA MET D 286 34.82 1.99 32.80
C MET D 286 34.80 3.01 33.95
N HIS D 287 35.38 2.65 35.09
CA HIS D 287 35.41 3.53 36.25
C HIS D 287 36.74 4.29 36.43
N GLY D 288 37.72 4.00 35.58
CA GLY D 288 38.93 4.77 35.49
C GLY D 288 40.19 4.11 36.04
N TYR D 289 40.11 2.83 36.37
CA TYR D 289 41.24 2.15 37.02
C TYR D 289 41.72 0.87 36.33
N VAL D 290 43.03 0.61 36.44
CA VAL D 290 43.55 -0.76 36.40
C VAL D 290 43.96 -1.21 37.81
N PHE D 291 43.31 -2.23 38.35
CA PHE D 291 43.74 -2.82 39.61
C PHE D 291 44.48 -4.13 39.33
N LYS D 292 45.38 -4.52 40.23
CA LYS D 292 46.37 -5.55 39.88
C LYS D 292 45.86 -7.00 39.83
N SER D 293 44.64 -7.27 40.29
CA SER D 293 44.14 -8.65 40.34
C SER D 293 44.11 -9.34 38.96
N HIS D 296 40.50 -13.54 38.24
CA HIS D 296 39.51 -14.60 38.08
C HIS D 296 39.86 -15.43 36.83
N PRO D 297 39.66 -16.75 36.92
CA PRO D 297 39.87 -17.73 35.84
C PRO D 297 38.67 -17.83 34.90
N CYS D 298 38.90 -17.54 33.62
CA CYS D 298 37.82 -17.39 32.65
C CYS D 298 37.85 -18.49 31.60
N PRO D 299 36.74 -18.69 30.88
CA PRO D 299 36.74 -19.73 29.84
C PRO D 299 37.55 -19.39 28.59
N LEU D 300 38.09 -20.43 27.96
CA LEU D 300 38.99 -20.30 26.82
C LEU D 300 38.28 -20.50 25.50
N TYR D 301 38.48 -19.55 24.60
CA TYR D 301 37.98 -19.68 23.24
C TYR D 301 39.12 -20.15 22.35
N THR D 302 38.87 -21.15 21.52
CA THR D 302 39.88 -21.61 20.59
C THR D 302 39.52 -21.15 19.19
N VAL D 303 40.30 -20.22 18.64
CA VAL D 303 40.10 -19.79 17.26
C VAL D 303 40.58 -20.84 16.27
N LYS D 304 39.67 -21.25 15.40
CA LYS D 304 39.89 -22.34 14.45
C LYS D 304 39.83 -21.88 12.99
N ALA D 305 39.28 -20.70 12.75
CA ALA D 305 39.19 -20.17 11.40
C ALA D 305 38.88 -18.69 11.45
N MET D 306 39.28 -17.96 10.41
CA MET D 306 38.82 -16.59 10.28
C MET D 306 38.70 -16.15 8.82
N SER D 307 37.90 -15.12 8.61
CA SER D 307 37.71 -14.52 7.30
C SER D 307 37.65 -13.02 7.47
N TYR D 308 38.09 -12.27 6.46
CA TYR D 308 38.16 -10.82 6.59
C TYR D 308 38.09 -10.16 5.23
N ARG D 309 37.90 -8.85 5.21
CA ARG D 309 37.90 -8.16 3.93
C ARG D 309 39.25 -7.50 3.67
N ASP D 310 39.40 -6.93 2.48
CA ASP D 310 40.60 -6.16 2.14
C ASP D 310 40.77 -5.00 3.10
N ASN D 311 42.03 -4.76 3.50
CA ASN D 311 42.38 -3.65 4.36
C ASN D 311 41.45 -3.55 5.55
N ALA D 312 41.36 -4.63 6.31
CA ALA D 312 40.38 -4.71 7.36
C ALA D 312 40.68 -3.68 8.47
N ILE D 313 39.62 -3.23 9.14
CA ILE D 313 39.70 -2.25 10.21
C ILE D 313 39.16 -2.80 11.52
N LEU D 314 39.97 -2.74 12.56
CA LEU D 314 39.53 -3.19 13.88
C LEU D 314 39.04 -2.02 14.73
N PRO D 315 37.73 -1.94 14.98
CA PRO D 315 37.22 -0.88 15.84
C PRO D 315 37.57 -1.19 17.29
N VAL D 316 37.94 -0.16 18.07
CA VAL D 316 38.53 -0.33 19.38
C VAL D 316 37.99 0.68 20.40
N SER D 317 37.71 0.21 21.61
CA SER D 317 37.28 1.07 22.69
C SER D 317 38.30 1.00 23.83
N ASN D 318 38.72 2.14 24.35
CA ASN D 318 39.73 2.16 25.41
C ASN D 318 39.13 2.76 26.67
N PRO D 319 38.61 1.91 27.57
CA PRO D 319 37.85 2.46 28.68
C PRO D 319 38.74 3.14 29.72
N GLY D 320 38.16 4.10 30.42
CA GLY D 320 38.87 4.81 31.47
C GLY D 320 38.04 5.95 31.98
N LEU D 321 38.69 7.08 32.27
CA LEU D 321 37.98 8.27 32.69
C LEU D 321 36.93 8.66 31.67
N CYS D 322 35.91 9.41 32.09
CA CYS D 322 34.93 9.85 31.11
C CYS D 322 35.64 10.77 30.11
N THR D 323 35.23 10.76 28.85
CA THR D 323 34.06 10.02 28.37
C THR D 323 34.36 9.12 27.18
N ASP D 324 34.06 7.82 27.31
CA ASP D 324 34.17 6.88 26.21
C ASP D 324 32.89 6.04 26.03
N GLU D 325 33.00 4.96 25.25
CA GLU D 325 31.84 4.16 24.89
C GLU D 325 31.17 3.47 26.06
N THR D 326 31.94 3.18 27.10
CA THR D 326 31.37 2.50 28.25
C THR D 326 30.53 3.47 29.06
N HIS D 327 30.52 4.74 28.66
CA HIS D 327 29.68 5.73 29.34
C HIS D 327 28.59 6.18 28.40
N THR D 328 28.97 6.35 27.16
CA THR D 328 28.04 6.90 26.20
C THR D 328 27.09 5.82 25.64
N LEU D 329 27.56 4.60 25.43
CA LEU D 329 26.69 3.53 24.92
C LEU D 329 25.99 2.80 26.08
N ILE D 330 26.76 2.35 27.07
CA ILE D 330 26.20 1.62 28.20
C ILE D 330 25.22 2.48 28.99
N GLY D 331 25.67 3.63 29.48
CA GLY D 331 24.81 4.54 30.21
C GLY D 331 23.50 4.88 29.54
N SER D 332 23.53 5.09 28.23
CA SER D 332 22.29 5.44 27.54
C SER D 332 21.43 4.24 27.13
N LEU D 333 21.99 3.04 27.10
CA LEU D 333 21.13 1.85 26.94
C LEU D 333 20.42 1.59 28.25
N VAL D 334 21.15 1.76 29.35
CA VAL D 334 20.61 1.64 30.70
C VAL D 334 19.54 2.71 30.98
N ALA D 335 19.82 3.95 30.61
CA ALA D 335 18.82 5.00 30.75
C ALA D 335 17.56 4.62 29.99
N THR D 336 17.73 4.13 28.76
CA THR D 336 16.61 3.70 27.92
C THR D 336 15.76 2.63 28.61
N GLU D 337 16.40 1.56 29.07
CA GLU D 337 15.68 0.53 29.81
C GLU D 337 15.04 1.09 31.07
N ALA D 338 15.72 2.04 31.73
CA ALA D 338 15.24 2.61 32.96
C ALA D 338 13.98 3.44 32.72
N LYS D 339 13.95 4.14 31.60
CA LYS D 339 12.78 4.96 31.27
C LYS D 339 11.60 4.05 30.94
N GLU D 340 11.89 2.93 30.31
CA GLU D 340 10.85 1.97 29.92
C GLU D 340 10.31 1.26 31.13
N LEU D 341 11.19 0.98 32.10
CA LEU D 341 10.76 0.28 33.30
C LEU D 341 9.85 1.17 34.16
N ALA D 342 10.12 2.47 34.17
CA ALA D 342 9.29 3.39 34.92
C ALA D 342 7.93 3.54 34.27
N ILE D 343 7.88 3.65 32.96
CA ILE D 343 6.59 3.71 32.27
C ILE D 343 5.74 2.47 32.54
N GLU D 344 6.35 1.30 32.47
CA GLU D 344 5.64 0.04 32.66
C GLU D 344 5.24 -0.19 34.13
N SER D 345 5.95 0.46 35.05
CA SER D 345 5.64 0.42 36.49
C SER D 345 4.73 1.55 36.93
N GLY D 346 4.41 2.46 36.02
CA GLY D 346 3.59 3.61 36.36
C GLY D 346 4.23 4.65 37.27
N LEU D 347 5.55 4.63 37.40
CA LEU D 347 6.27 5.70 38.10
C LEU D 347 6.22 6.99 37.28
N PRO D 348 6.07 8.14 37.95
CA PRO D 348 5.96 9.38 37.18
C PRO D 348 7.32 9.96 36.78
N ILE D 349 8.02 9.23 35.92
CA ILE D 349 9.35 9.63 35.49
C ILE D 349 9.29 10.30 34.12
N LEU D 350 9.97 11.43 33.96
CA LEU D 350 10.03 12.08 32.66
C LEU D 350 11.23 11.61 31.84
N ASP D 351 12.41 11.54 32.47
CA ASP D 351 13.64 11.15 31.79
C ASP D 351 14.61 10.41 32.71
N ALA D 352 15.55 9.69 32.11
CA ALA D 352 16.57 8.97 32.84
C ALA D 352 17.92 9.24 32.18
N PHE D 353 18.99 9.31 32.95
CA PHE D 353 20.29 9.58 32.35
C PHE D 353 21.36 9.08 33.28
N MET D 354 22.46 8.61 32.71
CA MET D 354 23.60 8.31 33.53
C MET D 354 24.76 9.28 33.18
N PRO D 355 24.92 10.36 33.98
CA PRO D 355 25.93 11.39 33.75
C PRO D 355 27.31 10.77 33.58
N TYR D 356 28.00 11.17 32.53
CA TYR D 356 29.31 10.60 32.21
C TYR D 356 30.35 10.92 33.30
N GLU D 357 30.23 12.09 33.90
CA GLU D 357 31.10 12.47 35.01
C GLU D 357 31.02 11.49 36.22
N ALA D 358 29.92 10.75 36.35
CA ALA D 358 29.82 9.79 37.45
C ALA D 358 30.18 8.36 37.02
N GLN D 359 30.84 8.25 35.86
CA GLN D 359 31.40 6.98 35.37
C GLN D 359 30.34 5.88 35.28
N ALA D 360 29.13 6.26 34.89
CA ALA D 360 28.00 5.35 34.77
C ALA D 360 27.73 4.62 36.09
N LEU D 361 27.97 5.28 37.23
CA LEU D 361 27.54 4.72 38.51
C LEU D 361 26.30 5.40 39.02
N TRP D 362 25.99 6.58 38.49
CA TRP D 362 24.77 7.28 38.88
C TRP D 362 23.66 7.15 37.83
N LEU D 363 22.44 6.89 38.30
CA LEU D 363 21.26 7.02 37.46
C LEU D 363 20.41 8.16 37.98
N ILE D 364 20.17 9.17 37.15
CA ILE D 364 19.32 10.27 37.54
C ILE D 364 17.91 10.06 36.98
N LEU D 365 16.90 10.13 37.83
CA LEU D 365 15.54 10.09 37.31
C LEU D 365 14.90 11.43 37.53
N LYS D 366 14.42 12.01 36.44
CA LYS D 366 13.69 13.26 36.48
C LYS D 366 12.23 12.96 36.75
N VAL D 367 11.68 13.58 37.78
CA VAL D 367 10.36 13.24 38.27
C VAL D 367 9.31 14.33 37.99
N ASP D 368 8.20 13.94 37.38
CA ASP D 368 7.07 14.83 37.15
C ASP D 368 6.36 15.08 38.48
N LEU D 369 6.29 16.34 38.91
CA LEU D 369 5.81 16.62 40.25
C LEU D 369 4.30 16.41 40.39
N LYS D 370 3.51 16.78 39.37
CA LYS D 370 2.07 16.51 39.36
C LYS D 370 1.80 15.03 39.55
N GLY D 371 2.51 14.22 38.79
CA GLY D 371 2.42 12.77 38.92
C GLY D 371 2.88 12.27 40.29
N LEU D 372 3.96 12.83 40.82
CA LEU D 372 4.45 12.45 42.15
C LEU D 372 3.41 12.75 43.24
N GLN D 373 2.79 13.91 43.13
CA GLN D 373 1.79 14.34 44.09
C GLN D 373 0.51 13.53 43.99
N ALA D 374 0.19 13.07 42.79
CA ALA D 374 -0.99 12.23 42.59
C ALA D 374 -0.82 10.89 43.30
N LEU D 375 0.41 10.45 43.49
CA LEU D 375 0.68 9.19 44.20
C LEU D 375 0.41 9.26 45.69
N LYS D 376 0.31 10.49 46.22
CA LYS D 376 0.11 10.77 47.65
C LYS D 376 1.04 9.95 48.53
N THR D 377 2.35 10.10 48.32
CA THR D 377 3.32 9.24 48.98
C THR D 377 4.35 10.07 49.73
N THR D 378 5.31 9.39 50.34
CA THR D 378 6.35 10.04 51.13
C THR D 378 7.70 9.69 50.53
N PRO D 379 8.73 10.48 50.82
CA PRO D 379 10.06 10.16 50.32
C PRO D 379 10.52 8.75 50.71
N GLU D 380 10.20 8.32 51.93
CA GLU D 380 10.58 6.98 52.38
C GLU D 380 9.93 5.86 51.56
N GLU D 381 8.63 5.96 51.32
CA GLU D 381 7.91 5.01 50.48
C GLU D 381 8.40 5.09 49.04
N PHE D 382 8.42 6.28 48.46
CA PHE D 382 8.84 6.46 47.07
C PHE D 382 10.24 5.91 46.82
N CYS D 383 11.17 6.22 47.71
CA CYS D 383 12.54 5.81 47.53
C CYS D 383 12.68 4.29 47.61
N LYS D 384 11.89 3.67 48.48
CA LYS D 384 11.87 2.22 48.62
C LYS D 384 11.28 1.59 47.37
N LYS D 385 10.19 2.16 46.89
CA LYS D 385 9.52 1.69 45.69
C LYS D 385 10.50 1.72 44.52
N VAL D 386 11.14 2.86 44.33
CA VAL D 386 12.07 3.03 43.22
C VAL D 386 13.27 2.11 43.35
N GLY D 387 13.86 2.05 44.53
CA GLY D 387 14.98 1.13 44.75
C GLY D 387 14.66 -0.33 44.40
N ASP D 388 13.51 -0.81 44.87
CA ASP D 388 13.13 -2.19 44.65
C ASP D 388 12.89 -2.50 43.18
N ILE D 389 12.25 -1.57 42.49
CA ILE D 389 12.00 -1.69 41.06
C ILE D 389 13.31 -1.77 40.24
N TYR D 390 14.31 -0.95 40.57
CA TYR D 390 15.55 -0.91 39.79
C TYR D 390 16.65 -1.83 40.28
N PHE D 391 16.84 -1.93 41.60
CA PHE D 391 17.96 -2.70 42.13
C PHE D 391 17.68 -4.23 42.26
N ARG D 392 16.41 -4.61 42.29
CA ARG D 392 16.07 -6.04 42.39
C ARG D 392 15.72 -6.57 41.02
N THR D 393 16.07 -5.79 40.01
CA THR D 393 15.83 -6.12 38.62
C THR D 393 17.17 -5.96 37.93
N LYS D 394 17.34 -6.57 36.76
CA LYS D 394 18.64 -6.55 36.09
C LYS D 394 18.99 -5.21 35.43
N VAL D 395 18.04 -4.29 35.41
CA VAL D 395 18.27 -2.97 34.84
C VAL D 395 19.23 -2.12 35.68
N GLY D 396 19.10 -2.20 36.99
CA GLY D 396 19.93 -1.42 37.88
C GLY D 396 21.24 -2.09 38.27
N PHE D 397 21.64 -3.11 37.51
CA PHE D 397 22.83 -3.89 37.81
C PHE D 397 24.08 -3.05 38.03
N ILE D 398 24.38 -2.17 37.08
CA ILE D 398 25.63 -1.42 37.13
C ILE D 398 25.45 -0.15 37.97
N VAL D 399 24.21 0.23 38.20
CA VAL D 399 23.89 1.44 38.94
C VAL D 399 24.15 1.25 40.43
N HIS D 400 24.92 2.13 41.05
CA HIS D 400 25.04 2.06 42.50
C HIS D 400 24.39 3.20 43.24
N GLU D 401 24.06 4.28 42.55
CA GLU D 401 23.26 5.31 43.19
C GLU D 401 22.19 5.83 42.25
N ILE D 402 20.96 5.84 42.72
CA ILE D 402 19.86 6.42 41.96
C ILE D 402 19.45 7.74 42.60
N ILE D 403 19.33 8.77 41.78
CA ILE D 403 19.05 10.10 42.29
C ILE D 403 17.77 10.70 41.72
N LEU D 404 16.82 11.02 42.58
CA LEU D 404 15.53 11.59 42.15
C LEU D 404 15.52 13.09 42.25
N VAL D 405 15.28 13.78 41.13
CA VAL D 405 15.17 15.24 41.12
C VAL D 405 13.83 15.67 40.55
N ALA D 406 13.40 16.88 40.88
CA ALA D 406 12.15 17.39 40.34
C ALA D 406 12.30 17.70 38.86
N ASP D 407 11.22 18.13 38.22
CA ASP D 407 11.22 18.32 36.79
C ASP D 407 11.72 19.69 36.32
N ASP D 408 12.39 20.43 37.20
CA ASP D 408 13.00 21.69 36.81
C ASP D 408 14.47 21.49 36.51
N ILE D 409 14.96 20.28 36.71
CA ILE D 409 16.34 19.96 36.44
C ILE D 409 16.53 19.30 35.07
N ASP D 410 17.31 19.92 34.20
CA ASP D 410 17.79 19.28 32.98
C ASP D 410 18.81 18.23 33.37
N ILE D 411 18.42 16.98 33.39
CA ILE D 411 19.32 15.94 33.88
C ILE D 411 20.42 15.59 32.88
N PHE D 412 20.30 16.10 31.65
CA PHE D 412 21.31 15.84 30.62
C PHE D 412 22.43 16.86 30.68
N ASN D 413 22.35 17.80 31.62
CA ASN D 413 23.42 18.78 31.89
C ASN D 413 23.98 18.62 33.31
N PHE D 414 25.20 18.11 33.44
CA PHE D 414 25.71 17.79 34.77
C PHE D 414 25.89 19.01 35.68
N LYS D 415 25.97 20.21 35.11
CA LYS D 415 25.99 21.43 35.95
C LYS D 415 24.69 21.57 36.76
N GLU D 416 23.56 21.12 36.22
CA GLU D 416 22.31 21.20 36.97
C GLU D 416 22.17 19.99 37.90
N VAL D 417 22.76 18.87 37.54
CA VAL D 417 22.60 17.67 38.34
C VAL D 417 23.35 17.81 39.66
N ILE D 418 24.60 18.27 39.60
CA ILE D 418 25.43 18.37 40.79
C ILE D 418 24.88 19.49 41.67
N TRP D 419 24.31 20.51 41.04
CA TRP D 419 23.70 21.59 41.79
C TRP D 419 22.55 21.04 42.64
N ALA D 420 21.68 20.27 41.99
CA ALA D 420 20.52 19.69 42.64
C ALA D 420 20.92 18.62 43.66
N TYR D 421 21.96 17.87 43.37
CA TYR D 421 22.42 16.82 44.27
C TYR D 421 22.88 17.36 45.61
N VAL D 422 23.73 18.38 45.55
CA VAL D 422 24.38 18.92 46.72
C VAL D 422 23.44 19.79 47.56
N THR D 423 22.55 20.53 46.91
CA THR D 423 21.64 21.43 47.59
C THR D 423 20.29 20.80 48.00
N ARG D 424 19.87 19.71 47.37
CA ARG D 424 18.52 19.22 47.66
C ARG D 424 18.42 17.89 48.41
N HIS D 425 19.55 17.31 48.81
CA HIS D 425 19.47 16.15 49.69
C HIS D 425 20.34 16.31 50.94
N THR D 426 19.80 15.89 52.07
CA THR D 426 20.53 15.86 53.31
C THR D 426 21.49 14.70 53.29
N PRO D 427 22.80 14.95 53.43
CA PRO D 427 23.74 13.83 53.54
C PRO D 427 23.29 12.76 54.53
N VAL D 428 23.34 11.51 54.09
CA VAL D 428 22.91 10.33 54.84
C VAL D 428 21.42 10.27 55.16
N ALA D 429 20.87 11.30 55.76
CA ALA D 429 19.46 11.20 56.16
C ALA D 429 18.52 11.08 54.95
N ASP D 430 18.91 11.64 53.79
CA ASP D 430 18.04 11.57 52.63
C ASP D 430 18.45 10.46 51.66
N GLN D 431 19.26 9.53 52.13
CA GLN D 431 19.74 8.43 51.31
C GLN D 431 19.26 7.11 51.88
N MET D 432 18.85 6.21 51.01
CA MET D 432 18.33 4.93 51.48
C MET D 432 19.21 3.82 50.97
N ALA D 433 19.89 3.14 51.87
CA ALA D 433 20.76 2.04 51.49
C ALA D 433 19.95 0.82 51.09
N PHE D 434 20.45 0.07 50.12
CA PHE D 434 19.91 -1.24 49.78
C PHE D 434 21.00 -2.27 49.99
N ASP D 435 20.84 -3.12 50.99
CA ASP D 435 21.94 -3.95 51.48
C ASP D 435 21.98 -5.35 50.89
N ASP D 436 20.84 -5.85 50.44
CA ASP D 436 20.76 -7.24 50.03
C ASP D 436 20.68 -7.41 48.52
N VAL D 437 20.91 -6.33 47.77
CA VAL D 437 20.85 -6.43 46.33
C VAL D 437 22.21 -6.73 45.75
N THR D 438 22.21 -7.13 44.49
CA THR D 438 23.43 -7.53 43.80
C THR D 438 24.27 -6.32 43.46
N SER D 439 25.56 -6.39 43.80
CA SER D 439 26.52 -5.33 43.50
C SER D 439 27.10 -5.47 42.11
N PHE D 440 27.56 -4.34 41.57
CA PHE D 440 28.37 -4.34 40.37
C PHE D 440 29.80 -4.66 40.75
N PRO D 441 30.26 -5.87 40.47
CA PRO D 441 31.60 -6.33 40.85
C PRO D 441 32.72 -5.39 40.40
N LEU D 442 32.48 -4.55 39.38
CA LEU D 442 33.53 -3.68 38.85
C LEU D 442 33.68 -2.36 39.59
N ALA D 443 32.64 -1.93 40.32
CA ALA D 443 32.74 -0.69 41.10
C ALA D 443 33.97 -0.76 42.00
N PRO D 444 34.82 0.28 41.92
CA PRO D 444 36.08 0.23 42.66
C PRO D 444 35.87 0.16 44.16
N PHE D 445 34.85 0.84 44.68
CA PHE D 445 34.64 0.81 46.13
C PHE D 445 34.14 -0.55 46.55
N VAL D 446 33.64 -1.32 45.58
CA VAL D 446 33.28 -2.69 45.84
C VAL D 446 34.51 -3.59 45.75
N SER D 447 35.20 -3.58 44.62
CA SER D 447 36.29 -4.53 44.41
C SER D 447 37.48 -4.30 45.35
N GLN D 448 37.69 -3.07 45.82
CA GLN D 448 38.75 -2.77 46.79
C GLN D 448 38.28 -2.78 48.25
N SER D 449 37.19 -3.48 48.53
CA SER D 449 36.73 -3.63 49.90
C SER D 449 36.41 -5.09 50.16
N SER D 450 36.01 -5.42 51.37
CA SER D 450 35.68 -6.80 51.69
C SER D 450 34.29 -7.17 51.16
N ARG D 451 33.60 -6.19 50.58
CA ARG D 451 32.34 -6.45 49.91
C ARG D 451 32.55 -7.27 48.65
N SER D 452 33.80 -7.30 48.18
CA SER D 452 34.17 -8.09 47.02
C SER D 452 33.96 -9.61 47.24
N LYS D 453 33.92 -10.05 48.50
CA LYS D 453 33.64 -11.46 48.78
C LYS D 453 32.18 -11.82 48.55
N THR D 454 31.29 -10.87 48.81
CA THR D 454 29.87 -11.16 48.78
C THR D 454 29.17 -10.67 47.53
N MET D 455 29.63 -9.55 46.99
CA MET D 455 29.02 -8.89 45.84
C MET D 455 27.56 -8.56 46.09
N LYS D 456 27.23 -8.25 47.33
CA LYS D 456 25.87 -7.83 47.67
C LYS D 456 25.90 -6.47 48.36
N GLY D 457 24.92 -5.63 48.04
CA GLY D 457 24.76 -4.35 48.70
C GLY D 457 25.65 -3.24 48.19
N GLY D 458 25.67 -2.13 48.92
CA GLY D 458 26.50 -1.01 48.54
C GLY D 458 25.77 -0.04 47.64
N LYS D 459 24.45 0.01 47.73
CA LYS D 459 23.68 0.79 46.77
C LYS D 459 22.76 1.72 47.51
N CYS D 460 22.23 2.73 46.86
CA CYS D 460 21.40 3.70 47.55
C CYS D 460 20.47 4.41 46.59
N VAL D 461 19.35 4.91 47.12
CA VAL D 461 18.51 5.84 46.41
C VAL D 461 18.63 7.14 47.18
N THR D 462 18.91 8.22 46.48
CA THR D 462 19.08 9.50 47.13
C THR D 462 17.95 10.42 46.72
N ASN D 463 17.19 10.89 47.69
CA ASN D 463 16.11 11.83 47.42
C ASN D 463 16.59 13.28 47.31
N CYS D 464 16.37 13.89 46.15
CA CYS D 464 16.73 15.28 45.96
C CYS D 464 15.49 16.02 45.50
N ILE D 465 14.36 15.59 46.04
CA ILE D 465 13.09 16.27 45.84
C ILE D 465 12.67 16.81 47.19
N PHE D 466 12.49 18.12 47.29
CA PHE D 466 12.10 18.77 48.56
C PHE D 466 10.81 18.18 49.12
N ARG D 467 10.71 18.09 50.44
CA ARG D 467 9.54 17.47 51.05
C ARG D 467 8.22 18.06 50.54
N GLN D 468 8.18 19.37 50.36
CA GLN D 468 6.99 20.03 49.87
C GLN D 468 6.59 19.59 48.48
N GLN D 469 7.58 19.18 47.69
CA GLN D 469 7.31 18.85 46.30
C GLN D 469 6.58 17.53 46.16
N TYR D 470 6.60 16.72 47.22
CA TYR D 470 5.79 15.50 47.28
C TYR D 470 4.31 15.83 47.54
N GLU D 471 4.00 17.10 47.81
CA GLU D 471 2.66 17.45 48.23
C GLU D 471 1.99 18.53 47.39
N ARG D 472 2.64 19.66 47.19
CA ARG D 472 1.99 20.76 46.49
C ARG D 472 3.01 21.56 45.73
N SER D 473 2.52 22.47 44.89
CA SER D 473 3.42 23.29 44.10
C SER D 473 4.34 24.04 45.03
N PHE D 474 5.53 24.37 44.55
CA PHE D 474 6.53 24.95 45.40
C PHE D 474 7.40 25.86 44.57
N ASP D 475 7.09 27.15 44.61
CA ASP D 475 7.74 28.12 43.74
C ASP D 475 8.96 28.77 44.37
N TYR D 476 10.12 28.50 43.78
CA TYR D 476 11.36 29.17 44.14
C TYR D 476 12.01 29.71 42.88
N ILE D 477 12.87 30.71 43.03
CA ILE D 477 13.60 31.30 41.92
C ILE D 477 14.98 30.66 41.80
N THR D 478 15.35 30.24 40.59
CA THR D 478 16.66 29.65 40.35
C THR D 478 17.65 30.71 39.93
N CYS D 479 18.62 31.00 40.79
CA CYS D 479 19.46 32.17 40.65
C CYS D 479 20.59 32.04 39.63
N ASN D 480 20.26 31.90 38.35
CA ASN D 480 21.27 32.04 37.32
C ASN D 480 20.74 32.99 36.26
N PHE D 481 21.42 33.06 35.13
CA PHE D 481 21.06 34.01 34.10
C PHE D 481 19.82 33.58 33.35
N GLU D 482 19.84 32.38 32.79
CA GLU D 482 18.75 31.94 31.90
C GLU D 482 17.45 31.59 32.63
N LYS D 483 17.55 31.06 33.83
CA LYS D 483 16.35 30.71 34.59
C LYS D 483 15.92 31.78 35.60
N GLY D 484 16.81 32.71 35.93
CA GLY D 484 16.55 33.65 37.01
C GLY D 484 15.78 34.90 36.61
N TYR D 485 15.77 35.20 35.33
CA TYR D 485 15.21 36.44 34.83
C TYR D 485 14.20 36.15 33.74
N PRO D 486 13.22 37.05 33.57
CA PRO D 486 12.23 36.85 32.49
C PRO D 486 12.88 36.76 31.11
N LYS D 487 12.36 35.89 30.24
CA LYS D 487 12.72 35.93 28.85
C LYS D 487 12.39 37.32 28.38
N GLY D 488 13.27 37.93 27.63
CA GLY D 488 12.98 39.29 27.20
C GLY D 488 14.11 40.13 27.71
N LEU D 489 14.35 40.04 29.02
CA LEU D 489 15.52 40.65 29.63
C LEU D 489 16.72 39.78 29.28
N VAL D 490 16.55 38.47 29.42
CA VAL D 490 17.53 37.53 28.92
C VAL D 490 17.87 37.82 27.45
N ASP D 491 16.84 38.10 26.65
CA ASP D 491 17.06 38.33 25.22
C ASP D 491 17.73 39.66 24.98
N LYS D 492 17.29 40.67 25.72
CA LYS D 492 17.84 42.01 25.63
C LYS D 492 19.34 42.01 25.94
N VAL D 493 19.69 41.35 27.04
CA VAL D 493 21.07 41.32 27.48
C VAL D 493 21.92 40.57 26.47
N ASN D 494 21.44 39.44 25.98
CA ASN D 494 22.17 38.67 24.97
C ASN D 494 22.45 39.44 23.69
N GLU D 495 21.56 40.35 23.32
CA GLU D 495 21.66 41.01 22.04
C GLU D 495 22.42 42.33 22.17
N ASN D 496 22.45 42.88 23.37
CA ASN D 496 23.19 44.11 23.64
C ASN D 496 24.58 43.81 24.16
N TRP D 497 24.86 42.53 24.39
CA TRP D 497 26.13 42.09 24.96
C TRP D 497 27.36 42.67 24.26
N LYS D 498 27.45 42.55 22.94
CA LYS D 498 28.61 43.07 22.24
C LYS D 498 28.65 44.59 22.29
N ARG D 499 27.46 45.18 22.30
CA ARG D 499 27.32 46.63 22.34
C ARG D 499 27.72 47.22 23.69
N TYR D 500 27.71 46.40 24.74
CA TYR D 500 28.20 46.81 26.05
C TYR D 500 29.72 46.97 26.04
N GLY D 501 30.39 46.11 25.28
CA GLY D 501 31.83 46.09 25.24
C GLY D 501 32.37 44.68 25.33
N TYR D 502 31.51 43.73 25.68
CA TYR D 502 31.92 42.34 25.81
C TYR D 502 32.20 41.74 24.45
N LYS D 503 33.20 40.86 24.38
CA LYS D 503 33.56 40.19 23.14
C LYS D 503 32.39 39.33 22.63
N LYS E 3 -17.48 -55.84 -22.73
CA LYS E 3 -17.92 -54.60 -22.11
C LYS E 3 -18.71 -54.85 -20.81
N LEU E 4 -18.69 -53.88 -19.89
CA LEU E 4 -19.18 -54.11 -18.53
C LEU E 4 -20.60 -53.61 -18.28
N ASN E 5 -21.39 -54.42 -17.58
CA ASN E 5 -22.76 -54.05 -17.22
C ASN E 5 -23.02 -54.26 -15.73
N PRO E 6 -22.58 -53.31 -14.89
CA PRO E 6 -22.62 -53.51 -13.44
C PRO E 6 -24.04 -53.54 -12.89
N ALA E 7 -25.00 -53.01 -13.62
CA ALA E 7 -26.38 -53.06 -13.18
C ALA E 7 -26.90 -54.50 -13.26
N LEU E 8 -26.41 -55.24 -14.24
CA LEU E 8 -26.85 -56.59 -14.54
C LEU E 8 -26.03 -57.66 -13.82
N GLU E 9 -24.72 -57.49 -13.75
CA GLU E 9 -23.86 -58.50 -13.16
C GLU E 9 -23.07 -57.99 -11.96
N PHE E 10 -23.28 -58.63 -10.81
CA PHE E 10 -22.59 -58.31 -9.59
C PHE E 10 -21.06 -58.27 -9.74
N ARG E 11 -20.52 -59.19 -10.53
CA ARG E 11 -19.07 -59.22 -10.68
C ARG E 11 -18.58 -58.14 -11.63
N ASP E 12 -19.45 -57.66 -12.52
CA ASP E 12 -19.15 -56.50 -13.36
C ASP E 12 -19.14 -55.24 -12.53
N PHE E 13 -19.99 -55.25 -11.50
CA PHE E 13 -20.05 -54.20 -10.49
C PHE E 13 -18.74 -54.15 -9.71
N ILE E 14 -18.32 -55.29 -9.18
CA ILE E 14 -17.05 -55.37 -8.47
C ILE E 14 -15.89 -54.96 -9.37
N GLN E 15 -15.99 -55.30 -10.66
CA GLN E 15 -14.95 -54.99 -11.64
C GLN E 15 -14.84 -53.51 -11.98
N VAL E 16 -15.95 -52.78 -12.13
CA VAL E 16 -15.83 -51.36 -12.43
C VAL E 16 -15.37 -50.60 -11.21
N LEU E 17 -15.61 -51.16 -10.02
CA LEU E 17 -15.14 -50.52 -8.81
C LEU E 17 -13.62 -50.65 -8.77
N LYS E 18 -13.17 -51.86 -9.08
CA LYS E 18 -11.75 -52.16 -9.20
C LYS E 18 -11.11 -51.19 -10.19
N ASP E 19 -11.76 -51.00 -11.34
CA ASP E 19 -11.23 -50.13 -12.40
C ASP E 19 -11.18 -48.66 -12.00
N GLU E 20 -11.96 -48.26 -11.01
CA GLU E 20 -11.94 -46.87 -10.60
C GLU E 20 -11.19 -46.67 -9.29
N ASP E 21 -10.30 -47.61 -8.95
CA ASP E 21 -9.57 -47.59 -7.68
C ASP E 21 -10.50 -47.38 -6.48
N ASP E 22 -11.70 -47.95 -6.55
CA ASP E 22 -12.67 -47.81 -5.50
C ASP E 22 -12.89 -49.15 -4.85
N LEU E 23 -11.88 -50.00 -4.89
CA LEU E 23 -12.01 -51.32 -4.31
C LEU E 23 -10.66 -51.83 -3.83
N ILE E 24 -10.59 -52.21 -2.56
CA ILE E 24 -9.38 -52.76 -2.00
C ILE E 24 -9.56 -54.25 -1.82
N GLU E 25 -8.76 -55.04 -2.53
CA GLU E 25 -8.73 -56.47 -2.31
C GLU E 25 -7.81 -56.79 -1.15
N ILE E 26 -8.40 -57.28 -0.06
CA ILE E 26 -7.66 -57.52 1.16
C ILE E 26 -7.34 -58.98 1.23
N THR E 27 -6.06 -59.33 1.06
CA THR E 27 -5.68 -60.73 0.86
C THR E 27 -5.13 -61.41 2.09
N GLU E 28 -4.90 -60.65 3.15
CA GLU E 28 -4.50 -61.26 4.41
C GLU E 28 -5.72 -61.77 5.15
N GLU E 29 -5.49 -62.64 6.11
CA GLU E 29 -6.58 -63.23 6.85
C GLU E 29 -7.26 -62.20 7.75
N ILE E 30 -8.57 -62.07 7.57
CA ILE E 30 -9.40 -61.13 8.32
C ILE E 30 -10.46 -61.93 9.06
N ASP E 31 -10.73 -61.58 10.31
CA ASP E 31 -11.69 -62.34 11.10
C ASP E 31 -13.11 -61.83 10.88
N PRO E 32 -14.01 -62.70 10.40
CA PRO E 32 -15.41 -62.29 10.29
C PRO E 32 -16.01 -61.86 11.63
N ASN E 33 -15.42 -62.31 12.73
CA ASN E 33 -15.80 -61.85 14.07
C ASN E 33 -15.29 -60.44 14.37
N LEU E 34 -16.17 -59.45 14.24
CA LEU E 34 -15.90 -57.99 14.47
C LEU E 34 -14.96 -57.27 13.50
N GLU E 35 -13.84 -57.88 13.11
CA GLU E 35 -12.86 -57.24 12.23
C GLU E 35 -13.44 -56.81 10.89
N VAL E 36 -14.25 -57.66 10.26
CA VAL E 36 -14.91 -57.26 9.03
C VAL E 36 -15.75 -55.98 9.27
N GLY E 37 -16.60 -56.01 10.29
CA GLY E 37 -17.44 -54.86 10.60
C GLY E 37 -16.69 -53.55 10.88
N ALA E 38 -15.62 -53.64 11.67
CA ALA E 38 -14.86 -52.46 12.06
C ALA E 38 -14.23 -51.81 10.84
N ILE E 39 -13.66 -52.64 9.98
CA ILE E 39 -13.04 -52.20 8.76
C ILE E 39 -14.05 -51.55 7.82
N MET E 40 -15.20 -52.19 7.64
CA MET E 40 -16.30 -51.57 6.92
C MET E 40 -16.70 -50.19 7.51
N ARG E 41 -16.89 -50.09 8.81
CA ARG E 41 -17.27 -48.81 9.45
C ARG E 41 -16.26 -47.71 9.18
N LYS E 42 -14.97 -48.03 9.29
CA LYS E 42 -13.91 -47.07 9.08
C LYS E 42 -13.94 -46.55 7.66
N ALA E 43 -14.19 -47.46 6.73
CA ALA E 43 -14.31 -47.13 5.31
C ALA E 43 -15.57 -46.34 5.02
N TYR E 44 -16.70 -46.71 5.63
CA TYR E 44 -17.95 -45.94 5.48
C TYR E 44 -17.77 -44.51 5.88
N GLU E 45 -17.18 -44.34 7.06
CA GLU E 45 -17.22 -43.07 7.75
C GLU E 45 -16.26 -42.09 7.13
N SER E 46 -15.26 -42.58 6.41
CA SER E 46 -14.35 -41.67 5.75
C SER E 46 -14.54 -41.68 4.23
N HIS E 47 -15.67 -42.21 3.77
CA HIS E 47 -15.97 -42.27 2.33
C HIS E 47 -14.78 -42.88 1.56
N LEU E 48 -14.30 -44.01 2.03
CA LEU E 48 -13.15 -44.71 1.45
C LEU E 48 -13.59 -45.84 0.52
N PRO E 49 -12.65 -46.37 -0.30
CA PRO E 49 -12.87 -47.55 -1.14
C PRO E 49 -13.49 -48.77 -0.42
N ALA E 50 -14.25 -49.55 -1.18
CA ALA E 50 -14.93 -50.72 -0.65
C ALA E 50 -13.94 -51.85 -0.41
N PRO E 51 -13.97 -52.44 0.78
CA PRO E 51 -13.11 -53.59 1.05
C PRO E 51 -13.72 -54.88 0.50
N LEU E 52 -12.92 -55.63 -0.25
CA LEU E 52 -13.30 -56.97 -0.66
C LEU E 52 -12.43 -57.95 0.11
N PHE E 53 -13.02 -58.68 1.05
CA PHE E 53 -12.25 -59.61 1.88
C PHE E 53 -12.14 -60.98 1.20
N LYS E 54 -10.97 -61.27 0.64
CA LYS E 54 -10.79 -62.49 -0.15
C LYS E 54 -10.27 -63.65 0.70
N ASN E 55 -9.97 -63.36 1.96
CA ASN E 55 -9.37 -64.37 2.84
C ASN E 55 -9.95 -64.29 4.25
N LEU E 56 -11.20 -64.70 4.38
CA LEU E 56 -11.87 -64.73 5.66
C LEU E 56 -11.46 -65.95 6.46
N LYS E 57 -11.18 -65.75 7.74
CA LYS E 57 -10.82 -66.86 8.61
C LYS E 57 -11.98 -67.86 8.71
N GLY E 58 -11.70 -69.12 8.42
CA GLY E 58 -12.73 -70.14 8.47
C GLY E 58 -13.47 -70.33 7.16
N ALA E 59 -12.98 -69.72 6.09
CA ALA E 59 -13.63 -69.89 4.79
C ALA E 59 -13.07 -71.08 4.02
N SER E 60 -13.89 -71.68 3.17
CA SER E 60 -13.42 -72.69 2.23
C SER E 60 -13.13 -71.98 0.93
N LYS E 61 -12.65 -72.72 -0.06
CA LYS E 61 -12.26 -72.12 -1.34
C LYS E 61 -13.39 -71.33 -1.97
N ASP E 62 -14.62 -71.84 -1.87
CA ASP E 62 -15.76 -71.23 -2.54
C ASP E 62 -16.66 -70.40 -1.63
N LEU E 63 -16.64 -70.72 -0.34
CA LEU E 63 -17.55 -70.09 0.60
C LEU E 63 -16.83 -69.52 1.83
N PHE E 64 -16.71 -68.20 1.93
CA PHE E 64 -16.93 -67.25 0.85
C PHE E 64 -16.04 -66.03 1.07
N SER E 65 -16.09 -65.10 0.13
CA SER E 65 -15.49 -63.79 0.32
C SER E 65 -16.54 -62.81 0.77
N ILE E 66 -16.12 -61.63 1.23
CA ILE E 66 -17.07 -60.57 1.52
C ILE E 66 -16.75 -59.26 0.78
N LEU E 67 -17.77 -58.71 0.15
CA LEU E 67 -17.71 -57.36 -0.38
C LEU E 67 -18.45 -56.43 0.57
N GLY E 68 -17.71 -55.55 1.24
CA GLY E 68 -18.30 -54.62 2.16
C GLY E 68 -18.65 -53.32 1.47
N CYS E 69 -19.64 -52.63 2.03
CA CYS E 69 -20.01 -51.28 1.58
C CYS E 69 -20.30 -51.14 0.09
N PRO E 70 -21.18 -51.99 -0.48
CA PRO E 70 -21.49 -51.95 -1.91
C PRO E 70 -22.15 -50.66 -2.36
N ALA E 71 -22.97 -50.07 -1.51
CA ALA E 71 -23.38 -48.69 -1.70
C ALA E 71 -22.53 -47.97 -0.69
N GLY E 72 -22.76 -46.71 -0.41
CA GLY E 72 -21.80 -46.08 0.48
C GLY E 72 -20.95 -45.16 -0.34
N LEU E 73 -20.53 -44.07 0.27
CA LEU E 73 -19.99 -42.96 -0.47
C LEU E 73 -18.49 -43.06 -0.64
N ARG E 74 -17.98 -42.27 -1.57
CA ARG E 74 -16.56 -42.20 -1.90
C ARG E 74 -16.25 -40.77 -2.32
N SER E 75 -14.99 -40.49 -2.60
CA SER E 75 -14.55 -39.13 -2.87
C SER E 75 -15.31 -38.49 -4.04
N LYS E 76 -15.38 -37.17 -4.04
CA LYS E 76 -16.22 -36.45 -4.98
C LYS E 76 -15.64 -36.47 -6.38
N GLU E 77 -14.33 -36.53 -6.49
CA GLU E 77 -13.64 -36.64 -7.78
C GLU E 77 -14.13 -37.82 -8.59
N LYS E 78 -14.29 -38.98 -7.96
CA LYS E 78 -14.75 -40.20 -8.65
C LYS E 78 -16.26 -40.22 -8.84
N GLY E 79 -16.94 -39.20 -8.33
CA GLY E 79 -18.39 -39.21 -8.21
C GLY E 79 -18.76 -39.87 -6.89
N ASP E 80 -19.26 -39.08 -5.93
CA ASP E 80 -19.39 -39.60 -4.57
C ASP E 80 -20.51 -40.63 -4.43
N HIS E 81 -21.53 -40.51 -5.26
CA HIS E 81 -22.58 -41.52 -5.31
C HIS E 81 -22.32 -42.52 -6.43
N GLY E 82 -21.05 -42.66 -6.82
CA GLY E 82 -20.66 -43.60 -7.85
C GLY E 82 -21.15 -45.01 -7.68
N ARG E 83 -21.19 -45.54 -6.46
CA ARG E 83 -21.61 -46.94 -6.29
C ARG E 83 -23.11 -47.12 -6.47
N ILE E 84 -23.90 -46.14 -6.07
CA ILE E 84 -25.34 -46.24 -6.25
C ILE E 84 -25.64 -46.17 -7.73
N ALA E 85 -24.90 -45.28 -8.40
CA ALA E 85 -25.07 -45.09 -9.83
C ALA E 85 -24.77 -46.39 -10.59
N HIS E 86 -23.74 -47.10 -10.19
CA HIS E 86 -23.43 -48.37 -10.84
C HIS E 86 -24.55 -49.40 -10.68
N HIS E 87 -25.30 -49.33 -9.58
CA HIS E 87 -26.41 -50.26 -9.35
C HIS E 87 -27.48 -50.11 -10.45
N LEU E 88 -27.51 -48.96 -11.10
CA LEU E 88 -28.50 -48.68 -12.12
C LEU E 88 -27.90 -48.55 -13.53
N GLY E 89 -26.59 -48.78 -13.64
CA GLY E 89 -25.92 -48.61 -14.91
C GLY E 89 -25.68 -47.17 -15.35
N LEU E 90 -25.81 -46.23 -14.42
CA LEU E 90 -25.62 -44.81 -14.74
C LEU E 90 -24.15 -44.41 -14.69
N ASP E 91 -23.82 -43.29 -15.33
CA ASP E 91 -22.50 -42.67 -15.22
C ASP E 91 -22.19 -42.40 -13.74
N PRO E 92 -21.01 -42.83 -13.28
CA PRO E 92 -20.52 -42.68 -11.90
C PRO E 92 -20.49 -41.24 -11.34
N LYS E 93 -20.52 -40.26 -12.23
CA LYS E 93 -20.50 -38.86 -11.81
C LYS E 93 -21.90 -38.31 -11.71
N THR E 94 -22.89 -39.17 -11.88
CA THR E 94 -24.28 -38.75 -11.78
C THR E 94 -24.58 -38.36 -10.35
N THR E 95 -25.16 -37.18 -10.17
CA THR E 95 -25.49 -36.69 -8.84
C THR E 95 -26.64 -37.48 -8.23
N ILE E 96 -26.82 -37.37 -6.93
CA ILE E 96 -27.90 -38.10 -6.24
C ILE E 96 -29.26 -37.56 -6.71
N LYS E 97 -29.32 -36.28 -7.06
CA LYS E 97 -30.56 -35.70 -7.62
C LYS E 97 -31.00 -36.35 -8.94
N GLU E 98 -30.02 -36.65 -9.79
CA GLU E 98 -30.32 -37.18 -11.11
C GLU E 98 -30.65 -38.66 -11.03
N ILE E 99 -29.99 -39.36 -10.11
CA ILE E 99 -30.27 -40.75 -9.85
C ILE E 99 -31.72 -40.90 -9.39
N ILE E 100 -32.15 -40.02 -8.51
CA ILE E 100 -33.54 -40.01 -8.07
C ILE E 100 -34.45 -39.75 -9.26
N ASP E 101 -34.05 -38.81 -10.10
CA ASP E 101 -34.85 -38.42 -11.25
C ASP E 101 -34.96 -39.51 -12.32
N TYR E 102 -33.93 -40.33 -12.42
CA TYR E 102 -33.93 -41.45 -13.35
C TYR E 102 -34.77 -42.59 -12.83
N LEU E 103 -34.79 -42.77 -11.52
CA LEU E 103 -35.68 -43.77 -10.93
C LEU E 103 -37.15 -43.44 -11.20
N LEU E 104 -37.49 -42.16 -11.31
CA LEU E 104 -38.84 -41.77 -11.67
C LEU E 104 -39.14 -42.11 -13.11
N GLU E 105 -38.22 -41.75 -14.01
CA GLU E 105 -38.40 -42.01 -15.43
C GLU E 105 -38.60 -43.50 -15.66
N CYS E 106 -37.93 -44.32 -14.86
CA CYS E 106 -38.06 -45.76 -14.98
C CYS E 106 -39.45 -46.26 -14.64
N LYS E 107 -40.20 -45.49 -13.86
CA LYS E 107 -41.56 -45.90 -13.49
C LYS E 107 -42.52 -45.75 -14.67
N GLU E 108 -42.04 -45.11 -15.73
CA GLU E 108 -42.85 -44.91 -16.93
C GLU E 108 -42.37 -45.81 -18.06
N LYS E 109 -41.26 -46.48 -17.85
CA LYS E 109 -40.75 -47.46 -18.80
C LYS E 109 -41.66 -48.67 -18.86
N GLU E 110 -41.61 -49.40 -19.97
CA GLU E 110 -42.34 -50.65 -20.05
C GLU E 110 -41.61 -51.70 -19.22
N PRO E 111 -42.33 -52.33 -18.28
CA PRO E 111 -41.71 -53.39 -17.47
C PRO E 111 -41.47 -54.66 -18.28
N LEU E 112 -40.27 -55.22 -18.15
CA LEU E 112 -39.90 -56.47 -18.83
C LEU E 112 -39.80 -57.62 -17.84
N PRO E 113 -40.77 -58.53 -17.86
CA PRO E 113 -40.76 -59.65 -16.92
C PRO E 113 -39.55 -60.55 -17.12
N PRO E 114 -39.16 -61.31 -16.09
CA PRO E 114 -37.91 -62.07 -16.17
C PRO E 114 -37.95 -63.22 -17.18
N ILE E 115 -36.78 -63.62 -17.68
CA ILE E 115 -36.70 -64.69 -18.67
C ILE E 115 -35.90 -65.87 -18.12
N THR E 116 -36.42 -67.07 -18.35
CA THR E 116 -35.79 -68.30 -17.90
C THR E 116 -34.66 -68.71 -18.84
N VAL E 117 -33.53 -69.15 -18.28
CA VAL E 117 -32.37 -69.54 -19.09
C VAL E 117 -31.95 -70.97 -18.72
N PRO E 118 -31.18 -71.63 -19.59
CA PRO E 118 -30.68 -72.98 -19.28
C PRO E 118 -29.82 -73.04 -18.04
N VAL E 119 -30.04 -74.06 -17.22
CA VAL E 119 -29.29 -74.27 -15.98
C VAL E 119 -27.79 -74.28 -16.20
N SER E 120 -27.36 -74.95 -17.27
CA SER E 120 -25.93 -75.06 -17.59
C SER E 120 -25.25 -73.72 -17.87
N SER E 121 -26.04 -72.68 -18.11
CA SER E 121 -25.48 -71.36 -18.32
C SER E 121 -25.68 -70.42 -17.12
N ALA E 122 -26.15 -70.98 -15.99
CA ALA E 122 -26.40 -70.17 -14.80
C ALA E 122 -25.35 -70.45 -13.73
N PRO E 123 -24.40 -69.52 -13.54
CA PRO E 123 -23.30 -69.65 -12.59
C PRO E 123 -23.74 -70.00 -11.17
N CYS E 124 -24.92 -69.57 -10.77
CA CYS E 124 -25.43 -69.87 -9.45
C CYS E 124 -25.75 -71.36 -9.23
N LYS E 125 -25.68 -72.17 -10.29
CA LYS E 125 -25.92 -73.60 -10.19
C LYS E 125 -24.64 -74.43 -10.30
N THR E 126 -23.47 -73.81 -10.18
CA THR E 126 -22.22 -74.55 -10.36
C THR E 126 -22.01 -75.58 -9.27
N HIS E 127 -22.38 -75.22 -8.05
CA HIS E 127 -22.32 -76.17 -6.93
C HIS E 127 -23.69 -76.23 -6.28
N ILE E 128 -24.13 -77.43 -5.95
CA ILE E 128 -25.42 -77.63 -5.31
C ILE E 128 -25.24 -78.53 -4.11
N LEU E 129 -25.72 -78.07 -2.96
CA LEU E 129 -25.68 -78.88 -1.76
C LEU E 129 -27.10 -79.35 -1.44
N SER E 130 -27.21 -80.61 -1.05
CA SER E 130 -28.50 -81.14 -0.59
C SER E 130 -28.58 -80.91 0.92
N GLU E 131 -29.62 -81.43 1.55
CA GLU E 131 -29.89 -81.06 2.93
C GLU E 131 -28.77 -81.45 3.91
N GLU E 132 -28.19 -82.64 3.75
CA GLU E 132 -27.27 -83.17 4.75
C GLU E 132 -25.94 -82.40 4.78
N LYS E 133 -25.67 -81.66 3.71
CA LYS E 133 -24.44 -80.91 3.64
C LYS E 133 -24.65 -79.42 3.90
N ILE E 134 -25.86 -79.05 4.35
CA ILE E 134 -26.08 -77.69 4.84
C ILE E 134 -25.56 -77.52 6.27
N HIS E 135 -24.59 -76.63 6.44
CA HIS E 135 -24.00 -76.37 7.76
C HIS E 135 -23.73 -74.87 7.90
N LEU E 136 -24.74 -74.14 8.36
CA LEU E 136 -24.69 -72.69 8.35
C LEU E 136 -23.65 -72.16 9.33
N GLN E 137 -23.43 -72.89 10.42
CA GLN E 137 -22.53 -72.41 11.45
C GLN E 137 -21.06 -72.64 11.06
N SER E 138 -20.85 -73.31 9.94
CA SER E 138 -19.50 -73.46 9.41
C SER E 138 -19.18 -72.47 8.27
N LEU E 139 -20.13 -71.61 7.93
CA LEU E 139 -19.88 -70.51 7.00
C LEU E 139 -19.19 -69.37 7.76
N PRO E 140 -18.30 -68.62 7.08
CA PRO E 140 -17.63 -67.51 7.76
C PRO E 140 -18.50 -66.26 7.82
N THR E 141 -19.70 -66.43 8.36
CA THR E 141 -20.65 -65.34 8.57
C THR E 141 -20.08 -64.27 9.51
N PRO E 142 -20.31 -63.00 9.19
CA PRO E 142 -19.70 -61.95 10.00
C PRO E 142 -20.49 -61.67 11.26
N TYR E 143 -19.77 -61.34 12.32
CA TYR E 143 -20.36 -60.80 13.52
C TYR E 143 -20.08 -59.30 13.44
N LEU E 144 -21.09 -58.53 13.07
CA LEU E 144 -20.88 -57.17 12.56
C LEU E 144 -20.68 -56.09 13.64
N HIS E 145 -21.46 -56.10 14.71
CA HIS E 145 -21.33 -55.14 15.79
C HIS E 145 -21.03 -55.83 17.10
N VAL E 146 -20.39 -55.12 18.03
CA VAL E 146 -20.34 -55.58 19.41
C VAL E 146 -21.78 -55.70 19.93
N SER E 147 -22.08 -56.82 20.58
CA SER E 147 -23.38 -57.08 21.22
C SER E 147 -24.54 -57.37 20.28
N ASP E 148 -24.26 -57.70 19.03
CA ASP E 148 -25.29 -58.24 18.17
C ASP E 148 -25.79 -59.54 18.76
N GLY E 149 -27.05 -59.88 18.52
CA GLY E 149 -27.61 -61.13 19.00
C GLY E 149 -27.04 -62.36 18.33
N GLY E 150 -26.31 -62.17 17.25
CA GLY E 150 -25.76 -63.29 16.51
C GLY E 150 -25.13 -62.86 15.21
N LYS E 151 -24.68 -63.84 14.43
CA LYS E 151 -24.03 -63.57 13.16
C LYS E 151 -25.06 -63.30 12.07
N TYR E 152 -24.95 -62.17 11.40
CA TYR E 152 -25.90 -61.84 10.36
C TYR E 152 -25.40 -62.16 8.95
N LEU E 153 -25.99 -63.21 8.37
CA LEU E 153 -25.68 -63.66 7.02
C LEU E 153 -26.34 -62.76 6.00
N GLN E 154 -27.52 -62.26 6.36
CA GLN E 154 -28.36 -61.56 5.42
C GLN E 154 -28.46 -60.09 5.78
N THR E 155 -27.69 -59.27 5.07
CA THR E 155 -27.74 -57.82 5.20
C THR E 155 -27.90 -57.15 3.84
N TYR E 156 -27.50 -57.84 2.79
CA TYR E 156 -27.55 -57.27 1.43
C TYR E 156 -28.00 -58.31 0.42
N GLY E 157 -28.80 -59.26 0.86
CA GLY E 157 -29.30 -60.26 -0.06
C GLY E 157 -30.79 -60.07 -0.28
N MET E 158 -31.36 -60.98 -1.05
CA MET E 158 -32.72 -60.82 -1.52
C MET E 158 -33.61 -62.01 -1.14
N TRP E 159 -34.64 -61.76 -0.35
CA TRP E 159 -35.68 -62.75 -0.11
C TRP E 159 -36.62 -62.86 -1.29
N ILE E 160 -36.91 -64.09 -1.70
CA ILE E 160 -37.87 -64.32 -2.76
C ILE E 160 -38.93 -65.28 -2.24
N LEU E 161 -40.18 -64.84 -2.30
CA LEU E 161 -41.32 -65.64 -1.92
C LEU E 161 -42.48 -65.35 -2.85
N GLN E 162 -43.51 -66.18 -2.79
CA GLN E 162 -44.54 -66.23 -3.79
C GLN E 162 -45.84 -66.60 -3.12
N THR E 163 -46.96 -66.19 -3.70
CA THR E 163 -48.26 -66.63 -3.20
C THR E 163 -48.49 -68.08 -3.57
N PRO E 164 -49.37 -68.77 -2.85
CA PRO E 164 -49.68 -70.17 -3.17
C PRO E 164 -50.04 -70.41 -4.64
N ASP E 165 -50.73 -69.47 -5.29
CA ASP E 165 -51.12 -69.65 -6.69
C ASP E 165 -50.11 -69.00 -7.66
N LYS E 166 -48.95 -68.65 -7.13
CA LYS E 166 -47.80 -68.19 -7.92
C LYS E 166 -48.05 -66.99 -8.80
N LYS E 167 -49.00 -66.14 -8.44
CA LYS E 167 -49.31 -64.97 -9.28
C LYS E 167 -48.76 -63.66 -8.72
N TRP E 168 -48.26 -63.68 -7.50
CA TRP E 168 -47.48 -62.55 -6.98
C TRP E 168 -46.13 -63.07 -6.48
N THR E 169 -45.06 -62.53 -7.02
CA THR E 169 -43.73 -62.85 -6.51
C THR E 169 -43.17 -61.60 -5.86
N ASN E 170 -42.72 -61.73 -4.62
CA ASN E 170 -42.18 -60.57 -3.92
C ASN E 170 -40.68 -60.69 -3.67
N TRP E 171 -39.94 -59.68 -4.12
CA TRP E 171 -38.51 -59.56 -3.85
C TRP E 171 -38.24 -58.52 -2.76
N SER E 172 -37.65 -58.95 -1.66
CA SER E 172 -37.43 -58.02 -0.56
C SER E 172 -36.12 -58.25 0.17
N ILE E 173 -35.77 -57.28 1.01
CA ILE E 173 -34.58 -57.34 1.84
C ILE E 173 -34.94 -56.98 3.30
N ALA E 174 -34.62 -57.91 4.18
CA ALA E 174 -34.84 -57.76 5.60
C ALA E 174 -33.75 -58.56 6.25
N ARG E 175 -33.23 -58.07 7.37
CA ARG E 175 -32.04 -58.64 7.98
C ARG E 175 -32.27 -60.08 8.41
N GLY E 176 -31.23 -60.89 8.33
CA GLY E 176 -31.33 -62.30 8.64
C GLY E 176 -30.16 -62.82 9.44
N MET E 177 -30.51 -63.45 10.55
CA MET E 177 -29.57 -63.89 11.55
C MET E 177 -29.47 -65.41 11.54
N VAL E 178 -28.26 -65.95 11.57
CA VAL E 178 -28.10 -67.40 11.70
C VAL E 178 -28.46 -67.80 13.13
N VAL E 179 -29.37 -68.77 13.24
CA VAL E 179 -29.87 -69.25 14.53
C VAL E 179 -29.11 -70.51 14.94
N ASP E 180 -28.89 -71.41 13.99
CA ASP E 180 -28.09 -72.62 14.21
C ASP E 180 -27.70 -73.17 12.85
N ASP E 181 -27.35 -74.46 12.81
CA ASP E 181 -26.75 -75.05 11.62
C ASP E 181 -27.71 -75.16 10.43
N LYS E 182 -29.02 -75.04 10.66
CA LYS E 182 -30.01 -75.20 9.59
C LYS E 182 -30.98 -74.03 9.46
N HIS E 183 -30.99 -73.13 10.44
CA HIS E 183 -32.05 -72.16 10.56
C HIS E 183 -31.60 -70.70 10.53
N ILE E 184 -32.47 -69.86 9.98
CA ILE E 184 -32.27 -68.43 9.89
C ILE E 184 -33.52 -67.78 10.42
N THR E 185 -33.37 -66.69 11.17
CA THR E 185 -34.52 -65.92 11.62
C THR E 185 -34.40 -64.53 11.08
N GLY E 186 -35.53 -63.84 10.96
CA GLY E 186 -35.50 -62.51 10.37
C GLY E 186 -36.59 -61.59 10.83
N LEU E 187 -36.19 -60.38 11.22
CA LEU E 187 -37.14 -59.38 11.65
C LEU E 187 -37.66 -58.60 10.46
N VAL E 188 -38.98 -58.44 10.37
CA VAL E 188 -39.55 -57.60 9.32
C VAL E 188 -40.34 -56.42 9.92
N ILE E 189 -39.98 -55.22 9.49
CA ILE E 189 -40.69 -54.00 9.89
C ILE E 189 -41.20 -53.29 8.64
N LYS E 190 -42.50 -53.45 8.38
CA LYS E 190 -43.12 -52.85 7.23
C LYS E 190 -44.20 -51.88 7.68
N PRO E 191 -44.58 -50.94 6.81
CA PRO E 191 -45.72 -50.07 7.15
C PRO E 191 -47.01 -50.88 7.27
N GLN E 192 -47.98 -50.35 8.00
CA GLN E 192 -49.28 -51.00 8.12
C GLN E 192 -50.09 -50.78 6.84
N HIS E 193 -51.09 -51.63 6.64
CA HIS E 193 -51.98 -51.53 5.48
C HIS E 193 -51.24 -51.68 4.16
N ILE E 194 -50.40 -52.71 4.06
CA ILE E 194 -49.78 -53.08 2.81
C ILE E 194 -49.90 -54.58 2.62
N ARG E 195 -49.92 -55.04 1.36
CA ARG E 195 -50.13 -56.46 1.11
C ARG E 195 -48.93 -57.25 1.61
N GLN E 196 -49.20 -58.38 2.26
CA GLN E 196 -48.19 -59.23 2.86
C GLN E 196 -48.24 -60.65 2.26
N ILE E 197 -47.09 -61.25 2.03
CA ILE E 197 -47.03 -62.60 1.46
C ILE E 197 -47.55 -63.62 2.46
N ALA E 198 -47.29 -63.39 3.74
CA ALA E 198 -47.74 -64.30 4.77
C ALA E 198 -49.24 -64.55 4.69
N ASP E 199 -50.00 -63.48 4.43
CA ASP E 199 -51.45 -63.50 4.51
C ASP E 199 -52.10 -64.47 3.55
N SER E 200 -51.55 -64.60 2.34
CA SER E 200 -52.05 -65.57 1.37
C SER E 200 -51.91 -67.00 1.88
N TRP E 201 -50.75 -67.32 2.43
CA TRP E 201 -50.50 -68.65 2.93
C TRP E 201 -51.33 -68.94 4.17
N ALA E 202 -51.43 -67.94 5.05
CA ALA E 202 -52.16 -68.09 6.29
C ALA E 202 -53.66 -68.26 6.04
N ALA E 203 -54.18 -67.58 5.03
CA ALA E 203 -55.62 -67.63 4.74
C ALA E 203 -56.08 -69.04 4.37
N ILE E 204 -55.21 -69.81 3.73
CA ILE E 204 -55.53 -71.17 3.36
C ILE E 204 -54.98 -72.16 4.39
N GLY E 205 -54.38 -71.62 5.45
CA GLY E 205 -53.90 -72.43 6.56
C GLY E 205 -52.66 -73.22 6.25
N LYS E 206 -51.76 -72.65 5.44
CA LYS E 206 -50.52 -73.33 5.07
C LYS E 206 -49.35 -72.50 5.54
N ALA E 207 -49.51 -71.89 6.71
CA ALA E 207 -48.62 -70.86 7.17
C ALA E 207 -47.35 -71.35 7.85
N ASN E 208 -47.04 -72.65 7.78
CA ASN E 208 -45.81 -73.10 8.41
C ASN E 208 -44.78 -73.83 7.52
N GLU E 209 -45.10 -74.01 6.24
CA GLU E 209 -44.09 -74.48 5.30
C GLU E 209 -44.04 -73.65 4.01
N ILE E 210 -44.00 -72.33 4.17
CA ILE E 210 -43.93 -71.41 3.04
C ILE E 210 -42.57 -71.45 2.33
N PRO E 211 -42.56 -71.72 1.01
CA PRO E 211 -41.30 -71.74 0.26
C PRO E 211 -40.55 -70.40 0.23
N PHE E 212 -39.23 -70.43 0.33
CA PHE E 212 -38.47 -69.22 0.13
C PHE E 212 -37.15 -69.49 -0.59
N ALA E 213 -36.65 -68.45 -1.24
CA ALA E 213 -35.27 -68.46 -1.72
C ALA E 213 -34.57 -67.23 -1.13
N LEU E 214 -33.30 -67.38 -0.75
CA LEU E 214 -32.50 -66.23 -0.31
C LEU E 214 -31.27 -66.08 -1.21
N CYS E 215 -31.16 -64.96 -1.92
CA CYS E 215 -30.15 -64.83 -2.95
C CYS E 215 -29.13 -63.72 -2.66
N PHE E 216 -27.86 -64.05 -2.75
CA PHE E 216 -26.79 -63.08 -2.53
C PHE E 216 -26.01 -62.84 -3.81
N GLY E 217 -25.57 -61.61 -4.03
CA GLY E 217 -24.83 -61.26 -5.23
C GLY E 217 -25.72 -61.21 -6.46
N VAL E 218 -26.96 -60.79 -6.25
CA VAL E 218 -27.91 -60.65 -7.34
C VAL E 218 -27.55 -59.44 -8.21
N PRO E 219 -28.15 -59.35 -9.41
CA PRO E 219 -28.00 -58.15 -10.23
C PRO E 219 -28.23 -56.88 -9.41
N PRO E 220 -27.20 -56.04 -9.24
CA PRO E 220 -27.25 -54.84 -8.41
C PRO E 220 -28.50 -53.99 -8.56
N ALA E 221 -29.12 -54.00 -9.73
CA ALA E 221 -30.36 -53.26 -9.92
C ALA E 221 -31.48 -53.95 -9.17
N ALA E 222 -31.37 -55.27 -9.01
CA ALA E 222 -32.39 -56.00 -8.27
C ALA E 222 -32.29 -55.68 -6.79
N ILE E 223 -31.08 -55.53 -6.28
CA ILE E 223 -30.90 -55.33 -4.84
C ILE E 223 -31.40 -53.94 -4.52
N LEU E 224 -31.26 -53.03 -5.46
CA LEU E 224 -31.68 -51.67 -5.21
C LEU E 224 -33.19 -51.64 -5.13
N VAL E 225 -33.85 -52.03 -6.22
CA VAL E 225 -35.32 -52.05 -6.28
C VAL E 225 -35.96 -52.76 -5.09
N SER E 226 -35.35 -53.85 -4.63
CA SER E 226 -35.95 -54.64 -3.56
C SER E 226 -35.69 -54.04 -2.16
N SER E 227 -35.25 -52.79 -2.11
CA SER E 227 -35.17 -52.05 -0.84
C SER E 227 -36.44 -51.22 -0.69
N MET E 228 -37.10 -50.95 -1.81
CA MET E 228 -38.39 -50.26 -1.84
C MET E 228 -39.50 -51.11 -1.24
N SER E 235 -44.85 -55.25 -10.10
CA SER E 235 -43.95 -56.34 -9.78
C SER E 235 -42.51 -55.87 -9.63
N GLU E 236 -41.80 -56.43 -8.65
CA GLU E 236 -40.41 -56.05 -8.43
C GLU E 236 -39.53 -56.48 -9.58
N SER E 237 -39.66 -57.74 -9.99
CA SER E 237 -38.78 -58.31 -11.00
C SER E 237 -38.94 -57.59 -12.32
N ASP E 238 -40.13 -57.09 -12.59
CA ASP E 238 -40.42 -56.44 -13.87
C ASP E 238 -39.87 -55.03 -13.92
N TYR E 239 -39.84 -54.38 -12.76
CA TYR E 239 -39.31 -53.03 -12.67
C TYR E 239 -37.79 -53.06 -12.76
N VAL E 240 -37.16 -54.15 -12.31
CA VAL E 240 -35.73 -54.36 -12.56
C VAL E 240 -35.52 -54.47 -14.07
N GLY E 241 -36.44 -55.15 -14.73
CA GLY E 241 -36.42 -55.30 -16.17
C GLY E 241 -36.46 -53.97 -16.89
N ALA E 242 -37.41 -53.12 -16.53
CA ALA E 242 -37.50 -51.79 -17.11
C ALA E 242 -36.22 -51.00 -16.82
N ILE E 243 -35.67 -51.16 -15.62
CA ILE E 243 -34.43 -50.47 -15.24
C ILE E 243 -33.25 -50.98 -16.05
N LEU E 244 -33.09 -52.30 -16.13
CA LEU E 244 -32.00 -52.90 -16.89
C LEU E 244 -32.14 -52.76 -18.41
N GLY E 245 -33.35 -52.55 -18.90
CA GLY E 245 -33.59 -52.52 -20.32
C GLY E 245 -33.58 -53.92 -20.92
N GLU E 246 -33.70 -54.92 -20.04
CA GLU E 246 -33.82 -56.32 -20.46
C GLU E 246 -34.32 -57.18 -19.30
N SER E 247 -34.88 -58.34 -19.62
CA SER E 247 -35.32 -59.28 -18.59
C SER E 247 -34.17 -59.78 -17.75
N VAL E 248 -34.36 -59.85 -16.43
CA VAL E 248 -33.40 -60.56 -15.59
C VAL E 248 -33.37 -62.03 -16.02
N PRO E 249 -32.16 -62.59 -16.18
CA PRO E 249 -32.03 -64.04 -16.36
C PRO E 249 -32.32 -64.79 -15.07
N VAL E 250 -33.25 -65.72 -15.11
CA VAL E 250 -33.61 -66.50 -13.93
C VAL E 250 -33.60 -68.00 -14.22
N VAL E 251 -33.44 -68.78 -13.15
CA VAL E 251 -33.56 -70.23 -13.21
C VAL E 251 -34.39 -70.72 -12.02
N LYS E 252 -34.95 -71.90 -12.16
CA LYS E 252 -35.81 -72.43 -11.10
C LYS E 252 -34.96 -73.05 -9.98
N CYS E 253 -35.38 -72.85 -8.73
CA CYS E 253 -34.76 -73.52 -7.58
C CYS E 253 -34.76 -75.05 -7.74
N GLU E 254 -33.98 -75.73 -6.90
CA GLU E 254 -33.91 -77.19 -6.92
C GLU E 254 -35.09 -77.83 -6.19
N THR E 255 -35.39 -77.32 -4.99
CA THR E 255 -36.34 -77.96 -4.07
C THR E 255 -37.73 -77.30 -4.11
N ASN E 256 -37.84 -76.21 -4.85
CA ASN E 256 -39.15 -75.60 -5.02
C ASN E 256 -39.23 -74.90 -6.37
N ASP E 257 -40.32 -74.17 -6.60
CA ASP E 257 -40.59 -73.62 -7.92
C ASP E 257 -40.35 -72.11 -8.01
N LEU E 258 -39.69 -71.53 -7.01
CA LEU E 258 -39.36 -70.11 -7.11
C LEU E 258 -38.29 -69.92 -8.16
N MET E 259 -38.40 -68.83 -8.92
CA MET E 259 -37.35 -68.44 -9.87
C MET E 259 -36.34 -67.49 -9.21
N VAL E 260 -35.05 -67.78 -9.34
CA VAL E 260 -33.97 -66.96 -8.76
C VAL E 260 -33.02 -66.46 -9.84
N PRO E 261 -32.41 -65.28 -9.64
CA PRO E 261 -31.49 -64.74 -10.65
C PRO E 261 -30.31 -65.67 -10.94
N ALA E 262 -30.08 -65.85 -12.23
CA ALA E 262 -29.15 -66.84 -12.73
C ALA E 262 -27.71 -66.56 -12.34
N THR E 263 -27.36 -65.29 -12.19
CA THR E 263 -25.98 -64.93 -11.91
C THR E 263 -25.68 -64.67 -10.42
N SER E 264 -26.59 -65.13 -9.54
CA SER E 264 -26.39 -65.05 -8.10
C SER E 264 -25.12 -65.76 -7.65
N GLU E 265 -24.46 -65.19 -6.64
CA GLU E 265 -23.28 -65.79 -6.04
C GLU E 265 -23.66 -67.03 -5.25
N MET E 266 -24.74 -66.89 -4.51
CA MET E 266 -25.24 -67.93 -3.61
C MET E 266 -26.76 -67.90 -3.60
N VAL E 267 -27.37 -69.06 -3.47
CA VAL E 267 -28.80 -69.13 -3.32
C VAL E 267 -29.09 -70.14 -2.22
N PHE E 268 -29.90 -69.74 -1.23
CA PHE E 268 -30.35 -70.68 -0.21
C PHE E 268 -31.83 -70.99 -0.43
N GLU E 269 -32.19 -72.27 -0.31
CA GLU E 269 -33.59 -72.68 -0.46
C GLU E 269 -34.10 -73.32 0.81
N GLY E 270 -35.40 -73.19 1.06
CA GLY E 270 -36.02 -73.90 2.16
C GLY E 270 -37.44 -73.45 2.41
N THR E 271 -37.92 -73.66 3.63
CA THR E 271 -39.26 -73.23 3.98
C THR E 271 -39.25 -72.35 5.22
N LEU E 272 -40.28 -71.52 5.28
CA LEU E 272 -40.52 -70.59 6.35
C LEU E 272 -41.73 -71.04 7.15
N SER E 273 -41.64 -70.97 8.47
CA SER E 273 -42.80 -71.21 9.32
C SER E 273 -43.19 -69.96 10.09
N LEU E 274 -44.47 -69.60 10.10
CA LEU E 274 -44.93 -68.43 10.85
C LEU E 274 -45.29 -68.79 12.30
N THR E 275 -45.41 -70.08 12.57
CA THR E 275 -45.79 -70.56 13.90
C THR E 275 -44.56 -70.82 14.74
N ASP E 276 -43.59 -71.44 14.11
CA ASP E 276 -42.35 -71.81 14.78
C ASP E 276 -41.44 -70.58 14.85
N THR E 277 -41.33 -69.98 16.03
CA THR E 277 -40.60 -68.72 16.12
C THR E 277 -39.33 -68.81 16.96
N HIS E 278 -38.56 -67.74 16.95
CA HIS E 278 -37.28 -67.69 17.65
C HIS E 278 -37.00 -66.22 17.95
N LEU E 279 -36.24 -65.96 19.01
CA LEU E 279 -35.90 -64.58 19.31
C LEU E 279 -34.86 -64.15 18.31
N GLU E 280 -35.06 -62.96 17.77
CA GLU E 280 -34.16 -62.44 16.76
C GLU E 280 -33.32 -61.39 17.44
N GLY E 281 -32.07 -61.77 17.72
CA GLY E 281 -31.18 -61.05 18.64
C GLY E 281 -30.97 -59.67 18.13
N PRO E 282 -30.44 -58.76 18.98
CA PRO E 282 -30.25 -57.35 18.61
C PRO E 282 -29.30 -57.18 17.42
N PHE E 283 -29.41 -56.05 16.75
CA PHE E 283 -28.58 -55.73 15.61
C PHE E 283 -28.33 -54.22 15.56
N GLY E 284 -27.09 -53.83 15.32
CA GLY E 284 -26.78 -52.43 15.07
C GLY E 284 -27.52 -51.90 13.87
N GLU E 285 -28.33 -50.88 14.08
CA GLU E 285 -29.27 -50.48 13.05
C GLU E 285 -29.00 -49.11 12.46
N MET E 286 -29.94 -48.65 11.64
CA MET E 286 -29.72 -47.50 10.77
C MET E 286 -29.52 -46.19 11.54
N HIS E 287 -29.90 -46.15 12.81
CA HIS E 287 -29.80 -44.90 13.53
C HIS E 287 -28.58 -44.82 14.42
N GLY E 288 -27.75 -45.86 14.37
CA GLY E 288 -26.45 -45.84 15.03
C GLY E 288 -26.31 -46.58 16.34
N TYR E 289 -27.29 -47.40 16.69
CA TYR E 289 -27.28 -48.05 18.01
C TYR E 289 -27.53 -49.55 17.97
N VAL E 290 -26.84 -50.26 18.85
CA VAL E 290 -27.28 -51.57 19.26
C VAL E 290 -27.91 -51.41 20.64
N PHE E 291 -29.21 -51.64 20.72
CA PHE E 291 -29.90 -51.63 21.99
C PHE E 291 -30.01 -53.04 22.49
N LYS E 292 -29.88 -53.24 23.80
CA LYS E 292 -30.12 -54.54 24.40
C LYS E 292 -31.62 -54.75 24.45
N SER E 293 -32.08 -55.91 24.00
CA SER E 293 -33.49 -56.23 24.07
C SER E 293 -33.74 -57.67 23.67
N PRO E 297 -39.57 -62.05 18.64
CA PRO E 297 -40.19 -63.36 18.35
C PRO E 297 -40.52 -63.48 16.87
N CYS E 298 -39.66 -64.16 16.12
CA CYS E 298 -39.67 -64.02 14.66
C CYS E 298 -39.75 -65.36 13.96
N PRO E 299 -40.35 -65.37 12.76
CA PRO E 299 -40.52 -66.59 11.95
C PRO E 299 -39.18 -67.30 11.74
N LEU E 300 -39.22 -68.62 11.70
CA LEU E 300 -38.02 -69.42 11.53
C LEU E 300 -37.90 -69.96 10.11
N TYR E 301 -36.81 -69.60 9.44
CA TYR E 301 -36.53 -70.12 8.11
C TYR E 301 -35.66 -71.36 8.24
N THR E 302 -36.07 -72.44 7.59
CA THR E 302 -35.31 -73.67 7.59
C THR E 302 -34.63 -73.82 6.25
N VAL E 303 -33.29 -73.85 6.25
CA VAL E 303 -32.55 -74.00 5.00
C VAL E 303 -32.48 -75.47 4.63
N LYS E 304 -32.87 -75.80 3.40
CA LYS E 304 -32.95 -77.19 2.98
C LYS E 304 -32.08 -77.52 1.78
N ALA E 305 -31.64 -76.48 1.07
CA ALA E 305 -30.77 -76.65 -0.10
C ALA E 305 -30.07 -75.35 -0.42
N MET E 306 -29.00 -75.45 -1.21
CA MET E 306 -28.11 -74.32 -1.45
C MET E 306 -27.37 -74.49 -2.76
N SER E 307 -27.14 -73.39 -3.48
CA SER E 307 -26.29 -73.46 -4.66
C SER E 307 -25.43 -72.19 -4.76
N TYR E 308 -24.28 -72.30 -5.40
CA TYR E 308 -23.36 -71.18 -5.47
C TYR E 308 -22.38 -71.32 -6.62
N ARG E 309 -21.79 -70.19 -7.03
CA ARG E 309 -20.76 -70.25 -8.04
C ARG E 309 -19.41 -70.42 -7.40
N ASP E 310 -18.41 -70.65 -8.26
CA ASP E 310 -17.03 -70.77 -7.84
C ASP E 310 -16.59 -69.46 -7.21
N ASN E 311 -15.92 -69.57 -6.05
CA ASN E 311 -15.36 -68.43 -5.34
C ASN E 311 -16.42 -67.39 -5.00
N ALA E 312 -17.45 -67.81 -4.26
CA ALA E 312 -18.63 -66.98 -4.10
C ALA E 312 -18.34 -65.74 -3.26
N ILE E 313 -19.07 -64.68 -3.53
CA ILE E 313 -18.92 -63.44 -2.79
C ILE E 313 -20.22 -63.04 -2.11
N LEU E 314 -20.17 -62.96 -0.78
CA LEU E 314 -21.24 -62.41 0.02
C LEU E 314 -21.11 -60.89 0.13
N PRO E 315 -22.06 -60.15 -0.47
CA PRO E 315 -22.17 -58.71 -0.20
C PRO E 315 -22.75 -58.47 1.17
N VAL E 316 -22.19 -57.50 1.88
CA VAL E 316 -22.57 -57.24 3.26
C VAL E 316 -22.77 -55.74 3.52
N SER E 317 -23.81 -55.43 4.27
CA SER E 317 -24.04 -54.07 4.71
C SER E 317 -24.03 -54.02 6.23
N ASN E 318 -23.35 -53.03 6.78
CA ASN E 318 -23.16 -52.93 8.22
C ASN E 318 -23.66 -51.59 8.78
N PRO E 319 -24.93 -51.53 9.17
CA PRO E 319 -25.59 -50.27 9.55
C PRO E 319 -25.02 -49.62 10.81
N GLY E 320 -25.18 -48.29 10.88
CA GLY E 320 -24.72 -47.54 12.02
C GLY E 320 -24.75 -46.05 11.74
N LEU E 321 -23.71 -45.36 12.20
CA LEU E 321 -23.60 -43.93 11.94
C LEU E 321 -23.55 -43.69 10.45
N CYS E 322 -23.97 -42.49 10.03
CA CYS E 322 -23.88 -42.13 8.63
C CYS E 322 -22.41 -42.22 8.16
N THR E 323 -22.16 -42.65 6.92
CA THR E 323 -23.16 -42.94 5.89
C THR E 323 -23.04 -44.37 5.35
N ASP E 324 -24.15 -45.10 5.30
CA ASP E 324 -24.15 -46.43 4.67
C ASP E 324 -25.42 -46.74 3.83
N GLU E 325 -25.65 -48.02 3.56
CA GLU E 325 -26.73 -48.39 2.65
C GLU E 325 -28.11 -48.00 3.17
N THR E 326 -28.31 -48.09 4.47
CA THR E 326 -29.61 -47.75 5.03
C THR E 326 -29.89 -46.26 4.93
N HIS E 327 -28.89 -45.49 4.50
CA HIS E 327 -29.05 -44.07 4.29
C HIS E 327 -29.09 -43.73 2.81
N THR E 328 -28.08 -44.18 2.08
CA THR E 328 -28.01 -43.88 0.66
C THR E 328 -29.10 -44.59 -0.13
N LEU E 329 -29.31 -45.89 0.10
CA LEU E 329 -30.35 -46.61 -0.65
C LEU E 329 -31.75 -46.33 -0.15
N ILE E 330 -31.99 -46.70 1.10
CA ILE E 330 -33.29 -46.52 1.72
C ILE E 330 -33.73 -45.08 1.69
N GLY E 331 -32.84 -44.17 2.07
CA GLY E 331 -33.18 -42.76 2.06
C GLY E 331 -33.54 -42.21 0.70
N SER E 332 -32.87 -42.68 -0.34
CA SER E 332 -33.10 -42.13 -1.66
C SER E 332 -34.29 -42.77 -2.37
N LEU E 333 -34.66 -43.98 -1.95
CA LEU E 333 -35.87 -44.61 -2.45
C LEU E 333 -37.10 -43.95 -1.86
N VAL E 334 -37.06 -43.69 -0.54
CA VAL E 334 -38.15 -42.98 0.12
C VAL E 334 -38.30 -41.59 -0.51
N ALA E 335 -37.18 -40.90 -0.72
CA ALA E 335 -37.18 -39.58 -1.35
C ALA E 335 -37.75 -39.65 -2.75
N THR E 336 -37.39 -40.71 -3.46
CA THR E 336 -37.91 -40.97 -4.80
C THR E 336 -39.43 -41.11 -4.80
N GLU E 337 -39.96 -41.89 -3.85
CA GLU E 337 -41.42 -42.07 -3.74
C GLU E 337 -42.12 -40.83 -3.20
N ALA E 338 -41.41 -40.08 -2.35
CA ALA E 338 -41.97 -38.86 -1.78
C ALA E 338 -42.17 -37.83 -2.87
N LYS E 339 -41.29 -37.87 -3.86
CA LYS E 339 -41.40 -37.01 -5.03
C LYS E 339 -42.59 -37.42 -5.92
N GLU E 340 -42.88 -38.72 -6.01
CA GLU E 340 -44.08 -39.22 -6.70
C GLU E 340 -45.35 -38.72 -6.07
N LEU E 341 -45.38 -38.86 -4.75
CA LEU E 341 -46.56 -38.54 -3.99
C LEU E 341 -46.84 -37.04 -4.08
N ALA E 342 -45.78 -36.26 -4.05
CA ALA E 342 -45.92 -34.80 -4.15
C ALA E 342 -46.56 -34.43 -5.48
N ILE E 343 -46.08 -35.05 -6.55
CA ILE E 343 -46.55 -34.74 -7.89
C ILE E 343 -47.98 -35.25 -8.12
N GLU E 344 -48.28 -36.44 -7.63
CA GLU E 344 -49.63 -36.97 -7.77
C GLU E 344 -50.62 -36.31 -6.81
N SER E 345 -50.12 -35.58 -5.83
CA SER E 345 -51.00 -34.86 -4.91
C SER E 345 -51.20 -33.42 -5.37
N GLY E 346 -50.52 -33.05 -6.44
CA GLY E 346 -50.52 -31.67 -6.91
C GLY E 346 -49.77 -30.68 -6.02
N LEU E 347 -48.82 -31.17 -5.21
CA LEU E 347 -48.04 -30.27 -4.32
C LEU E 347 -46.86 -29.61 -5.03
N PRO E 348 -46.64 -28.31 -4.75
CA PRO E 348 -45.59 -27.55 -5.43
C PRO E 348 -44.19 -27.92 -4.93
N ILE E 349 -43.77 -29.15 -5.19
CA ILE E 349 -42.51 -29.69 -4.66
C ILE E 349 -41.53 -29.99 -5.78
N LEU E 350 -40.37 -29.33 -5.76
CA LEU E 350 -39.34 -29.56 -6.78
C LEU E 350 -38.51 -30.81 -6.48
N ASP E 351 -38.17 -31.02 -5.22
CA ASP E 351 -37.26 -32.11 -4.84
C ASP E 351 -37.53 -32.61 -3.44
N ALA E 352 -37.06 -33.82 -3.18
CA ALA E 352 -37.17 -34.43 -1.88
C ALA E 352 -35.87 -35.14 -1.56
N PHE E 353 -35.46 -35.14 -0.29
CA PHE E 353 -34.21 -35.79 0.05
C PHE E 353 -34.18 -36.14 1.53
N MET E 354 -33.48 -37.22 1.87
CA MET E 354 -33.23 -37.56 3.25
C MET E 354 -31.73 -37.43 3.56
N PRO E 355 -31.34 -36.30 4.19
CA PRO E 355 -29.95 -36.06 4.56
C PRO E 355 -29.38 -37.23 5.36
N TYR E 356 -28.17 -37.67 5.02
CA TYR E 356 -27.56 -38.82 5.66
C TYR E 356 -27.13 -38.50 7.11
N GLU E 357 -26.76 -37.25 7.36
CA GLU E 357 -26.40 -36.80 8.71
C GLU E 357 -27.55 -36.98 9.71
N ALA E 358 -28.78 -36.97 9.23
CA ALA E 358 -29.91 -37.13 10.12
C ALA E 358 -30.40 -38.57 10.16
N GLN E 359 -29.57 -39.51 9.72
CA GLN E 359 -29.81 -40.95 9.85
C GLN E 359 -31.13 -41.41 9.24
N ALA E 360 -31.53 -40.78 8.14
CA ALA E 360 -32.76 -41.15 7.44
C ALA E 360 -34.04 -41.00 8.27
N LEU E 361 -34.03 -40.05 9.21
CA LEU E 361 -35.21 -39.68 9.98
C LEU E 361 -35.78 -38.35 9.51
N TRP E 362 -35.00 -37.58 8.75
CA TRP E 362 -35.50 -36.31 8.19
C TRP E 362 -35.82 -36.44 6.71
N LEU E 363 -36.98 -35.94 6.31
CA LEU E 363 -37.29 -35.80 4.90
C LEU E 363 -37.37 -34.32 4.57
N ILE E 364 -36.58 -33.85 3.63
CA ILE E 364 -36.65 -32.43 3.30
C ILE E 364 -37.33 -32.27 1.95
N LEU E 365 -38.39 -31.47 1.92
CA LEU E 365 -39.08 -31.16 0.66
C LEU E 365 -38.74 -29.74 0.24
N LYS E 366 -38.23 -29.59 -0.98
CA LYS E 366 -37.86 -28.28 -1.50
C LYS E 366 -39.02 -27.68 -2.26
N VAL E 367 -39.57 -26.60 -1.73
CA VAL E 367 -40.85 -26.10 -2.20
C VAL E 367 -40.73 -25.02 -3.25
N ASP E 368 -41.35 -25.26 -4.40
CA ASP E 368 -41.45 -24.25 -5.44
C ASP E 368 -42.29 -23.12 -4.93
N LEU E 369 -41.70 -21.95 -4.83
CA LEU E 369 -42.37 -20.84 -4.13
C LEU E 369 -43.55 -20.26 -4.88
N LYS E 370 -43.42 -20.13 -6.20
CA LYS E 370 -44.50 -19.53 -6.98
C LYS E 370 -45.69 -20.48 -7.09
N GLY E 371 -45.43 -21.77 -7.05
CA GLY E 371 -46.49 -22.75 -6.90
C GLY E 371 -47.18 -22.71 -5.55
N LEU E 372 -46.42 -22.48 -4.48
CA LEU E 372 -46.98 -22.40 -3.13
C LEU E 372 -47.88 -21.18 -2.99
N GLN E 373 -47.43 -20.06 -3.56
CA GLN E 373 -48.16 -18.82 -3.50
C GLN E 373 -49.48 -18.92 -4.23
N ALA E 374 -49.55 -19.82 -5.22
CA ALA E 374 -50.78 -20.01 -6.00
C ALA E 374 -51.86 -20.72 -5.19
N LEU E 375 -51.46 -21.53 -4.20
CA LEU E 375 -52.41 -22.19 -3.33
C LEU E 375 -53.11 -21.21 -2.40
N LYS E 376 -52.55 -20.01 -2.27
CA LYS E 376 -53.05 -18.99 -1.35
C LYS E 376 -53.32 -19.54 0.05
N THR E 377 -52.38 -20.32 0.57
CA THR E 377 -52.57 -21.00 1.84
C THR E 377 -51.72 -20.40 2.94
N THR E 378 -51.71 -21.06 4.10
CA THR E 378 -50.99 -20.59 5.26
C THR E 378 -50.15 -21.74 5.81
N PRO E 379 -49.08 -21.43 6.55
CA PRO E 379 -48.20 -22.47 7.09
C PRO E 379 -48.96 -23.61 7.80
N GLU E 380 -49.89 -23.24 8.67
CA GLU E 380 -50.64 -24.21 9.45
C GLU E 380 -51.40 -25.20 8.55
N GLU E 381 -52.13 -24.67 7.57
CA GLU E 381 -52.83 -25.49 6.59
C GLU E 381 -51.90 -26.31 5.69
N PHE E 382 -50.79 -25.71 5.26
CA PHE E 382 -49.92 -26.41 4.34
C PHE E 382 -49.19 -27.53 5.06
N CYS E 383 -48.75 -27.25 6.28
CA CYS E 383 -48.09 -28.26 7.09
C CYS E 383 -49.03 -29.41 7.41
N LYS E 384 -50.30 -29.07 7.63
CA LYS E 384 -51.36 -30.05 7.82
C LYS E 384 -51.59 -30.88 6.55
N LYS E 385 -51.64 -30.20 5.40
CA LYS E 385 -51.82 -30.89 4.14
C LYS E 385 -50.70 -31.90 3.87
N VAL E 386 -49.45 -31.42 3.95
CA VAL E 386 -48.29 -32.23 3.68
C VAL E 386 -48.18 -33.42 4.65
N GLY E 387 -48.41 -33.15 5.93
CA GLY E 387 -48.33 -34.19 6.95
C GLY E 387 -49.34 -35.30 6.76
N ASP E 388 -50.58 -34.92 6.50
CA ASP E 388 -51.66 -35.87 6.24
C ASP E 388 -51.36 -36.76 5.03
N ILE E 389 -50.70 -36.19 4.03
CA ILE E 389 -50.35 -36.93 2.81
C ILE E 389 -49.27 -37.98 3.06
N TYR E 390 -48.19 -37.60 3.75
CA TYR E 390 -47.03 -38.47 3.93
C TYR E 390 -47.11 -39.37 5.16
N PHE E 391 -47.57 -38.86 6.29
CA PHE E 391 -47.54 -39.62 7.53
C PHE E 391 -48.67 -40.64 7.67
N ARG E 392 -49.71 -40.48 6.86
CA ARG E 392 -50.81 -41.44 6.83
C ARG E 392 -50.68 -42.35 5.60
N THR E 393 -49.45 -42.45 5.10
CA THR E 393 -49.12 -43.20 3.89
C THR E 393 -47.84 -43.99 4.14
N LYS E 394 -47.58 -45.02 3.35
CA LYS E 394 -46.44 -45.90 3.54
C LYS E 394 -45.11 -45.24 3.23
N VAL E 395 -45.15 -44.11 2.51
CA VAL E 395 -43.93 -43.42 2.11
C VAL E 395 -43.26 -42.82 3.34
N GLY E 396 -44.08 -42.26 4.22
CA GLY E 396 -43.60 -41.56 5.39
C GLY E 396 -43.35 -42.48 6.57
N PHE E 397 -43.40 -43.79 6.34
CA PHE E 397 -43.24 -44.75 7.45
C PHE E 397 -41.97 -44.53 8.28
N ILE E 398 -40.80 -44.52 7.66
CA ILE E 398 -39.55 -44.31 8.41
C ILE E 398 -39.30 -42.84 8.76
N VAL E 399 -40.06 -41.94 8.16
CA VAL E 399 -39.85 -40.51 8.34
C VAL E 399 -40.50 -40.01 9.63
N HIS E 400 -39.74 -39.28 10.45
CA HIS E 400 -40.28 -38.69 11.66
C HIS E 400 -40.34 -37.18 11.66
N GLU E 401 -39.51 -36.53 10.85
CA GLU E 401 -39.66 -35.10 10.70
C GLU E 401 -39.57 -34.73 9.23
N ILE E 402 -40.58 -34.01 8.75
CA ILE E 402 -40.59 -33.52 7.38
C ILE E 402 -40.32 -32.04 7.42
N ILE E 403 -39.35 -31.59 6.65
CA ILE E 403 -38.93 -30.21 6.74
C ILE E 403 -39.20 -29.47 5.42
N LEU E 404 -39.94 -28.37 5.48
CA LEU E 404 -40.29 -27.60 4.30
C LEU E 404 -39.37 -26.41 4.11
N VAL E 405 -38.66 -26.34 2.99
CA VAL E 405 -37.81 -25.18 2.71
C VAL E 405 -38.10 -24.62 1.34
N ALA E 406 -37.74 -23.36 1.13
CA ALA E 406 -37.96 -22.69 -0.13
C ALA E 406 -37.00 -23.20 -1.19
N ASP E 407 -37.16 -22.76 -2.43
CA ASP E 407 -36.34 -23.29 -3.52
C ASP E 407 -34.95 -22.66 -3.64
N ASP E 408 -34.58 -21.83 -2.67
CA ASP E 408 -33.25 -21.22 -2.66
C ASP E 408 -32.24 -22.10 -1.92
N ILE E 409 -32.74 -23.17 -1.30
CA ILE E 409 -31.89 -24.13 -0.60
C ILE E 409 -31.54 -25.34 -1.45
N ASP E 410 -30.25 -25.71 -1.48
CA ASP E 410 -29.83 -26.95 -2.12
C ASP E 410 -29.97 -28.09 -1.12
N ILE E 411 -31.08 -28.84 -1.21
CA ILE E 411 -31.43 -29.80 -0.16
C ILE E 411 -30.54 -31.04 -0.13
N PHE E 412 -29.67 -31.18 -1.12
CA PHE E 412 -28.69 -32.26 -1.18
C PHE E 412 -27.36 -31.89 -0.54
N ASN E 413 -27.24 -30.64 -0.12
CA ASN E 413 -26.06 -30.16 0.61
C ASN E 413 -26.42 -29.80 2.04
N PHE E 414 -25.94 -30.60 2.99
CA PHE E 414 -26.42 -30.47 4.35
C PHE E 414 -25.98 -29.17 5.03
N LYS E 415 -24.96 -28.51 4.53
CA LYS E 415 -24.61 -27.19 5.06
C LYS E 415 -25.75 -26.20 4.84
N GLU E 416 -26.40 -26.28 3.68
CA GLU E 416 -27.51 -25.41 3.36
C GLU E 416 -28.78 -25.80 4.15
N VAL E 417 -28.99 -27.09 4.33
CA VAL E 417 -30.16 -27.58 5.04
C VAL E 417 -30.15 -27.18 6.51
N ILE E 418 -29.05 -27.45 7.22
CA ILE E 418 -28.93 -27.09 8.62
C ILE E 418 -29.03 -25.58 8.80
N TRP E 419 -28.53 -24.83 7.83
CA TRP E 419 -28.64 -23.38 7.86
C TRP E 419 -30.10 -22.96 7.86
N ALA E 420 -30.86 -23.53 6.94
CA ALA E 420 -32.29 -23.24 6.76
C ALA E 420 -33.10 -23.67 7.97
N TYR E 421 -32.87 -24.88 8.46
CA TYR E 421 -33.58 -25.42 9.59
C TYR E 421 -33.49 -24.54 10.83
N VAL E 422 -32.27 -24.19 11.23
CA VAL E 422 -32.06 -23.41 12.45
C VAL E 422 -32.51 -21.95 12.34
N THR E 423 -32.39 -21.36 11.15
CA THR E 423 -32.67 -19.93 11.05
C THR E 423 -34.06 -19.59 10.52
N ARG E 424 -34.77 -20.56 9.93
CA ARG E 424 -36.07 -20.26 9.34
C ARG E 424 -37.27 -20.85 10.09
N HIS E 425 -37.03 -21.54 11.20
CA HIS E 425 -38.15 -22.04 11.97
C HIS E 425 -38.01 -21.71 13.45
N THR E 426 -39.09 -21.18 14.01
CA THR E 426 -39.23 -20.98 15.44
C THR E 426 -39.42 -22.32 16.13
N PRO E 427 -38.49 -22.67 17.03
CA PRO E 427 -38.63 -23.91 17.80
C PRO E 427 -40.03 -24.08 18.40
N VAL E 428 -40.61 -25.26 18.18
CA VAL E 428 -41.94 -25.65 18.67
C VAL E 428 -43.09 -24.90 17.98
N ALA E 429 -43.06 -23.58 17.95
CA ALA E 429 -44.14 -22.82 17.32
C ALA E 429 -44.32 -23.07 15.82
N ASP E 430 -43.28 -23.50 15.11
CA ASP E 430 -43.40 -23.74 13.67
C ASP E 430 -43.28 -25.22 13.35
N GLN E 431 -43.43 -26.06 14.37
CA GLN E 431 -43.49 -27.50 14.19
C GLN E 431 -44.92 -27.99 14.42
N MET E 432 -45.42 -28.86 13.56
CA MET E 432 -46.79 -29.35 13.72
C MET E 432 -46.73 -30.81 14.07
N ALA E 433 -47.23 -31.16 15.27
CA ALA E 433 -47.13 -32.52 15.76
C ALA E 433 -48.17 -33.39 15.09
N PHE E 434 -47.85 -34.66 14.88
CA PHE E 434 -48.85 -35.63 14.43
C PHE E 434 -48.91 -36.77 15.43
N ASP E 435 -49.94 -36.76 16.27
CA ASP E 435 -50.05 -37.64 17.42
C ASP E 435 -50.54 -39.06 17.13
N ASP E 436 -51.27 -39.26 16.04
CA ASP E 436 -51.96 -40.54 15.85
C ASP E 436 -51.46 -41.36 14.67
N VAL E 437 -50.55 -40.80 13.88
CA VAL E 437 -49.95 -41.56 12.81
C VAL E 437 -49.03 -42.63 13.37
N THR E 438 -48.73 -43.64 12.57
CA THR E 438 -47.90 -44.76 13.03
C THR E 438 -46.43 -44.37 13.17
N SER E 439 -45.83 -44.71 14.30
CA SER E 439 -44.41 -44.46 14.58
C SER E 439 -43.50 -45.49 13.93
N PHE E 440 -42.27 -45.07 13.65
CA PHE E 440 -41.23 -45.99 13.21
C PHE E 440 -40.64 -46.65 14.46
N PRO E 441 -40.84 -47.96 14.62
CA PRO E 441 -40.40 -48.65 15.85
C PRO E 441 -38.89 -48.56 16.08
N LEU E 442 -38.12 -48.44 15.01
CA LEU E 442 -36.68 -48.47 15.15
C LEU E 442 -36.11 -47.15 15.64
N ALA E 443 -36.84 -46.06 15.47
CA ALA E 443 -36.36 -44.76 15.93
C ALA E 443 -35.99 -44.83 17.41
N PRO E 444 -34.75 -44.42 17.77
CA PRO E 444 -34.32 -44.61 19.17
C PRO E 444 -35.19 -43.88 20.20
N PHE E 445 -35.64 -42.67 19.89
CA PHE E 445 -36.47 -41.95 20.85
C PHE E 445 -37.85 -42.60 21.00
N VAL E 446 -38.23 -43.42 20.02
CA VAL E 446 -39.43 -44.22 20.12
C VAL E 446 -39.16 -45.47 20.98
N SER E 447 -38.16 -46.25 20.59
CA SER E 447 -37.90 -47.55 21.22
C SER E 447 -37.45 -47.42 22.67
N GLN E 448 -36.75 -46.34 23.00
CA GLN E 448 -36.31 -46.11 24.36
C GLN E 448 -37.30 -45.28 25.16
N SER E 449 -38.58 -45.34 24.82
CA SER E 449 -39.64 -44.65 25.56
C SER E 449 -40.91 -45.47 25.62
N SER E 450 -41.94 -44.96 26.29
CA SER E 450 -43.22 -45.67 26.41
C SER E 450 -44.00 -45.72 25.07
N ARG E 451 -43.49 -44.99 24.08
CA ARG E 451 -44.08 -44.94 22.76
C ARG E 451 -43.88 -46.28 22.04
N SER E 452 -42.87 -47.02 22.46
CA SER E 452 -42.63 -48.36 21.95
C SER E 452 -43.82 -49.29 22.19
N LYS E 453 -44.68 -48.93 23.14
CA LYS E 453 -45.84 -49.75 23.46
C LYS E 453 -47.10 -49.27 22.73
N THR E 454 -47.25 -47.96 22.60
CA THR E 454 -48.42 -47.37 21.94
C THR E 454 -48.24 -47.32 20.42
N MET E 455 -47.01 -47.06 20.00
CA MET E 455 -46.62 -47.05 18.59
C MET E 455 -47.31 -45.98 17.75
N LYS E 456 -47.76 -44.93 18.39
CA LYS E 456 -48.36 -43.81 17.69
C LYS E 456 -47.63 -42.49 17.99
N GLY E 457 -47.66 -41.58 17.02
CA GLY E 457 -47.18 -40.23 17.21
C GLY E 457 -45.68 -40.06 17.08
N GLY E 458 -45.17 -38.97 17.66
CA GLY E 458 -43.74 -38.69 17.66
C GLY E 458 -43.25 -38.15 16.34
N LYS E 459 -44.18 -37.69 15.51
CA LYS E 459 -43.81 -37.21 14.19
C LYS E 459 -44.21 -35.76 14.07
N CYS E 460 -43.54 -35.03 13.20
CA CYS E 460 -43.94 -33.65 12.96
C CYS E 460 -43.59 -33.13 11.59
N VAL E 461 -44.25 -32.03 11.22
CA VAL E 461 -43.90 -31.24 10.07
C VAL E 461 -43.34 -29.89 10.54
N THR E 462 -42.11 -29.58 10.16
CA THR E 462 -41.49 -28.33 10.55
C THR E 462 -41.49 -27.31 9.40
N ASN E 463 -42.13 -26.17 9.61
CA ASN E 463 -42.12 -25.12 8.61
C ASN E 463 -40.85 -24.25 8.66
N CYS E 464 -40.01 -24.37 7.65
CA CYS E 464 -38.84 -23.51 7.47
C CYS E 464 -39.00 -22.63 6.23
N ILE E 465 -40.22 -22.18 6.02
CA ILE E 465 -40.52 -21.23 4.96
C ILE E 465 -41.03 -19.95 5.59
N PHE E 466 -40.37 -18.84 5.28
CA PHE E 466 -40.76 -17.55 5.82
C PHE E 466 -42.21 -17.25 5.50
N ARG E 467 -42.90 -16.59 6.42
CA ARG E 467 -44.33 -16.36 6.25
C ARG E 467 -44.62 -15.59 4.96
N GLN E 468 -43.74 -14.66 4.62
CA GLN E 468 -43.96 -13.83 3.45
C GLN E 468 -43.88 -14.67 2.18
N GLN E 469 -43.07 -15.72 2.22
CA GLN E 469 -42.83 -16.52 1.02
C GLN E 469 -44.09 -17.32 0.64
N TYR E 470 -45.03 -17.44 1.56
CA TYR E 470 -46.34 -18.03 1.24
C TYR E 470 -47.15 -17.10 0.36
N GLU E 471 -46.84 -15.80 0.41
CA GLU E 471 -47.67 -14.76 -0.19
C GLU E 471 -47.09 -14.08 -1.41
N ARG E 472 -45.80 -13.78 -1.37
CA ARG E 472 -45.21 -13.01 -2.43
C ARG E 472 -43.71 -13.13 -2.43
N SER E 473 -43.08 -12.58 -3.46
CA SER E 473 -41.63 -12.59 -3.59
C SER E 473 -40.98 -11.95 -2.37
N PHE E 474 -39.89 -12.56 -1.92
CA PHE E 474 -39.17 -12.09 -0.74
C PHE E 474 -37.66 -12.14 -1.00
N ASP E 475 -37.07 -10.99 -1.28
CA ASP E 475 -35.65 -10.91 -1.61
C ASP E 475 -34.75 -10.60 -0.42
N TYR E 476 -33.86 -11.53 -0.11
CA TYR E 476 -32.82 -11.30 0.87
C TYR E 476 -31.52 -11.74 0.27
N ILE E 477 -30.42 -11.23 0.80
CA ILE E 477 -29.08 -11.62 0.39
C ILE E 477 -28.59 -12.76 1.28
N THR E 478 -28.07 -13.82 0.67
CA THR E 478 -27.43 -14.90 1.41
C THR E 478 -25.97 -14.53 1.65
N CYS E 479 -25.56 -14.45 2.90
CA CYS E 479 -24.25 -13.90 3.24
C CYS E 479 -23.12 -14.93 3.23
N ASN E 480 -22.84 -15.47 2.04
CA ASN E 480 -21.66 -16.29 1.82
C ASN E 480 -20.94 -15.86 0.54
N PHE E 481 -19.95 -16.63 0.13
CA PHE E 481 -19.13 -16.23 -0.99
C PHE E 481 -19.88 -16.42 -2.31
N GLU E 482 -20.24 -17.65 -2.64
CA GLU E 482 -20.81 -17.98 -3.95
C GLU E 482 -22.18 -17.33 -4.22
N LYS E 483 -23.00 -17.16 -3.19
CA LYS E 483 -24.34 -16.62 -3.39
C LYS E 483 -24.44 -15.15 -3.00
N GLY E 484 -23.50 -14.66 -2.20
CA GLY E 484 -23.56 -13.30 -1.69
C GLY E 484 -23.13 -12.19 -2.64
N TYR E 485 -22.34 -12.52 -3.64
CA TYR E 485 -21.67 -11.49 -4.45
C TYR E 485 -21.97 -11.67 -5.92
N PRO E 486 -21.94 -10.58 -6.70
CA PRO E 486 -22.23 -10.71 -8.12
C PRO E 486 -21.24 -11.68 -8.71
N LYS E 487 -21.71 -12.58 -9.58
CA LYS E 487 -20.83 -13.47 -10.32
C LYS E 487 -19.85 -12.60 -11.11
N GLY E 488 -18.63 -13.05 -11.29
CA GLY E 488 -17.68 -12.21 -11.98
C GLY E 488 -16.77 -11.50 -10.97
N LEU E 489 -17.36 -11.05 -9.86
CA LEU E 489 -16.55 -10.69 -8.70
C LEU E 489 -16.08 -12.00 -8.09
N VAL E 490 -17.02 -12.95 -7.98
CA VAL E 490 -16.71 -14.31 -7.57
C VAL E 490 -15.66 -14.95 -8.46
N ASP E 491 -15.81 -14.73 -9.76
CA ASP E 491 -14.89 -15.29 -10.75
C ASP E 491 -13.53 -14.63 -10.66
N LYS E 492 -13.54 -13.30 -10.53
CA LYS E 492 -12.32 -12.55 -10.38
C LYS E 492 -11.50 -13.09 -9.21
N VAL E 493 -12.15 -13.24 -8.07
CA VAL E 493 -11.50 -13.68 -6.84
C VAL E 493 -10.96 -15.10 -6.94
N ASN E 494 -11.71 -16.00 -7.58
CA ASN E 494 -11.24 -17.37 -7.75
C ASN E 494 -10.03 -17.40 -8.71
N GLU E 495 -10.12 -16.65 -9.79
CA GLU E 495 -9.00 -16.52 -10.73
C GLU E 495 -7.77 -15.88 -10.06
N ASN E 496 -7.98 -14.84 -9.28
CA ASN E 496 -6.86 -14.14 -8.64
C ASN E 496 -6.32 -14.77 -7.35
N TRP E 497 -6.98 -15.84 -6.89
CA TRP E 497 -6.71 -16.42 -5.57
C TRP E 497 -5.26 -16.81 -5.33
N LYS E 498 -4.63 -17.45 -6.30
CA LYS E 498 -3.26 -17.89 -6.06
C LYS E 498 -2.27 -16.72 -6.13
N ARG E 499 -2.57 -15.73 -6.95
CA ARG E 499 -1.74 -14.53 -7.09
C ARG E 499 -1.69 -13.71 -5.80
N TYR E 500 -2.85 -13.63 -5.12
CA TYR E 500 -2.95 -12.97 -3.82
C TYR E 500 -1.98 -13.60 -2.83
N GLY E 501 -1.83 -14.92 -2.90
CA GLY E 501 -0.92 -15.64 -2.03
C GLY E 501 -1.52 -16.89 -1.42
N TYR E 502 -2.77 -17.17 -1.75
CA TYR E 502 -3.43 -18.36 -1.24
C TYR E 502 -2.96 -19.58 -2.02
N LYS E 503 -3.05 -20.74 -1.38
CA LYS E 503 -2.63 -22.00 -2.00
C LYS E 503 -3.65 -22.54 -2.98
N LYS F 3 52.42 53.57 40.09
CA LYS F 3 52.52 52.27 40.73
C LYS F 3 51.19 51.82 41.34
N LEU F 4 50.73 50.63 41.00
CA LEU F 4 49.42 50.20 41.48
C LEU F 4 49.51 49.27 42.66
N ASN F 5 48.71 49.56 43.69
CA ASN F 5 48.56 48.65 44.81
C ASN F 5 47.10 48.27 44.99
N PRO F 6 46.61 47.30 44.21
CA PRO F 6 45.20 46.89 44.25
C PRO F 6 44.73 46.42 45.62
N ALA F 7 45.62 45.87 46.43
CA ALA F 7 45.26 45.38 47.76
C ALA F 7 44.84 46.52 48.66
N LEU F 8 45.52 47.65 48.52
CA LEU F 8 45.35 48.80 49.38
C LEU F 8 44.24 49.74 48.92
N GLU F 9 44.15 49.98 47.62
CA GLU F 9 43.18 50.93 47.08
C GLU F 9 42.21 50.31 46.07
N PHE F 10 40.93 50.50 46.35
CA PHE F 10 39.86 49.97 45.53
C PHE F 10 39.98 50.44 44.10
N ARG F 11 40.44 51.67 43.94
CA ARG F 11 40.49 52.25 42.62
C ARG F 11 41.70 51.77 41.84
N ASP F 12 42.75 51.38 42.56
CA ASP F 12 43.88 50.72 41.93
C ASP F 12 43.44 49.34 41.48
N PHE F 13 42.63 48.69 42.31
CA PHE F 13 42.09 47.38 41.98
C PHE F 13 41.36 47.44 40.63
N ILE F 14 40.42 48.36 40.52
CA ILE F 14 39.72 48.66 39.28
C ILE F 14 40.65 48.93 38.08
N GLN F 15 41.72 49.69 38.31
CA GLN F 15 42.66 50.02 37.25
C GLN F 15 43.36 48.78 36.73
N VAL F 16 43.81 47.93 37.64
CA VAL F 16 44.52 46.71 37.25
C VAL F 16 43.61 45.80 36.42
N LEU F 17 42.31 45.92 36.61
CA LEU F 17 41.37 45.09 35.85
C LEU F 17 41.21 45.62 34.42
N LYS F 18 41.20 46.95 34.26
CA LYS F 18 41.20 47.54 32.91
C LYS F 18 42.51 47.19 32.20
N ASP F 19 43.60 47.27 32.96
CA ASP F 19 44.92 46.87 32.49
C ASP F 19 44.94 45.48 31.87
N GLU F 20 44.37 44.50 32.58
CA GLU F 20 44.41 43.12 32.11
C GLU F 20 43.23 42.76 31.19
N ASP F 21 42.45 43.78 30.81
CA ASP F 21 41.24 43.59 30.00
C ASP F 21 40.26 42.66 30.67
N ASP F 22 40.09 42.89 31.96
CA ASP F 22 39.19 42.11 32.81
C ASP F 22 38.12 43.05 33.34
N LEU F 23 37.82 44.11 32.59
CA LEU F 23 36.79 45.04 33.01
C LEU F 23 36.16 45.73 31.81
N ILE F 24 34.84 45.72 31.76
CA ILE F 24 34.11 46.37 30.68
C ILE F 24 33.35 47.55 31.26
N GLU F 25 33.68 48.75 30.77
CA GLU F 25 33.00 49.97 31.22
C GLU F 25 31.74 50.19 30.40
N ILE F 26 30.59 49.95 31.02
CA ILE F 26 29.31 50.02 30.33
C ILE F 26 28.74 51.44 30.44
N THR F 27 28.78 52.16 29.33
CA THR F 27 28.44 53.58 29.31
C THR F 27 26.97 53.86 29.00
N GLU F 28 26.25 52.91 28.43
CA GLU F 28 24.84 53.16 28.16
C GLU F 28 24.04 52.98 29.43
N GLU F 29 22.76 53.34 29.36
CA GLU F 29 21.90 53.34 30.55
C GLU F 29 21.42 51.95 30.91
N ILE F 30 21.75 51.53 32.13
CA ILE F 30 21.30 50.25 32.67
C ILE F 30 20.41 50.49 33.88
N ASP F 31 19.29 49.77 33.92
CA ASP F 31 18.34 49.83 35.03
C ASP F 31 18.86 49.04 36.23
N PRO F 32 18.90 49.67 37.41
CA PRO F 32 19.25 48.92 38.61
C PRO F 32 18.24 47.83 38.92
N ASN F 33 17.02 47.97 38.40
CA ASN F 33 16.00 46.95 38.59
C ASN F 33 16.25 45.76 37.66
N LEU F 34 16.67 44.63 38.22
CA LEU F 34 16.95 43.40 37.48
C LEU F 34 18.12 43.44 36.49
N GLU F 35 18.29 44.54 35.77
CA GLU F 35 19.17 44.56 34.62
C GLU F 35 20.62 44.40 35.05
N VAL F 36 20.99 45.03 36.15
CA VAL F 36 22.33 44.88 36.71
C VAL F 36 22.58 43.42 37.11
N GLY F 37 21.62 42.85 37.82
CA GLY F 37 21.72 41.47 38.28
C GLY F 37 21.91 40.46 37.16
N ALA F 38 21.13 40.59 36.11
CA ALA F 38 21.18 39.67 34.96
C ALA F 38 22.52 39.72 34.25
N ILE F 39 23.00 40.92 33.96
CA ILE F 39 24.32 41.11 33.38
C ILE F 39 25.44 40.49 34.21
N MET F 40 25.46 40.78 35.50
CA MET F 40 26.43 40.19 36.41
C MET F 40 26.42 38.66 36.37
N ARG F 41 25.22 38.10 36.50
CA ARG F 41 25.01 36.66 36.47
C ARG F 41 25.52 36.01 35.18
N LYS F 42 25.28 36.67 34.05
CA LYS F 42 25.79 36.16 32.81
C LYS F 42 27.32 36.17 32.86
N ALA F 43 27.89 37.25 33.36
CA ALA F 43 29.34 37.37 33.42
C ALA F 43 29.96 36.34 34.37
N TYR F 44 29.35 36.14 35.55
CA TYR F 44 29.82 35.10 36.46
C TYR F 44 29.89 33.76 35.78
N GLU F 45 28.80 33.39 35.13
CA GLU F 45 28.61 32.02 34.71
C GLU F 45 29.47 31.64 33.52
N SER F 46 30.00 32.60 32.78
CA SER F 46 30.90 32.28 31.69
C SER F 46 32.32 32.78 31.99
N HIS F 47 32.57 33.11 33.25
CA HIS F 47 33.89 33.61 33.68
C HIS F 47 34.35 34.78 32.80
N LEU F 48 33.47 35.76 32.67
CA LEU F 48 33.73 36.88 31.80
C LEU F 48 34.13 38.11 32.62
N PRO F 49 34.88 39.03 32.00
CA PRO F 49 35.32 40.28 32.61
C PRO F 49 34.24 40.95 33.44
N ALA F 50 34.64 41.70 34.46
CA ALA F 50 33.71 42.36 35.38
C ALA F 50 33.07 43.58 34.75
N PRO F 51 31.75 43.72 34.90
CA PRO F 51 31.06 44.92 34.40
C PRO F 51 31.16 46.12 35.34
N LEU F 52 31.54 47.27 34.80
CA LEU F 52 31.47 48.52 35.53
C LEU F 52 30.33 49.35 34.95
N PHE F 53 29.26 49.51 35.72
CA PHE F 53 28.10 50.27 35.28
C PHE F 53 28.26 51.76 35.61
N LYS F 54 28.69 52.55 34.63
CA LYS F 54 28.96 53.98 34.86
C LYS F 54 27.75 54.88 34.61
N ASN F 55 26.62 54.28 34.26
CA ASN F 55 25.46 55.07 33.86
C ASN F 55 24.18 54.36 34.25
N LEU F 56 23.98 54.18 35.54
CA LEU F 56 22.77 53.55 36.05
C LEU F 56 21.60 54.49 35.94
N LYS F 57 20.43 53.96 35.65
CA LYS F 57 19.25 54.79 35.64
C LYS F 57 18.94 55.27 37.04
N GLY F 58 18.78 56.57 37.21
CA GLY F 58 18.47 57.16 38.50
C GLY F 58 19.67 57.66 39.27
N ALA F 59 20.86 57.42 38.73
CA ALA F 59 22.08 57.88 39.38
C ALA F 59 22.31 59.37 39.19
N SER F 60 22.89 60.01 40.20
CA SER F 60 23.39 61.37 40.07
C SER F 60 24.86 61.30 39.67
N LYS F 61 25.53 62.44 39.62
CA LYS F 61 26.93 62.48 39.18
C LYS F 61 27.83 61.55 39.99
N ASP F 62 27.76 61.66 41.31
CA ASP F 62 28.69 60.94 42.18
C ASP F 62 28.10 59.67 42.80
N LEU F 63 26.78 59.59 42.85
CA LEU F 63 26.09 58.49 43.53
C LEU F 63 25.08 57.74 42.64
N PHE F 64 25.46 56.60 42.05
CA PHE F 64 26.79 56.04 42.08
C PHE F 64 26.97 55.13 40.88
N SER F 65 28.20 54.73 40.60
CA SER F 65 28.46 53.65 39.67
C SER F 65 28.46 52.33 40.40
N ILE F 66 28.31 51.22 39.67
CA ILE F 66 28.39 49.89 40.28
C ILE F 66 29.49 49.07 39.63
N LEU F 67 30.35 48.48 40.47
CA LEU F 67 31.25 47.43 40.00
C LEU F 67 30.66 46.07 40.35
N GLY F 68 30.47 45.24 39.33
CA GLY F 68 29.94 43.90 39.52
C GLY F 68 31.00 42.83 39.46
N CYS F 69 30.75 41.74 40.19
CA CYS F 69 31.63 40.57 40.18
C CYS F 69 33.09 40.85 40.56
N PRO F 70 33.34 41.57 41.69
CA PRO F 70 34.71 41.94 42.10
C PRO F 70 35.63 40.77 42.33
N ALA F 71 35.06 39.65 42.77
CA ALA F 71 35.81 38.42 42.85
C ALA F 71 35.17 37.55 41.81
N GLY F 72 35.32 36.25 41.88
CA GLY F 72 34.73 35.49 40.80
C GLY F 72 35.66 35.41 39.61
N LEU F 73 35.46 34.36 38.82
CA LEU F 73 36.51 33.86 37.95
C LEU F 73 36.58 34.54 36.60
N ARG F 74 37.72 34.34 35.94
CA ARG F 74 37.97 34.81 34.59
C ARG F 74 38.77 33.76 33.84
N SER F 75 39.15 34.04 32.59
CA SER F 75 39.80 33.05 31.73
C SER F 75 41.14 32.60 32.27
N LYS F 76 41.51 31.36 31.98
CA LYS F 76 42.72 30.79 32.56
C LYS F 76 43.99 31.53 32.17
N GLU F 77 44.03 32.08 30.95
CA GLU F 77 45.24 32.74 30.45
C GLU F 77 45.63 33.95 31.30
N LYS F 78 44.67 34.74 31.75
CA LYS F 78 44.95 35.90 32.62
C LYS F 78 45.28 35.48 34.05
N GLY F 79 45.00 34.22 34.36
CA GLY F 79 44.98 33.76 35.73
C GLY F 79 43.52 33.75 36.15
N ASP F 80 42.96 32.55 36.29
CA ASP F 80 41.51 32.43 36.48
C ASP F 80 41.05 32.97 37.82
N HIS F 81 41.95 33.02 38.80
CA HIS F 81 41.65 33.62 40.11
C HIS F 81 42.30 34.98 40.30
N GLY F 82 42.75 35.58 39.20
CA GLY F 82 43.40 36.89 39.26
C GLY F 82 42.73 37.95 40.13
N ARG F 83 41.41 38.00 40.10
CA ARG F 83 40.67 38.99 40.89
C ARG F 83 40.83 38.81 42.40
N ILE F 84 40.94 37.56 42.85
CA ILE F 84 41.11 37.28 44.26
C ILE F 84 42.55 37.58 44.65
N ALA F 85 43.49 37.22 43.80
CA ALA F 85 44.90 37.51 44.03
C ALA F 85 45.13 39.01 44.16
N HIS F 86 44.44 39.79 43.33
CA HIS F 86 44.61 41.23 43.37
C HIS F 86 44.13 41.82 44.70
N HIS F 87 43.23 41.12 45.39
CA HIS F 87 42.77 41.55 46.71
C HIS F 87 43.88 41.51 47.74
N LEU F 88 44.91 40.70 47.47
CA LEU F 88 45.99 40.43 48.40
C LEU F 88 47.30 40.90 47.81
N GLY F 89 47.22 41.58 46.68
CA GLY F 89 48.40 42.12 46.02
C GLY F 89 49.33 41.07 45.48
N LEU F 90 48.80 39.91 45.10
CA LEU F 90 49.62 38.84 44.56
C LEU F 90 49.69 38.91 43.04
N ASP F 91 50.67 38.20 42.47
CA ASP F 91 50.73 37.95 41.04
C ASP F 91 49.38 37.41 40.59
N PRO F 92 48.78 38.03 39.57
CA PRO F 92 47.49 37.66 38.97
C PRO F 92 47.36 36.18 38.62
N LYS F 93 48.47 35.56 38.27
CA LYS F 93 48.44 34.18 37.83
C LYS F 93 48.59 33.20 38.98
N THR F 94 48.53 33.70 40.20
CA THR F 94 48.70 32.84 41.36
C THR F 94 47.51 31.89 41.45
N THR F 95 47.79 30.61 41.68
CA THR F 95 46.75 29.61 41.80
C THR F 95 46.01 29.76 43.13
N ILE F 96 44.80 29.23 43.20
CA ILE F 96 43.96 29.37 44.39
C ILE F 96 44.64 28.65 45.56
N LYS F 97 45.38 27.59 45.25
CA LYS F 97 46.12 26.87 46.27
C LYS F 97 47.19 27.75 46.90
N GLU F 98 47.88 28.52 46.06
CA GLU F 98 48.93 29.39 46.57
C GLU F 98 48.34 30.56 47.34
N ILE F 99 47.19 31.05 46.89
CA ILE F 99 46.49 32.12 47.59
C ILE F 99 46.15 31.70 49.01
N ILE F 100 45.60 30.49 49.13
CA ILE F 100 45.27 29.92 50.42
C ILE F 100 46.51 29.78 51.29
N ASP F 101 47.62 29.33 50.69
CA ASP F 101 48.86 29.16 51.43
C ASP F 101 49.43 30.49 51.89
N TYR F 102 49.21 31.53 51.11
CA TYR F 102 49.66 32.86 51.48
C TYR F 102 48.86 33.39 52.66
N LEU F 103 47.54 33.25 52.62
CA LEU F 103 46.74 33.66 53.77
C LEU F 103 47.25 32.98 55.03
N LEU F 104 47.58 31.71 54.91
CA LEU F 104 48.17 30.96 56.00
C LEU F 104 49.49 31.60 56.45
N GLU F 105 50.34 31.95 55.49
CA GLU F 105 51.59 32.63 55.79
C GLU F 105 51.33 33.96 56.50
N CYS F 106 50.28 34.65 56.11
CA CYS F 106 49.94 35.95 56.70
C CYS F 106 49.49 35.85 58.14
N LYS F 107 49.15 34.66 58.59
CA LYS F 107 48.76 34.51 59.99
C LYS F 107 49.99 34.38 60.90
N GLU F 108 51.17 34.31 60.30
CA GLU F 108 52.42 34.27 61.04
C GLU F 108 53.06 35.65 61.18
N LYS F 109 52.58 36.60 60.39
CA LYS F 109 53.07 37.97 60.46
C LYS F 109 52.66 38.58 61.77
N GLU F 110 53.36 39.63 62.18
CA GLU F 110 52.92 40.38 63.33
C GLU F 110 51.79 41.28 62.88
N PRO F 111 50.71 41.30 63.66
CA PRO F 111 49.59 42.21 63.38
C PRO F 111 50.07 43.64 63.27
N LEU F 112 49.28 44.47 62.64
CA LEU F 112 49.65 45.84 62.40
C LEU F 112 48.38 46.66 62.45
N PRO F 113 48.13 47.31 63.60
CA PRO F 113 46.95 48.14 63.84
C PRO F 113 46.81 49.24 62.80
N PRO F 114 45.62 49.84 62.69
CA PRO F 114 45.46 50.94 61.74
C PRO F 114 46.17 52.21 62.20
N ILE F 115 46.41 53.10 61.24
CA ILE F 115 46.99 54.41 61.52
C ILE F 115 46.00 55.49 61.13
N THR F 116 45.81 56.49 62.01
CA THR F 116 44.86 57.55 61.72
C THR F 116 45.47 58.62 60.84
N VAL F 117 44.69 59.08 59.86
CA VAL F 117 45.09 60.16 58.97
C VAL F 117 44.07 61.29 59.10
N PRO F 118 44.43 62.52 58.72
CA PRO F 118 43.44 63.61 58.80
C PRO F 118 42.41 63.61 57.67
N VAL F 119 41.25 64.20 57.95
CA VAL F 119 40.13 64.28 57.01
C VAL F 119 40.53 64.71 55.59
N SER F 120 41.43 65.67 55.49
CA SER F 120 41.83 66.21 54.18
C SER F 120 42.71 65.25 53.38
N SER F 121 43.07 64.11 53.98
CA SER F 121 43.82 63.08 53.27
C SER F 121 42.95 61.85 53.06
N ALA F 122 41.67 62.00 53.33
CA ALA F 122 40.71 60.92 53.25
C ALA F 122 39.72 61.17 52.13
N PRO F 123 39.95 60.54 50.97
CA PRO F 123 39.09 60.70 49.80
C PRO F 123 37.63 60.44 50.13
N CYS F 124 37.38 59.55 51.09
CA CYS F 124 36.01 59.22 51.48
C CYS F 124 35.28 60.42 52.06
N LYS F 125 36.03 61.34 52.65
CA LYS F 125 35.45 62.49 53.33
C LYS F 125 35.22 63.69 52.41
N THR F 126 35.49 63.50 51.12
CA THR F 126 35.41 64.58 50.13
C THR F 126 34.02 65.22 50.04
N HIS F 127 32.96 64.41 50.15
CA HIS F 127 31.59 64.90 50.24
C HIS F 127 30.96 64.42 51.54
N ILE F 128 30.22 65.28 52.22
CA ILE F 128 29.60 64.90 53.49
C ILE F 128 28.15 65.34 53.55
N LEU F 129 27.28 64.43 53.99
CA LEU F 129 25.86 64.71 54.11
C LEU F 129 25.41 64.69 55.56
N SER F 130 24.57 65.65 55.93
CA SER F 130 23.92 65.67 57.23
C SER F 130 22.66 64.80 57.16
N GLU F 131 22.00 64.64 58.29
CA GLU F 131 20.92 63.66 58.42
C GLU F 131 19.77 63.80 57.42
N GLU F 132 19.35 65.00 57.07
CA GLU F 132 18.17 65.11 56.21
C GLU F 132 18.50 65.35 54.74
N LYS F 133 19.76 65.20 54.35
CA LYS F 133 20.07 65.11 52.93
C LYS F 133 20.22 63.64 52.59
N ILE F 134 19.97 62.81 53.60
CA ILE F 134 19.97 61.37 53.43
C ILE F 134 18.63 60.89 52.90
N HIS F 135 18.69 60.34 51.69
CA HIS F 135 17.52 59.79 51.04
C HIS F 135 17.95 58.50 50.36
N LEU F 136 17.72 57.38 51.06
CA LEU F 136 18.20 56.09 50.61
C LEU F 136 17.46 55.60 49.39
N GLN F 137 16.16 55.85 49.35
CA GLN F 137 15.34 55.46 48.22
C GLN F 137 15.62 56.26 46.95
N SER F 138 16.45 57.29 47.06
CA SER F 138 16.85 58.06 45.88
C SER F 138 18.09 57.47 45.22
N LEU F 139 18.69 56.49 45.88
CA LEU F 139 19.90 55.86 45.35
C LEU F 139 19.53 54.81 44.31
N PRO F 140 20.36 54.67 43.27
CA PRO F 140 20.12 53.63 42.26
C PRO F 140 20.47 52.24 42.81
N THR F 141 19.84 51.83 43.90
CA THR F 141 20.11 50.53 44.49
C THR F 141 19.60 49.38 43.61
N PRO F 142 20.47 48.40 43.34
CA PRO F 142 20.08 47.26 42.50
C PRO F 142 19.01 46.42 43.14
N TYR F 143 18.06 46.01 42.32
CA TYR F 143 17.13 44.94 42.68
C TYR F 143 17.69 43.69 42.01
N LEU F 144 18.37 42.85 42.79
CA LEU F 144 19.29 41.88 42.19
C LEU F 144 18.67 40.59 41.65
N HIS F 145 17.73 39.99 42.37
CA HIS F 145 17.07 38.79 41.89
C HIS F 145 15.58 39.03 41.83
N VAL F 146 14.91 38.39 40.87
CA VAL F 146 13.46 38.30 40.88
C VAL F 146 12.98 37.64 42.18
N SER F 147 11.98 38.26 42.82
CA SER F 147 11.41 37.80 44.11
C SER F 147 12.23 38.17 45.35
N ASP F 148 13.32 38.92 45.17
CA ASP F 148 14.03 39.46 46.33
C ASP F 148 13.05 40.31 47.16
N GLY F 149 13.34 40.51 48.44
CA GLY F 149 12.42 41.20 49.31
C GLY F 149 12.56 42.71 49.29
N GLY F 150 13.55 43.17 48.56
CA GLY F 150 13.83 44.59 48.49
C GLY F 150 15.12 44.77 47.73
N LYS F 151 15.56 46.01 47.62
CA LYS F 151 16.79 46.32 46.93
C LYS F 151 17.93 46.16 47.91
N TYR F 152 18.98 45.44 47.52
CA TYR F 152 20.08 45.23 48.44
C TYR F 152 21.27 46.12 48.14
N LEU F 153 21.43 47.10 49.00
CA LEU F 153 22.54 48.04 48.94
C LEU F 153 23.83 47.41 49.43
N GLN F 154 23.72 46.52 50.39
CA GLN F 154 24.91 45.97 51.00
C GLN F 154 25.06 44.49 50.66
N THR F 155 25.98 44.23 49.74
CA THR F 155 26.33 42.87 49.36
C THR F 155 27.84 42.70 49.36
N TYR F 156 28.56 43.82 49.26
CA TYR F 156 30.02 43.75 49.21
C TYR F 156 30.66 44.93 49.94
N GLY F 157 29.97 45.43 50.97
CA GLY F 157 30.55 46.43 51.84
C GLY F 157 30.93 45.84 53.16
N MET F 158 31.43 46.70 54.06
CA MET F 158 31.92 46.26 55.36
C MET F 158 31.18 46.93 56.51
N TRP F 159 30.59 46.13 57.39
CA TRP F 159 30.02 46.67 58.63
C TRP F 159 31.13 46.91 59.64
N ILE F 160 31.07 48.06 60.30
CA ILE F 160 32.00 48.36 61.39
C ILE F 160 31.25 48.57 62.70
N LEU F 161 31.52 47.73 63.69
CA LEU F 161 30.92 47.92 65.01
C LEU F 161 31.91 47.76 66.15
N GLN F 162 31.53 48.28 67.31
CA GLN F 162 32.44 48.32 68.46
C GLN F 162 31.70 48.08 69.75
N THR F 163 32.36 47.43 70.69
CA THR F 163 31.86 47.33 72.05
C THR F 163 31.88 48.70 72.69
N PRO F 164 31.02 48.93 73.68
CA PRO F 164 30.99 50.21 74.37
C PRO F 164 32.34 50.67 74.94
N ASP F 165 33.21 49.76 75.38
CA ASP F 165 34.47 50.19 75.99
C ASP F 165 35.60 50.30 74.95
N LYS F 166 35.22 50.22 73.69
CA LYS F 166 36.11 50.50 72.55
C LYS F 166 37.28 49.53 72.34
N LYS F 167 37.25 48.36 72.96
CA LYS F 167 38.40 47.46 72.89
C LYS F 167 38.22 46.27 71.94
N TRP F 168 37.00 46.05 71.45
CA TRP F 168 36.79 45.08 70.38
C TRP F 168 36.07 45.78 69.24
N THR F 169 36.74 45.82 68.10
CA THR F 169 36.16 46.36 66.88
C THR F 169 35.89 45.20 65.93
N ASN F 170 34.72 45.19 65.31
CA ASN F 170 34.38 44.11 64.39
C ASN F 170 34.13 44.63 62.99
N TRP F 171 34.84 44.04 62.03
CA TRP F 171 34.64 44.29 60.61
C TRP F 171 34.02 43.07 59.99
N SER F 172 32.85 43.23 59.38
CA SER F 172 32.18 42.07 58.83
C SER F 172 31.36 42.43 57.60
N ILE F 173 30.78 41.41 56.98
CA ILE F 173 29.91 41.61 55.83
C ILE F 173 28.69 40.71 55.93
N ALA F 174 27.52 41.34 55.94
CA ALA F 174 26.27 40.62 56.02
C ALA F 174 25.29 41.40 55.17
N ARG F 175 24.45 40.69 54.42
CA ARG F 175 23.61 41.33 53.43
C ARG F 175 22.72 42.40 54.04
N GLY F 176 22.53 43.50 53.30
CA GLY F 176 21.82 44.65 53.80
C GLY F 176 20.83 45.25 52.82
N MET F 177 19.59 45.32 53.27
CA MET F 177 18.46 45.65 52.42
C MET F 177 17.94 47.04 52.76
N VAL F 178 17.60 47.84 51.77
CA VAL F 178 16.97 49.12 52.07
C VAL F 178 15.51 48.89 52.49
N VAL F 179 15.11 49.54 53.58
CA VAL F 179 13.77 49.36 54.17
C VAL F 179 12.89 50.55 53.85
N ASP F 180 13.44 51.74 54.01
CA ASP F 180 12.78 52.98 53.59
C ASP F 180 13.84 54.04 53.30
N ASP F 181 13.46 55.31 53.33
CA ASP F 181 14.38 56.35 52.93
C ASP F 181 15.47 56.61 53.98
N LYS F 182 15.38 55.92 55.11
CA LYS F 182 16.32 56.13 56.20
C LYS F 182 16.86 54.82 56.79
N HIS F 183 16.09 53.74 56.70
CA HIS F 183 16.48 52.48 57.35
C HIS F 183 17.00 51.40 56.40
N ILE F 184 17.87 50.55 56.95
CA ILE F 184 18.41 49.39 56.27
C ILE F 184 18.24 48.24 57.25
N THR F 185 17.99 47.03 56.77
CA THR F 185 18.01 45.91 57.69
C THR F 185 18.94 44.79 57.23
N GLY F 186 19.71 44.26 58.19
CA GLY F 186 20.68 43.22 57.90
C GLY F 186 20.33 41.87 58.53
N LEU F 187 20.68 40.80 57.83
CA LEU F 187 20.45 39.45 58.33
C LEU F 187 21.78 38.79 58.56
N VAL F 188 22.09 38.51 59.81
CA VAL F 188 23.37 37.89 60.15
C VAL F 188 23.20 36.43 60.55
N ILE F 189 23.92 35.54 59.87
CA ILE F 189 23.88 34.12 60.19
C ILE F 189 25.23 33.69 60.74
N LYS F 190 25.29 33.41 62.03
CA LYS F 190 26.55 33.02 62.65
C LYS F 190 26.40 31.70 63.40
N PRO F 191 27.53 30.99 63.58
CA PRO F 191 27.51 29.81 64.45
C PRO F 191 27.10 30.17 65.87
N GLN F 192 26.65 29.18 66.63
CA GLN F 192 26.21 29.45 67.98
C GLN F 192 27.37 29.52 68.96
N HIS F 193 27.09 30.10 70.14
CA HIS F 193 28.04 30.14 71.25
C HIS F 193 29.34 30.83 70.85
N ILE F 194 29.20 31.92 70.11
CA ILE F 194 30.32 32.79 69.79
C ILE F 194 29.95 34.21 70.25
N ARG F 195 30.95 35.02 70.57
CA ARG F 195 30.66 36.37 71.05
C ARG F 195 30.03 37.23 69.96
N GLN F 196 29.18 38.16 70.38
CA GLN F 196 28.59 39.12 69.45
C GLN F 196 28.63 40.52 70.04
N ILE F 197 29.07 41.48 69.24
CA ILE F 197 29.12 42.88 69.64
C ILE F 197 27.81 43.36 70.26
N ALA F 198 26.70 42.86 69.74
CA ALA F 198 25.39 43.28 70.19
C ALA F 198 25.16 43.08 71.68
N ASP F 199 25.61 41.93 72.20
CA ASP F 199 25.39 41.57 73.60
C ASP F 199 26.01 42.58 74.56
N SER F 200 27.11 43.16 74.12
CA SER F 200 27.83 44.16 74.92
C SER F 200 26.98 45.39 75.14
N TRP F 201 26.25 45.79 74.10
CA TRP F 201 25.44 46.99 74.18
C TRP F 201 24.12 46.73 74.93
N ALA F 202 23.51 45.59 74.67
CA ALA F 202 22.28 45.22 75.38
C ALA F 202 22.54 45.09 76.89
N ALA F 203 23.72 44.58 77.23
CA ALA F 203 24.13 44.40 78.64
C ALA F 203 23.97 45.66 79.48
N ILE F 204 24.36 46.81 78.94
CA ILE F 204 24.28 48.08 79.66
C ILE F 204 23.01 48.83 79.32
N GLY F 205 22.04 48.12 78.74
CA GLY F 205 20.73 48.70 78.45
C GLY F 205 20.67 49.62 77.26
N LYS F 206 21.60 49.49 76.33
CA LYS F 206 21.62 50.35 75.15
C LYS F 206 21.33 49.60 73.86
N ALA F 207 20.42 48.63 73.94
CA ALA F 207 20.09 47.78 72.79
C ALA F 207 19.52 48.60 71.64
N ASN F 208 18.92 49.73 71.96
CA ASN F 208 18.22 50.57 71.00
C ASN F 208 19.13 51.53 70.21
N GLU F 209 20.37 51.72 70.65
CA GLU F 209 21.19 52.78 70.05
C GLU F 209 22.65 52.41 69.76
N ILE F 210 22.86 51.26 69.14
CA ILE F 210 24.21 50.80 68.83
C ILE F 210 24.74 51.50 67.57
N PRO F 211 25.84 52.26 67.70
CA PRO F 211 26.34 52.96 66.51
C PRO F 211 26.96 51.98 65.51
N PHE F 212 26.97 52.36 64.24
CA PHE F 212 27.58 51.53 63.19
C PHE F 212 28.13 52.35 62.05
N ALA F 213 29.14 51.81 61.39
CA ALA F 213 29.57 52.32 60.09
C ALA F 213 29.43 51.23 59.02
N LEU F 214 29.01 51.62 57.82
CA LEU F 214 28.90 50.70 56.68
C LEU F 214 29.73 51.28 55.53
N CYS F 215 30.79 50.58 55.14
CA CYS F 215 31.72 51.15 54.18
C CYS F 215 31.76 50.37 52.87
N PHE F 216 31.73 51.09 51.76
CA PHE F 216 31.80 50.49 50.44
C PHE F 216 33.07 50.94 49.73
N GLY F 217 33.67 50.07 48.95
CA GLY F 217 34.89 50.38 48.25
C GLY F 217 36.12 50.49 49.13
N VAL F 218 36.16 49.68 50.19
CA VAL F 218 37.27 49.66 51.12
C VAL F 218 38.48 49.02 50.47
N PRO F 219 39.65 49.11 51.12
CA PRO F 219 40.77 48.29 50.63
C PRO F 219 40.36 46.84 50.46
N PRO F 220 40.48 46.32 49.22
CA PRO F 220 40.19 44.95 48.83
C PRO F 220 40.68 43.90 49.80
N ALA F 221 41.80 44.15 50.47
CA ALA F 221 42.31 43.21 51.43
C ALA F 221 41.39 43.15 52.65
N ALA F 222 40.74 44.27 52.95
CA ALA F 222 39.83 44.34 54.10
C ALA F 222 38.51 43.63 53.83
N ILE F 223 38.04 43.70 52.60
CA ILE F 223 36.74 43.13 52.28
C ILE F 223 36.88 41.61 52.26
N LEU F 224 38.09 41.15 51.95
CA LEU F 224 38.37 39.74 51.95
C LEU F 224 38.44 39.22 53.37
N VAL F 225 39.32 39.79 54.17
CA VAL F 225 39.48 39.39 55.57
C VAL F 225 38.16 39.37 56.35
N SER F 226 37.26 40.31 56.03
CA SER F 226 36.02 40.40 56.78
C SER F 226 34.86 39.57 56.22
N SER F 227 35.08 38.76 55.20
CA SER F 227 33.94 38.05 54.63
C SER F 227 33.69 36.72 55.31
N MET F 228 34.63 36.24 56.09
CA MET F 228 34.31 35.17 57.02
C MET F 228 34.75 35.50 58.45
N PRO F 229 33.93 35.08 59.44
CA PRO F 229 34.29 35.20 60.86
C PRO F 229 35.68 34.64 61.12
N ILE F 230 36.55 35.54 61.59
CA ILE F 230 37.93 35.23 61.87
C ILE F 230 38.02 34.66 63.29
N PRO F 231 39.08 33.89 63.61
CA PRO F 231 39.25 33.40 64.99
C PRO F 231 39.01 34.47 66.06
N GLU F 232 38.26 34.14 67.10
CA GLU F 232 37.81 35.13 68.09
C GLU F 232 38.92 36.02 68.65
N GLY F 233 40.08 35.44 68.89
CA GLY F 233 41.20 36.17 69.43
C GLY F 233 41.71 37.30 68.55
N VAL F 234 41.92 36.99 67.26
CA VAL F 234 42.62 37.89 66.35
C VAL F 234 41.77 39.11 65.95
N SER F 235 42.46 40.24 65.72
CA SER F 235 41.82 41.45 65.23
C SER F 235 41.77 41.48 63.70
N GLU F 236 40.63 41.87 63.14
CA GLU F 236 40.47 41.87 61.69
C GLU F 236 41.26 43.00 61.05
N SER F 237 41.20 44.18 61.65
CA SER F 237 41.90 45.34 61.13
C SER F 237 43.41 45.13 61.10
N ASP F 238 43.93 44.46 62.12
CA ASP F 238 45.38 44.35 62.28
C ASP F 238 45.92 43.23 61.41
N TYR F 239 45.06 42.28 61.05
CA TYR F 239 45.44 41.16 60.19
C TYR F 239 45.49 41.64 58.75
N VAL F 240 44.59 42.56 58.40
CA VAL F 240 44.62 43.23 57.10
C VAL F 240 45.92 44.00 56.96
N GLY F 241 46.27 44.72 58.02
CA GLY F 241 47.49 45.49 58.07
C GLY F 241 48.68 44.60 57.78
N ALA F 242 48.71 43.42 58.39
CA ALA F 242 49.80 42.49 58.14
C ALA F 242 49.83 42.02 56.69
N ILE F 243 48.64 41.82 56.10
CA ILE F 243 48.55 41.40 54.71
C ILE F 243 49.06 42.50 53.78
N LEU F 244 48.64 43.73 54.03
CA LEU F 244 49.11 44.89 53.27
C LEU F 244 50.61 45.18 53.48
N GLY F 245 51.11 44.92 54.67
CA GLY F 245 52.49 45.22 55.00
C GLY F 245 52.64 46.64 55.49
N GLU F 246 51.50 47.31 55.60
CA GLU F 246 51.45 48.65 56.18
C GLU F 246 50.11 48.83 56.86
N SER F 247 49.99 49.88 57.66
CA SER F 247 48.79 50.13 58.44
C SER F 247 47.66 50.56 57.52
N VAL F 248 46.43 50.19 57.83
CA VAL F 248 45.27 50.65 57.06
C VAL F 248 44.93 52.08 57.47
N PRO F 249 44.94 53.00 56.49
CA PRO F 249 44.56 54.39 56.75
C PRO F 249 43.08 54.55 57.09
N VAL F 250 42.79 54.89 58.33
CA VAL F 250 41.43 55.09 58.78
C VAL F 250 41.19 56.53 59.22
N VAL F 251 39.92 56.95 59.19
CA VAL F 251 39.54 58.22 59.77
C VAL F 251 38.33 58.03 60.65
N LYS F 252 38.10 58.98 61.56
CA LYS F 252 36.95 58.92 62.44
C LYS F 252 35.69 59.20 61.64
N CYS F 253 34.57 58.61 62.07
CA CYS F 253 33.28 58.95 61.51
C CYS F 253 32.92 60.34 61.96
N GLU F 254 31.93 60.95 61.32
CA GLU F 254 31.60 62.31 61.71
C GLU F 254 30.35 62.41 62.58
N THR F 255 29.87 61.28 63.10
CA THR F 255 28.79 61.30 64.08
C THR F 255 28.94 60.24 65.18
N ASN F 256 30.03 59.48 65.14
CA ASN F 256 30.38 58.60 66.26
C ASN F 256 31.87 58.33 66.33
N ASP F 257 32.26 57.37 67.17
CA ASP F 257 33.67 57.13 67.46
C ASP F 257 34.33 56.03 66.60
N LEU F 258 33.66 55.58 65.55
CA LEU F 258 34.19 54.48 64.74
C LEU F 258 35.22 54.96 63.71
N MET F 259 36.24 54.15 63.46
CA MET F 259 37.24 54.48 62.45
C MET F 259 36.96 53.72 61.15
N VAL F 260 36.84 54.44 60.04
CA VAL F 260 36.55 53.85 58.74
C VAL F 260 37.74 54.06 57.81
N PRO F 261 37.95 53.14 56.85
CA PRO F 261 39.07 53.27 55.91
C PRO F 261 39.02 54.56 55.10
N ALA F 262 40.16 55.24 55.02
CA ALA F 262 40.24 56.57 54.41
C ALA F 262 39.91 56.58 52.91
N THR F 263 40.27 55.51 52.20
CA THR F 263 40.11 55.48 50.76
C THR F 263 38.77 54.88 50.32
N SER F 264 37.79 54.86 51.22
CA SER F 264 36.46 54.33 50.95
C SER F 264 35.68 55.14 49.91
N GLU F 265 34.90 54.44 49.09
CA GLU F 265 33.98 55.09 48.15
C GLU F 265 32.89 55.87 48.86
N MET F 266 32.26 55.21 49.81
CA MET F 266 31.10 55.74 50.52
C MET F 266 31.12 55.21 51.94
N VAL F 267 30.56 55.97 52.87
CA VAL F 267 30.40 55.51 54.24
C VAL F 267 29.00 55.85 54.72
N PHE F 268 28.38 54.95 55.46
CA PHE F 268 27.10 55.21 56.08
C PHE F 268 27.25 55.13 57.59
N GLU F 269 26.80 56.17 58.29
CA GLU F 269 26.90 56.21 59.74
C GLU F 269 25.49 56.22 60.34
N GLY F 270 25.35 55.75 61.57
CA GLY F 270 24.04 55.74 62.19
C GLY F 270 23.89 54.84 63.39
N THR F 271 22.66 54.42 63.66
CA THR F 271 22.40 53.62 64.83
C THR F 271 21.49 52.44 64.53
N LEU F 272 21.63 51.42 65.36
CA LEU F 272 20.97 50.16 65.16
C LEU F 272 20.15 49.77 66.39
N SER F 273 18.96 49.22 66.18
CA SER F 273 18.14 48.81 67.32
C SER F 273 17.79 47.33 67.24
N LEU F 274 18.01 46.63 68.35
CA LEU F 274 17.66 45.23 68.47
C LEU F 274 16.21 45.09 68.94
N THR F 275 15.65 46.19 69.41
CA THR F 275 14.28 46.17 69.89
C THR F 275 13.31 46.42 68.75
N ASP F 276 13.52 47.50 68.00
CA ASP F 276 12.68 47.77 66.85
C ASP F 276 13.17 47.00 65.64
N THR F 277 12.34 46.10 65.14
CA THR F 277 12.76 45.19 64.10
C THR F 277 11.98 45.37 62.81
N HIS F 278 12.29 44.54 61.83
CA HIS F 278 11.63 44.59 60.54
C HIS F 278 11.90 43.32 59.71
N LEU F 279 10.90 42.83 58.99
CA LEU F 279 11.07 41.63 58.17
C LEU F 279 12.07 41.91 57.06
N GLU F 280 13.11 41.09 57.03
CA GLU F 280 14.17 41.18 56.04
C GLU F 280 13.88 40.18 54.92
N GLY F 281 13.46 40.71 53.78
CA GLY F 281 12.80 39.93 52.73
C GLY F 281 13.70 38.86 52.18
N PRO F 282 13.18 38.06 51.24
CA PRO F 282 14.01 36.98 50.71
C PRO F 282 15.13 37.54 49.87
N PHE F 283 16.22 36.79 49.77
CA PHE F 283 17.34 37.20 48.96
C PHE F 283 17.94 35.96 48.30
N GLY F 284 18.29 36.09 47.03
CA GLY F 284 18.96 35.01 46.33
C GLY F 284 20.32 34.76 46.96
N GLU F 285 20.54 33.53 47.38
CA GLU F 285 21.69 33.27 48.23
C GLU F 285 22.70 32.32 47.63
N MET F 286 23.72 32.02 48.42
CA MET F 286 24.90 31.30 47.97
C MET F 286 24.63 29.90 47.44
N HIS F 287 23.41 29.41 47.62
CA HIS F 287 23.13 28.05 47.22
C HIS F 287 22.31 27.97 45.93
N GLY F 288 21.89 29.12 45.41
CA GLY F 288 21.26 29.18 44.10
C GLY F 288 19.76 29.42 44.08
N TYR F 289 19.17 29.63 45.26
CA TYR F 289 17.74 29.80 45.36
C TYR F 289 17.32 31.13 46.00
N VAL F 290 16.23 31.69 45.49
CA VAL F 290 15.41 32.60 46.27
C VAL F 290 14.22 31.80 46.77
N PHE F 291 14.16 31.49 48.07
CA PHE F 291 12.98 30.87 48.63
C PHE F 291 12.07 31.96 49.14
N LYS F 292 10.76 31.72 49.12
CA LYS F 292 9.84 32.78 49.47
C LYS F 292 9.71 33.02 50.96
N SER F 293 9.34 34.25 51.30
CA SER F 293 8.77 34.61 52.60
C SER F 293 9.63 34.43 53.86
N GLN F 294 10.25 33.26 54.01
CA GLN F 294 10.57 32.72 55.34
C GLN F 294 11.43 33.59 56.29
N GLY F 295 11.00 34.84 56.52
CA GLY F 295 11.80 35.74 57.34
C GLY F 295 11.39 35.80 58.79
N HIS F 296 12.38 35.99 59.66
CA HIS F 296 12.11 36.40 61.05
C HIS F 296 12.69 37.81 61.23
N PRO F 297 11.95 38.67 61.93
CA PRO F 297 12.30 40.10 62.02
C PRO F 297 13.76 40.35 62.39
N CYS F 298 14.38 41.27 61.68
CA CYS F 298 15.78 41.57 61.85
C CYS F 298 15.96 42.97 62.38
N PRO F 299 17.10 43.23 63.03
CA PRO F 299 17.43 44.54 63.59
C PRO F 299 17.34 45.67 62.59
N LEU F 300 16.68 46.75 62.98
CA LEU F 300 16.57 47.93 62.13
C LEU F 300 17.76 48.85 62.33
N TYR F 301 18.43 49.20 61.23
CA TYR F 301 19.50 50.19 61.24
C TYR F 301 18.91 51.52 60.81
N THR F 302 19.44 52.60 61.36
CA THR F 302 19.01 53.94 60.99
C THR F 302 20.22 54.71 60.53
N VAL F 303 20.18 55.25 59.31
CA VAL F 303 21.29 56.04 58.80
C VAL F 303 21.10 57.50 59.25
N LYS F 304 22.20 58.18 59.56
CA LYS F 304 22.13 59.56 60.04
C LYS F 304 23.18 60.46 59.42
N ALA F 305 24.18 59.85 58.79
CA ALA F 305 25.22 60.60 58.10
C ALA F 305 25.79 59.79 56.93
N MET F 306 26.15 60.47 55.86
CA MET F 306 26.81 59.87 54.71
C MET F 306 28.09 60.62 54.35
N SER F 307 29.12 59.87 53.97
CA SER F 307 30.31 60.44 53.35
C SER F 307 30.60 59.67 52.07
N TYR F 308 31.02 60.36 51.02
CA TYR F 308 31.39 59.67 49.79
C TYR F 308 32.42 60.40 48.91
N ARG F 309 33.14 59.64 48.11
CA ARG F 309 34.11 60.17 47.17
C ARG F 309 33.42 60.80 45.97
N ASP F 310 34.21 61.45 45.12
CA ASP F 310 33.70 61.91 43.85
C ASP F 310 33.57 60.72 42.92
N ASN F 311 32.46 60.66 42.19
CA ASN F 311 32.20 59.55 41.27
C ASN F 311 32.31 58.20 41.97
N ALA F 312 31.55 58.06 43.05
CA ALA F 312 31.61 56.87 43.90
C ALA F 312 31.21 55.60 43.15
N ILE F 313 31.82 54.49 43.55
CA ILE F 313 31.54 53.19 42.99
C ILE F 313 31.06 52.24 44.09
N LEU F 314 29.86 51.71 43.94
CA LEU F 314 29.36 50.66 44.81
C LEU F 314 29.70 49.28 44.28
N PRO F 315 30.64 48.57 44.91
CA PRO F 315 30.88 47.21 44.44
C PRO F 315 29.70 46.33 44.80
N VAL F 316 29.32 45.41 43.92
CA VAL F 316 28.17 44.56 44.17
C VAL F 316 28.48 43.09 43.91
N SER F 317 27.94 42.23 44.76
CA SER F 317 27.97 40.79 44.62
C SER F 317 26.53 40.31 44.52
N ASN F 318 26.27 39.37 43.61
CA ASN F 318 24.94 38.86 43.33
C ASN F 318 24.95 37.33 43.34
N PRO F 319 24.76 36.73 44.52
CA PRO F 319 24.91 35.30 44.76
C PRO F 319 23.92 34.44 44.01
N GLY F 320 24.30 33.20 43.76
CA GLY F 320 23.45 32.27 43.03
C GLY F 320 24.25 31.04 42.65
N LEU F 321 23.98 30.52 41.47
CA LEU F 321 24.76 29.42 40.94
C LEU F 321 26.23 29.77 40.93
N CYS F 322 27.09 28.76 41.08
CA CYS F 322 28.52 28.99 41.00
C CYS F 322 28.81 29.61 39.66
N THR F 323 29.80 30.50 39.55
CA THR F 323 30.71 30.83 40.65
C THR F 323 30.73 32.32 40.92
N ASP F 324 30.45 32.71 42.15
CA ASP F 324 30.52 34.13 42.51
C ASP F 324 31.34 34.32 43.79
N GLU F 325 31.23 35.50 44.40
CA GLU F 325 31.96 35.81 45.61
C GLU F 325 31.69 34.84 46.77
N THR F 326 30.44 34.42 46.93
CA THR F 326 30.09 33.59 48.07
C THR F 326 30.72 32.22 47.98
N HIS F 327 31.33 31.94 46.84
CA HIS F 327 32.02 30.66 46.65
C HIS F 327 33.53 30.86 46.67
N THR F 328 34.00 31.89 45.97
CA THR F 328 35.42 32.18 45.87
C THR F 328 36.00 32.78 47.14
N LEU F 329 35.29 33.68 47.80
CA LEU F 329 35.82 34.29 49.03
C LEU F 329 35.55 33.41 50.24
N ILE F 330 34.27 33.13 50.45
CA ILE F 330 33.83 32.34 51.58
C ILE F 330 34.47 30.97 51.63
N GLY F 331 34.32 30.22 50.55
CA GLY F 331 34.92 28.90 50.47
C GLY F 331 36.41 28.87 50.67
N SER F 332 37.12 29.85 50.11
CA SER F 332 38.58 29.90 50.25
C SER F 332 39.03 30.30 51.66
N LEU F 333 38.23 31.09 52.35
CA LEU F 333 38.57 31.48 53.71
C LEU F 333 38.30 30.33 54.67
N VAL F 334 37.27 29.56 54.40
CA VAL F 334 36.94 28.40 55.21
C VAL F 334 38.00 27.31 55.01
N ALA F 335 38.35 27.04 53.76
CA ALA F 335 39.42 26.10 53.44
C ALA F 335 40.73 26.52 54.11
N THR F 336 40.98 27.82 54.13
CA THR F 336 42.18 28.32 54.76
C THR F 336 42.17 28.02 56.26
N GLU F 337 41.10 28.39 56.94
CA GLU F 337 40.91 28.05 58.35
C GLU F 337 40.99 26.55 58.60
N ALA F 338 40.49 25.77 57.63
CA ALA F 338 40.46 24.31 57.72
C ALA F 338 41.84 23.71 57.64
N LYS F 339 42.68 24.25 56.76
CA LYS F 339 44.04 23.80 56.67
C LYS F 339 44.83 24.17 57.94
N GLU F 340 44.63 25.38 58.44
CA GLU F 340 45.30 25.82 59.67
C GLU F 340 44.94 24.92 60.86
N LEU F 341 43.67 24.56 60.96
CA LEU F 341 43.18 23.71 62.04
C LEU F 341 43.83 22.32 61.99
N ALA F 342 43.99 21.77 60.79
CA ALA F 342 44.55 20.44 60.64
C ALA F 342 46.04 20.42 61.00
N ILE F 343 46.75 21.48 60.64
CA ILE F 343 48.16 21.59 60.99
C ILE F 343 48.34 21.75 62.49
N GLU F 344 47.47 22.53 63.12
CA GLU F 344 47.50 22.67 64.57
C GLU F 344 47.13 21.34 65.24
N SER F 345 46.30 20.56 64.57
CA SER F 345 45.77 19.30 65.10
C SER F 345 46.70 18.13 64.89
N GLY F 346 47.72 18.31 64.05
CA GLY F 346 48.54 17.19 63.63
C GLY F 346 47.82 16.17 62.74
N LEU F 347 46.75 16.60 62.08
CA LEU F 347 46.13 15.81 61.02
C LEU F 347 46.96 15.86 59.75
N PRO F 348 47.17 14.71 59.11
CA PRO F 348 48.00 14.66 57.90
C PRO F 348 47.29 15.23 56.65
N ILE F 349 46.92 16.50 56.70
CA ILE F 349 46.18 17.15 55.62
C ILE F 349 47.06 18.04 54.77
N LEU F 350 47.21 17.69 53.50
CA LEU F 350 48.02 18.46 52.56
C LEU F 350 47.37 19.74 52.07
N ASP F 351 46.08 19.67 51.73
CA ASP F 351 45.34 20.83 51.21
C ASP F 351 43.86 20.73 51.56
N ALA F 352 43.16 21.84 51.46
CA ALA F 352 41.75 21.89 51.77
C ALA F 352 41.09 22.82 50.76
N PHE F 353 39.90 22.46 50.28
CA PHE F 353 39.22 23.29 49.27
C PHE F 353 37.72 23.05 49.31
N MET F 354 36.96 24.08 48.99
CA MET F 354 35.53 23.95 48.83
C MET F 354 35.14 24.18 47.36
N PRO F 355 34.94 23.09 46.60
CA PRO F 355 34.59 23.19 45.16
C PRO F 355 33.44 24.17 44.97
N TYR F 356 33.51 24.98 43.94
CA TYR F 356 32.46 25.94 43.65
C TYR F 356 31.22 25.24 43.10
N GLU F 357 31.40 24.10 42.45
CA GLU F 357 30.26 23.33 41.93
C GLU F 357 29.34 22.84 43.06
N ALA F 358 29.88 22.74 44.28
CA ALA F 358 29.10 22.24 45.42
C ALA F 358 28.49 23.37 46.24
N GLN F 359 28.56 24.59 45.71
CA GLN F 359 27.94 25.76 46.33
C GLN F 359 28.45 26.01 47.75
N ALA F 360 29.70 25.65 48.02
CA ALA F 360 30.33 25.84 49.34
C ALA F 360 29.64 25.04 50.43
N LEU F 361 29.16 23.85 50.08
CA LEU F 361 28.64 22.92 51.08
C LEU F 361 29.58 21.75 51.28
N TRP F 362 30.59 21.65 50.43
CA TRP F 362 31.54 20.55 50.49
C TRP F 362 32.94 21.03 50.85
N LEU F 363 33.57 20.36 51.79
CA LEU F 363 34.97 20.58 52.07
C LEU F 363 35.77 19.32 51.72
N ILE F 364 36.71 19.44 50.80
CA ILE F 364 37.55 18.30 50.43
C ILE F 364 38.89 18.44 51.16
N LEU F 365 39.36 17.38 51.81
CA LEU F 365 40.67 17.44 52.43
C LEU F 365 41.60 16.46 51.75
N LYS F 366 42.73 16.94 51.27
CA LYS F 366 43.63 16.06 50.58
C LYS F 366 44.57 15.43 51.59
N VAL F 367 44.50 14.10 51.73
CA VAL F 367 45.25 13.44 52.78
C VAL F 367 46.57 12.87 52.30
N ASP F 368 47.62 13.13 53.07
CA ASP F 368 48.93 12.58 52.83
C ASP F 368 48.96 11.13 53.28
N LEU F 369 49.05 10.22 52.34
CA LEU F 369 48.93 8.81 52.68
C LEU F 369 49.99 8.34 53.64
N LYS F 370 51.22 8.81 53.51
CA LYS F 370 52.28 8.48 54.47
C LYS F 370 51.90 8.90 55.88
N GLY F 371 51.37 10.11 56.02
CA GLY F 371 50.99 10.62 57.32
C GLY F 371 49.84 9.85 57.93
N LEU F 372 48.86 9.52 57.11
CA LEU F 372 47.72 8.71 57.55
C LEU F 372 48.16 7.32 58.01
N GLN F 373 49.02 6.67 57.23
CA GLN F 373 49.49 5.33 57.54
C GLN F 373 50.31 5.27 58.84
N ALA F 374 50.86 6.41 59.23
CA ALA F 374 51.65 6.51 60.45
C ALA F 374 50.74 6.61 61.67
N LEU F 375 49.48 6.94 61.43
CA LEU F 375 48.50 6.99 62.50
C LEU F 375 48.01 5.61 62.91
N LYS F 376 48.30 4.62 62.07
CA LYS F 376 47.83 3.24 62.25
C LYS F 376 46.36 3.20 62.64
N THR F 377 45.50 3.84 61.85
CA THR F 377 44.10 3.95 62.21
C THR F 377 43.20 3.31 61.14
N THR F 378 41.89 3.48 61.28
CA THR F 378 40.92 2.91 60.35
C THR F 378 39.98 4.00 59.86
N PRO F 379 39.25 3.76 58.76
CA PRO F 379 38.30 4.75 58.27
C PRO F 379 37.29 5.21 59.33
N GLU F 380 36.88 4.33 60.22
CA GLU F 380 35.86 4.66 61.21
C GLU F 380 36.37 5.61 62.29
N GLU F 381 37.56 5.36 62.84
CA GLU F 381 38.14 6.28 63.82
C GLU F 381 38.51 7.62 63.18
N PHE F 382 39.14 7.56 62.00
CA PHE F 382 39.65 8.75 61.37
C PHE F 382 38.52 9.69 60.97
N CYS F 383 37.44 9.14 60.43
CA CYS F 383 36.33 9.98 60.00
C CYS F 383 35.64 10.62 61.19
N LYS F 384 35.66 9.94 62.33
CA LYS F 384 35.06 10.43 63.54
C LYS F 384 35.95 11.53 64.13
N LYS F 385 37.25 11.26 64.16
CA LYS F 385 38.22 12.23 64.59
C LYS F 385 38.16 13.50 63.74
N VAL F 386 38.08 13.34 62.42
CA VAL F 386 37.99 14.50 61.54
C VAL F 386 36.71 15.31 61.73
N GLY F 387 35.56 14.64 61.82
CA GLY F 387 34.30 15.32 61.99
C GLY F 387 34.15 16.07 63.31
N ASP F 388 34.62 15.46 64.40
CA ASP F 388 34.65 16.14 65.70
C ASP F 388 35.42 17.44 65.64
N ILE F 389 36.61 17.41 65.02
CA ILE F 389 37.47 18.57 64.93
C ILE F 389 36.80 19.71 64.18
N TYR F 390 36.15 19.40 63.06
CA TYR F 390 35.59 20.43 62.18
C TYR F 390 34.14 20.80 62.42
N PHE F 391 33.29 19.83 62.74
CA PHE F 391 31.85 20.10 62.91
C PHE F 391 31.49 20.58 64.30
N ARG F 392 32.39 20.37 65.26
CA ARG F 392 32.14 20.85 66.62
C ARG F 392 32.88 22.14 66.87
N THR F 393 33.36 22.75 65.79
CA THR F 393 34.09 24.02 65.82
C THR F 393 33.39 24.98 64.87
N LYS F 394 33.56 26.28 65.08
CA LYS F 394 32.91 27.27 64.22
C LYS F 394 33.35 27.18 62.75
N VAL F 395 34.52 26.60 62.50
CA VAL F 395 35.07 26.51 61.14
C VAL F 395 34.18 25.72 60.19
N GLY F 396 33.63 24.62 60.67
CA GLY F 396 32.79 23.79 59.82
C GLY F 396 31.33 24.18 59.82
N PHE F 397 31.03 25.39 60.26
CA PHE F 397 29.66 25.88 60.32
C PHE F 397 28.88 25.73 59.01
N ILE F 398 29.42 26.25 57.89
CA ILE F 398 28.69 26.22 56.63
C ILE F 398 28.83 24.89 55.88
N VAL F 399 29.80 24.07 56.28
CA VAL F 399 30.08 22.82 55.62
C VAL F 399 29.11 21.72 56.03
N HIS F 400 28.51 21.01 55.08
CA HIS F 400 27.66 19.89 55.45
C HIS F 400 28.25 18.55 55.08
N GLU F 401 29.28 18.56 54.25
CA GLU F 401 29.91 17.32 53.88
C GLU F 401 31.39 17.49 53.71
N ILE F 402 32.13 16.72 54.47
CA ILE F 402 33.58 16.71 54.42
C ILE F 402 34.04 15.46 53.70
N ILE F 403 34.87 15.63 52.68
CA ILE F 403 35.27 14.51 51.83
C ILE F 403 36.75 14.27 51.91
N LEU F 404 37.14 13.08 52.37
CA LEU F 404 38.55 12.70 52.47
C LEU F 404 39.07 11.98 51.22
N VAL F 405 40.08 12.54 50.55
CA VAL F 405 40.67 11.86 49.39
C VAL F 405 42.15 11.66 49.58
N ALA F 406 42.72 10.71 48.85
CA ALA F 406 44.15 10.47 48.90
C ALA F 406 44.91 11.56 48.14
N ASP F 407 46.22 11.53 48.24
CA ASP F 407 47.01 12.63 47.71
C ASP F 407 47.26 12.55 46.20
N ASP F 408 46.61 11.62 45.50
CA ASP F 408 46.72 11.56 44.03
C ASP F 408 45.64 12.42 43.36
N ILE F 409 44.77 13.00 44.18
CA ILE F 409 43.71 13.84 43.69
C ILE F 409 44.03 15.34 43.75
N ASP F 410 43.95 16.02 42.61
CA ASP F 410 44.00 17.48 42.62
C ASP F 410 42.63 18.05 43.01
N ILE F 411 42.51 18.47 44.25
CA ILE F 411 41.21 18.85 44.80
C ILE F 411 40.73 20.19 44.29
N PHE F 412 41.60 20.91 43.59
CA PHE F 412 41.24 22.21 43.02
C PHE F 412 40.63 22.03 41.61
N ASN F 413 40.61 20.79 41.15
CA ASN F 413 40.06 20.43 39.85
C ASN F 413 38.83 19.54 40.05
N PHE F 414 37.67 20.07 39.74
CA PHE F 414 36.47 19.35 40.09
C PHE F 414 36.28 18.05 39.27
N LYS F 415 36.88 17.96 38.10
CA LYS F 415 36.84 16.71 37.32
C LYS F 415 37.49 15.56 38.10
N GLU F 416 38.51 15.89 38.89
CA GLU F 416 39.19 14.87 39.69
C GLU F 416 38.44 14.59 41.00
N VAL F 417 37.83 15.61 41.59
CA VAL F 417 37.03 15.42 42.81
C VAL F 417 35.77 14.54 42.54
N ILE F 418 35.03 14.83 41.48
CA ILE F 418 33.81 14.08 41.22
C ILE F 418 34.17 12.65 40.83
N TRP F 419 35.28 12.47 40.13
CA TRP F 419 35.79 11.13 39.89
C TRP F 419 36.01 10.38 41.19
N ALA F 420 36.73 11.02 42.12
CA ALA F 420 37.08 10.37 43.37
C ALA F 420 35.88 10.16 44.26
N TYR F 421 34.94 11.09 44.23
CA TYR F 421 33.76 10.98 45.08
C TYR F 421 32.97 9.75 44.67
N VAL F 422 32.63 9.71 43.39
CA VAL F 422 31.87 8.65 42.79
C VAL F 422 32.51 7.25 42.94
N THR F 423 33.81 7.14 42.73
CA THR F 423 34.40 5.80 42.59
C THR F 423 35.07 5.26 43.84
N ARG F 424 35.27 6.09 44.85
CA ARG F 424 36.05 5.64 45.98
C ARG F 424 35.29 5.59 47.31
N HIS F 425 34.01 5.97 47.32
CA HIS F 425 33.22 5.70 48.52
C HIS F 425 31.96 4.88 48.23
N THR F 426 31.70 3.93 49.11
CA THR F 426 30.47 3.16 49.07
C THR F 426 29.37 4.01 49.64
N PRO F 427 28.32 4.27 48.86
CA PRO F 427 27.22 5.12 49.33
C PRO F 427 26.62 4.63 50.63
N VAL F 428 26.43 5.57 51.56
CA VAL F 428 25.89 5.33 52.90
C VAL F 428 26.86 4.56 53.78
N ALA F 429 27.34 3.41 53.33
CA ALA F 429 28.26 2.62 54.14
C ALA F 429 29.58 3.35 54.47
N ASP F 430 30.07 4.22 53.58
CA ASP F 430 31.31 4.95 53.81
C ASP F 430 31.10 6.42 54.19
N GLN F 431 29.91 6.75 54.67
CA GLN F 431 29.58 8.09 55.12
C GLN F 431 29.30 8.09 56.60
N MET F 432 29.84 9.04 57.34
CA MET F 432 29.57 9.06 58.77
C MET F 432 28.72 10.25 59.14
N ALA F 433 27.48 9.99 59.52
CA ALA F 433 26.56 11.05 59.93
C ALA F 433 26.97 11.71 61.25
N PHE F 434 26.69 13.00 61.37
CA PHE F 434 26.85 13.72 62.61
C PHE F 434 25.52 14.38 62.91
N ASP F 435 24.74 13.80 63.82
CA ASP F 435 23.34 14.18 64.05
C ASP F 435 23.15 15.35 65.00
N ASP F 436 24.11 15.57 65.89
CA ASP F 436 23.89 16.48 67.02
C ASP F 436 24.67 17.80 66.91
N VAL F 437 25.42 17.94 65.83
CA VAL F 437 26.18 19.14 65.57
C VAL F 437 25.30 20.27 65.00
N THR F 438 25.77 21.50 65.06
CA THR F 438 25.00 22.63 64.54
C THR F 438 24.87 22.59 63.02
N SER F 439 23.66 22.78 62.51
CA SER F 439 23.43 22.81 61.07
C SER F 439 23.62 24.21 60.50
N PHE F 440 23.90 24.30 59.21
CA PHE F 440 23.92 25.60 58.55
C PHE F 440 22.51 25.94 58.12
N PRO F 441 21.91 26.95 58.75
CA PRO F 441 20.48 27.21 58.54
C PRO F 441 20.16 27.63 57.11
N LEU F 442 21.17 28.04 56.37
CA LEU F 442 20.96 28.50 55.02
C LEU F 442 20.82 27.35 54.01
N ALA F 443 21.37 26.18 54.34
CA ALA F 443 21.42 25.07 53.38
C ALA F 443 20.01 24.67 52.99
N PRO F 444 19.69 24.72 51.69
CA PRO F 444 18.31 24.50 51.26
C PRO F 444 17.69 23.20 51.77
N PHE F 445 18.48 22.14 51.94
CA PHE F 445 17.91 20.90 52.44
C PHE F 445 17.64 20.94 53.94
N VAL F 446 18.25 21.91 54.63
CA VAL F 446 17.94 22.16 56.02
C VAL F 446 16.70 23.02 56.13
N SER F 447 16.74 24.18 55.48
CA SER F 447 15.70 25.17 55.67
C SER F 447 14.35 24.80 55.04
N GLN F 448 14.35 23.85 54.11
CA GLN F 448 13.10 23.43 53.48
C GLN F 448 12.63 22.09 54.05
N SER F 449 13.05 21.78 55.27
CA SER F 449 12.67 20.56 55.94
C SER F 449 12.41 20.87 57.41
N SER F 450 11.85 19.91 58.14
CA SER F 450 11.55 20.12 59.57
C SER F 450 12.81 20.41 60.41
N ARG F 451 13.97 20.03 59.87
CA ARG F 451 15.25 20.28 60.52
C ARG F 451 15.53 21.77 60.68
N SER F 452 14.74 22.62 60.04
CA SER F 452 14.86 24.06 60.24
C SER F 452 14.48 24.46 61.67
N LYS F 453 13.72 23.60 62.35
CA LYS F 453 13.26 23.89 63.71
C LYS F 453 14.23 23.38 64.77
N THR F 454 14.87 22.26 64.50
CA THR F 454 15.81 21.63 65.43
C THR F 454 17.21 22.19 65.20
N MET F 455 17.54 22.42 63.93
CA MET F 455 18.79 23.02 63.54
C MET F 455 19.98 22.19 63.99
N LYS F 456 19.78 20.88 64.07
CA LYS F 456 20.85 19.94 64.41
C LYS F 456 21.02 18.89 63.32
N GLY F 457 22.25 18.47 63.09
CA GLY F 457 22.52 17.34 62.21
C GLY F 457 22.48 17.63 60.73
N GLY F 458 22.36 16.57 59.96
CA GLY F 458 22.37 16.69 58.51
C GLY F 458 23.75 16.90 57.95
N LYS F 459 24.76 16.44 58.67
CA LYS F 459 26.15 16.64 58.26
C LYS F 459 26.84 15.30 58.18
N CYS F 460 27.91 15.22 57.43
CA CYS F 460 28.55 13.94 57.28
C CYS F 460 30.01 14.06 56.87
N VAL F 461 30.78 13.05 57.22
CA VAL F 461 32.14 12.91 56.71
C VAL F 461 32.14 11.72 55.76
N THR F 462 32.56 11.93 54.52
CA THR F 462 32.52 10.87 53.54
C THR F 462 33.93 10.35 53.26
N ASN F 463 34.16 9.08 53.54
CA ASN F 463 35.47 8.49 53.26
C ASN F 463 35.69 8.10 51.80
N CYS F 464 36.57 8.79 51.10
CA CYS F 464 36.90 8.42 49.74
C CYS F 464 38.36 7.99 49.66
N ILE F 465 38.80 7.29 50.70
CA ILE F 465 40.12 6.72 50.77
C ILE F 465 39.99 5.22 50.84
N PHE F 466 40.57 4.52 49.87
CA PHE F 466 40.48 3.06 49.82
C PHE F 466 40.99 2.49 51.14
N ARG F 467 40.28 1.49 51.68
CA ARG F 467 40.65 0.85 52.93
C ARG F 467 42.14 0.50 53.00
N GLN F 468 42.70 0.00 51.91
CA GLN F 468 44.10 -0.43 51.95
C GLN F 468 45.06 0.76 52.07
N GLN F 469 44.63 1.94 51.62
CA GLN F 469 45.45 3.13 51.72
C GLN F 469 45.64 3.59 53.16
N TYR F 470 44.88 3.03 54.10
CA TYR F 470 45.15 3.28 55.50
C TYR F 470 46.36 2.49 55.97
N GLU F 471 46.76 1.48 55.20
CA GLU F 471 47.91 0.65 55.58
C GLU F 471 49.14 0.86 54.70
N ARG F 472 48.96 0.84 53.38
CA ARG F 472 50.07 0.97 52.44
C ARG F 472 49.57 1.72 51.21
N SER F 473 50.46 2.41 50.50
CA SER F 473 50.03 3.20 49.34
C SER F 473 50.09 2.37 48.06
N PHE F 474 49.07 1.56 47.81
CA PHE F 474 49.11 0.55 46.77
C PHE F 474 48.92 1.14 45.37
N ASP F 475 49.65 0.57 44.42
CA ASP F 475 49.68 1.05 43.06
C ASP F 475 48.42 0.63 42.30
N TYR F 476 47.79 1.59 41.63
CA TYR F 476 46.81 1.31 40.58
C TYR F 476 47.04 2.32 39.49
N ILE F 477 46.52 2.02 38.30
CA ILE F 477 46.68 2.88 37.15
C ILE F 477 45.46 3.76 36.97
N THR F 478 45.69 5.07 36.89
CA THR F 478 44.61 6.01 36.60
C THR F 478 44.45 6.06 35.09
N CYS F 479 43.29 5.65 34.60
CA CYS F 479 43.11 5.45 33.17
C CYS F 479 42.72 6.71 32.40
N ASN F 480 43.57 7.73 32.44
CA ASN F 480 43.44 8.82 31.48
C ASN F 480 44.72 9.02 30.71
N PHE F 481 44.82 10.13 29.98
CA PHE F 481 45.98 10.39 29.17
C PHE F 481 47.23 10.80 29.98
N GLU F 482 47.15 11.91 30.70
CA GLU F 482 48.31 12.46 31.43
C GLU F 482 48.88 11.51 32.50
N LYS F 483 48.01 10.76 33.15
CA LYS F 483 48.42 9.94 34.30
C LYS F 483 48.51 8.45 34.00
N GLY F 484 47.95 8.02 32.88
CA GLY F 484 47.90 6.61 32.56
C GLY F 484 49.09 6.06 31.80
N TYR F 485 49.86 6.92 31.14
CA TYR F 485 50.94 6.46 30.28
C TYR F 485 52.27 7.04 30.73
N PRO F 486 53.39 6.35 30.42
CA PRO F 486 54.72 6.86 30.75
C PRO F 486 54.93 8.30 30.30
N LYS F 487 55.56 9.12 31.14
CA LYS F 487 55.97 10.44 30.72
C LYS F 487 56.91 10.18 29.59
N GLY F 488 56.72 10.85 28.47
CA GLY F 488 57.59 10.52 27.37
C GLY F 488 56.75 10.06 26.22
N LEU F 489 55.93 9.04 26.46
CA LEU F 489 54.86 8.72 25.53
C LEU F 489 53.91 9.91 25.51
N VAL F 490 53.59 10.43 26.70
CA VAL F 490 52.72 11.60 26.80
C VAL F 490 53.34 12.77 26.04
N ASP F 491 54.63 13.01 26.23
CA ASP F 491 55.31 14.10 25.53
C ASP F 491 55.35 13.86 24.02
N LYS F 492 55.66 12.63 23.63
CA LYS F 492 55.65 12.26 22.22
C LYS F 492 54.29 12.54 21.58
N VAL F 493 53.22 12.10 22.23
CA VAL F 493 51.88 12.37 21.73
C VAL F 493 51.55 13.87 21.68
N ASN F 494 51.97 14.62 22.70
CA ASN F 494 51.73 16.06 22.68
C ASN F 494 52.56 16.78 21.62
N GLU F 495 53.81 16.35 21.44
CA GLU F 495 54.65 16.91 20.39
C GLU F 495 54.14 16.58 18.98
N ASN F 496 53.70 15.35 18.75
CA ASN F 496 53.32 14.95 17.41
C ASN F 496 51.84 15.15 17.11
N TRP F 497 51.13 15.81 18.01
CA TRP F 497 49.68 15.88 17.91
C TRP F 497 49.20 16.61 16.67
N LYS F 498 49.92 17.65 16.26
CA LYS F 498 49.52 18.38 15.07
C LYS F 498 49.86 17.63 13.78
N ARG F 499 51.01 16.97 13.74
CA ARG F 499 51.39 16.28 12.52
C ARG F 499 50.56 15.03 12.32
N TYR F 500 49.85 14.58 13.36
CA TYR F 500 48.85 13.53 13.18
C TYR F 500 47.70 14.08 12.36
N GLY F 501 47.44 15.38 12.52
CA GLY F 501 46.34 16.01 11.83
C GLY F 501 45.32 16.64 12.76
N TYR F 502 45.56 16.57 14.06
CA TYR F 502 44.62 17.21 14.99
C TYR F 502 44.89 18.70 15.01
N LYS F 503 43.83 19.49 15.09
CA LYS F 503 43.94 20.94 15.10
C LYS F 503 44.61 21.41 16.38
N LEU G 4 -19.24 7.46 -46.64
CA LEU G 4 -19.64 7.54 -45.24
C LEU G 4 -21.05 8.12 -45.10
N ASN G 5 -21.88 7.41 -44.36
CA ASN G 5 -23.25 7.84 -44.09
C ASN G 5 -23.52 7.74 -42.60
N PRO G 6 -23.25 8.82 -41.85
CA PRO G 6 -23.28 8.79 -40.39
C PRO G 6 -24.68 8.63 -39.79
N ALA G 7 -25.70 9.09 -40.48
CA ALA G 7 -27.06 8.95 -39.99
C ALA G 7 -27.52 7.49 -40.01
N LEU G 8 -26.98 6.70 -40.92
CA LEU G 8 -27.43 5.32 -41.12
C LEU G 8 -26.58 4.31 -40.40
N GLU G 9 -25.31 4.65 -40.21
CA GLU G 9 -24.33 3.72 -39.68
C GLU G 9 -23.60 4.30 -38.50
N PHE G 10 -23.73 3.64 -37.36
CA PHE G 10 -23.06 4.10 -36.15
C PHE G 10 -21.54 4.09 -36.32
N ARG G 11 -21.01 3.16 -37.10
CA ARG G 11 -19.57 3.07 -37.23
C ARG G 11 -19.01 4.06 -38.26
N ASP G 12 -19.88 4.53 -39.16
CA ASP G 12 -19.52 5.63 -40.03
C ASP G 12 -19.56 6.95 -39.26
N PHE G 13 -20.45 7.02 -38.27
CA PHE G 13 -20.59 8.19 -37.43
C PHE G 13 -19.31 8.41 -36.64
N ILE G 14 -18.85 7.36 -35.97
CA ILE G 14 -17.55 7.35 -35.34
C ILE G 14 -16.44 7.79 -36.29
N GLN G 15 -16.48 7.27 -37.52
CA GLN G 15 -15.45 7.59 -38.50
C GLN G 15 -15.41 9.08 -38.92
N VAL G 16 -16.56 9.74 -39.11
CA VAL G 16 -16.50 11.14 -39.52
C VAL G 16 -16.04 12.01 -38.39
N LEU G 17 -16.20 11.54 -37.16
CA LEU G 17 -15.71 12.28 -36.01
C LEU G 17 -14.19 12.21 -35.98
N LYS G 18 -13.65 11.03 -36.29
CA LYS G 18 -12.20 10.88 -36.40
C LYS G 18 -11.62 11.77 -37.49
N ASP G 19 -12.30 11.85 -38.63
CA ASP G 19 -11.85 12.67 -39.75
C ASP G 19 -11.87 14.14 -39.39
N GLU G 20 -12.67 14.47 -38.39
CA GLU G 20 -12.80 15.85 -37.97
C GLU G 20 -12.00 16.13 -36.69
N ASP G 21 -11.13 15.20 -36.32
CA ASP G 21 -10.36 15.28 -35.07
C ASP G 21 -11.27 15.58 -33.89
N ASP G 22 -12.39 14.87 -33.86
CA ASP G 22 -13.44 15.09 -32.85
C ASP G 22 -13.65 13.79 -32.10
N LEU G 23 -12.68 12.90 -32.20
CA LEU G 23 -12.75 11.65 -31.48
C LEU G 23 -11.36 11.31 -31.03
N ILE G 24 -11.24 10.79 -29.81
CA ILE G 24 -9.95 10.40 -29.27
CA ILE G 24 -9.95 10.37 -29.27
C ILE G 24 -10.04 8.92 -28.91
N GLU G 25 -9.21 8.12 -29.54
CA GLU G 25 -9.21 6.71 -29.25
C GLU G 25 -8.29 6.50 -28.08
N ILE G 26 -8.86 6.14 -26.94
CA ILE G 26 -8.07 5.96 -25.74
C ILE G 26 -7.72 4.49 -25.63
N THR G 27 -6.45 4.16 -25.84
CA THR G 27 -6.05 2.75 -25.94
C THR G 27 -5.48 2.20 -24.64
N GLU G 28 -5.16 3.06 -23.68
CA GLU G 28 -4.72 2.56 -22.38
C GLU G 28 -5.92 2.11 -21.57
N GLU G 29 -5.69 1.28 -20.57
CA GLU G 29 -6.79 0.74 -19.76
C GLU G 29 -7.53 1.83 -18.96
N ILE G 30 -8.85 1.82 -19.08
CA ILE G 30 -9.70 2.76 -18.36
C ILE G 30 -10.76 2.00 -17.58
N ASP G 31 -10.96 2.38 -16.32
CA ASP G 31 -11.91 1.72 -15.43
C ASP G 31 -13.33 2.23 -15.69
N PRO G 32 -14.27 1.32 -15.96
CA PRO G 32 -15.68 1.67 -16.11
C PRO G 32 -16.26 2.26 -14.83
N ASN G 33 -15.75 1.83 -13.71
CA ASN G 33 -16.14 2.40 -12.44
C ASN G 33 -15.61 3.84 -12.34
N LEU G 34 -16.50 4.82 -12.53
CA LEU G 34 -16.22 6.24 -12.30
C LEU G 34 -15.28 6.93 -13.29
N GLU G 35 -14.24 6.23 -13.72
CA GLU G 35 -13.24 6.81 -14.61
C GLU G 35 -13.86 7.20 -15.96
N VAL G 36 -14.56 6.27 -16.60
CA VAL G 36 -15.25 6.58 -17.87
C VAL G 36 -16.16 7.80 -17.74
N GLY G 37 -16.88 7.88 -16.62
CA GLY G 37 -17.82 8.95 -16.41
C GLY G 37 -17.17 10.31 -16.23
N ALA G 38 -16.09 10.34 -15.46
CA ALA G 38 -15.36 11.58 -15.17
C ALA G 38 -14.71 12.16 -16.42
N ILE G 39 -14.14 11.29 -17.24
CA ILE G 39 -13.49 11.71 -18.47
C ILE G 39 -14.52 12.31 -19.40
N MET G 40 -15.69 11.67 -19.45
CA MET G 40 -16.82 12.17 -20.23
C MET G 40 -17.27 13.55 -19.75
N ARG G 41 -17.47 13.70 -18.43
CA ARG G 41 -17.86 14.98 -17.84
C ARG G 41 -16.87 16.08 -18.17
N LYS G 42 -15.58 15.77 -18.09
CA LYS G 42 -14.60 16.79 -18.39
C LYS G 42 -14.67 17.18 -19.88
N ALA G 43 -14.88 16.20 -20.76
CA ALA G 43 -14.97 16.50 -22.19
C ALA G 43 -16.26 17.28 -22.53
N TYR G 44 -17.41 16.83 -22.03
CA TYR G 44 -18.66 17.58 -22.14
C TYR G 44 -18.53 19.05 -21.81
N GLU G 45 -17.88 19.32 -20.69
CA GLU G 45 -17.94 20.65 -20.09
C GLU G 45 -17.03 21.64 -20.79
N SER G 46 -16.01 21.16 -21.49
CA SER G 46 -15.15 22.07 -22.22
C SER G 46 -15.34 21.96 -23.75
N HIS G 47 -16.42 21.28 -24.15
CA HIS G 47 -16.74 21.07 -25.57
C HIS G 47 -15.56 20.40 -26.28
N LEU G 48 -15.05 19.35 -25.67
CA LEU G 48 -13.86 18.67 -26.15
C LEU G 48 -14.26 17.45 -26.99
N PRO G 49 -13.30 16.88 -27.74
CA PRO G 49 -13.67 15.76 -28.61
C PRO G 49 -14.19 14.54 -27.85
N ALA G 50 -15.05 13.76 -28.50
CA ALA G 50 -15.65 12.56 -27.93
C ALA G 50 -14.61 11.47 -27.66
N PRO G 51 -14.62 10.90 -26.45
CA PRO G 51 -13.70 9.83 -26.10
C PRO G 51 -14.21 8.45 -26.48
N LEU G 52 -13.34 7.65 -27.07
CA LEU G 52 -13.67 6.26 -27.40
C LEU G 52 -12.72 5.33 -26.67
N PHE G 53 -13.21 4.76 -25.57
CA PHE G 53 -12.46 3.84 -24.76
C PHE G 53 -12.37 2.50 -25.46
N LYS G 54 -11.20 2.18 -25.98
CA LYS G 54 -11.01 0.91 -26.66
C LYS G 54 -10.56 -0.17 -25.69
N ASN G 55 -10.19 0.24 -24.49
CA ASN G 55 -9.59 -0.66 -23.52
C ASN G 55 -10.23 -0.50 -22.14
N LEU G 56 -11.27 -1.29 -21.88
CA LEU G 56 -11.97 -1.21 -20.60
C LEU G 56 -11.56 -2.33 -19.66
N LYS G 57 -11.33 -1.98 -18.41
CA LYS G 57 -11.05 -2.92 -17.35
C LYS G 57 -12.21 -3.91 -17.14
N GLY G 58 -11.95 -5.19 -17.39
CA GLY G 58 -12.93 -6.23 -17.21
C GLY G 58 -13.70 -6.56 -18.48
N ALA G 59 -13.11 -6.22 -19.62
CA ALA G 59 -13.80 -6.37 -20.89
C ALA G 59 -13.30 -7.56 -21.66
N SER G 60 -14.21 -8.27 -22.32
CA SER G 60 -13.82 -9.26 -23.29
C SER G 60 -13.29 -8.52 -24.51
N LYS G 61 -12.77 -9.27 -25.47
CA LYS G 61 -12.34 -8.70 -26.74
C LYS G 61 -13.49 -8.00 -27.45
N ASP G 62 -14.69 -8.56 -27.31
CA ASP G 62 -15.86 -8.11 -28.08
C ASP G 62 -16.82 -7.28 -27.25
N LEU G 63 -16.81 -7.47 -25.94
CA LEU G 63 -17.73 -6.78 -25.05
C LEU G 63 -17.02 -6.07 -23.89
N PHE G 64 -16.93 -4.75 -23.92
CA PHE G 64 -17.21 -3.90 -25.08
C PHE G 64 -16.33 -2.65 -24.97
N SER G 65 -16.32 -1.86 -26.03
CA SER G 65 -15.75 -0.53 -26.00
C SER G 65 -16.87 0.46 -25.66
N ILE G 66 -16.49 1.66 -25.23
CA ILE G 66 -17.47 2.69 -24.91
C ILE G 66 -17.22 3.95 -25.72
N LEU G 67 -18.27 4.48 -26.35
CA LEU G 67 -18.20 5.79 -26.99
C LEU G 67 -18.96 6.79 -26.10
N GLY G 68 -18.26 7.80 -25.59
CA GLY G 68 -18.86 8.79 -24.72
C GLY G 68 -19.20 10.07 -25.48
N CYS G 69 -20.20 10.79 -25.01
CA CYS G 69 -20.58 12.09 -25.56
C CYS G 69 -20.92 12.13 -27.05
N PRO G 70 -21.78 11.21 -27.53
CA PRO G 70 -22.06 11.11 -28.97
C PRO G 70 -22.86 12.28 -29.50
N ALA G 71 -23.54 12.98 -28.62
CA ALA G 71 -24.06 14.28 -28.99
C ALA G 71 -23.42 15.24 -28.01
N GLY G 72 -23.91 16.47 -27.91
CA GLY G 72 -23.12 17.39 -27.11
C GLY G 72 -21.99 18.02 -27.90
N LEU G 73 -21.42 19.08 -27.33
CA LEU G 73 -20.84 20.14 -28.15
C LEU G 73 -19.33 20.06 -28.30
N ARG G 74 -18.84 20.78 -29.30
CA ARG G 74 -17.44 20.84 -29.67
C ARG G 74 -17.13 22.24 -30.17
N SER G 75 -15.86 22.53 -30.45
CA SER G 75 -15.43 23.89 -30.81
C SER G 75 -16.18 24.47 -32.02
N LYS G 76 -16.31 25.79 -32.04
CA LYS G 76 -17.12 26.46 -33.06
C LYS G 76 -16.64 26.29 -34.51
N GLU G 77 -15.33 26.16 -34.71
CA GLU G 77 -14.81 26.16 -36.06
C GLU G 77 -15.08 24.86 -36.81
N LYS G 78 -15.39 23.80 -36.08
CA LYS G 78 -15.76 22.53 -36.70
C LYS G 78 -17.28 22.36 -36.81
N GLY G 79 -18.03 23.36 -36.36
CA GLY G 79 -19.45 23.20 -36.21
C GLY G 79 -19.72 22.69 -34.79
N ASP G 80 -20.15 23.59 -33.91
CA ASP G 80 -20.29 23.21 -32.52
C ASP G 80 -21.40 22.19 -32.30
N HIS G 81 -22.36 22.11 -33.21
CA HIS G 81 -23.41 21.09 -33.12
C HIS G 81 -23.22 20.01 -34.15
N GLY G 82 -22.00 19.91 -34.65
CA GLY G 82 -21.64 18.94 -35.67
C GLY G 82 -22.02 17.52 -35.35
N ARG G 83 -22.04 17.17 -34.07
CA ARG G 83 -22.32 15.79 -33.69
C ARG G 83 -23.81 15.50 -33.85
N ILE G 84 -24.63 16.48 -33.50
CA ILE G 84 -26.06 16.33 -33.70
C ILE G 84 -26.36 16.36 -35.21
N ALA G 85 -25.71 17.25 -35.96
CA ALA G 85 -25.84 17.27 -37.42
C ALA G 85 -25.58 15.91 -38.06
N HIS G 86 -24.53 15.21 -37.61
CA HIS G 86 -24.19 13.89 -38.12
C HIS G 86 -25.20 12.80 -37.78
N HIS G 87 -26.07 13.03 -36.81
CA HIS G 87 -27.17 12.09 -36.56
C HIS G 87 -28.21 12.19 -37.68
N LEU G 88 -28.15 13.28 -38.42
CA LEU G 88 -29.15 13.59 -39.42
C LEU G 88 -28.57 13.59 -40.83
N GLY G 89 -27.26 13.43 -40.93
CA GLY G 89 -26.58 13.47 -42.21
C GLY G 89 -26.40 14.89 -42.72
N LEU G 90 -26.47 15.86 -41.82
CA LEU G 90 -26.35 17.26 -42.23
C LEU G 90 -24.90 17.70 -42.28
N ASP G 91 -24.67 18.86 -42.86
CA ASP G 91 -23.39 19.54 -42.84
C ASP G 91 -23.01 19.78 -41.38
N PRO G 92 -21.79 19.39 -40.99
CA PRO G 92 -21.25 19.60 -39.64
C PRO G 92 -21.36 21.04 -39.15
N LYS G 93 -21.26 22.01 -40.06
CA LYS G 93 -21.34 23.39 -39.66
C LYS G 93 -22.75 23.96 -39.76
N THR G 94 -23.75 23.08 -39.66
CA THR G 94 -25.14 23.52 -39.59
C THR G 94 -25.47 24.04 -38.19
N THR G 95 -26.02 25.24 -38.09
CA THR G 95 -26.37 25.80 -36.79
C THR G 95 -27.54 25.03 -36.21
N ILE G 96 -27.79 25.21 -34.92
CA ILE G 96 -28.82 24.42 -34.25
C ILE G 96 -30.21 24.86 -34.69
N LYS G 97 -30.33 26.11 -35.12
CA LYS G 97 -31.61 26.64 -35.61
C LYS G 97 -32.05 25.95 -36.88
N GLU G 98 -31.10 25.73 -37.77
CA GLU G 98 -31.34 25.05 -39.02
C GLU G 98 -31.54 23.56 -38.80
N ILE G 99 -30.86 23.01 -37.80
CA ILE G 99 -31.12 21.62 -37.43
C ILE G 99 -32.59 21.46 -37.01
N ILE G 100 -33.08 22.39 -36.21
CA ILE G 100 -34.47 22.36 -35.78
C ILE G 100 -35.39 22.53 -36.99
N ASP G 101 -35.11 23.51 -37.84
CA ASP G 101 -35.89 23.71 -39.05
C ASP G 101 -35.85 22.51 -39.97
N TYR G 102 -34.75 21.78 -39.95
CA TYR G 102 -34.66 20.56 -40.73
C TYR G 102 -35.58 19.49 -40.15
N LEU G 103 -35.56 19.37 -38.82
CA LEU G 103 -36.39 18.40 -38.15
C LEU G 103 -37.84 18.70 -38.40
N LEU G 104 -38.15 19.96 -38.65
CA LEU G 104 -39.51 20.35 -39.02
C LEU G 104 -39.82 19.97 -40.45
N GLU G 105 -38.84 20.15 -41.34
CA GLU G 105 -39.00 19.81 -42.74
C GLU G 105 -39.20 18.32 -42.89
N CYS G 106 -38.43 17.55 -42.11
CA CYS G 106 -38.49 16.10 -42.16
C CYS G 106 -39.88 15.55 -41.83
N LYS G 107 -40.66 16.29 -41.08
CA LYS G 107 -42.02 15.85 -40.76
C LYS G 107 -42.96 16.04 -41.95
N GLU G 108 -42.46 16.61 -43.04
CA GLU G 108 -43.24 16.78 -44.26
C GLU G 108 -42.94 15.67 -45.26
N LYS G 109 -41.82 15.01 -45.06
CA LYS G 109 -41.43 13.88 -45.90
C LYS G 109 -42.41 12.74 -45.72
N GLU G 110 -42.54 11.88 -46.71
CA GLU G 110 -43.43 10.74 -46.59
C GLU G 110 -42.84 9.73 -45.62
N PRO G 111 -43.66 9.14 -44.74
CA PRO G 111 -43.15 8.08 -43.89
C PRO G 111 -42.68 6.91 -44.73
N LEU G 112 -41.65 6.22 -44.27
CA LEU G 112 -41.03 5.17 -45.06
C LEU G 112 -40.58 4.04 -44.13
N PRO G 113 -41.32 2.93 -44.14
CA PRO G 113 -41.14 1.81 -43.21
C PRO G 113 -39.84 1.05 -43.42
N PRO G 114 -39.32 0.44 -42.36
CA PRO G 114 -38.08 -0.34 -42.46
C PRO G 114 -38.24 -1.54 -43.39
N ILE G 115 -37.12 -2.02 -43.93
CA ILE G 115 -37.12 -3.22 -44.75
C ILE G 115 -36.32 -4.34 -44.07
N THR G 116 -36.85 -5.56 -44.12
CA THR G 116 -36.18 -6.72 -43.53
C THR G 116 -35.06 -7.19 -44.47
N VAL G 117 -33.91 -7.57 -43.89
CA VAL G 117 -32.77 -8.04 -44.67
C VAL G 117 -32.32 -9.38 -44.11
N PRO G 118 -31.60 -10.19 -44.90
CA PRO G 118 -31.18 -11.49 -44.38
C PRO G 118 -30.04 -11.35 -43.37
N VAL G 119 -29.97 -12.30 -42.44
CA VAL G 119 -29.04 -12.27 -41.32
C VAL G 119 -27.57 -12.12 -41.76
N SER G 120 -27.24 -12.60 -42.95
CA SER G 120 -25.89 -12.47 -43.49
C SER G 120 -25.53 -11.00 -43.78
N SER G 121 -26.53 -10.14 -43.79
CA SER G 121 -26.31 -8.70 -44.00
C SER G 121 -26.54 -7.91 -42.71
N ALA G 122 -26.45 -8.60 -41.57
CA ALA G 122 -26.64 -7.97 -40.28
C ALA G 122 -25.48 -8.27 -39.33
N PRO G 123 -24.51 -7.34 -39.28
CA PRO G 123 -23.39 -7.38 -38.33
C PRO G 123 -23.80 -7.66 -36.89
N CYS G 124 -25.00 -7.23 -36.50
CA CYS G 124 -25.47 -7.39 -35.12
C CYS G 124 -25.72 -8.84 -34.73
N LYS G 125 -25.67 -9.74 -35.70
CA LYS G 125 -25.92 -11.16 -35.45
C LYS G 125 -24.63 -11.99 -35.47
N THR G 126 -23.48 -11.32 -35.52
CA THR G 126 -22.19 -12.01 -35.64
C THR G 126 -21.95 -12.98 -34.49
N HIS G 127 -22.37 -12.60 -33.30
CA HIS G 127 -22.31 -13.50 -32.14
C HIS G 127 -23.65 -13.56 -31.43
N ILE G 128 -24.11 -14.75 -31.11
CA ILE G 128 -25.37 -14.91 -30.40
C ILE G 128 -25.14 -15.70 -29.11
N LEU G 129 -25.76 -15.25 -28.02
CA LEU G 129 -25.69 -15.95 -26.75
C LEU G 129 -27.08 -16.33 -26.28
N SER G 130 -27.20 -17.45 -25.56
CA SER G 130 -28.49 -17.85 -25.01
C SER G 130 -28.48 -17.71 -23.49
N GLU G 131 -29.65 -17.85 -22.88
CA GLU G 131 -29.90 -17.49 -21.47
C GLU G 131 -28.81 -17.92 -20.47
N GLU G 132 -28.26 -19.11 -20.63
CA GLU G 132 -27.28 -19.62 -19.67
C GLU G 132 -25.92 -18.94 -19.83
N LYS G 133 -25.63 -18.49 -21.05
CA LYS G 133 -24.37 -17.82 -21.34
C LYS G 133 -24.49 -16.31 -21.13
N ILE G 134 -25.54 -15.89 -20.44
CA ILE G 134 -25.76 -14.46 -20.23
C ILE G 134 -25.47 -14.04 -18.80
N HIS G 135 -24.47 -13.18 -18.62
CA HIS G 135 -24.10 -12.71 -17.29
C HIS G 135 -23.81 -11.22 -17.34
N LEU G 136 -24.85 -10.42 -17.06
CA LEU G 136 -24.74 -8.98 -17.18
C LEU G 136 -23.70 -8.39 -16.22
N GLN G 137 -23.59 -8.98 -15.04
CA GLN G 137 -22.73 -8.43 -13.99
C GLN G 137 -21.26 -8.45 -14.41
N SER G 138 -20.91 -9.40 -15.28
CA SER G 138 -19.55 -9.52 -15.79
C SER G 138 -19.27 -8.62 -17.02
N LEU G 139 -20.23 -7.81 -17.42
CA LEU G 139 -20.00 -6.82 -18.44
C LEU G 139 -19.29 -5.63 -17.83
N PRO G 140 -18.47 -4.91 -18.63
CA PRO G 140 -17.80 -3.71 -18.13
C PRO G 140 -18.71 -2.49 -18.11
N THR G 141 -19.93 -2.69 -17.64
CA THR G 141 -20.92 -1.64 -17.50
C THR G 141 -20.34 -0.47 -16.74
N PRO G 142 -20.58 0.75 -17.23
CA PRO G 142 -20.04 1.92 -16.54
C PRO G 142 -20.80 2.28 -15.26
N TYR G 143 -20.08 2.66 -14.21
CA TYR G 143 -20.67 3.29 -13.05
C TYR G 143 -20.37 4.78 -13.19
N LEU G 144 -21.37 5.54 -13.63
CA LEU G 144 -21.13 6.86 -14.19
C LEU G 144 -20.97 7.97 -13.15
N HIS G 145 -21.86 8.01 -12.14
CA HIS G 145 -21.74 9.04 -11.10
C HIS G 145 -21.50 8.45 -9.73
N VAL G 146 -20.87 9.23 -8.86
CA VAL G 146 -20.81 8.84 -7.45
C VAL G 146 -22.23 8.82 -6.90
N SER G 147 -22.52 7.81 -6.08
CA SER G 147 -23.82 7.62 -5.43
C SER G 147 -24.93 7.16 -6.35
N ASP G 148 -24.62 6.77 -7.59
CA ASP G 148 -25.61 6.18 -8.47
C ASP G 148 -26.12 4.86 -7.86
N GLY G 149 -27.38 4.54 -8.09
CA GLY G 149 -27.98 3.35 -7.51
C GLY G 149 -27.41 2.04 -8.03
N GLY G 150 -26.68 2.11 -9.14
CA GLY G 150 -26.14 0.93 -9.78
C GLY G 150 -25.38 1.24 -11.06
N LYS G 151 -24.97 0.20 -11.77
CA LYS G 151 -24.31 0.35 -13.05
C LYS G 151 -25.35 0.54 -14.13
N TYR G 152 -25.27 1.66 -14.85
CA TYR G 152 -26.24 1.92 -15.89
C TYR G 152 -25.72 1.53 -17.28
N LEU G 153 -26.26 0.43 -17.80
CA LEU G 153 -25.91 -0.08 -19.11
C LEU G 153 -26.62 0.67 -20.24
N GLN G 154 -27.83 1.11 -19.97
CA GLN G 154 -28.66 1.73 -20.96
C GLN G 154 -28.82 3.24 -20.70
N THR G 155 -28.08 4.04 -21.45
CA THR G 155 -28.22 5.49 -21.41
C THR G 155 -28.32 6.08 -22.81
N TYR G 156 -27.94 5.30 -23.82
CA TYR G 156 -27.98 5.78 -25.18
C TYR G 156 -28.37 4.69 -26.14
N GLY G 157 -29.18 3.75 -25.66
CA GLY G 157 -29.66 2.66 -26.48
C GLY G 157 -31.14 2.77 -26.74
N MET G 158 -31.67 1.84 -27.52
CA MET G 158 -33.06 1.91 -27.92
C MET G 158 -33.86 0.69 -27.43
N TRP G 159 -34.92 0.96 -26.68
CA TRP G 159 -35.90 -0.07 -26.33
C TRP G 159 -36.83 -0.25 -27.52
N ILE G 160 -37.19 -1.50 -27.80
CA ILE G 160 -38.16 -1.81 -28.85
C ILE G 160 -39.29 -2.65 -28.25
N LEU G 161 -40.53 -2.23 -28.49
CA LEU G 161 -41.69 -2.96 -28.01
C LEU G 161 -42.79 -2.99 -29.05
N GLN G 162 -43.63 -4.02 -29.02
CA GLN G 162 -44.70 -4.16 -30.01
C GLN G 162 -46.01 -4.65 -29.42
N THR G 163 -47.12 -4.20 -29.96
CA THR G 163 -48.41 -4.82 -29.64
C THR G 163 -48.45 -6.21 -30.26
N PRO G 164 -49.27 -7.09 -29.70
CA PRO G 164 -49.42 -8.43 -30.29
C PRO G 164 -49.88 -8.42 -31.76
N ASP G 165 -50.68 -7.44 -32.17
CA ASP G 165 -51.17 -7.38 -33.55
C ASP G 165 -50.06 -6.97 -34.53
N LYS G 166 -48.97 -6.44 -33.97
CA LYS G 166 -47.76 -6.02 -34.69
C LYS G 166 -47.96 -4.73 -35.49
N LYS G 167 -49.00 -3.97 -35.20
CA LYS G 167 -49.28 -2.74 -35.95
C LYS G 167 -48.67 -1.50 -35.31
N TRP G 168 -48.42 -1.56 -34.01
CA TRP G 168 -47.74 -0.47 -33.31
C TRP G 168 -46.39 -0.94 -32.77
N THR G 169 -45.32 -0.36 -33.29
CA THR G 169 -43.99 -0.63 -32.75
C THR G 169 -43.47 0.63 -32.10
N ASN G 170 -42.92 0.48 -30.90
CA ASN G 170 -42.43 1.60 -30.11
C ASN G 170 -40.92 1.58 -29.98
N TRP G 171 -40.30 2.71 -30.33
CA TRP G 171 -38.87 2.91 -30.13
C TRP G 171 -38.63 4.03 -29.13
N SER G 172 -37.92 3.73 -28.05
CA SER G 172 -37.72 4.72 -27.02
C SER G 172 -36.41 4.55 -26.26
N ILE G 173 -35.98 5.66 -25.67
CA ILE G 173 -34.79 5.67 -24.84
C ILE G 173 -35.22 5.99 -23.40
N ALA G 174 -34.74 5.18 -22.47
CA ALA G 174 -35.13 5.30 -21.07
C ALA G 174 -34.06 4.59 -20.27
N ARG G 175 -33.58 5.25 -19.22
CA ARG G 175 -32.42 4.76 -18.51
C ARG G 175 -32.69 3.37 -17.95
N GLY G 176 -31.70 2.48 -18.11
CA GLY G 176 -31.79 1.10 -17.68
C GLY G 176 -30.60 0.77 -16.81
N MET G 177 -30.87 0.26 -15.63
CA MET G 177 -29.84 -0.07 -14.66
C MET G 177 -29.73 -1.58 -14.54
N VAL G 178 -28.50 -2.10 -14.41
CA VAL G 178 -28.33 -3.54 -14.23
C VAL G 178 -28.61 -3.88 -12.77
N VAL G 179 -29.45 -4.89 -12.57
CA VAL G 179 -29.97 -5.29 -11.26
C VAL G 179 -29.24 -6.51 -10.75
N ASP G 180 -29.17 -7.54 -11.58
CA ASP G 180 -28.43 -8.75 -11.26
C ASP G 180 -27.86 -9.32 -12.54
N ASP G 181 -27.55 -10.61 -12.54
CA ASP G 181 -26.90 -11.23 -13.69
C ASP G 181 -27.83 -11.40 -14.89
N LYS G 182 -29.14 -11.27 -14.68
CA LYS G 182 -30.09 -11.46 -15.77
C LYS G 182 -31.18 -10.40 -15.84
N HIS G 183 -31.17 -9.43 -14.92
CA HIS G 183 -32.25 -8.45 -14.89
C HIS G 183 -31.80 -6.99 -15.02
N ILE G 184 -32.58 -6.23 -15.75
CA ILE G 184 -32.38 -4.80 -15.94
C ILE G 184 -33.65 -4.09 -15.53
N THR G 185 -33.55 -2.96 -14.85
CA THR G 185 -34.75 -2.20 -14.58
C THR G 185 -34.67 -0.83 -15.24
N GLY G 186 -35.76 -0.43 -15.88
CA GLY G 186 -35.83 0.86 -16.55
C GLY G 186 -36.90 1.75 -15.95
N LEU G 187 -36.57 3.03 -15.78
CA LEU G 187 -37.50 3.98 -15.20
C LEU G 187 -38.56 4.41 -16.22
N ASN G 208 -48.19 -8.97 -18.22
CA ASN G 208 -47.89 -10.39 -18.29
C ASN G 208 -46.38 -10.66 -18.35
N GLU G 209 -45.89 -10.99 -19.54
CA GLU G 209 -44.46 -11.16 -19.79
C GLU G 209 -44.11 -10.59 -21.15
N ILE G 210 -44.35 -9.29 -21.31
CA ILE G 210 -44.12 -8.57 -22.56
C ILE G 210 -42.69 -8.72 -23.07
N PRO G 211 -42.56 -9.21 -24.32
CA PRO G 211 -41.24 -9.37 -24.96
C PRO G 211 -40.61 -8.03 -25.32
N PHE G 212 -39.29 -7.93 -25.24
CA PHE G 212 -38.64 -6.66 -25.55
C PHE G 212 -37.32 -6.86 -26.29
N ALA G 213 -36.86 -5.78 -26.92
CA ALA G 213 -35.50 -5.71 -27.47
C ALA G 213 -34.83 -4.41 -27.01
N LEU G 214 -33.53 -4.48 -26.73
CA LEU G 214 -32.75 -3.29 -26.35
C LEU G 214 -31.49 -3.19 -27.23
N CYS G 215 -31.41 -2.17 -28.07
CA CYS G 215 -30.32 -2.10 -29.04
C CYS G 215 -29.34 -0.94 -28.80
N PHE G 216 -28.05 -1.24 -28.94
CA PHE G 216 -27.03 -0.23 -28.74
C PHE G 216 -26.21 -0.01 -30.01
N GLY G 217 -26.01 1.25 -30.37
CA GLY G 217 -25.26 1.57 -31.57
C GLY G 217 -26.12 1.43 -32.81
N VAL G 218 -27.40 1.70 -32.67
CA VAL G 218 -28.32 1.70 -33.80
C VAL G 218 -27.97 2.86 -34.73
N PRO G 219 -28.60 2.92 -35.91
CA PRO G 219 -28.42 4.11 -36.75
C PRO G 219 -28.74 5.40 -36.00
N PRO G 220 -27.77 6.34 -35.95
CA PRO G 220 -27.87 7.61 -35.25
C PRO G 220 -29.16 8.38 -35.47
N ALA G 221 -29.75 8.29 -36.65
CA ALA G 221 -31.03 8.96 -36.87
C ALA G 221 -32.09 8.36 -35.95
N ALA G 222 -32.03 7.05 -35.75
CA ALA G 222 -33.02 6.37 -34.95
C ALA G 222 -32.90 6.78 -33.49
N ILE G 223 -31.68 6.94 -33.00
CA ILE G 223 -31.48 7.23 -31.59
C ILE G 223 -31.97 8.65 -31.37
N LEU G 224 -31.78 9.52 -32.34
CA LEU G 224 -32.25 10.90 -32.21
C LEU G 224 -33.75 10.92 -32.17
N VAL G 225 -34.37 10.25 -33.13
CA VAL G 225 -35.83 10.21 -33.23
C VAL G 225 -36.47 9.57 -32.00
N SER G 226 -35.89 8.49 -31.51
CA SER G 226 -36.52 7.77 -30.41
C SER G 226 -36.16 8.35 -29.05
N SER G 227 -35.63 9.57 -28.99
CA SER G 227 -35.18 10.10 -27.72
C SER G 227 -36.15 11.13 -27.16
N MET G 228 -37.13 11.53 -27.97
CA MET G 228 -38.29 12.24 -27.46
C MET G 228 -39.55 11.88 -28.25
N PRO G 229 -40.57 11.37 -27.53
CA PRO G 229 -41.90 11.08 -28.09
C PRO G 229 -42.57 12.33 -28.68
N SER G 235 -45.39 5.91 -36.62
CA SER G 235 -44.44 5.06 -35.92
C SER G 235 -43.01 5.58 -36.08
N GLU G 236 -42.15 5.25 -35.12
CA GLU G 236 -40.78 5.77 -35.07
C GLU G 236 -39.93 5.36 -36.26
N SER G 237 -39.85 4.06 -36.49
CA SER G 237 -39.13 3.50 -37.62
C SER G 237 -39.40 4.22 -38.93
N ASP G 238 -40.66 4.58 -39.16
CA ASP G 238 -41.05 5.23 -40.39
C ASP G 238 -40.48 6.63 -40.51
N TYR G 239 -40.45 7.36 -39.40
CA TYR G 239 -39.97 8.74 -39.42
C TYR G 239 -38.47 8.76 -39.61
N VAL G 240 -37.78 7.77 -39.04
CA VAL G 240 -36.33 7.62 -39.22
C VAL G 240 -36.03 7.35 -40.69
N GLY G 241 -36.94 6.63 -41.34
CA GLY G 241 -36.80 6.27 -42.73
C GLY G 241 -36.82 7.47 -43.64
N ALA G 242 -37.71 8.42 -43.36
CA ALA G 242 -37.80 9.65 -44.12
C ALA G 242 -36.52 10.46 -43.95
N ILE G 243 -36.05 10.54 -42.72
CA ILE G 243 -34.79 11.20 -42.41
C ILE G 243 -33.64 10.55 -43.17
N LEU G 244 -33.53 9.23 -43.13
CA LEU G 244 -32.47 8.52 -43.86
C LEU G 244 -32.64 8.55 -45.39
N GLY G 245 -33.87 8.73 -45.85
CA GLY G 245 -34.14 8.67 -47.28
C GLY G 245 -34.20 7.23 -47.78
N GLU G 246 -34.12 6.29 -46.84
CA GLU G 246 -34.15 4.87 -47.15
C GLU G 246 -34.58 4.07 -45.93
N SER G 247 -35.23 2.94 -46.17
CA SER G 247 -35.70 2.07 -45.09
C SER G 247 -34.58 1.66 -44.15
N VAL G 248 -34.86 1.62 -42.86
CA VAL G 248 -33.87 1.10 -41.92
C VAL G 248 -33.74 -0.40 -42.19
N PRO G 249 -32.51 -0.89 -42.32
CA PRO G 249 -32.29 -2.33 -42.40
C PRO G 249 -32.58 -2.99 -41.06
N VAL G 250 -33.51 -3.94 -41.01
CA VAL G 250 -33.79 -4.68 -39.78
C VAL G 250 -33.77 -6.21 -39.98
N VAL G 251 -33.50 -6.92 -38.88
CA VAL G 251 -33.62 -8.38 -38.83
C VAL G 251 -34.49 -8.78 -37.65
N LYS G 252 -35.03 -9.99 -37.71
CA LYS G 252 -35.83 -10.48 -36.59
C LYS G 252 -34.95 -10.93 -35.43
N CYS G 253 -35.40 -10.69 -34.21
CA CYS G 253 -34.75 -11.22 -33.02
C CYS G 253 -34.64 -12.73 -33.06
N GLU G 254 -33.77 -13.29 -32.23
CA GLU G 254 -33.65 -14.74 -32.11
C GLU G 254 -34.86 -15.30 -31.38
N THR G 255 -35.15 -14.76 -30.20
CA THR G 255 -36.14 -15.34 -29.31
C THR G 255 -37.53 -14.72 -29.40
N ASN G 256 -37.75 -13.83 -30.36
CA ASN G 256 -39.09 -13.28 -30.56
C ASN G 256 -39.26 -12.59 -31.91
N ASP G 257 -40.41 -11.94 -32.09
CA ASP G 257 -40.83 -11.44 -33.39
C ASP G 257 -40.52 -9.98 -33.62
N LEU G 258 -39.79 -9.37 -32.71
CA LEU G 258 -39.44 -7.96 -32.85
C LEU G 258 -38.39 -7.77 -33.94
N MET G 259 -38.45 -6.64 -34.62
CA MET G 259 -37.41 -6.30 -35.59
C MET G 259 -36.41 -5.29 -34.98
N VAL G 260 -35.13 -5.61 -35.10
CA VAL G 260 -34.05 -4.78 -34.58
C VAL G 260 -33.21 -4.25 -35.73
N PRO G 261 -32.66 -3.04 -35.57
CA PRO G 261 -31.77 -2.49 -36.60
C PRO G 261 -30.57 -3.41 -36.82
N ALA G 262 -30.32 -3.73 -38.07
CA ALA G 262 -29.35 -4.77 -38.43
C ALA G 262 -27.90 -4.39 -38.13
N THR G 263 -27.61 -3.09 -38.11
CA THR G 263 -26.24 -2.65 -37.89
C THR G 263 -25.94 -2.31 -36.42
N SER G 264 -26.79 -2.76 -35.51
CA SER G 264 -26.60 -2.52 -34.08
C SER G 264 -25.29 -3.12 -33.59
N GLU G 265 -24.66 -2.47 -32.63
CA GLU G 265 -23.47 -3.05 -32.04
C GLU G 265 -23.87 -4.26 -31.21
N MET G 266 -24.93 -4.12 -30.42
CA MET G 266 -25.41 -5.16 -29.52
C MET G 266 -26.93 -5.15 -29.45
N VAL G 267 -27.52 -6.32 -29.22
CA VAL G 267 -28.96 -6.41 -29.05
C VAL G 267 -29.27 -7.35 -27.89
N PHE G 268 -30.06 -6.88 -26.93
CA PHE G 268 -30.49 -7.70 -25.80
C PHE G 268 -31.98 -8.07 -25.94
N GLU G 269 -32.32 -9.34 -25.77
CA GLU G 269 -33.70 -9.77 -25.90
C GLU G 269 -34.22 -10.48 -24.66
N GLY G 270 -35.53 -10.41 -24.45
CA GLY G 270 -36.13 -11.04 -23.31
C GLY G 270 -37.56 -10.58 -23.04
N THR G 271 -37.99 -10.68 -21.80
CA THR G 271 -39.34 -10.30 -21.43
C THR G 271 -39.41 -9.33 -20.28
N LEU G 272 -40.44 -8.50 -20.30
CA LEU G 272 -40.68 -7.48 -19.30
C LEU G 272 -41.96 -7.80 -18.52
N SER G 273 -41.94 -7.56 -17.22
CA SER G 273 -43.13 -7.78 -16.39
C SER G 273 -43.45 -6.55 -15.55
N LEU G 274 -44.73 -6.16 -15.54
CA LEU G 274 -45.17 -4.97 -14.82
C LEU G 274 -45.59 -5.32 -13.40
N THR G 275 -45.96 -6.57 -13.20
CA THR G 275 -46.33 -7.04 -11.87
C THR G 275 -45.09 -7.08 -10.99
N ASP G 276 -44.09 -7.84 -11.41
CA ASP G 276 -42.89 -7.98 -10.64
C ASP G 276 -42.01 -6.75 -10.82
N THR G 277 -41.97 -5.90 -9.80
CA THR G 277 -41.28 -4.63 -9.89
C THR G 277 -39.95 -4.66 -9.16
N HIS G 278 -39.25 -3.52 -9.20
CA HIS G 278 -37.96 -3.38 -8.53
C HIS G 278 -37.57 -1.93 -8.28
N LEU G 279 -36.75 -1.74 -7.25
CA LEU G 279 -36.25 -0.41 -6.89
C LEU G 279 -35.15 0.01 -7.85
N GLU G 280 -35.43 1.02 -8.64
CA GLU G 280 -34.43 1.55 -9.56
C GLU G 280 -33.62 2.66 -8.89
N GLY G 281 -32.40 2.32 -8.47
CA GLY G 281 -31.54 3.21 -7.72
C GLY G 281 -31.35 4.52 -8.43
N PRO G 282 -30.94 5.57 -7.71
CA PRO G 282 -30.84 6.94 -8.22
C PRO G 282 -29.81 7.10 -9.35
N PHE G 283 -29.96 8.17 -10.12
CA PHE G 283 -29.08 8.42 -11.24
C PHE G 283 -28.80 9.92 -11.41
N GLY G 284 -27.56 10.26 -11.71
CA GLY G 284 -27.22 11.63 -12.05
C GLY G 284 -28.01 12.01 -13.28
N GLU G 285 -28.79 13.07 -13.19
CA GLU G 285 -29.74 13.39 -14.24
C GLU G 285 -29.54 14.75 -14.90
N MET G 286 -30.43 15.03 -15.85
CA MET G 286 -30.34 16.20 -16.71
C MET G 286 -30.21 17.55 -16.01
N HIS G 287 -30.44 17.62 -14.71
CA HIS G 287 -30.45 18.93 -14.06
C HIS G 287 -29.22 19.15 -13.18
N GLY G 288 -28.34 18.16 -13.16
CA GLY G 288 -27.05 18.29 -12.51
C GLY G 288 -26.93 17.70 -11.12
N TYR G 289 -27.88 16.85 -10.73
CA TYR G 289 -27.90 16.29 -9.39
C TYR G 289 -28.13 14.79 -9.38
N VAL G 290 -27.58 14.12 -8.37
CA VAL G 290 -28.12 12.82 -7.98
C VAL G 290 -28.50 12.87 -6.50
N PHE G 291 -29.79 12.61 -6.26
CA PHE G 291 -30.36 12.66 -4.93
C PHE G 291 -30.54 11.24 -4.44
N LYS G 292 -30.27 10.99 -3.17
CA LYS G 292 -30.72 9.75 -2.56
C LYS G 292 -32.25 9.72 -2.64
N SER G 293 -32.82 8.74 -3.33
CA SER G 293 -34.28 8.51 -3.31
C SER G 293 -34.79 7.40 -4.23
N GLN G 294 -36.12 7.31 -4.29
CA GLN G 294 -36.83 6.50 -5.27
C GLN G 294 -38.25 7.06 -5.48
N CYS G 298 -40.62 -0.14 -9.91
CA CYS G 298 -40.20 -0.01 -11.30
C CYS G 298 -40.15 -1.36 -12.02
N PRO G 299 -40.58 -1.40 -13.30
CA PRO G 299 -40.73 -2.65 -14.04
C PRO G 299 -39.40 -3.38 -14.22
N LEU G 300 -39.46 -4.70 -14.18
CA LEU G 300 -38.29 -5.56 -14.22
C LEU G 300 -38.14 -6.25 -15.58
N TYR G 301 -36.97 -6.11 -16.21
CA TYR G 301 -36.69 -6.75 -17.50
C TYR G 301 -35.77 -7.96 -17.35
N THR G 302 -36.18 -9.09 -17.92
CA THR G 302 -35.34 -10.29 -17.93
C THR G 302 -34.68 -10.48 -19.29
N VAL G 303 -33.41 -10.84 -19.27
CA VAL G 303 -32.65 -10.99 -20.52
C VAL G 303 -32.47 -12.46 -20.85
N LYS G 304 -33.03 -12.89 -21.98
CA LYS G 304 -33.05 -14.32 -22.33
C LYS G 304 -32.06 -14.63 -23.46
N ALA G 305 -31.57 -13.59 -24.10
CA ALA G 305 -30.63 -13.74 -25.20
C ALA G 305 -29.97 -12.41 -25.53
N MET G 306 -28.74 -12.47 -26.02
CA MET G 306 -28.13 -11.28 -26.58
C MET G 306 -27.36 -11.63 -27.85
N SER G 307 -27.13 -10.62 -28.67
CA SER G 307 -26.30 -10.79 -29.84
C SER G 307 -25.49 -9.52 -30.04
N TYR G 308 -24.35 -9.64 -30.71
CA TYR G 308 -23.42 -8.50 -30.84
C TYR G 308 -22.42 -8.69 -31.96
N ARG G 309 -21.91 -7.61 -32.51
CA ARG G 309 -20.92 -7.74 -33.57
C ARG G 309 -19.50 -7.80 -33.00
N ASP G 310 -18.52 -7.98 -33.87
CA ASP G 310 -17.11 -7.99 -33.49
C ASP G 310 -16.69 -6.64 -32.94
N ASN G 311 -15.99 -6.66 -31.80
CA ASN G 311 -15.48 -5.45 -31.18
C ASN G 311 -16.58 -4.43 -30.92
N ALA G 312 -17.61 -4.85 -30.19
CA ALA G 312 -18.81 -4.04 -30.04
C ALA G 312 -18.54 -2.76 -29.26
N ILE G 313 -19.26 -1.70 -29.60
CA ILE G 313 -19.16 -0.42 -28.91
C ILE G 313 -20.49 0.01 -28.29
N LEU G 314 -20.47 0.25 -26.99
CA LEU G 314 -21.63 0.77 -26.27
C LEU G 314 -21.54 2.28 -26.22
N PRO G 315 -22.43 2.99 -26.93
CA PRO G 315 -22.51 4.44 -26.79
C PRO G 315 -23.10 4.82 -25.43
N VAL G 316 -22.54 5.83 -24.78
CA VAL G 316 -22.96 6.18 -23.43
C VAL G 316 -23.19 7.68 -23.25
N SER G 317 -24.23 8.02 -22.52
CA SER G 317 -24.55 9.40 -22.16
C SER G 317 -24.46 9.53 -20.65
N ASN G 318 -23.70 10.50 -20.16
CA ASN G 318 -23.53 10.68 -18.73
C ASN G 318 -24.10 12.03 -18.31
N PRO G 319 -25.41 12.08 -18.02
CA PRO G 319 -26.14 13.32 -17.73
C PRO G 319 -25.58 14.10 -16.55
N GLY G 320 -25.61 15.42 -16.65
CA GLY G 320 -25.20 16.25 -15.55
C GLY G 320 -25.42 17.70 -15.88
N LEU G 321 -24.47 18.53 -15.47
CA LEU G 321 -24.44 19.94 -15.84
C LEU G 321 -24.37 20.05 -17.34
N CYS G 322 -24.90 21.14 -17.88
CA CYS G 322 -24.74 21.42 -19.29
C CYS G 322 -23.26 21.30 -19.67
N THR G 323 -22.96 20.79 -20.86
CA THR G 323 -23.93 20.40 -21.88
C THR G 323 -23.71 18.96 -22.30
N ASP G 324 -24.72 18.12 -22.15
CA ASP G 324 -24.65 16.75 -22.64
C ASP G 324 -25.91 16.45 -23.48
N GLU G 325 -26.21 15.18 -23.71
CA GLU G 325 -27.30 14.80 -24.63
C GLU G 325 -28.70 15.13 -24.12
N THR G 326 -28.88 15.16 -22.82
CA THR G 326 -30.19 15.47 -22.26
C THR G 326 -30.55 16.92 -22.48
N HIS G 327 -29.59 17.74 -22.86
CA HIS G 327 -29.89 19.13 -23.14
C HIS G 327 -29.98 19.34 -24.63
N THR G 328 -29.11 18.64 -25.33
CA THR G 328 -28.87 18.89 -26.73
C THR G 328 -29.88 18.14 -27.62
N LEU G 329 -30.21 16.91 -27.30
CA LEU G 329 -31.23 16.18 -28.06
C LEU G 329 -32.63 16.49 -27.55
N ILE G 330 -32.83 16.32 -26.25
CA ILE G 330 -34.12 16.60 -25.64
C ILE G 330 -34.53 18.05 -25.81
N GLY G 331 -33.57 18.96 -25.71
CA GLY G 331 -33.85 20.36 -25.92
C GLY G 331 -34.32 20.71 -27.33
N SER G 332 -33.59 20.28 -28.33
CA SER G 332 -33.93 20.61 -29.72
C SER G 332 -35.21 19.91 -30.20
N LEU G 333 -35.42 18.67 -29.74
CA LEU G 333 -36.66 17.97 -30.07
C LEU G 333 -37.87 18.68 -29.48
N VAL G 334 -37.80 19.06 -28.21
CA VAL G 334 -38.86 19.84 -27.59
C VAL G 334 -39.09 21.15 -28.32
N ALA G 335 -38.00 21.84 -28.62
CA ALA G 335 -38.08 23.11 -29.32
C ALA G 335 -38.71 22.93 -30.69
N THR G 336 -38.40 21.79 -31.31
CA THR G 336 -38.96 21.44 -32.62
C THR G 336 -40.47 21.28 -32.53
N GLU G 337 -40.92 20.52 -31.53
CA GLU G 337 -42.34 20.29 -31.32
C GLU G 337 -43.06 21.57 -30.93
N ALA G 338 -42.37 22.45 -30.22
CA ALA G 338 -42.96 23.70 -29.76
C ALA G 338 -43.18 24.66 -30.92
N LYS G 339 -42.21 24.71 -31.82
CA LYS G 339 -42.30 25.56 -33.00
C LYS G 339 -43.39 25.06 -33.92
N GLU G 340 -43.40 23.74 -34.13
CA GLU G 340 -44.44 23.12 -34.94
C GLU G 340 -45.81 23.42 -34.38
N LEU G 341 -45.93 23.30 -33.06
CA LEU G 341 -47.21 23.55 -32.39
C LEU G 341 -47.65 25.01 -32.53
N ALA G 342 -46.67 25.90 -32.63
CA ALA G 342 -46.99 27.33 -32.73
C ALA G 342 -47.49 27.67 -34.13
N ILE G 343 -46.92 27.02 -35.14
CA ILE G 343 -47.35 27.21 -36.53
C ILE G 343 -48.84 26.92 -36.73
N GLU G 344 -49.28 25.77 -36.27
CA GLU G 344 -50.68 25.36 -36.40
C GLU G 344 -51.60 26.28 -35.62
N SER G 345 -51.16 26.72 -34.45
CA SER G 345 -51.99 27.53 -33.56
C SER G 345 -52.10 28.97 -34.03
N GLY G 346 -51.34 29.33 -35.05
CA GLY G 346 -51.31 30.70 -35.54
C GLY G 346 -50.53 31.65 -34.66
N LEU G 347 -49.83 31.11 -33.67
CA LEU G 347 -48.99 31.93 -32.78
C LEU G 347 -47.86 32.61 -33.54
N PRO G 348 -47.69 33.92 -33.32
CA PRO G 348 -46.64 34.68 -34.02
C PRO G 348 -45.25 34.32 -33.51
N ILE G 349 -44.85 33.06 -33.70
CA ILE G 349 -43.58 32.57 -33.21
C ILE G 349 -42.57 32.39 -34.33
N LEU G 350 -41.36 32.92 -34.14
CA LEU G 350 -40.29 32.76 -35.11
C LEU G 350 -39.45 31.53 -34.83
N ASP G 351 -38.91 31.45 -33.62
CA ASP G 351 -38.09 30.31 -33.25
C ASP G 351 -38.35 29.88 -31.83
N ALA G 352 -37.87 28.69 -31.49
CA ALA G 352 -38.03 28.16 -30.17
C ALA G 352 -36.72 27.50 -29.80
N PHE G 353 -36.33 27.64 -28.54
CA PHE G 353 -35.10 27.05 -28.08
C PHE G 353 -35.08 26.83 -26.58
N MET G 354 -34.41 25.77 -26.16
CA MET G 354 -34.16 25.52 -24.75
C MET G 354 -32.67 25.71 -24.45
N PRO G 355 -32.28 26.90 -23.95
CA PRO G 355 -30.87 27.18 -23.66
C PRO G 355 -30.25 26.11 -22.76
N TYR G 356 -29.04 25.69 -23.06
CA TYR G 356 -28.41 24.60 -22.34
C TYR G 356 -28.02 25.03 -20.91
N GLU G 357 -27.76 26.31 -20.73
CA GLU G 357 -27.44 26.84 -19.41
C GLU G 357 -28.60 26.71 -18.43
N ALA G 358 -29.81 26.49 -18.96
CA ALA G 358 -30.96 26.37 -18.10
C ALA G 358 -31.34 24.91 -17.85
N GLN G 359 -30.44 23.99 -18.20
CA GLN G 359 -30.65 22.56 -17.96
C GLN G 359 -31.97 22.05 -18.57
N ALA G 360 -32.31 22.57 -19.74
CA ALA G 360 -33.55 22.23 -20.44
C ALA G 360 -34.82 22.40 -19.58
N LEU G 361 -34.84 23.42 -18.72
CA LEU G 361 -36.03 23.81 -17.97
C LEU G 361 -36.65 25.09 -18.55
N TRP G 362 -35.91 25.81 -19.37
CA TRP G 362 -36.46 27.02 -20.00
C TRP G 362 -36.79 26.80 -21.46
N LEU G 363 -37.95 27.30 -21.89
CA LEU G 363 -38.29 27.33 -23.31
C LEU G 363 -38.42 28.78 -23.72
N ILE G 364 -37.60 29.21 -24.67
CA ILE G 364 -37.64 30.60 -25.10
C ILE G 364 -38.35 30.69 -26.45
N LEU G 365 -39.37 31.51 -26.52
CA LEU G 365 -40.12 31.68 -27.76
C LEU G 365 -39.85 33.07 -28.32
N LYS G 366 -39.32 33.13 -29.54
CA LYS G 366 -39.04 34.39 -30.21
C LYS G 366 -40.27 34.84 -31.00
N VAL G 367 -40.83 35.98 -30.61
CA VAL G 367 -42.08 36.45 -31.18
C VAL G 367 -41.83 37.46 -32.29
N ASP G 368 -42.56 37.30 -33.40
CA ASP G 368 -42.57 38.30 -34.46
C ASP G 368 -43.48 39.44 -34.05
N LEU G 369 -42.97 40.67 -34.07
CA LEU G 369 -43.73 41.80 -33.55
C LEU G 369 -44.83 42.26 -34.50
N LYS G 370 -44.50 42.35 -35.79
CA LYS G 370 -45.48 42.79 -36.78
C LYS G 370 -46.67 41.85 -36.83
N GLY G 371 -46.42 40.56 -36.61
CA GLY G 371 -47.49 39.61 -36.47
C GLY G 371 -47.99 39.49 -35.05
N LEU G 372 -47.17 39.89 -34.07
CA LEU G 372 -47.54 39.75 -32.65
C LEU G 372 -48.86 40.42 -32.36
N GLN G 373 -49.01 41.69 -32.73
CA GLN G 373 -50.30 42.25 -32.47
C GLN G 373 -50.91 42.97 -33.65
N ALA G 374 -50.91 42.26 -34.76
CA ALA G 374 -52.04 42.29 -35.66
C ALA G 374 -53.13 41.53 -34.90
N LEU G 375 -52.70 40.74 -33.91
CA LEU G 375 -53.57 40.05 -32.97
C LEU G 375 -54.41 40.98 -32.10
N LYS G 376 -53.91 42.19 -31.86
CA LYS G 376 -54.58 43.16 -31.00
C LYS G 376 -54.95 42.57 -29.63
N THR G 377 -54.02 41.86 -29.01
CA THR G 377 -54.26 41.25 -27.70
C THR G 377 -53.45 41.97 -26.63
N THR G 378 -53.32 41.38 -25.45
CA THR G 378 -52.54 41.98 -24.38
C THR G 378 -51.69 40.93 -23.68
N PRO G 379 -50.46 41.30 -23.29
CA PRO G 379 -49.54 40.46 -22.50
C PRO G 379 -50.27 39.60 -21.49
N GLU G 380 -51.13 40.25 -20.71
CA GLU G 380 -51.83 39.63 -19.59
C GLU G 380 -52.62 38.36 -19.96
N GLU G 381 -52.87 38.13 -21.24
CA GLU G 381 -53.53 36.89 -21.61
C GLU G 381 -52.98 36.29 -22.89
N PHE G 382 -52.14 37.04 -23.61
CA PHE G 382 -51.32 36.41 -24.63
C PHE G 382 -50.44 35.37 -23.96
N CYS G 383 -50.01 35.67 -22.73
CA CYS G 383 -49.29 34.73 -21.90
C CYS G 383 -50.17 33.55 -21.52
N LYS G 384 -51.47 33.81 -21.38
CA LYS G 384 -52.43 32.78 -21.05
C LYS G 384 -52.58 31.82 -22.22
N LYS G 385 -52.71 32.39 -23.41
CA LYS G 385 -52.78 31.64 -24.65
C LYS G 385 -51.60 30.66 -24.81
N VAL G 386 -50.40 31.19 -24.65
CA VAL G 386 -49.18 30.41 -24.80
C VAL G 386 -49.10 29.27 -23.78
N GLY G 387 -49.46 29.57 -22.54
CA GLY G 387 -49.37 28.57 -21.48
C GLY G 387 -50.36 27.44 -21.64
N ASP G 388 -51.57 27.75 -22.08
CA ASP G 388 -52.60 26.72 -22.23
C ASP G 388 -52.18 25.73 -23.32
N ILE G 389 -51.69 26.26 -24.45
CA ILE G 389 -51.19 25.44 -25.55
C ILE G 389 -50.05 24.53 -25.14
N TYR G 390 -49.07 25.08 -24.45
CA TYR G 390 -47.86 24.34 -24.16
C TYR G 390 -47.93 23.54 -22.85
N PHE G 391 -48.52 24.10 -21.81
CA PHE G 391 -48.43 23.46 -20.50
C PHE G 391 -49.52 22.43 -20.27
N ARG G 392 -50.56 22.49 -21.08
CA ARG G 392 -51.61 21.50 -21.02
C ARG G 392 -51.50 20.56 -22.21
N THR G 393 -50.27 20.18 -22.51
CA THR G 393 -49.92 19.32 -23.64
C THR G 393 -48.65 18.56 -23.26
N LYS G 394 -48.38 17.45 -23.94
CA LYS G 394 -47.16 16.69 -23.71
C LYS G 394 -45.93 17.52 -24.05
N VAL G 395 -46.10 18.52 -24.92
CA VAL G 395 -44.95 19.25 -25.47
C VAL G 395 -44.18 20.01 -24.40
N GLY G 396 -44.90 20.62 -23.45
CA GLY G 396 -44.27 21.44 -22.43
C GLY G 396 -44.13 20.72 -21.10
N PHE G 397 -44.10 19.40 -21.15
CA PHE G 397 -44.00 18.56 -19.97
C PHE G 397 -42.69 18.77 -19.20
N ILE G 398 -41.55 18.78 -19.90
CA ILE G 398 -40.29 18.97 -19.20
C ILE G 398 -40.02 20.44 -18.88
N VAL G 399 -40.67 21.34 -19.61
CA VAL G 399 -40.51 22.78 -19.43
C VAL G 399 -41.16 23.30 -18.16
N HIS G 400 -40.45 24.08 -17.35
CA HIS G 400 -41.12 24.70 -16.21
C HIS G 400 -41.26 26.21 -16.33
N GLU G 401 -40.55 26.80 -17.30
CA GLU G 401 -40.68 28.23 -17.53
C GLU G 401 -40.58 28.58 -19.02
N ILE G 402 -41.55 29.34 -19.51
CA ILE G 402 -41.59 29.78 -20.91
C ILE G 402 -41.38 31.28 -21.02
N ILE G 403 -40.38 31.67 -21.80
CA ILE G 403 -39.98 33.08 -21.88
C ILE G 403 -40.24 33.64 -23.27
N LEU G 404 -40.90 34.79 -23.32
CA LEU G 404 -41.26 35.42 -24.58
C LEU G 404 -40.42 36.66 -24.84
N VAL G 405 -39.72 36.69 -25.97
CA VAL G 405 -38.89 37.83 -26.33
C VAL G 405 -39.19 38.28 -27.76
N ALA G 406 -38.95 39.56 -28.02
CA ALA G 406 -39.15 40.14 -29.34
C ALA G 406 -38.12 39.60 -30.31
N ASP G 407 -38.26 39.94 -31.59
CA ASP G 407 -37.44 39.35 -32.63
C ASP G 407 -36.00 39.86 -32.64
N ASP G 408 -35.69 40.85 -31.82
CA ASP G 408 -34.34 41.40 -31.77
C ASP G 408 -33.39 40.51 -30.95
N ILE G 409 -33.97 39.58 -30.18
CA ILE G 409 -33.18 38.67 -29.36
C ILE G 409 -32.79 37.39 -30.11
N ASP G 410 -31.50 37.20 -30.38
CA ASP G 410 -31.05 35.92 -30.92
C ASP G 410 -31.11 34.88 -29.81
N ILE G 411 -32.18 34.10 -29.80
CA ILE G 411 -32.44 33.21 -28.67
C ILE G 411 -31.50 32.02 -28.57
N PHE G 412 -30.65 31.80 -29.55
CA PHE G 412 -29.68 30.70 -29.47
C PHE G 412 -28.36 31.14 -28.84
N ASN G 413 -28.24 32.44 -28.59
CA ASN G 413 -27.10 32.99 -27.84
C ASN G 413 -27.52 33.31 -26.43
N PHE G 414 -27.04 32.56 -25.46
CA PHE G 414 -27.50 32.75 -24.09
C PHE G 414 -27.10 34.10 -23.51
N LYS G 415 -26.09 34.74 -24.10
CA LYS G 415 -25.71 36.07 -23.65
C LYS G 415 -26.83 37.06 -23.91
N GLU G 416 -27.59 36.83 -24.98
CA GLU G 416 -28.65 37.74 -25.38
C GLU G 416 -29.93 37.41 -24.63
N VAL G 417 -30.15 36.12 -24.38
CA VAL G 417 -31.31 35.69 -23.63
C VAL G 417 -31.25 36.24 -22.19
N ILE G 418 -30.13 36.03 -21.50
CA ILE G 418 -30.06 36.44 -20.10
C ILE G 418 -30.20 37.95 -19.99
N TRP G 419 -29.67 38.68 -20.97
CA TRP G 419 -29.85 40.12 -21.03
C TRP G 419 -31.32 40.49 -21.17
N ALA G 420 -32.05 39.76 -22.01
CA ALA G 420 -33.47 40.04 -22.21
C ALA G 420 -34.29 39.68 -20.98
N TYR G 421 -33.94 38.58 -20.33
CA TYR G 421 -34.71 38.07 -19.21
C TYR G 421 -34.72 39.04 -18.04
N VAL G 422 -33.53 39.45 -17.63
CA VAL G 422 -33.36 40.27 -16.44
C VAL G 422 -33.86 41.70 -16.63
N THR G 423 -33.75 42.23 -17.84
CA THR G 423 -34.02 43.64 -18.07
C THR G 423 -35.40 43.94 -18.64
N ARG G 424 -36.10 42.93 -19.14
CA ARG G 424 -37.39 43.17 -19.79
C ARG G 424 -38.58 42.59 -19.04
N HIS G 425 -38.35 41.87 -17.96
CA HIS G 425 -39.44 41.36 -17.15
C HIS G 425 -39.33 41.83 -15.72
N THR G 426 -40.43 42.34 -15.19
CA THR G 426 -40.55 42.71 -13.79
C THR G 426 -40.64 41.45 -12.96
N PRO G 427 -39.72 41.24 -12.01
CA PRO G 427 -39.82 40.08 -11.13
C PRO G 427 -41.22 39.92 -10.56
N VAL G 428 -41.73 38.69 -10.56
CA VAL G 428 -43.08 38.34 -10.09
C VAL G 428 -44.26 39.00 -10.82
N ALA G 429 -44.13 40.26 -11.21
CA ALA G 429 -45.27 40.94 -11.82
C ALA G 429 -45.49 40.59 -13.29
N ASP G 430 -44.46 40.07 -13.96
CA ASP G 430 -44.62 39.68 -15.35
C ASP G 430 -44.45 38.18 -15.52
N GLN G 431 -44.73 37.46 -14.44
CA GLN G 431 -44.70 36.01 -14.45
C GLN G 431 -46.09 35.44 -14.15
N MET G 432 -46.66 34.71 -15.10
CA MET G 432 -48.00 34.14 -14.89
C MET G 432 -47.88 32.70 -14.41
N ALA G 433 -48.29 32.46 -13.17
CA ALA G 433 -48.18 31.14 -12.58
C ALA G 433 -49.20 30.20 -13.23
N PHE G 434 -48.77 28.96 -13.48
CA PHE G 434 -49.66 27.93 -13.98
C PHE G 434 -49.74 26.80 -12.97
N ASP G 435 -50.75 26.91 -12.12
CA ASP G 435 -50.90 26.09 -10.94
C ASP G 435 -52.07 25.18 -11.10
N ASP G 436 -51.84 24.06 -11.77
CA ASP G 436 -52.73 22.89 -11.83
C ASP G 436 -52.35 22.05 -13.04
N VAL G 437 -51.34 22.50 -13.77
CA VAL G 437 -50.78 21.73 -14.87
C VAL G 437 -49.79 20.69 -14.34
N THR G 438 -49.54 19.65 -15.12
CA THR G 438 -48.66 18.57 -14.70
C THR G 438 -47.21 19.02 -14.55
N SER G 439 -46.63 18.78 -13.37
CA SER G 439 -45.25 19.16 -13.09
C SER G 439 -44.26 18.14 -13.61
N PHE G 440 -43.09 18.59 -14.07
CA PHE G 440 -42.03 17.67 -14.41
C PHE G 440 -41.40 17.15 -13.14
N PRO G 441 -41.51 15.84 -12.92
CA PRO G 441 -41.14 15.29 -11.61
C PRO G 441 -39.64 15.25 -11.38
N LEU G 442 -38.82 15.32 -12.44
CA LEU G 442 -37.37 15.31 -12.23
C LEU G 442 -36.82 16.67 -11.78
N ALA G 443 -37.55 17.74 -12.06
CA ALA G 443 -37.15 19.07 -11.67
C ALA G 443 -36.77 19.10 -10.20
N PRO G 444 -35.53 19.50 -9.88
CA PRO G 444 -35.06 19.46 -8.48
C PRO G 444 -35.93 20.27 -7.53
N PHE G 445 -36.45 21.41 -7.96
CA PHE G 445 -37.31 22.18 -7.07
C PHE G 445 -38.69 21.51 -6.90
N VAL G 446 -39.04 20.55 -7.75
CA VAL G 446 -40.26 19.77 -7.58
C VAL G 446 -39.97 18.58 -6.68
N SER G 447 -38.95 17.82 -7.03
CA SER G 447 -38.64 16.58 -6.35
C SER G 447 -38.19 16.76 -4.90
N GLN G 448 -37.57 17.90 -4.59
CA GLN G 448 -37.10 18.13 -3.22
C GLN G 448 -38.06 19.01 -2.45
N SER G 449 -39.32 19.00 -2.87
CA SER G 449 -40.34 19.72 -2.14
C SER G 449 -41.51 18.79 -1.92
N SER G 450 -42.60 19.32 -1.34
CA SER G 450 -43.78 18.54 -1.09
C SER G 450 -44.63 18.44 -2.36
N ARG G 451 -44.22 19.20 -3.37
CA ARG G 451 -44.83 19.17 -4.70
C ARG G 451 -44.53 17.85 -5.43
N SER G 452 -43.71 17.02 -4.82
CA SER G 452 -43.32 15.74 -5.41
C SER G 452 -44.43 14.71 -5.22
N LYS G 453 -45.20 14.89 -4.16
CA LYS G 453 -46.36 14.04 -3.94
C LYS G 453 -47.58 14.70 -4.60
N THR G 454 -47.63 16.03 -4.52
CA THR G 454 -48.61 16.85 -5.23
C THR G 454 -48.58 16.57 -6.74
N MET G 455 -47.38 16.61 -7.30
CA MET G 455 -47.12 16.35 -8.72
C MET G 455 -47.81 17.34 -9.64
N LYS G 456 -48.13 18.51 -9.10
CA LYS G 456 -48.90 19.50 -9.83
C LYS G 456 -48.41 20.95 -9.59
N GLY G 457 -48.37 21.73 -10.68
CA GLY G 457 -48.04 23.16 -10.58
C GLY G 457 -46.57 23.50 -10.70
N GLY G 458 -46.23 24.74 -10.37
CA GLY G 458 -44.85 25.19 -10.32
C GLY G 458 -44.27 25.56 -11.67
N LYS G 459 -45.14 26.00 -12.57
CA LYS G 459 -44.73 26.41 -13.89
C LYS G 459 -45.14 27.85 -14.10
N CYS G 460 -44.50 28.53 -15.05
CA CYS G 460 -44.89 29.90 -15.31
C CYS G 460 -44.60 30.31 -16.74
N VAL G 461 -45.30 31.33 -17.19
CA VAL G 461 -44.95 32.04 -18.40
C VAL G 461 -44.41 33.41 -17.97
N THR G 462 -43.21 33.76 -18.42
CA THR G 462 -42.60 35.05 -18.13
C THR G 462 -42.64 35.93 -19.38
N ASN G 463 -43.26 37.09 -19.27
CA ASN G 463 -43.32 38.05 -20.37
C ASN G 463 -42.12 39.01 -20.38
N CYS G 464 -41.29 38.93 -21.43
CA CYS G 464 -40.16 39.85 -21.60
C CYS G 464 -40.33 40.62 -22.88
N ILE G 465 -41.58 40.99 -23.17
CA ILE G 465 -41.89 41.86 -24.29
C ILE G 465 -42.28 43.22 -23.74
N PHE G 466 -41.68 44.29 -24.28
CA PHE G 466 -42.08 45.62 -23.89
C PHE G 466 -43.46 45.96 -24.45
N ARG G 467 -44.27 46.62 -23.64
CA ARG G 467 -45.68 46.83 -23.96
C ARG G 467 -45.90 47.54 -25.28
N GLN G 468 -45.12 48.56 -25.57
CA GLN G 468 -45.24 49.26 -26.85
C GLN G 468 -44.97 48.33 -28.03
N GLN G 469 -44.20 47.27 -27.80
CA GLN G 469 -43.90 46.31 -28.87
C GLN G 469 -45.14 45.49 -29.20
N TYR G 470 -45.98 45.29 -28.19
CA TYR G 470 -47.29 44.71 -28.43
C TYR G 470 -48.14 45.62 -29.30
N GLU G 471 -47.78 46.88 -29.45
CA GLU G 471 -48.71 47.79 -30.11
C GLU G 471 -48.13 48.45 -31.34
N ARG G 472 -47.00 49.11 -31.17
CA ARG G 472 -46.42 49.87 -32.26
C ARG G 472 -44.94 49.53 -32.42
N SER G 473 -44.29 50.22 -33.36
CA SER G 473 -42.84 50.13 -33.51
C SER G 473 -42.18 50.66 -32.24
N PHE G 474 -41.07 50.06 -31.84
CA PHE G 474 -40.36 50.48 -30.64
C PHE G 474 -38.88 50.53 -30.91
N ASP G 475 -38.24 51.62 -30.55
CA ASP G 475 -36.88 51.81 -31.00
C ASP G 475 -35.83 51.90 -29.91
N TYR G 476 -35.09 50.80 -29.76
CA TYR G 476 -33.89 50.77 -28.97
C TYR G 476 -32.70 51.22 -29.80
N ILE G 477 -31.64 51.58 -29.09
CA ILE G 477 -30.30 51.35 -29.58
C ILE G 477 -29.77 50.33 -28.59
N THR G 478 -29.32 49.18 -29.06
CA THR G 478 -28.72 48.22 -28.16
C THR G 478 -27.28 48.63 -27.90
N CYS G 479 -26.97 48.93 -26.65
CA CYS G 479 -25.70 49.53 -26.31
C CYS G 479 -24.52 48.56 -26.26
N ASN G 480 -24.24 47.90 -27.38
CA ASN G 480 -23.00 47.15 -27.53
C ASN G 480 -22.28 47.54 -28.81
N PHE G 481 -21.23 46.82 -29.17
CA PHE G 481 -20.38 47.24 -30.28
C PHE G 481 -20.92 46.82 -31.67
N GLU G 482 -21.32 45.57 -31.84
CA GLU G 482 -21.80 45.11 -33.15
C GLU G 482 -23.18 45.68 -33.51
N LYS G 483 -24.08 45.78 -32.54
CA LYS G 483 -25.41 46.30 -32.81
C LYS G 483 -25.57 47.79 -32.60
N GLY G 484 -24.83 48.37 -31.65
CA GLY G 484 -25.05 49.74 -31.25
C GLY G 484 -24.66 50.81 -32.26
N TYR G 485 -23.65 50.51 -33.06
CA TYR G 485 -23.05 51.49 -33.96
C TYR G 485 -23.24 51.05 -35.42
N PRO G 486 -23.29 52.02 -36.34
CA PRO G 486 -23.53 51.66 -37.74
C PRO G 486 -22.46 50.74 -38.33
N LYS G 487 -22.87 49.86 -39.25
CA LYS G 487 -21.94 49.08 -40.03
C LYS G 487 -21.06 50.06 -40.79
N GLY G 488 -19.83 49.65 -41.09
CA GLY G 488 -18.86 50.57 -41.62
C GLY G 488 -17.98 51.05 -40.47
N LEU G 489 -18.61 51.66 -39.48
CA LEU G 489 -17.91 52.03 -38.25
C LEU G 489 -17.38 50.75 -37.62
N VAL G 490 -18.27 49.77 -37.43
CA VAL G 490 -17.88 48.47 -36.94
C VAL G 490 -16.72 47.89 -37.75
N ASP G 491 -16.90 47.87 -39.07
CA ASP G 491 -15.88 47.41 -40.02
C ASP G 491 -14.56 48.17 -39.93
N LYS G 492 -14.67 49.49 -39.87
CA LYS G 492 -13.49 50.35 -39.78
C LYS G 492 -12.68 50.00 -38.55
N VAL G 493 -13.37 49.94 -37.41
CA VAL G 493 -12.74 49.59 -36.15
C VAL G 493 -12.09 48.21 -36.24
N ASN G 494 -12.86 47.21 -36.68
CA ASN G 494 -12.33 45.85 -36.83
C ASN G 494 -11.10 45.76 -37.75
N GLU G 495 -11.08 46.52 -38.83
CA GLU G 495 -9.94 46.48 -39.74
C GLU G 495 -8.73 47.24 -39.21
N ASN G 496 -8.97 48.33 -38.51
CA ASN G 496 -7.87 49.12 -37.95
C ASN G 496 -7.41 48.57 -36.61
N TRP G 497 -8.17 47.62 -36.09
CA TRP G 497 -8.00 47.12 -34.74
C TRP G 497 -6.55 46.78 -34.44
N LYS G 498 -5.90 46.06 -35.35
CA LYS G 498 -4.51 45.65 -35.15
C LYS G 498 -3.56 46.85 -35.26
N ARG G 499 -3.87 47.75 -36.16
CA ARG G 499 -3.05 48.94 -36.33
C ARG G 499 -3.05 49.79 -35.06
N TYR G 500 -4.20 49.89 -34.39
CA TYR G 500 -4.29 50.60 -33.13
C TYR G 500 -3.29 50.07 -32.12
N GLY G 501 -3.18 48.75 -32.04
CA GLY G 501 -2.29 48.10 -31.09
C GLY G 501 -2.83 46.80 -30.50
N TYR G 502 -4.11 46.53 -30.72
CA TYR G 502 -4.74 45.32 -30.19
C TYR G 502 -4.34 44.07 -30.96
N LYS G 503 -4.38 42.92 -30.31
CA LYS G 503 -4.06 41.66 -30.96
C LYS G 503 -5.13 41.25 -31.99
N LEU H 4 5.40 53.68 -7.61
CA LEU H 4 4.10 53.91 -8.23
C LEU H 4 2.97 53.73 -7.23
N ASN H 5 2.05 54.67 -7.21
CA ASN H 5 0.86 54.53 -6.41
C ASN H 5 -0.38 54.84 -7.24
N PRO H 6 -0.91 53.83 -7.92
CA PRO H 6 -2.06 53.96 -8.83
C PRO H 6 -3.33 54.34 -8.09
N ALA H 7 -3.41 54.01 -6.79
CA ALA H 7 -4.56 54.43 -5.98
C ALA H 7 -4.58 55.94 -5.74
N LEU H 8 -3.41 56.57 -5.63
CA LEU H 8 -3.35 57.98 -5.27
C LEU H 8 -3.23 58.90 -6.47
N GLU H 9 -2.67 58.39 -7.57
CA GLU H 9 -2.25 59.21 -8.71
C GLU H 9 -2.76 58.65 -10.03
N PHE H 10 -3.61 59.42 -10.71
CA PHE H 10 -4.26 58.95 -11.92
C PHE H 10 -3.26 58.62 -13.02
N ARG H 11 -2.15 59.32 -13.08
CA ARG H 11 -1.13 59.01 -14.07
C ARG H 11 -0.23 57.83 -13.67
N ASP H 12 -0.14 57.54 -12.38
CA ASP H 12 0.51 56.30 -11.96
C ASP H 12 -0.37 55.12 -12.39
N PHE H 13 -1.68 55.32 -12.30
CA PHE H 13 -2.66 54.33 -12.70
C PHE H 13 -2.53 54.00 -14.19
N ILE H 14 -2.56 55.04 -15.01
CA ILE H 14 -2.21 54.92 -16.41
C ILE H 14 -0.87 54.19 -16.59
N GLN H 15 0.13 54.55 -15.81
CA GLN H 15 1.44 53.93 -15.99
C GLN H 15 1.46 52.44 -15.64
N VAL H 16 0.75 52.00 -14.61
CA VAL H 16 0.83 50.57 -14.27
C VAL H 16 0.01 49.74 -15.25
N LEU H 17 -0.93 50.38 -15.92
CA LEU H 17 -1.67 49.71 -16.97
C LEU H 17 -0.71 49.41 -18.13
N LYS H 18 0.10 50.40 -18.50
CA LYS H 18 1.08 50.24 -19.58
C LYS H 18 2.08 49.14 -19.24
N ASP H 19 2.57 49.13 -18.01
CA ASP H 19 3.55 48.14 -17.59
C ASP H 19 2.98 46.73 -17.66
N GLU H 20 1.65 46.64 -17.69
CA GLU H 20 0.97 45.35 -17.69
C GLU H 20 0.40 45.00 -19.08
N ASP H 21 0.79 45.75 -20.10
CA ASP H 21 0.28 45.56 -21.45
C ASP H 21 -1.24 45.61 -21.41
N ASP H 22 -1.79 46.48 -20.57
CA ASP H 22 -3.21 46.58 -20.43
C ASP H 22 -3.70 47.91 -20.95
N LEU H 23 -2.84 48.60 -21.71
CA LEU H 23 -3.24 49.89 -22.24
C LEU H 23 -2.71 50.09 -23.67
N ILE H 24 -3.59 50.60 -24.52
CA ILE H 24 -3.27 50.77 -25.93
C ILE H 24 -3.26 52.23 -26.28
N GLU H 25 -2.10 52.76 -26.63
CA GLU H 25 -2.00 54.15 -26.97
C GLU H 25 -2.32 54.32 -28.45
N ILE H 26 -3.56 54.69 -28.73
CA ILE H 26 -4.01 54.90 -30.10
C ILE H 26 -3.51 56.27 -30.60
N THR H 27 -2.56 56.25 -31.54
CA THR H 27 -1.82 57.46 -31.93
C THR H 27 -2.36 58.10 -33.20
N GLU H 28 -3.23 57.41 -33.91
CA GLU H 28 -3.81 58.00 -35.10
C GLU H 28 -5.09 58.73 -34.73
N GLU H 29 -5.55 59.63 -35.61
CA GLU H 29 -6.72 60.44 -35.32
C GLU H 29 -8.01 59.63 -35.23
N ILE H 30 -8.70 59.79 -34.10
CA ILE H 30 -9.96 59.13 -33.81
C ILE H 30 -11.05 60.20 -33.64
N ASP H 31 -12.24 59.94 -34.16
CA ASP H 31 -13.33 60.91 -34.02
C ASP H 31 -13.97 60.77 -32.66
N PRO H 32 -14.13 61.88 -31.93
CA PRO H 32 -14.87 61.82 -30.67
C PRO H 32 -16.34 61.46 -30.89
N ASN H 33 -16.82 61.67 -32.10
CA ASN H 33 -18.18 61.26 -32.46
C ASN H 33 -18.25 59.79 -32.83
N LEU H 34 -18.85 59.00 -31.93
CA LEU H 34 -19.09 57.56 -32.07
C LEU H 34 -17.85 56.66 -32.07
N GLU H 35 -16.77 57.08 -32.70
CA GLU H 35 -15.59 56.21 -32.85
C GLU H 35 -15.01 55.77 -31.51
N VAL H 36 -14.84 56.74 -30.61
CA VAL H 36 -14.39 56.47 -29.24
C VAL H 36 -15.32 55.50 -28.52
N GLY H 37 -16.62 55.78 -28.54
CA GLY H 37 -17.60 54.88 -27.94
C GLY H 37 -17.55 53.46 -28.51
N ALA H 38 -17.39 53.37 -29.83
CA ALA H 38 -17.39 52.08 -30.49
C ALA H 38 -16.16 51.28 -30.08
N ILE H 39 -15.01 51.94 -30.08
CA ILE H 39 -13.76 51.30 -29.71
C ILE H 39 -13.86 50.82 -28.27
N MET H 40 -14.43 51.66 -27.42
CA MET H 40 -14.59 51.31 -26.01
C MET H 40 -15.46 50.07 -25.84
N ARG H 41 -16.64 50.06 -26.49
CA ARG H 41 -17.54 48.90 -26.40
C ARG H 41 -16.88 47.62 -26.87
N LYS H 42 -16.07 47.69 -27.92
CA LYS H 42 -15.40 46.49 -28.40
C LYS H 42 -14.40 45.99 -27.38
N ALA H 43 -13.75 46.92 -26.66
CA ALA H 43 -12.78 46.56 -25.64
C ALA H 43 -13.40 46.00 -24.36
N TYR H 44 -14.45 46.66 -23.87
CA TYR H 44 -15.25 46.13 -22.76
C TYR H 44 -15.67 44.70 -22.99
N GLU H 45 -16.39 44.48 -24.08
CA GLU H 45 -17.11 43.22 -24.28
C GLU H 45 -16.21 42.03 -24.55
N SER H 46 -14.96 42.28 -24.92
CA SER H 46 -14.03 41.18 -25.04
C SER H 46 -12.92 41.24 -23.99
N HIS H 47 -13.10 42.08 -22.97
CA HIS H 47 -12.15 42.22 -21.87
C HIS H 47 -10.73 42.52 -22.36
N LEU H 48 -10.61 43.54 -23.21
CA LEU H 48 -9.33 43.84 -23.84
C LEU H 48 -8.67 45.02 -23.13
N PRO H 49 -7.40 45.31 -23.48
CA PRO H 49 -6.72 46.49 -22.94
C PRO H 49 -7.54 47.77 -23.03
N ALA H 50 -7.36 48.68 -22.05
CA ALA H 50 -7.99 49.99 -22.08
C ALA H 50 -7.39 50.83 -23.20
N PRO H 51 -8.23 51.56 -23.93
CA PRO H 51 -7.73 52.47 -24.97
C PRO H 51 -7.41 53.88 -24.45
N LEU H 52 -6.24 54.40 -24.82
CA LEU H 52 -5.90 55.78 -24.53
C LEU H 52 -5.83 56.57 -25.82
N PHE H 53 -6.88 57.32 -26.11
CA PHE H 53 -6.96 58.09 -27.32
C PHE H 53 -6.09 59.33 -27.26
N LYS H 54 -4.89 59.24 -27.81
CA LYS H 54 -3.93 60.33 -27.75
C LYS H 54 -4.10 61.38 -28.85
N ASN H 55 -4.84 61.04 -29.90
CA ASN H 55 -4.99 61.95 -31.04
C ASN H 55 -6.46 62.12 -31.38
N LEU H 56 -7.12 62.99 -30.63
CA LEU H 56 -8.55 63.23 -30.76
C LEU H 56 -8.86 64.38 -31.72
N LYS H 57 -9.77 64.15 -32.65
CA LYS H 57 -10.18 65.17 -33.62
C LYS H 57 -10.79 66.39 -32.94
N GLY H 58 -10.15 67.55 -33.11
CA GLY H 58 -10.62 68.76 -32.47
C GLY H 58 -9.86 69.09 -31.20
N ALA H 59 -8.97 68.20 -30.78
CA ALA H 59 -8.21 68.40 -29.55
C ALA H 59 -7.05 69.37 -29.72
N SER H 60 -6.80 70.19 -28.70
CA SER H 60 -5.61 71.03 -28.67
C SER H 60 -4.48 70.24 -28.04
N LYS H 61 -3.34 70.88 -27.80
CA LYS H 61 -2.21 70.20 -27.18
C LYS H 61 -2.60 69.63 -25.81
N ASP H 62 -3.35 70.41 -25.04
CA ASP H 62 -3.66 70.08 -23.65
C ASP H 62 -5.04 69.50 -23.41
N LEU H 63 -5.97 69.78 -24.32
CA LEU H 63 -7.36 69.40 -24.08
C LEU H 63 -7.96 68.70 -25.28
N PHE H 64 -8.11 67.37 -25.24
CA PHE H 64 -7.55 66.47 -24.25
C PHE H 64 -7.43 65.09 -24.88
N SER H 65 -6.73 64.18 -24.22
CA SER H 65 -6.79 62.77 -24.56
C SER H 65 -7.90 62.08 -23.78
N ILE H 66 -8.26 60.87 -24.19
CA ILE H 66 -9.26 60.12 -23.48
C ILE H 66 -8.76 58.76 -23.00
N LEU H 67 -8.88 58.51 -21.70
CA LEU H 67 -8.73 57.15 -21.18
C LEU H 67 -10.08 56.46 -21.11
N GLY H 68 -10.26 55.43 -21.94
CA GLY H 68 -11.47 54.62 -21.90
C GLY H 68 -11.38 53.37 -21.04
N CYS H 69 -12.52 52.93 -20.53
CA CYS H 69 -12.64 51.68 -19.76
C CYS H 69 -11.76 51.57 -18.52
N PRO H 70 -11.72 52.61 -17.67
CA PRO H 70 -10.81 52.60 -16.52
C PRO H 70 -11.09 51.50 -15.51
N ALA H 71 -12.24 50.84 -15.60
CA ALA H 71 -12.52 49.71 -14.71
C ALA H 71 -13.17 48.54 -15.45
N GLY H 72 -12.88 48.40 -16.73
CA GLY H 72 -13.29 47.22 -17.45
C GLY H 72 -12.53 46.00 -16.99
N LEU H 73 -13.03 44.83 -17.39
CA LEU H 73 -12.32 43.57 -17.15
C LEU H 73 -11.23 43.29 -18.20
N ARG H 74 -10.31 42.42 -17.84
CA ARG H 74 -9.21 42.05 -18.72
C ARG H 74 -8.99 40.56 -18.59
N SER H 75 -8.00 40.02 -19.30
CA SER H 75 -7.80 38.59 -19.35
C SER H 75 -7.38 38.02 -17.99
N LYS H 76 -7.75 36.77 -17.75
CA LYS H 76 -7.58 36.14 -16.44
C LYS H 76 -6.14 36.08 -15.98
N GLU H 77 -5.21 35.94 -16.93
CA GLU H 77 -3.82 35.75 -16.57
C GLU H 77 -3.23 36.99 -15.89
N LYS H 78 -3.67 38.17 -16.29
CA LYS H 78 -3.20 39.43 -15.72
C LYS H 78 -3.86 39.79 -14.40
N GLY H 79 -4.91 39.05 -14.04
CA GLY H 79 -5.81 39.45 -12.99
C GLY H 79 -7.00 40.13 -13.65
N ASP H 80 -8.15 39.46 -13.66
CA ASP H 80 -9.26 39.94 -14.48
C ASP H 80 -9.87 41.22 -13.94
N HIS H 81 -9.73 41.45 -12.64
CA HIS H 81 -10.24 42.64 -11.97
C HIS H 81 -9.10 43.56 -11.61
N GLY H 82 -7.99 43.41 -12.35
CA GLY H 82 -6.77 44.14 -12.10
C GLY H 82 -6.97 45.64 -12.06
N ARG H 83 -7.83 46.15 -12.93
CA ARG H 83 -8.06 47.58 -13.00
C ARG H 83 -8.79 48.07 -11.75
N ILE H 84 -9.68 47.26 -11.23
CA ILE H 84 -10.43 47.66 -10.05
C ILE H 84 -9.46 47.60 -8.87
N ALA H 85 -8.61 46.58 -8.86
CA ALA H 85 -7.58 46.44 -7.84
C ALA H 85 -6.66 47.65 -7.76
N HIS H 86 -6.33 48.24 -8.91
CA HIS H 86 -5.43 49.37 -8.96
C HIS H 86 -6.04 50.65 -8.38
N HIS H 87 -7.35 50.82 -8.47
CA HIS H 87 -8.01 51.95 -7.79
C HIS H 87 -7.82 51.88 -6.26
N LEU H 88 -7.47 50.70 -5.74
CA LEU H 88 -7.35 50.51 -4.30
C LEU H 88 -5.93 50.16 -3.89
N GLY H 89 -4.99 50.32 -4.79
CA GLY H 89 -3.61 49.99 -4.49
C GLY H 89 -3.32 48.53 -4.17
N LEU H 90 -4.14 47.61 -4.65
CA LEU H 90 -3.93 46.20 -4.36
C LEU H 90 -3.22 45.45 -5.47
N ASP H 91 -2.63 44.31 -5.11
CA ASP H 91 -2.12 43.33 -6.07
C ASP H 91 -3.13 43.09 -7.19
N PRO H 92 -2.69 43.26 -8.45
CA PRO H 92 -3.55 43.15 -9.63
C PRO H 92 -4.25 41.79 -9.78
N LYS H 93 -3.73 40.74 -9.15
CA LYS H 93 -4.31 39.42 -9.29
C LYS H 93 -5.29 39.11 -8.16
N THR H 94 -5.60 40.12 -7.35
CA THR H 94 -6.58 39.99 -6.27
C THR H 94 -7.98 39.67 -6.81
N THR H 95 -8.61 38.60 -6.32
CA THR H 95 -9.95 38.22 -6.77
C THR H 95 -10.98 39.26 -6.35
N ILE H 96 -12.12 39.30 -7.04
CA ILE H 96 -13.14 40.28 -6.76
C ILE H 96 -13.70 40.05 -5.35
N LYS H 97 -13.64 38.81 -4.89
CA LYS H 97 -14.03 38.51 -3.53
C LYS H 97 -13.10 39.21 -2.55
N GLU H 98 -11.80 39.06 -2.76
CA GLU H 98 -10.80 39.65 -1.88
C GLU H 98 -10.87 41.18 -1.91
N ILE H 99 -11.24 41.76 -3.04
CA ILE H 99 -11.41 43.22 -3.15
C ILE H 99 -12.57 43.72 -2.27
N ILE H 100 -13.68 42.99 -2.31
CA ILE H 100 -14.83 43.31 -1.49
C ILE H 100 -14.50 43.16 -0.01
N ASP H 101 -13.73 42.14 0.32
CA ASP H 101 -13.36 41.93 1.70
C ASP H 101 -12.40 43.02 2.19
N TYR H 102 -11.56 43.51 1.29
CA TYR H 102 -10.64 44.59 1.64
C TYR H 102 -11.41 45.90 1.84
N LEU H 103 -12.43 46.13 1.01
CA LEU H 103 -13.24 47.34 1.12
C LEU H 103 -13.94 47.41 2.47
N LEU H 104 -14.33 46.25 2.99
CA LEU H 104 -14.99 46.15 4.27
C LEU H 104 -14.04 46.48 5.39
N GLU H 105 -12.83 45.98 5.26
CA GLU H 105 -11.78 46.16 6.25
C GLU H 105 -11.42 47.64 6.40
N CYS H 106 -11.60 48.40 5.34
CA CYS H 106 -11.18 49.79 5.32
C CYS H 106 -12.03 50.65 6.22
N LYS H 107 -13.16 50.13 6.67
CA LYS H 107 -13.98 50.88 7.60
C LYS H 107 -13.39 50.79 9.01
N GLU H 108 -12.40 49.91 9.20
CA GLU H 108 -11.69 49.80 10.47
C GLU H 108 -10.61 50.86 10.57
N LYS H 109 -9.97 51.16 9.44
CA LYS H 109 -8.78 52.01 9.42
C LYS H 109 -9.08 53.47 9.78
N GLU H 110 -8.04 54.24 10.12
CA GLU H 110 -8.22 55.61 10.54
C GLU H 110 -8.42 56.53 9.35
N PRO H 111 -9.46 57.39 9.41
CA PRO H 111 -9.72 58.36 8.35
C PRO H 111 -8.72 59.50 8.35
N LEU H 112 -7.94 59.62 7.28
CA LEU H 112 -6.98 60.70 7.19
C LEU H 112 -7.58 61.87 6.41
N PRO H 113 -7.51 63.06 6.99
CA PRO H 113 -8.08 64.23 6.32
C PRO H 113 -7.25 64.64 5.13
N PRO H 114 -7.89 65.24 4.12
CA PRO H 114 -7.13 65.82 3.01
C PRO H 114 -6.15 66.88 3.52
N ILE H 115 -5.09 67.14 2.75
CA ILE H 115 -4.09 68.13 3.13
C ILE H 115 -3.98 69.21 2.06
N THR H 116 -4.07 70.46 2.48
CA THR H 116 -3.92 71.56 1.54
C THR H 116 -2.44 71.77 1.20
N VAL H 117 -2.16 71.96 -0.09
CA VAL H 117 -0.81 72.16 -0.56
C VAL H 117 -0.77 73.52 -1.28
N PRO H 118 0.41 74.14 -1.36
CA PRO H 118 0.51 75.38 -2.12
C PRO H 118 0.10 75.20 -3.57
N VAL H 119 -0.49 76.23 -4.17
CA VAL H 119 -0.89 76.19 -5.56
C VAL H 119 0.23 75.68 -6.50
N SER H 120 1.47 76.02 -6.18
CA SER H 120 2.62 75.68 -7.02
C SER H 120 2.99 74.21 -7.00
N SER H 121 2.47 73.45 -6.05
CA SER H 121 2.70 72.02 -6.08
C SER H 121 1.47 71.24 -6.53
N ALA H 122 0.51 71.93 -7.14
CA ALA H 122 -0.66 71.26 -7.69
C ALA H 122 -0.67 71.28 -9.22
N PRO H 123 -0.34 70.14 -9.84
CA PRO H 123 -0.36 69.97 -11.30
C PRO H 123 -1.65 70.53 -11.91
N CYS H 124 -2.75 70.38 -11.20
CA CYS H 124 -4.05 70.81 -11.72
C CYS H 124 -4.16 72.34 -11.83
N LYS H 125 -3.18 73.07 -11.31
CA LYS H 125 -3.21 74.52 -11.37
C LYS H 125 -2.34 75.11 -12.49
N THR H 126 -1.69 74.24 -13.26
CA THR H 126 -0.79 74.61 -14.33
C THR H 126 -1.38 75.59 -15.35
N HIS H 127 -2.64 75.39 -15.72
CA HIS H 127 -3.31 76.28 -16.66
C HIS H 127 -4.63 76.75 -16.12
N ILE H 128 -4.94 78.03 -16.29
CA ILE H 128 -6.17 78.59 -15.74
C ILE H 128 -6.97 79.38 -16.76
N LEU H 129 -8.28 79.13 -16.81
CA LEU H 129 -9.17 79.84 -17.70
C LEU H 129 -10.20 80.67 -16.96
N SER H 130 -10.25 81.96 -17.27
CA SER H 130 -11.34 82.81 -16.82
C SER H 130 -12.61 82.54 -17.62
N GLU H 131 -13.70 83.17 -17.21
CA GLU H 131 -15.01 82.96 -17.83
C GLU H 131 -15.00 83.18 -19.34
N GLU H 132 -14.34 84.24 -19.77
CA GLU H 132 -14.28 84.56 -21.20
C GLU H 132 -13.70 83.44 -22.05
N LYS H 133 -12.88 82.58 -21.47
CA LYS H 133 -12.18 81.60 -22.27
C LYS H 133 -12.74 80.18 -22.15
N ILE H 134 -13.89 80.07 -21.49
CA ILE H 134 -14.66 78.84 -21.41
C ILE H 134 -15.43 78.57 -22.70
N HIS H 135 -15.05 77.52 -23.41
CA HIS H 135 -15.77 77.12 -24.61
C HIS H 135 -15.87 75.60 -24.67
N LEU H 136 -16.94 75.07 -24.09
CA LEU H 136 -17.13 73.63 -24.01
C LEU H 136 -17.25 72.97 -25.39
N GLN H 137 -17.78 73.71 -26.36
CA GLN H 137 -17.98 73.12 -27.67
C GLN H 137 -16.68 73.07 -28.45
N SER H 138 -15.60 73.59 -27.87
CA SER H 138 -14.30 73.50 -28.51
CA SER H 138 -14.30 73.50 -28.51
C SER H 138 -13.53 72.30 -27.98
N LEU H 139 -14.12 71.61 -27.00
CA LEU H 139 -13.54 70.42 -26.41
C LEU H 139 -13.94 69.15 -27.15
N PRO H 140 -12.99 68.23 -27.32
CA PRO H 140 -13.29 66.98 -28.02
C PRO H 140 -14.09 66.01 -27.14
N THR H 141 -15.15 66.54 -26.53
CA THR H 141 -16.14 65.78 -25.78
C THR H 141 -16.73 64.64 -26.60
N PRO H 142 -16.78 63.42 -26.01
CA PRO H 142 -17.26 62.28 -26.79
C PRO H 142 -18.78 62.22 -26.96
N TYR H 143 -19.22 61.68 -28.09
CA TYR H 143 -20.63 61.35 -28.29
C TYR H 143 -20.68 59.84 -28.26
N LEU H 144 -21.18 59.28 -27.17
CA LEU H 144 -20.84 57.91 -26.84
C LEU H 144 -21.76 56.87 -27.47
N HIS H 145 -23.08 57.09 -27.44
CA HIS H 145 -24.02 56.17 -28.08
C HIS H 145 -24.82 56.83 -29.21
N VAL H 146 -25.24 56.03 -30.19
CA VAL H 146 -26.17 56.50 -31.21
C VAL H 146 -27.44 56.91 -30.50
N SER H 147 -27.99 58.06 -30.89
CA SER H 147 -29.21 58.62 -30.30
C SER H 147 -29.07 59.10 -28.86
N ASP H 148 -27.85 59.34 -28.40
CA ASP H 148 -27.66 60.03 -27.13
C ASP H 148 -28.22 61.43 -27.24
N GLY H 149 -28.76 61.94 -26.15
CA GLY H 149 -29.33 63.28 -26.13
C GLY H 149 -28.31 64.38 -26.31
N GLY H 150 -27.02 64.03 -26.27
CA GLY H 150 -25.94 64.99 -26.47
C GLY H 150 -24.60 64.42 -26.13
N LYS H 151 -23.59 65.28 -26.06
CA LYS H 151 -22.24 64.88 -25.66
C LYS H 151 -22.07 64.84 -24.14
N TYR H 152 -21.50 63.75 -23.63
CA TYR H 152 -21.31 63.60 -22.20
C TYR H 152 -19.87 63.74 -21.78
N LEU H 153 -19.55 64.91 -21.24
CA LEU H 153 -18.22 65.19 -20.68
C LEU H 153 -17.98 64.42 -19.39
N GLN H 154 -19.03 64.37 -18.57
CA GLN H 154 -18.95 63.77 -17.27
C GLN H 154 -19.56 62.37 -17.20
N THR H 155 -18.69 61.37 -17.20
CA THR H 155 -19.10 59.99 -17.04
C THR H 155 -18.18 59.28 -16.08
N TYR H 156 -17.08 59.93 -15.70
CA TYR H 156 -16.12 59.35 -14.78
C TYR H 156 -15.32 60.41 -14.03
N GLY H 157 -15.96 61.55 -13.79
CA GLY H 157 -15.39 62.55 -12.92
C GLY H 157 -16.19 62.72 -11.64
N MET H 158 -15.79 63.71 -10.84
CA MET H 158 -16.28 63.86 -9.49
C MET H 158 -16.92 65.22 -9.30
N TRP H 159 -18.21 65.27 -8.99
CA TRP H 159 -18.86 66.53 -8.64
C TRP H 159 -18.60 66.86 -7.18
N ILE H 160 -18.22 68.09 -6.89
CA ILE H 160 -18.08 68.50 -5.50
C ILE H 160 -19.02 69.64 -5.18
N LEU H 161 -19.87 69.45 -4.16
CA LEU H 161 -20.75 70.51 -3.71
C LEU H 161 -20.66 70.68 -2.21
N GLN H 162 -20.88 71.92 -1.76
CA GLN H 162 -20.70 72.25 -0.35
C GLN H 162 -21.68 73.29 0.14
N THR H 163 -22.16 73.09 1.37
CA THR H 163 -22.96 74.09 2.04
C THR H 163 -22.11 75.32 2.33
N PRO H 164 -22.76 76.48 2.52
CA PRO H 164 -22.04 77.71 2.89
C PRO H 164 -21.20 77.58 4.17
N ASP H 165 -21.65 76.77 5.13
CA ASP H 165 -20.93 76.63 6.40
C ASP H 165 -19.78 75.64 6.30
N LYS H 166 -19.78 74.88 5.21
CA LYS H 166 -18.71 73.95 4.84
C LYS H 166 -18.63 72.69 5.70
N LYS H 167 -19.68 72.36 6.44
CA LYS H 167 -19.66 71.10 7.19
C LYS H 167 -20.45 69.99 6.52
N TRP H 168 -20.88 70.25 5.28
CA TRP H 168 -21.47 69.23 4.42
C TRP H 168 -20.77 69.27 3.05
N THR H 169 -19.99 68.24 2.74
CA THR H 169 -19.34 68.16 1.44
C THR H 169 -19.83 66.92 0.71
N ASN H 170 -20.19 67.09 -0.57
CA ASN H 170 -20.70 65.99 -1.37
C ASN H 170 -19.81 65.70 -2.59
N TRP H 171 -19.20 64.51 -2.57
CA TRP H 171 -18.43 63.97 -3.69
C TRP H 171 -19.30 62.98 -4.45
N SER H 172 -19.78 63.40 -5.63
CA SER H 172 -20.77 62.65 -6.39
C SER H 172 -20.34 62.37 -7.83
N ILE H 173 -20.69 61.19 -8.34
CA ILE H 173 -20.49 60.91 -9.76
C ILE H 173 -21.88 60.78 -10.37
N ALA H 174 -22.13 61.48 -11.46
CA ALA H 174 -23.44 61.49 -12.09
C ALA H 174 -23.29 62.10 -13.46
N ARG H 175 -23.92 61.49 -14.46
CA ARG H 175 -23.64 61.87 -15.82
C ARG H 175 -23.95 63.34 -16.07
N GLY H 176 -23.05 64.01 -16.79
CA GLY H 176 -23.20 65.42 -17.10
C GLY H 176 -23.07 65.64 -18.60
N MET H 177 -24.00 66.41 -19.14
CA MET H 177 -24.13 66.56 -20.58
C MET H 177 -23.86 67.99 -20.96
N VAL H 178 -23.02 68.20 -21.96
CA VAL H 178 -22.78 69.54 -22.47
C VAL H 178 -24.06 70.05 -23.12
N VAL H 179 -24.54 71.19 -22.63
CA VAL H 179 -25.75 71.79 -23.16
C VAL H 179 -25.41 72.78 -24.26
N ASP H 180 -24.46 73.65 -23.97
CA ASP H 180 -23.97 74.61 -24.95
C ASP H 180 -22.56 75.04 -24.58
N ASP H 181 -22.12 76.18 -25.08
CA ASP H 181 -20.72 76.54 -24.93
C ASP H 181 -20.31 76.83 -23.47
N LYS H 182 -21.28 77.05 -22.58
CA LYS H 182 -20.96 77.39 -21.20
C LYS H 182 -21.79 76.69 -20.13
N HIS H 183 -22.58 75.69 -20.50
CA HIS H 183 -23.47 75.02 -19.55
C HIS H 183 -23.45 73.49 -19.65
N ILE H 184 -23.62 72.83 -18.52
CA ILE H 184 -23.70 71.38 -18.43
C ILE H 184 -24.96 71.04 -17.66
N THR H 185 -25.49 69.83 -17.81
CA THR H 185 -26.61 69.45 -16.96
C THR H 185 -26.40 68.05 -16.43
N GLY H 186 -26.83 67.84 -15.18
CA GLY H 186 -26.64 66.57 -14.51
C GLY H 186 -27.89 66.04 -13.84
N LEU H 187 -28.01 64.71 -13.79
CA LEU H 187 -29.17 64.07 -13.18
C LEU H 187 -29.35 64.45 -11.71
N ALA H 207 -29.95 81.24 -2.77
CA ALA H 207 -29.46 81.64 -4.08
C ALA H 207 -29.67 80.56 -5.13
N ASN H 208 -29.76 80.98 -6.40
CA ASN H 208 -29.60 80.06 -7.52
C ASN H 208 -28.15 80.09 -7.97
N GLU H 209 -27.24 80.30 -7.03
CA GLU H 209 -25.82 80.41 -7.36
C GLU H 209 -24.99 79.45 -6.54
N ILE H 210 -25.41 78.19 -6.52
CA ILE H 210 -24.73 77.15 -5.76
C ILE H 210 -23.39 76.81 -6.37
N PRO H 211 -22.30 77.02 -5.62
CA PRO H 211 -20.97 76.71 -6.13
C PRO H 211 -20.77 75.22 -6.33
N PHE H 212 -20.16 74.84 -7.44
CA PHE H 212 -19.82 73.44 -7.69
C PHE H 212 -18.41 73.35 -8.26
N ALA H 213 -17.80 72.19 -8.07
CA ALA H 213 -16.58 71.82 -8.81
C ALA H 213 -16.76 70.42 -9.44
N LEU H 214 -16.26 70.27 -10.67
CA LEU H 214 -16.32 69.01 -11.39
C LEU H 214 -14.90 68.61 -11.75
N CYS H 215 -14.43 67.49 -11.22
CA CYS H 215 -13.03 67.11 -11.39
C CYS H 215 -12.83 65.83 -12.18
N PHE H 216 -11.85 65.84 -13.07
CA PHE H 216 -11.56 64.68 -13.88
C PHE H 216 -10.13 64.21 -13.64
N GLY H 217 -9.92 62.90 -13.62
CA GLY H 217 -8.60 62.36 -13.37
C GLY H 217 -8.20 62.55 -11.93
N VAL H 218 -9.17 62.43 -11.03
CA VAL H 218 -8.88 62.49 -9.61
C VAL H 218 -8.22 61.17 -9.23
N PRO H 219 -7.56 61.12 -8.06
CA PRO H 219 -7.07 59.87 -7.48
C PRO H 219 -8.07 58.75 -7.68
N PRO H 220 -7.67 57.65 -8.33
CA PRO H 220 -8.62 56.57 -8.59
C PRO H 220 -9.36 56.07 -7.36
N ALA H 221 -8.72 56.07 -6.20
CA ALA H 221 -9.41 55.70 -4.98
C ALA H 221 -10.60 56.62 -4.73
N ALA H 222 -10.44 57.91 -5.05
CA ALA H 222 -11.52 58.86 -4.89
C ALA H 222 -12.71 58.60 -5.80
N ILE H 223 -12.46 58.19 -7.04
CA ILE H 223 -13.55 58.06 -7.98
C ILE H 223 -14.29 56.77 -7.67
N LEU H 224 -13.58 55.84 -7.04
CA LEU H 224 -14.21 54.60 -6.61
C LEU H 224 -15.17 54.86 -5.47
N VAL H 225 -14.71 55.60 -4.46
CA VAL H 225 -15.54 55.93 -3.31
C VAL H 225 -16.74 56.76 -3.74
N SER H 226 -16.53 57.69 -4.66
CA SER H 226 -17.63 58.51 -5.17
C SER H 226 -18.67 57.74 -6.00
N SER H 227 -18.34 56.52 -6.40
CA SER H 227 -19.13 55.80 -7.40
C SER H 227 -20.56 55.51 -6.98
N MET H 228 -20.74 54.95 -5.78
CA MET H 228 -22.09 54.60 -5.41
C MET H 228 -22.36 54.93 -3.93
N PRO H 229 -23.03 54.02 -3.16
CA PRO H 229 -23.95 54.63 -2.19
C PRO H 229 -23.24 55.30 -1.01
N ILE H 230 -23.20 56.63 -0.99
CA ILE H 230 -22.52 57.33 0.09
C ILE H 230 -23.34 57.29 1.37
N PRO H 231 -22.86 56.54 2.37
CA PRO H 231 -23.67 56.18 3.53
C PRO H 231 -23.61 57.18 4.69
N GLU H 232 -24.75 57.29 5.40
CA GLU H 232 -24.80 57.75 6.79
C GLU H 232 -24.54 59.24 7.03
N GLY H 233 -23.30 59.67 6.78
CA GLY H 233 -22.85 61.01 7.13
C GLY H 233 -21.33 60.94 7.21
N VAL H 234 -20.80 59.85 6.66
CA VAL H 234 -19.36 59.66 6.50
C VAL H 234 -18.88 60.70 5.51
N SER H 235 -17.59 61.00 5.54
CA SER H 235 -17.02 61.85 4.52
C SER H 235 -16.42 60.98 3.45
N GLU H 236 -16.69 61.30 2.19
CA GLU H 236 -16.11 60.58 1.10
C GLU H 236 -14.60 60.71 1.19
N SER H 237 -14.13 61.92 1.51
CA SER H 237 -12.69 62.21 1.54
C SER H 237 -11.99 61.44 2.65
N ASP H 238 -12.71 61.19 3.74
CA ASP H 238 -12.12 60.47 4.85
C ASP H 238 -11.95 59.01 4.48
N TYR H 239 -12.98 58.44 3.85
CA TYR H 239 -12.95 57.04 3.41
C TYR H 239 -11.84 56.84 2.37
N VAL H 240 -11.57 57.87 1.58
CA VAL H 240 -10.47 57.82 0.64
C VAL H 240 -9.16 57.73 1.41
N GLY H 241 -9.03 58.56 2.44
CA GLY H 241 -7.87 58.53 3.31
C GLY H 241 -7.61 57.15 3.89
N ALA H 242 -8.64 56.51 4.42
CA ALA H 242 -8.53 55.18 4.99
C ALA H 242 -8.10 54.11 3.98
N ILE H 243 -8.55 54.22 2.74
CA ILE H 243 -8.14 53.28 1.70
C ILE H 243 -6.66 53.45 1.35
N LEU H 244 -6.24 54.70 1.30
CA LEU H 244 -4.91 55.06 0.83
C LEU H 244 -3.83 54.91 1.91
N GLY H 245 -4.23 55.11 3.15
CA GLY H 245 -3.28 55.08 4.25
C GLY H 245 -2.49 56.38 4.28
N GLU H 246 -2.92 57.35 3.49
CA GLU H 246 -2.34 58.69 3.54
C GLU H 246 -3.34 59.75 3.08
N SER H 247 -2.99 61.00 3.31
CA SER H 247 -3.84 62.14 2.96
C SER H 247 -3.82 62.47 1.48
N VAL H 248 -4.99 62.81 0.95
CA VAL H 248 -5.09 63.29 -0.40
C VAL H 248 -4.72 64.77 -0.44
N PRO H 249 -3.77 65.14 -1.30
CA PRO H 249 -3.41 66.56 -1.43
C PRO H 249 -4.53 67.35 -2.12
N VAL H 250 -4.98 68.45 -1.52
CA VAL H 250 -6.00 69.27 -2.13
C VAL H 250 -5.60 70.74 -2.30
N VAL H 251 -6.32 71.46 -3.16
CA VAL H 251 -6.16 72.90 -3.40
C VAL H 251 -7.49 73.59 -3.50
N LYS H 252 -7.52 74.88 -3.17
CA LYS H 252 -8.77 75.61 -3.24
C LYS H 252 -9.03 76.10 -4.67
N CYS H 253 -10.30 76.04 -5.10
CA CYS H 253 -10.73 76.52 -6.42
C CYS H 253 -10.42 77.98 -6.68
N GLU H 254 -10.36 78.33 -7.97
CA GLU H 254 -10.13 79.70 -8.38
C GLU H 254 -11.24 80.65 -7.94
N THR H 255 -12.47 80.16 -7.94
CA THR H 255 -13.63 81.03 -7.86
C THR H 255 -14.57 80.73 -6.69
N ASN H 256 -14.19 79.78 -5.85
CA ASN H 256 -14.95 79.48 -4.64
C ASN H 256 -14.12 78.72 -3.60
N ASP H 257 -14.76 78.27 -2.53
CA ASP H 257 -14.06 77.72 -1.37
C ASP H 257 -13.98 76.20 -1.35
N LEU H 258 -14.28 75.58 -2.48
CA LEU H 258 -14.23 74.13 -2.61
C LEU H 258 -12.80 73.67 -2.75
N MET H 259 -12.44 72.58 -2.09
CA MET H 259 -11.12 71.97 -2.22
C MET H 259 -11.15 70.80 -3.21
N VAL H 260 -10.36 70.88 -4.27
CA VAL H 260 -10.33 69.84 -5.29
C VAL H 260 -9.03 69.07 -5.17
N PRO H 261 -8.97 67.85 -5.72
CA PRO H 261 -7.72 67.08 -5.62
C PRO H 261 -6.59 67.75 -6.39
N ALA H 262 -5.42 67.86 -5.79
CA ALA H 262 -4.33 68.63 -6.37
C ALA H 262 -3.85 68.07 -7.68
N THR H 263 -4.06 66.77 -7.90
CA THR H 263 -3.51 66.13 -9.07
C THR H 263 -4.58 65.79 -10.09
N SER H 264 -5.71 66.47 -10.02
CA SER H 264 -6.75 66.33 -11.02
C SER H 264 -6.19 66.71 -12.38
N GLU H 265 -6.68 66.05 -13.43
CA GLU H 265 -6.34 66.43 -14.79
C GLU H 265 -7.01 67.74 -15.17
N MET H 266 -8.27 67.88 -14.79
CA MET H 266 -9.11 69.01 -15.16
C MET H 266 -10.08 69.33 -14.03
N VAL H 267 -10.20 70.61 -13.70
CA VAL H 267 -11.17 71.03 -12.71
C VAL H 267 -12.07 72.09 -13.33
N PHE H 268 -13.37 71.83 -13.41
CA PHE H 268 -14.34 72.82 -13.86
C PHE H 268 -15.04 73.43 -12.67
N GLU H 269 -15.30 74.73 -12.71
CA GLU H 269 -15.94 75.39 -11.60
C GLU H 269 -17.06 76.29 -12.07
N GLY H 270 -18.01 76.55 -11.18
CA GLY H 270 -19.03 77.53 -11.44
C GLY H 270 -20.20 77.41 -10.51
N THR H 271 -21.38 77.65 -11.08
CA THR H 271 -22.60 77.85 -10.34
C THR H 271 -23.75 76.93 -10.78
N LEU H 272 -24.44 76.38 -9.80
CA LEU H 272 -25.58 75.51 -10.03
C LEU H 272 -26.90 76.23 -9.82
N SER H 273 -27.89 75.93 -10.65
CA SER H 273 -29.22 76.50 -10.49
C SER H 273 -30.30 75.41 -10.53
N LEU H 274 -31.21 75.46 -9.58
CA LEU H 274 -32.32 74.52 -9.55
C LEU H 274 -33.51 75.10 -10.32
N THR H 275 -33.56 76.42 -10.39
CA THR H 275 -34.60 77.13 -11.13
C THR H 275 -34.46 76.94 -12.64
N ASP H 276 -33.25 77.13 -13.15
CA ASP H 276 -33.00 76.97 -14.57
C ASP H 276 -32.78 75.52 -14.89
N THR H 277 -33.61 74.98 -15.77
CA THR H 277 -33.52 73.59 -16.14
C THR H 277 -33.39 73.44 -17.64
N HIS H 278 -32.68 72.42 -18.07
CA HIS H 278 -32.57 72.12 -19.48
C HIS H 278 -32.94 70.66 -19.64
N LEU H 279 -33.34 70.25 -20.83
CA LEU H 279 -33.65 68.85 -21.06
C LEU H 279 -32.34 68.05 -21.10
N GLU H 280 -32.25 67.04 -20.25
CA GLU H 280 -31.09 66.15 -20.24
C GLU H 280 -31.45 64.94 -21.06
N GLY H 281 -30.99 64.91 -22.31
CA GLY H 281 -31.40 63.93 -23.30
C GLY H 281 -31.07 62.51 -22.89
N PRO H 282 -31.58 61.53 -23.63
CA PRO H 282 -31.33 60.12 -23.31
C PRO H 282 -29.85 59.75 -23.35
N PHE H 283 -29.46 58.81 -22.48
CA PHE H 283 -28.08 58.34 -22.44
C PHE H 283 -28.05 56.83 -22.26
N GLY H 284 -27.27 56.15 -23.11
CA GLY H 284 -27.07 54.71 -23.02
C GLY H 284 -26.52 54.33 -21.67
N GLU H 285 -27.27 53.52 -20.93
CA GLU H 285 -26.91 53.31 -19.53
C GLU H 285 -26.63 51.86 -19.18
N MET H 286 -26.64 51.58 -17.88
CA MET H 286 -26.12 50.35 -17.31
C MET H 286 -26.91 49.09 -17.68
N HIS H 287 -28.08 49.28 -18.28
CA HIS H 287 -28.95 48.15 -18.55
C HIS H 287 -28.90 47.75 -20.02
N GLY H 288 -28.28 48.61 -20.82
CA GLY H 288 -27.93 48.25 -22.19
C GLY H 288 -28.76 48.91 -23.27
N TYR H 289 -29.66 49.79 -22.87
CA TYR H 289 -30.53 50.44 -23.83
C TYR H 289 -30.37 51.93 -23.76
N VAL H 290 -30.39 52.57 -24.91
CA VAL H 290 -30.77 53.96 -24.95
C VAL H 290 -32.05 54.05 -25.74
N PHE H 291 -33.13 54.34 -25.01
CA PHE H 291 -34.42 54.58 -25.63
C PHE H 291 -34.42 55.96 -26.26
N LYS H 292 -35.04 56.09 -27.42
CA LYS H 292 -34.91 57.32 -28.20
C LYS H 292 -35.75 58.47 -27.66
N SER H 293 -35.05 59.52 -27.24
CA SER H 293 -35.59 60.89 -27.08
C SER H 293 -36.35 61.23 -25.80
N GLN H 294 -36.67 60.24 -24.96
CA GLN H 294 -37.38 60.56 -23.71
C GLN H 294 -36.43 61.25 -22.71
N GLY H 295 -36.17 62.53 -22.98
CA GLY H 295 -35.30 63.35 -22.17
C GLY H 295 -36.06 64.08 -21.07
N HIS H 296 -35.51 64.05 -19.86
CA HIS H 296 -36.18 64.64 -18.70
C HIS H 296 -35.43 65.89 -18.25
N PRO H 297 -36.17 66.90 -17.73
CA PRO H 297 -35.56 68.19 -17.37
C PRO H 297 -34.70 68.11 -16.13
N CYS H 298 -33.47 68.62 -16.24
CA CYS H 298 -32.50 68.52 -15.17
C CYS H 298 -31.94 69.91 -14.86
N PRO H 299 -31.35 70.06 -13.66
CA PRO H 299 -30.76 71.34 -13.26
C PRO H 299 -29.61 71.75 -14.16
N LEU H 300 -29.29 73.04 -14.16
CA LEU H 300 -28.33 73.60 -15.09
C LEU H 300 -27.11 74.18 -14.38
N TYR H 301 -25.94 73.70 -14.77
CA TYR H 301 -24.65 74.12 -14.20
C TYR H 301 -23.93 75.12 -15.11
N THR H 302 -23.69 76.32 -14.60
CA THR H 302 -22.98 77.32 -15.39
C THR H 302 -21.48 77.23 -15.11
N VAL H 303 -20.71 76.96 -16.16
CA VAL H 303 -19.26 76.84 -16.02
C VAL H 303 -18.63 78.23 -16.11
N LYS H 304 -17.88 78.61 -15.09
CA LYS H 304 -17.35 79.98 -15.00
C LYS H 304 -15.82 80.01 -14.97
N ALA H 305 -15.21 78.87 -14.71
CA ALA H 305 -13.75 78.81 -14.61
C ALA H 305 -13.25 77.41 -14.87
N MET H 306 -11.97 77.30 -15.15
CA MET H 306 -11.39 76.02 -15.46
C MET H 306 -9.91 76.03 -15.20
N SER H 307 -9.39 74.92 -14.69
CA SER H 307 -7.96 74.74 -14.61
C SER H 307 -7.60 73.31 -15.00
N TYR H 308 -6.40 73.11 -15.56
CA TYR H 308 -5.96 71.79 -16.02
C TYR H 308 -4.45 71.66 -16.08
N ARG H 309 -3.93 70.44 -16.11
CA ARG H 309 -2.50 70.27 -16.32
C ARG H 309 -2.17 70.10 -17.80
N ASP H 310 -0.87 70.11 -18.12
CA ASP H 310 -0.38 69.81 -19.46
C ASP H 310 -0.85 68.45 -19.94
N ASN H 311 -1.30 68.38 -21.18
CA ASN H 311 -1.66 67.11 -21.80
C ASN H 311 -2.69 66.34 -20.99
N ALA H 312 -3.81 67.00 -20.69
CA ALA H 312 -4.81 66.44 -19.81
C ALA H 312 -5.49 65.23 -20.43
N ILE H 313 -5.83 64.26 -19.58
CA ILE H 313 -6.57 63.08 -19.98
C ILE H 313 -7.94 63.08 -19.34
N LEU H 314 -8.97 62.88 -20.16
CA LEU H 314 -10.32 62.71 -19.65
C LEU H 314 -10.68 61.24 -19.58
N PRO H 315 -10.85 60.70 -18.36
CA PRO H 315 -11.30 59.31 -18.24
C PRO H 315 -12.77 59.23 -18.61
N VAL H 316 -13.16 58.21 -19.34
CA VAL H 316 -14.52 58.12 -19.86
C VAL H 316 -15.07 56.74 -19.60
N SER H 317 -16.33 56.67 -19.19
CA SER H 317 -17.02 55.41 -19.07
C SER H 317 -18.19 55.40 -20.04
N ASN H 318 -18.29 54.33 -20.84
CA ASN H 318 -19.36 54.21 -21.82
C ASN H 318 -20.24 53.01 -21.50
N PRO H 319 -21.34 53.24 -20.79
CA PRO H 319 -22.18 52.16 -20.28
C PRO H 319 -23.01 51.46 -21.33
N GLY H 320 -23.27 50.18 -21.11
CA GLY H 320 -24.18 49.44 -21.94
C GLY H 320 -24.28 48.00 -21.47
N LEU H 321 -24.13 47.08 -22.41
CA LEU H 321 -24.07 45.67 -22.09
C LEU H 321 -22.90 45.45 -21.16
N CYS H 322 -22.94 44.35 -20.41
CA CYS H 322 -21.82 43.96 -19.56
C CYS H 322 -20.61 43.75 -20.46
N THR H 323 -19.41 44.09 -19.97
CA THR H 323 -19.18 44.52 -18.63
C THR H 323 -18.39 45.80 -18.56
N ASP H 324 -18.99 46.85 -18.01
CA ASP H 324 -18.26 48.11 -17.82
C ASP H 324 -18.29 48.58 -16.36
N GLU H 325 -17.97 49.86 -16.13
CA GLU H 325 -17.87 50.41 -14.77
C GLU H 325 -19.19 50.42 -13.99
N THR H 326 -20.31 50.50 -14.70
CA THR H 326 -21.59 50.55 -14.00
C THR H 326 -21.96 49.21 -13.40
N HIS H 327 -21.28 48.16 -13.82
CA HIS H 327 -21.49 46.82 -13.28
C HIS H 327 -20.38 46.42 -12.33
N THR H 328 -19.21 46.95 -12.62
CA THR H 328 -18.00 46.51 -11.97
C THR H 328 -17.71 47.32 -10.70
N LEU H 329 -17.94 48.64 -10.74
CA LEU H 329 -17.77 49.49 -9.58
C LEU H 329 -19.04 49.50 -8.77
N ILE H 330 -20.07 50.07 -9.38
CA ILE H 330 -21.39 50.15 -8.79
C ILE H 330 -21.82 48.84 -8.18
N GLY H 331 -21.73 47.77 -8.97
CA GLY H 331 -22.11 46.45 -8.56
C GLY H 331 -21.34 45.88 -7.40
N SER H 332 -20.07 46.22 -7.27
CA SER H 332 -19.24 45.69 -6.21
C SER H 332 -19.16 46.60 -4.98
N LEU H 333 -19.62 47.84 -5.14
CA LEU H 333 -19.81 48.70 -3.98
C LEU H 333 -21.04 48.22 -3.25
N VAL H 334 -22.13 47.96 -3.99
CA VAL H 334 -23.37 47.47 -3.39
C VAL H 334 -23.13 46.14 -2.68
N ALA H 335 -22.40 45.25 -3.35
CA ALA H 335 -22.05 43.97 -2.77
C ALA H 335 -21.30 44.12 -1.45
N THR H 336 -20.46 45.14 -1.36
CA THR H 336 -19.73 45.44 -0.14
C THR H 336 -20.66 45.94 0.95
N GLU H 337 -21.50 46.90 0.59
CA GLU H 337 -22.49 47.40 1.53
C GLU H 337 -23.52 46.33 1.87
N ALA H 338 -23.71 45.36 0.97
CA ALA H 338 -24.66 44.27 1.24
C ALA H 338 -24.10 43.33 2.28
N LYS H 339 -22.83 42.98 2.15
CA LYS H 339 -22.19 42.08 3.09
C LYS H 339 -22.07 42.74 4.47
N GLU H 340 -21.91 44.05 4.46
CA GLU H 340 -21.82 44.86 5.66
C GLU H 340 -23.15 44.83 6.39
N LEU H 341 -24.20 45.13 5.63
CA LEU H 341 -25.55 45.15 6.17
C LEU H 341 -25.93 43.77 6.72
N ALA H 342 -25.35 42.71 6.17
CA ALA H 342 -25.63 41.37 6.66
C ALA H 342 -24.90 41.06 7.95
N ILE H 343 -23.67 41.55 8.08
CA ILE H 343 -22.86 41.28 9.26
C ILE H 343 -23.49 41.94 10.49
N GLU H 344 -23.83 43.22 10.35
CA GLU H 344 -24.54 43.97 11.36
C GLU H 344 -25.86 43.33 11.78
N SER H 345 -26.51 42.62 10.87
CA SER H 345 -27.85 42.13 11.12
C SER H 345 -27.87 40.68 11.60
N GLY H 346 -26.71 40.08 11.75
CA GLY H 346 -26.65 38.68 12.15
C GLY H 346 -27.24 37.68 11.15
N LEU H 347 -27.25 38.04 9.87
CA LEU H 347 -27.64 37.12 8.79
C LEU H 347 -26.49 36.22 8.39
N PRO H 348 -26.71 34.91 8.34
CA PRO H 348 -25.61 33.98 8.06
C PRO H 348 -25.13 34.01 6.60
N ILE H 349 -24.76 35.22 6.15
CA ILE H 349 -24.32 35.48 4.78
C ILE H 349 -22.81 35.48 4.66
N LEU H 350 -22.25 34.55 3.91
CA LEU H 350 -20.82 34.51 3.71
C LEU H 350 -20.36 35.55 2.69
N ASP H 351 -21.04 35.61 1.54
CA ASP H 351 -20.62 36.49 0.46
C ASP H 351 -21.76 37.13 -0.31
N ALA H 352 -21.45 38.22 -0.99
CA ALA H 352 -22.44 38.96 -1.74
C ALA H 352 -21.87 39.42 -3.08
N PHE H 353 -22.69 39.41 -4.12
CA PHE H 353 -22.18 39.72 -5.44
C PHE H 353 -23.28 40.10 -6.41
N MET H 354 -22.96 40.99 -7.33
CA MET H 354 -23.91 41.35 -8.38
C MET H 354 -23.33 40.95 -9.73
N PRO H 355 -23.74 39.78 -10.23
CA PRO H 355 -23.27 39.22 -11.50
C PRO H 355 -23.39 40.24 -12.62
N TYR H 356 -22.32 40.39 -13.36
CA TYR H 356 -22.28 41.33 -14.47
C TYR H 356 -23.25 40.93 -15.59
N GLU H 357 -23.49 39.63 -15.78
CA GLU H 357 -24.42 39.16 -16.80
C GLU H 357 -25.85 39.66 -16.56
N ALA H 358 -26.19 39.95 -15.31
CA ALA H 358 -27.53 40.42 -14.99
C ALA H 358 -27.65 41.95 -14.93
N GLN H 359 -26.66 42.65 -15.48
CA GLN H 359 -26.71 44.11 -15.61
C GLN H 359 -26.88 44.83 -14.27
N ALA H 360 -26.25 44.30 -13.23
CA ALA H 360 -26.39 44.83 -11.88
C ALA H 360 -27.82 44.96 -11.35
N LEU H 361 -28.74 44.09 -11.79
CA LEU H 361 -30.10 44.06 -11.24
C LEU H 361 -30.25 42.92 -10.24
N TRP H 362 -29.34 41.96 -10.30
CA TRP H 362 -29.36 40.84 -9.35
C TRP H 362 -28.33 41.00 -8.25
N LEU H 363 -28.73 40.67 -7.03
CA LEU H 363 -27.83 40.55 -5.91
C LEU H 363 -27.87 39.12 -5.42
N ILE H 364 -26.76 38.41 -5.45
CA ILE H 364 -26.78 37.03 -4.98
C ILE H 364 -26.17 37.01 -3.57
N LEU H 365 -26.82 36.30 -2.66
CA LEU H 365 -26.30 36.15 -1.31
C LEU H 365 -25.98 34.70 -1.01
N LYS H 366 -24.76 34.46 -0.57
CA LYS H 366 -24.29 33.11 -0.33
C LYS H 366 -24.48 32.75 1.14
N VAL H 367 -25.30 31.75 1.41
CA VAL H 367 -25.74 31.51 2.77
C VAL H 367 -24.99 30.36 3.43
N ASP H 368 -24.48 30.60 4.63
CA ASP H 368 -23.92 29.54 5.45
C ASP H 368 -25.07 28.71 5.97
N LEU H 369 -25.06 27.42 5.68
CA LEU H 369 -26.23 26.60 5.94
C LEU H 369 -26.49 26.40 7.42
N LYS H 370 -25.45 26.10 8.17
CA LYS H 370 -25.57 25.98 9.63
C LYS H 370 -26.10 27.27 10.25
N GLY H 371 -25.68 28.41 9.72
CA GLY H 371 -26.18 29.68 10.19
C GLY H 371 -27.66 29.81 9.88
N LEU H 372 -28.09 29.32 8.73
CA LEU H 372 -29.50 29.34 8.38
C LEU H 372 -30.29 28.47 9.34
N GLN H 373 -29.71 27.32 9.67
CA GLN H 373 -30.34 26.32 10.50
C GLN H 373 -30.43 26.70 11.97
N ALA H 374 -29.49 27.52 12.43
CA ALA H 374 -29.52 28.00 13.80
C ALA H 374 -30.60 29.06 13.96
N LEU H 375 -30.90 29.78 12.89
CA LEU H 375 -32.01 30.73 12.92
C LEU H 375 -33.33 29.98 13.09
N LYS H 376 -33.27 28.65 12.92
CA LYS H 376 -34.40 27.74 13.06
C LYS H 376 -35.66 28.34 12.45
N THR H 377 -35.58 28.62 11.15
CA THR H 377 -36.59 29.40 10.47
C THR H 377 -37.11 28.63 9.27
N THR H 378 -37.87 29.34 8.43
CA THR H 378 -38.47 28.77 7.24
C THR H 378 -38.24 29.72 6.06
N PRO H 379 -38.22 29.17 4.82
CA PRO H 379 -37.99 29.93 3.61
C PRO H 379 -38.78 31.23 3.48
N GLU H 380 -40.10 31.14 3.62
CA GLU H 380 -40.97 32.30 3.43
C GLU H 380 -40.67 33.44 4.45
N GLU H 381 -40.22 33.08 5.64
CA GLU H 381 -39.95 34.09 6.65
C GLU H 381 -38.51 34.53 6.52
N PHE H 382 -37.60 33.59 6.29
CA PHE H 382 -36.21 33.97 6.09
C PHE H 382 -36.12 34.89 4.90
N CYS H 383 -37.02 34.71 3.94
CA CYS H 383 -37.03 35.53 2.75
C CYS H 383 -37.54 36.94 3.04
N LYS H 384 -38.73 37.05 3.61
CA LYS H 384 -39.33 38.37 3.79
C LYS H 384 -38.47 39.27 4.66
N LYS H 385 -37.74 38.66 5.59
CA LYS H 385 -36.84 39.41 6.45
C LYS H 385 -35.53 39.83 5.77
N VAL H 386 -34.99 38.98 4.89
CA VAL H 386 -33.83 39.36 4.10
C VAL H 386 -34.28 40.49 3.19
N GLY H 387 -35.48 40.39 2.68
CA GLY H 387 -36.04 41.47 1.90
C GLY H 387 -36.28 42.74 2.70
N ASP H 388 -36.66 42.59 3.98
CA ASP H 388 -36.85 43.73 4.88
C ASP H 388 -35.56 44.55 4.98
N ILE H 389 -34.53 43.85 5.43
CA ILE H 389 -33.20 44.38 5.60
C ILE H 389 -32.62 45.07 4.36
N TYR H 390 -32.79 44.51 3.16
CA TYR H 390 -32.15 45.07 1.98
C TYR H 390 -33.02 46.02 1.15
N PHE H 391 -34.28 45.70 0.95
CA PHE H 391 -35.10 46.57 0.13
C PHE H 391 -35.58 47.81 0.89
N ARG H 392 -35.82 47.67 2.19
CA ARG H 392 -36.31 48.80 3.00
C ARG H 392 -35.16 49.63 3.55
N THR H 393 -34.00 49.53 2.92
CA THR H 393 -32.81 50.26 3.29
C THR H 393 -32.27 50.83 1.98
N LYS H 394 -31.35 51.78 2.04
CA LYS H 394 -30.78 52.38 0.84
C LYS H 394 -29.87 51.47 0.04
N VAL H 395 -29.48 50.32 0.60
CA VAL H 395 -28.54 49.42 -0.09
C VAL H 395 -29.14 48.84 -1.36
N GLY H 396 -30.41 48.48 -1.28
CA GLY H 396 -31.07 47.74 -2.33
C GLY H 396 -31.67 48.58 -3.43
N PHE H 397 -31.40 49.88 -3.42
CA PHE H 397 -32.01 50.80 -4.36
C PHE H 397 -31.94 50.33 -5.82
N ILE H 398 -30.80 49.81 -6.24
CA ILE H 398 -30.62 49.44 -7.63
C ILE H 398 -30.95 47.95 -7.84
N VAL H 399 -31.01 47.21 -6.74
CA VAL H 399 -31.30 45.79 -6.77
C VAL H 399 -32.80 45.49 -6.92
N HIS H 400 -33.16 44.75 -7.97
CA HIS H 400 -34.56 44.38 -8.14
C HIS H 400 -34.80 42.93 -7.79
N GLU H 401 -33.76 42.12 -7.75
CA GLU H 401 -33.96 40.73 -7.40
C GLU H 401 -32.80 40.22 -6.56
N ILE H 402 -33.11 39.76 -5.35
CA ILE H 402 -32.14 39.15 -4.46
C ILE H 402 -32.27 37.65 -4.51
N ILE H 403 -31.17 36.97 -4.73
CA ILE H 403 -31.18 35.53 -4.91
C ILE H 403 -30.39 34.86 -3.80
N LEU H 404 -31.03 33.93 -3.10
CA LEU H 404 -30.40 33.28 -1.97
C LEU H 404 -30.00 31.89 -2.36
N VAL H 405 -28.71 31.55 -2.17
CA VAL H 405 -28.22 30.24 -2.53
C VAL H 405 -27.39 29.67 -1.40
N ALA H 406 -27.32 28.34 -1.32
CA ALA H 406 -26.53 27.70 -0.28
C ALA H 406 -25.03 27.93 -0.48
N ASP H 407 -24.22 27.34 0.38
CA ASP H 407 -22.80 27.65 0.40
C ASP H 407 -22.00 26.77 -0.52
N ASP H 408 -22.67 25.94 -1.30
CA ASP H 408 -21.95 25.13 -2.25
C ASP H 408 -21.81 25.84 -3.59
N ILE H 409 -22.35 27.05 -3.69
CA ILE H 409 -22.32 27.82 -4.93
C ILE H 409 -21.28 28.94 -4.92
N ASP H 410 -20.26 28.81 -5.75
CA ASP H 410 -19.36 29.93 -5.99
C ASP H 410 -20.13 31.04 -6.72
N ILE H 411 -20.57 32.05 -5.98
CA ILE H 411 -21.43 33.08 -6.56
C ILE H 411 -20.71 34.04 -7.48
N PHE H 412 -19.38 33.97 -7.52
CA PHE H 412 -18.59 34.87 -8.36
C PHE H 412 -18.48 34.29 -9.76
N ASN H 413 -18.96 33.07 -9.92
CA ASN H 413 -18.95 32.33 -11.18
C ASN H 413 -20.40 32.15 -11.68
N PHE H 414 -20.77 32.88 -12.72
CA PHE H 414 -22.17 32.98 -13.12
C PHE H 414 -22.71 31.65 -13.67
N LYS H 415 -21.82 30.81 -14.17
CA LYS H 415 -22.17 29.45 -14.55
C LYS H 415 -22.81 28.69 -13.40
N GLU H 416 -22.26 28.87 -12.21
CA GLU H 416 -22.78 28.19 -11.01
C GLU H 416 -24.04 28.87 -10.51
N VAL H 417 -24.10 30.18 -10.72
CA VAL H 417 -25.22 30.97 -10.25
C VAL H 417 -26.48 30.66 -11.06
N ILE H 418 -26.37 30.64 -12.38
CA ILE H 418 -27.54 30.42 -13.22
C ILE H 418 -28.02 28.97 -13.13
N TRP H 419 -27.11 28.04 -12.86
CA TRP H 419 -27.49 26.67 -12.57
C TRP H 419 -28.33 26.61 -11.30
N ALA H 420 -27.87 27.27 -10.23
CA ALA H 420 -28.59 27.26 -8.98
C ALA H 420 -29.94 27.94 -9.15
N TYR H 421 -29.97 28.99 -9.95
CA TYR H 421 -31.21 29.75 -10.14
C TYR H 421 -32.30 28.95 -10.85
N VAL H 422 -31.91 28.19 -11.87
CA VAL H 422 -32.89 27.54 -12.70
C VAL H 422 -33.36 26.26 -12.03
N THR H 423 -32.46 25.60 -11.30
CA THR H 423 -32.79 24.31 -10.72
C THR H 423 -33.27 24.32 -9.28
N ARG H 424 -33.03 25.39 -8.52
CA ARG H 424 -33.38 25.36 -7.09
C ARG H 424 -34.52 26.29 -6.65
N HIS H 425 -35.17 26.98 -7.57
CA HIS H 425 -36.32 27.78 -7.16
C HIS H 425 -37.51 27.49 -8.05
N THR H 426 -38.66 27.30 -7.42
CA THR H 426 -39.89 27.12 -8.17
C THR H 426 -40.33 28.45 -8.75
N PRO H 427 -40.48 28.51 -10.07
CA PRO H 427 -40.93 29.76 -10.67
C PRO H 427 -42.24 30.27 -10.06
N VAL H 428 -42.25 31.56 -9.77
CA VAL H 428 -43.32 32.26 -9.07
C VAL H 428 -43.53 31.79 -7.64
N ALA H 429 -43.75 30.49 -7.43
CA ALA H 429 -44.11 30.01 -6.09
C ALA H 429 -43.02 30.24 -5.05
N ASP H 430 -41.76 30.28 -5.49
CA ASP H 430 -40.64 30.45 -4.58
C ASP H 430 -40.10 31.87 -4.60
N GLN H 431 -40.74 32.73 -5.39
CA GLN H 431 -40.36 34.13 -5.45
C GLN H 431 -41.27 35.02 -4.60
N MET H 432 -40.76 35.56 -3.51
CA MET H 432 -41.56 36.47 -2.70
C MET H 432 -41.53 37.90 -3.18
N ALA H 433 -42.68 38.42 -3.58
CA ALA H 433 -42.74 39.77 -4.13
C ALA H 433 -42.68 40.84 -3.04
N PHE H 434 -42.36 42.04 -3.48
CA PHE H 434 -42.19 43.21 -2.62
C PHE H 434 -42.74 44.40 -3.38
N ASP H 435 -44.02 44.69 -3.23
CA ASP H 435 -44.58 45.89 -3.84
C ASP H 435 -44.59 47.00 -2.81
N ASP H 436 -43.84 46.76 -1.74
CA ASP H 436 -43.86 47.55 -0.52
C ASP H 436 -42.61 48.42 -0.39
N VAL H 437 -41.84 48.51 -1.47
CA VAL H 437 -40.51 49.09 -1.40
C VAL H 437 -40.18 50.00 -2.59
N THR H 438 -39.17 50.84 -2.40
CA THR H 438 -38.74 51.83 -3.39
C THR H 438 -38.07 51.22 -4.62
N SER H 439 -38.59 51.55 -5.80
CA SER H 439 -38.11 50.97 -7.04
C SER H 439 -36.87 51.67 -7.56
N PHE H 440 -36.32 51.12 -8.63
CA PHE H 440 -35.20 51.73 -9.32
C PHE H 440 -35.67 52.27 -10.67
N PRO H 441 -35.67 53.59 -10.83
CA PRO H 441 -36.25 54.27 -11.99
C PRO H 441 -35.59 53.95 -13.33
N LEU H 442 -34.37 53.45 -13.33
CA LEU H 442 -33.66 53.24 -14.59
C LEU H 442 -33.97 51.87 -15.20
N ALA H 443 -34.31 50.91 -14.33
CA ALA H 443 -34.69 49.57 -14.77
C ALA H 443 -35.64 49.63 -15.96
N PRO H 444 -35.23 49.03 -17.07
CA PRO H 444 -35.94 49.15 -18.34
C PRO H 444 -37.39 48.71 -18.25
N PHE H 445 -37.68 47.67 -17.49
CA PHE H 445 -39.05 47.17 -17.36
C PHE H 445 -39.88 48.07 -16.47
N VAL H 446 -39.22 49.01 -15.80
CA VAL H 446 -39.89 50.06 -15.06
C VAL H 446 -40.07 51.27 -15.97
N SER H 447 -38.98 51.72 -16.58
CA SER H 447 -38.98 52.93 -17.39
C SER H 447 -39.96 52.87 -18.57
N GLN H 448 -40.37 51.67 -18.95
CA GLN H 448 -41.38 51.54 -19.99
C GLN H 448 -42.67 50.95 -19.43
N SER H 449 -42.79 50.89 -18.11
CA SER H 449 -44.03 50.44 -17.49
C SER H 449 -44.87 51.61 -17.00
N SER H 450 -45.97 51.29 -16.31
CA SER H 450 -46.74 52.27 -15.56
C SER H 450 -46.12 52.33 -14.18
N ARG H 451 -45.14 51.47 -13.95
CA ARG H 451 -44.45 51.42 -12.67
C ARG H 451 -43.74 52.75 -12.40
N SER H 452 -43.55 53.53 -13.46
CA SER H 452 -42.94 54.85 -13.39
C SER H 452 -43.58 55.78 -12.36
N LYS H 453 -44.89 55.97 -12.48
CA LYS H 453 -45.59 56.97 -11.67
C LYS H 453 -45.51 56.65 -10.18
N THR H 454 -45.50 55.37 -9.83
CA THR H 454 -45.50 54.97 -8.42
C THR H 454 -44.08 54.81 -7.87
N MET H 455 -43.21 54.21 -8.67
CA MET H 455 -41.85 53.86 -8.25
C MET H 455 -41.86 52.97 -7.02
N LYS H 456 -42.86 52.13 -6.89
CA LYS H 456 -42.86 51.14 -5.82
C LYS H 456 -42.99 49.76 -6.43
N GLY H 457 -42.48 48.76 -5.71
CA GLY H 457 -42.61 47.38 -6.13
C GLY H 457 -41.87 46.98 -7.38
N GLY H 458 -41.99 45.71 -7.73
CA GLY H 458 -41.26 45.17 -8.85
C GLY H 458 -40.01 44.47 -8.38
N LYS H 459 -39.97 44.14 -7.10
CA LYS H 459 -38.79 43.54 -6.50
C LYS H 459 -39.14 42.22 -5.84
N CYS H 460 -38.18 41.32 -5.73
CA CYS H 460 -38.46 40.09 -5.02
C CYS H 460 -37.22 39.47 -4.43
N VAL H 461 -37.40 38.59 -3.46
CA VAL H 461 -36.36 37.72 -2.97
C VAL H 461 -36.67 36.30 -3.45
N THR H 462 -35.78 35.74 -4.27
CA THR H 462 -35.99 34.42 -4.82
C THR H 462 -35.26 33.39 -3.98
N ASN H 463 -35.96 32.39 -3.48
CA ASN H 463 -35.33 31.36 -2.68
C ASN H 463 -34.81 30.18 -3.52
N CYS H 464 -33.49 30.01 -3.55
CA CYS H 464 -32.86 28.89 -4.23
C CYS H 464 -32.11 28.04 -3.24
N ILE H 465 -32.63 28.01 -2.02
CA ILE H 465 -32.11 27.11 -1.02
C ILE H 465 -33.15 26.04 -0.79
N PHE H 466 -32.77 24.78 -1.01
CA PHE H 466 -33.70 23.67 -0.81
C PHE H 466 -34.28 23.73 0.59
N ARG H 467 -35.55 23.38 0.70
CA ARG H 467 -36.27 23.51 1.96
C ARG H 467 -35.64 22.70 3.08
N GLN H 468 -35.13 21.52 2.75
CA GLN H 468 -34.42 20.71 3.72
C GLN H 468 -33.14 21.35 4.25
N GLN H 469 -32.49 22.17 3.44
CA GLN H 469 -31.22 22.79 3.85
C GLN H 469 -31.47 23.75 5.01
N TYR H 470 -32.71 24.22 5.13
CA TYR H 470 -33.10 25.04 6.26
C TYR H 470 -33.08 24.28 7.59
N GLU H 471 -32.91 22.97 7.56
CA GLU H 471 -32.94 22.18 8.79
C GLU H 471 -31.79 21.19 8.97
N ARG H 472 -31.38 20.56 7.88
CA ARG H 472 -30.57 19.35 7.98
C ARG H 472 -29.39 19.36 7.03
N SER H 473 -28.32 18.66 7.40
CA SER H 473 -27.23 18.40 6.46
C SER H 473 -27.81 17.54 5.34
N PHE H 474 -27.74 18.05 4.11
CA PHE H 474 -28.45 17.42 3.02
C PHE H 474 -27.48 17.11 1.88
N ASP H 475 -26.94 15.90 1.88
CA ASP H 475 -25.92 15.51 0.91
C ASP H 475 -26.52 15.13 -0.43
N TYR H 476 -26.03 15.77 -1.49
CA TYR H 476 -26.32 15.34 -2.86
C TYR H 476 -25.07 15.52 -3.72
N ILE H 477 -25.00 14.79 -4.81
CA ILE H 477 -23.86 14.89 -5.69
C ILE H 477 -24.12 15.87 -6.82
N THR H 478 -23.18 16.78 -7.00
CA THR H 478 -23.19 17.72 -8.09
C THR H 478 -22.48 17.11 -9.30
N CYS H 479 -23.23 16.94 -10.38
CA CYS H 479 -22.79 16.12 -11.49
C CYS H 479 -21.95 16.86 -12.50
N ASN H 480 -20.78 17.31 -12.09
CA ASN H 480 -19.78 17.74 -13.05
C ASN H 480 -18.45 17.10 -12.72
N PHE H 481 -17.43 17.47 -13.50
CA PHE H 481 -16.13 16.84 -13.38
C PHE H 481 -15.44 17.19 -12.07
N GLU H 482 -15.30 18.48 -11.79
CA GLU H 482 -14.56 18.90 -10.60
C GLU H 482 -15.26 18.50 -9.29
N LYS H 483 -16.55 18.80 -9.14
CA LYS H 483 -17.23 18.53 -7.88
C LYS H 483 -17.95 17.17 -7.82
N GLY H 484 -17.96 16.41 -8.91
CA GLY H 484 -18.65 15.14 -8.92
C GLY H 484 -17.85 13.92 -8.53
N TYR H 485 -16.52 14.02 -8.60
CA TYR H 485 -15.67 12.85 -8.44
C TYR H 485 -14.61 13.10 -7.39
N PRO H 486 -14.15 12.04 -6.74
CA PRO H 486 -13.11 12.21 -5.71
C PRO H 486 -11.86 12.86 -6.28
N LYS H 487 -11.34 13.85 -5.57
CA LYS H 487 -10.00 14.37 -5.85
C LYS H 487 -9.10 13.16 -5.90
N GLY H 488 -8.27 13.07 -6.92
CA GLY H 488 -7.46 11.87 -7.05
C GLY H 488 -7.89 11.06 -8.25
N LEU H 489 -9.20 11.06 -8.51
CA LEU H 489 -9.68 10.65 -9.82
C LEU H 489 -9.68 11.90 -10.70
N VAL H 490 -10.08 13.03 -10.14
CA VAL H 490 -9.98 14.30 -10.84
C VAL H 490 -8.51 14.58 -11.13
N ASP H 491 -7.66 14.30 -10.15
CA ASP H 491 -6.23 14.54 -10.30
C ASP H 491 -5.63 13.62 -11.35
N LYS H 492 -5.98 12.34 -11.28
CA LYS H 492 -5.50 11.35 -12.22
C LYS H 492 -5.93 11.64 -13.65
N VAL H 493 -7.15 12.10 -13.83
CA VAL H 493 -7.65 12.37 -15.18
C VAL H 493 -6.92 13.59 -15.77
N ASN H 494 -6.77 14.64 -14.98
CA ASN H 494 -6.02 15.82 -15.42
C ASN H 494 -4.55 15.53 -15.72
N GLU H 495 -3.93 14.66 -14.95
CA GLU H 495 -2.54 14.27 -15.17
C GLU H 495 -2.36 13.48 -16.46
N ASN H 496 -3.33 12.64 -16.76
CA ASN H 496 -3.26 11.74 -17.89
C ASN H 496 -3.92 12.28 -19.14
N TRP H 497 -4.40 13.51 -19.08
CA TRP H 497 -5.29 14.02 -20.13
C TRP H 497 -4.59 14.03 -21.47
N LYS H 498 -3.36 14.51 -21.48
CA LYS H 498 -2.59 14.53 -22.72
C LYS H 498 -2.27 13.14 -23.20
N ARG H 499 -1.92 12.25 -22.29
CA ARG H 499 -1.59 10.87 -22.65
C ARG H 499 -2.77 10.15 -23.30
N TYR H 500 -3.99 10.47 -22.86
CA TYR H 500 -5.20 9.91 -23.48
C TYR H 500 -5.25 10.28 -24.97
N GLY H 501 -4.76 11.48 -25.29
CA GLY H 501 -4.75 11.95 -26.66
C GLY H 501 -5.31 13.35 -26.82
N TYR H 502 -5.84 13.92 -25.74
CA TYR H 502 -6.40 15.26 -25.80
C TYR H 502 -5.31 16.31 -25.94
N LYS H 503 -5.65 17.41 -26.60
CA LYS H 503 -4.80 18.59 -26.60
C LYS H 503 -4.71 19.13 -25.16
#